data_8FCB
#
_entry.id   8FCB
#
_cell.length_a   1.00
_cell.length_b   1.00
_cell.length_c   1.00
_cell.angle_alpha   90.00
_cell.angle_beta   90.00
_cell.angle_gamma   90.00
#
_symmetry.space_group_name_H-M   'P 1'
#
loop_
_entity.id
_entity.type
_entity.pdbx_description
1 polymer 'Transient receptor potential cation channel subfamily V member 4'
2 polymer 'Transforming protein RhoA'
3 non-polymer N-[(2S)-1-{4-[N-(2,4-dichlorobenzene-1-sulfonyl)-L-seryl]piperazin-1-yl}-4-methyl-1-oxopentan-2-yl]-1-benzothiophene-2-carboxamide
4 non-polymer 'CHOLESTEROL HEMISUCCINATE'
5 non-polymer "5'-GUANOSINE-DIPHOSPHATE-MONOTHIOPHOSPHATE"
#
loop_
_entity_poly.entity_id
_entity_poly.type
_entity_poly.pdbx_seq_one_letter_code
_entity_poly.pdbx_strand_id
1 'polypeptide(L)'
;MADSSEGPRAGPGEVAELPGDESGTPGGEAFPLSSLANLFEGEDGSLSPSPADASRPAGPGDGRPNLRMKFQGAFRKGVP
NPIDLLESTLYESSVVPGPKKAPMDSLFDYGTYRHHSSDNKRWRKKIIEKQPQSPKAPAPQPPPILKVFNRPILFDIVSR
GSTADLDGLLPFLLTHKKRLTDEEFREPSTGKTCLPKALLNLSNGRNDTIPVLLDIAERTGNMREFINSPFRDIYYRGQT
ALHIAIERRCKHYVELLVAQGADVHAQARGRFFQPKDEGGYFYFGELPLSLAACTNQPHIVNYLTENPHKKADMRRQDSR
GNTVLHALVAIADNTRENTKFVTKMYDLLLLKCARLFPDSNLEAVLNNDGLSPLMMAAKTGKIGIFQHIIRREVTDEDTR
HLSRKFKDWAYGPVYSSLYDLSSLDTCGEEASVLEILVYNSKIENRHEMLAVEPINELLRDKWRKFGAVSFYINVVSYLC
AMVIFTLTAYYQPLEGTPPYPYRTTVDYLRLAGEVITLFTGVLFFFTNIKDLFMKKCPGVNSLFIDGSFQLLYFIYSVLV
IVSAALYLAGIEAYLAVMVFALVLGWMNALYFTRGLKLTGTYSIMIQKILFKDLFRFLLVYLLFMIGYASALVSLLNPCA
NMKVCNEDQTNCTVPTYPSCRDSETFSTFLLDLFKLTIGMGDLEMLSSTKYPVVFIILLVTYIILTFVLLLNMLIALMGE
TVGQVSKESKHIWKLQWATTILDIERSFPVFLRKAFRSGEMVTVGKSSDGTPDRRWCFRVDEVNWSHWNQNLGIINEDPG
KNETYQYYGFSHTVGRLRRDRWSSVVPRVVELNKNSNPDEVVVPLDSMGNPRCDGHQQGYPRKWRTDDAPL
;
A,B,C,D
2 'polypeptide(L)'
;MAAIRKKLVIVGDGACGKTCLLIVFSKDQFPEVYVPTVFENYVADIEVDGKQVELALWDTAGQEDYDRLRPLSYPDTDVI
LMCFSIDSPDSLENIPEKWTPEVKHFCPNVPIILVGNKKDLRNDEHTRRELAKMKQEPVKPEEGRDMANRIGAFGYMECS
AKTKDGVREVFEMATRAALQARRGKKKSGCLVL
;
E,F,G,H
#
loop_
_chem_comp.id
_chem_comp.type
_chem_comp.name
_chem_comp.formula
GSP non-polymer 5'-GUANOSINE-DIPHOSPHATE-MONOTHIOPHOSPHATE 'C10 H16 N5 O13 P3 S'
XQ3 non-polymer N-[(2S)-1-{4-[N-(2,4-dichlorobenzene-1-sulfonyl)-L-seryl]piperazin-1-yl}-4-methyl-1-oxopentan-2-yl]-1-benzothiophene-2-carboxamide 'C28 H32 Cl2 N4 O6 S2'
Y01 non-polymer 'CHOLESTEROL HEMISUCCINATE' 'C31 H50 O4'
#
# COMPACT_ATOMS: atom_id res chain seq x y z
N ASN A 150 -64.42 29.24 -7.15
CA ASN A 150 -63.74 29.72 -5.95
C ASN A 150 -62.51 28.87 -5.64
N ARG A 151 -62.11 28.04 -6.60
CA ARG A 151 -60.93 27.20 -6.38
C ARG A 151 -59.67 28.02 -6.14
N PRO A 152 -59.34 29.02 -6.96
CA PRO A 152 -58.11 29.79 -6.70
C PRO A 152 -58.11 30.50 -5.36
N ILE A 153 -59.23 31.14 -5.00
CA ILE A 153 -59.28 31.88 -3.73
C ILE A 153 -59.15 30.92 -2.56
N LEU A 154 -59.86 29.80 -2.61
CA LEU A 154 -59.78 28.84 -1.52
C LEU A 154 -58.38 28.25 -1.40
N PHE A 155 -57.75 27.94 -2.54
CA PHE A 155 -56.38 27.43 -2.51
C PHE A 155 -55.43 28.45 -1.89
N ASP A 156 -55.56 29.71 -2.27
CA ASP A 156 -54.70 30.74 -1.69
C ASP A 156 -54.94 30.87 -0.19
N ILE A 157 -56.21 30.85 0.23
CA ILE A 157 -56.52 31.00 1.64
C ILE A 157 -55.92 29.85 2.44
N VAL A 158 -56.08 28.63 1.94
CA VAL A 158 -55.59 27.47 2.68
C VAL A 158 -54.07 27.45 2.69
N SER A 159 -53.43 27.84 1.58
CA SER A 159 -51.98 27.89 1.55
C SER A 159 -51.44 28.91 2.54
N ARG A 160 -52.07 30.09 2.60
CA ARG A 160 -51.63 31.10 3.57
C ARG A 160 -51.92 30.70 5.00
N GLY A 161 -52.81 29.74 5.22
CA GLY A 161 -53.13 29.29 6.56
C GLY A 161 -54.10 30.16 7.32
N SER A 162 -54.63 31.21 6.69
CA SER A 162 -55.58 32.09 7.38
C SER A 162 -56.87 31.35 7.67
N THR A 163 -57.42 31.56 8.87
CA THR A 163 -58.64 30.92 9.30
C THR A 163 -59.87 31.81 9.19
N ALA A 164 -59.68 33.14 9.30
CA ALA A 164 -60.82 34.05 9.21
C ALA A 164 -61.46 34.01 7.83
N ASP A 165 -60.65 33.92 6.78
CA ASP A 165 -61.18 33.93 5.42
C ASP A 165 -62.17 32.80 5.20
N LEU A 166 -62.01 31.68 5.90
CA LEU A 166 -62.91 30.55 5.72
C LEU A 166 -64.33 30.85 6.19
N ASP A 167 -64.51 31.90 7.00
CA ASP A 167 -65.84 32.25 7.47
C ASP A 167 -66.76 32.54 6.29
N GLY A 168 -67.98 32.02 6.36
CA GLY A 168 -68.96 32.19 5.31
C GLY A 168 -68.95 31.11 4.25
N LEU A 169 -67.98 30.20 4.28
CA LEU A 169 -67.95 29.11 3.30
C LEU A 169 -69.11 28.14 3.50
N LEU A 170 -69.43 27.81 4.76
CA LEU A 170 -70.51 26.88 5.02
C LEU A 170 -71.86 27.39 4.54
N PRO A 171 -72.25 28.64 4.83
CA PRO A 171 -73.49 29.15 4.22
C PRO A 171 -73.48 29.10 2.71
N PHE A 172 -72.35 29.39 2.08
CA PHE A 172 -72.28 29.34 0.62
C PHE A 172 -72.52 27.93 0.12
N LEU A 173 -71.88 26.95 0.74
CA LEU A 173 -72.08 25.56 0.33
C LEU A 173 -73.53 25.12 0.55
N LEU A 174 -74.12 25.53 1.69
CA LEU A 174 -75.49 25.15 1.97
C LEU A 174 -76.45 25.76 0.95
N THR A 175 -76.26 27.03 0.62
CA THR A 175 -77.15 27.69 -0.32
C THR A 175 -76.99 27.13 -1.73
N HIS A 176 -75.75 26.94 -2.18
CA HIS A 176 -75.49 26.43 -3.51
C HIS A 176 -75.47 24.91 -3.58
N LYS A 177 -75.50 24.22 -2.44
CA LYS A 177 -75.49 22.76 -2.39
C LYS A 177 -74.30 22.21 -3.18
N LYS A 178 -73.15 22.85 -3.02
CA LYS A 178 -71.93 22.45 -3.71
C LYS A 178 -71.05 21.67 -2.75
N ARG A 179 -70.72 20.43 -3.11
CA ARG A 179 -69.87 19.59 -2.28
C ARG A 179 -68.41 19.98 -2.43
N LEU A 180 -67.63 19.72 -1.38
CA LEU A 180 -66.21 20.06 -1.38
C LEU A 180 -65.40 19.19 -2.34
N THR A 181 -65.98 18.12 -2.87
CA THR A 181 -65.29 17.24 -3.80
C THR A 181 -65.66 17.53 -5.26
N ASP A 182 -66.33 18.65 -5.52
CA ASP A 182 -66.72 18.98 -6.87
C ASP A 182 -65.48 19.15 -7.76
N GLU A 183 -65.62 18.74 -9.02
CA GLU A 183 -64.50 18.79 -9.95
C GLU A 183 -63.89 20.19 -10.02
N GLU A 184 -64.73 21.22 -9.93
CA GLU A 184 -64.22 22.58 -10.00
C GLU A 184 -63.28 22.88 -8.83
N PHE A 185 -63.65 22.45 -7.63
CA PHE A 185 -62.79 22.67 -6.47
C PHE A 185 -61.48 21.89 -6.59
N ARG A 186 -61.55 20.65 -7.07
CA ARG A 186 -60.36 19.84 -7.19
C ARG A 186 -59.45 20.37 -8.29
N GLU A 187 -58.14 20.34 -8.03
CA GLU A 187 -57.17 20.80 -9.01
C GLU A 187 -57.18 19.88 -10.22
N PRO A 188 -57.40 20.40 -11.43
CA PRO A 188 -57.42 19.51 -12.61
C PRO A 188 -56.14 18.73 -12.82
N SER A 189 -54.99 19.29 -12.43
CA SER A 189 -53.71 18.68 -12.77
C SER A 189 -53.59 17.28 -12.19
N THR A 190 -53.93 17.11 -10.90
CA THR A 190 -53.76 15.82 -10.25
C THR A 190 -54.94 15.46 -9.35
N GLY A 191 -56.09 16.08 -9.53
CA GLY A 191 -57.21 15.81 -8.65
C GLY A 191 -56.97 16.20 -7.21
N LYS A 192 -55.94 17.00 -6.95
CA LYS A 192 -55.62 17.40 -5.59
C LYS A 192 -56.77 18.21 -5.01
N THR A 193 -57.01 18.03 -3.71
CA THR A 193 -58.10 18.69 -3.01
C THR A 193 -57.53 19.62 -1.94
N CYS A 194 -58.43 20.24 -1.17
CA CYS A 194 -58.01 21.25 -0.20
C CYS A 194 -57.14 20.66 0.90
N LEU A 195 -57.52 19.49 1.41
CA LEU A 195 -56.82 18.92 2.55
C LEU A 195 -55.37 18.58 2.26
N PRO A 196 -55.03 17.88 1.17
CA PRO A 196 -53.61 17.64 0.90
C PRO A 196 -52.81 18.92 0.69
N LYS A 197 -53.42 19.94 0.08
CA LYS A 197 -52.74 21.22 -0.04
C LYS A 197 -52.45 21.82 1.33
N ALA A 198 -53.43 21.73 2.24
CA ALA A 198 -53.22 22.25 3.59
C ALA A 198 -52.11 21.50 4.29
N LEU A 199 -52.07 20.17 4.16
CA LEU A 199 -51.07 19.38 4.86
C LEU A 199 -49.69 19.54 4.25
N LEU A 200 -49.61 19.80 2.94
CA LEU A 200 -48.31 19.92 2.29
C LEU A 200 -47.53 21.10 2.84
N ASN A 201 -48.16 22.26 2.94
CA ASN A 201 -47.52 23.48 3.43
C ASN A 201 -48.16 23.88 4.74
N LEU A 202 -47.33 24.09 5.76
CA LEU A 202 -47.81 24.47 7.08
C LEU A 202 -46.64 24.98 7.90
N SER A 203 -46.97 25.67 9.00
CA SER A 203 -45.97 26.29 9.86
C SER A 203 -45.82 25.46 11.12
N ASN A 204 -44.64 24.84 11.28
CA ASN A 204 -44.32 24.08 12.49
C ASN A 204 -45.34 22.99 12.76
N GLY A 205 -45.92 22.42 11.71
CA GLY A 205 -46.87 21.34 11.87
C GLY A 205 -48.18 21.73 12.50
N ARG A 206 -48.57 23.00 12.43
CA ARG A 206 -49.78 23.51 13.05
C ARG A 206 -50.53 24.43 12.09
N ASN A 207 -50.78 23.92 10.87
CA ASN A 207 -51.49 24.68 9.85
C ASN A 207 -52.74 25.36 10.43
N ASP A 208 -53.41 24.68 11.35
CA ASP A 208 -54.51 25.27 12.11
C ASP A 208 -55.78 25.41 11.29
N THR A 209 -55.71 25.10 9.99
CA THR A 209 -56.89 25.13 9.13
C THR A 209 -57.56 23.78 8.99
N ILE A 210 -56.88 22.70 9.40
CA ILE A 210 -57.44 21.36 9.19
C ILE A 210 -58.74 21.16 9.94
N PRO A 211 -58.83 21.45 11.24
CA PRO A 211 -60.09 21.16 11.96
C PRO A 211 -61.29 21.90 11.40
N VAL A 212 -61.12 23.13 10.94
CA VAL A 212 -62.24 23.89 10.39
C VAL A 212 -62.74 23.24 9.11
N LEU A 213 -61.81 22.85 8.22
CA LEU A 213 -62.21 22.19 6.99
C LEU A 213 -62.88 20.86 7.28
N LEU A 214 -62.37 20.11 8.27
CA LEU A 214 -62.99 18.83 8.61
C LEU A 214 -64.39 19.02 9.15
N ASP A 215 -64.59 20.04 10.00
CA ASP A 215 -65.93 20.32 10.50
C ASP A 215 -66.86 20.71 9.36
N ILE A 216 -66.37 21.51 8.42
CA ILE A 216 -67.19 21.90 7.27
C ILE A 216 -67.60 20.67 6.47
N ALA A 217 -66.64 19.77 6.22
CA ALA A 217 -66.96 18.55 5.49
C ALA A 217 -67.96 17.70 6.25
N GLU A 218 -67.83 17.64 7.58
CA GLU A 218 -68.80 16.90 8.38
C GLU A 218 -70.20 17.50 8.24
N ARG A 219 -70.30 18.83 8.26
CA ARG A 219 -71.61 19.47 8.09
C ARG A 219 -72.18 19.16 6.71
N THR A 220 -71.34 19.17 5.68
CA THR A 220 -71.79 18.82 4.34
C THR A 220 -72.19 17.36 4.24
N GLY A 221 -71.80 16.53 5.21
CA GLY A 221 -72.13 15.12 5.18
C GLY A 221 -71.31 14.31 4.21
N ASN A 222 -70.12 14.77 3.83
CA ASN A 222 -69.26 14.09 2.87
C ASN A 222 -67.85 13.97 3.44
N MET A 223 -67.75 13.58 4.71
CA MET A 223 -66.44 13.48 5.35
C MET A 223 -65.66 12.27 4.85
N ARG A 224 -66.33 11.12 4.73
CA ARG A 224 -65.63 9.90 4.34
C ARG A 224 -65.03 10.03 2.94
N GLU A 225 -65.82 10.55 1.99
CA GLU A 225 -65.32 10.75 0.64
C GLU A 225 -64.19 11.78 0.61
N PHE A 226 -64.34 12.86 1.40
CA PHE A 226 -63.40 13.97 1.31
C PHE A 226 -62.06 13.62 1.92
N ILE A 227 -62.05 12.98 3.10
CA ILE A 227 -60.79 12.74 3.80
C ILE A 227 -59.89 11.82 2.98
N ASN A 228 -60.45 10.74 2.46
CA ASN A 228 -59.68 9.71 1.76
C ASN A 228 -59.83 9.81 0.25
N SER A 229 -59.90 11.03 -0.28
CA SER A 229 -59.98 11.21 -1.72
C SER A 229 -58.62 10.93 -2.34
N PRO A 230 -58.50 9.95 -3.24
CA PRO A 230 -57.18 9.62 -3.79
C PRO A 230 -56.79 10.53 -4.94
N PHE A 231 -55.49 10.73 -5.08
CA PHE A 231 -54.96 11.50 -6.20
C PHE A 231 -55.10 10.70 -7.49
N ARG A 232 -55.42 11.41 -8.57
CA ARG A 232 -55.47 10.82 -9.89
C ARG A 232 -54.10 10.99 -10.56
N ASP A 233 -54.05 10.78 -11.88
CA ASP A 233 -52.81 10.92 -12.64
C ASP A 233 -51.89 9.73 -12.42
N ILE A 234 -50.63 9.86 -12.81
CA ILE A 234 -49.69 8.75 -12.85
C ILE A 234 -48.68 8.83 -11.70
N TYR A 235 -48.03 9.98 -11.55
CA TYR A 235 -46.89 10.07 -10.64
C TYR A 235 -47.32 9.83 -9.20
N TYR A 236 -48.42 10.43 -8.77
CA TYR A 236 -48.87 10.37 -7.38
C TYR A 236 -50.21 9.66 -7.27
N ARG A 237 -50.38 8.56 -7.99
CA ARG A 237 -51.66 7.85 -7.97
C ARG A 237 -51.82 7.09 -6.66
N GLY A 238 -53.00 7.22 -6.06
CA GLY A 238 -53.33 6.53 -4.83
C GLY A 238 -52.96 7.25 -3.56
N GLN A 239 -52.13 8.30 -3.64
CA GLN A 239 -51.73 9.01 -2.45
C GLN A 239 -52.94 9.65 -1.77
N THR A 240 -52.94 9.64 -0.45
CA THR A 240 -54.03 10.16 0.35
C THR A 240 -53.49 11.13 1.40
N ALA A 241 -54.41 11.71 2.17
CA ALA A 241 -54.01 12.65 3.22
C ALA A 241 -53.24 11.96 4.32
N LEU A 242 -53.58 10.71 4.64
CA LEU A 242 -52.92 10.01 5.73
C LEU A 242 -51.44 9.81 5.44
N HIS A 243 -51.09 9.49 4.20
CA HIS A 243 -49.69 9.31 3.85
C HIS A 243 -48.92 10.61 4.07
N ILE A 244 -49.50 11.74 3.67
CA ILE A 244 -48.84 13.02 3.86
C ILE A 244 -48.68 13.32 5.34
N ALA A 245 -49.73 13.10 6.12
CA ALA A 245 -49.65 13.38 7.56
C ALA A 245 -48.56 12.54 8.21
N ILE A 246 -48.46 11.27 7.83
CA ILE A 246 -47.41 10.41 8.37
C ILE A 246 -46.04 10.93 7.95
N GLU A 247 -45.91 11.33 6.69
CA GLU A 247 -44.61 11.77 6.18
C GLU A 247 -44.11 13.00 6.92
N ARG A 248 -44.99 13.97 7.17
CA ARG A 248 -44.57 15.21 7.82
C ARG A 248 -44.29 15.02 9.30
N ARG A 249 -44.38 13.81 9.83
CA ARG A 249 -43.92 13.49 11.18
C ARG A 249 -44.76 14.20 12.25
N CYS A 250 -46.01 14.52 11.93
CA CYS A 250 -46.92 15.15 12.88
C CYS A 250 -47.89 14.09 13.40
N LYS A 251 -47.80 13.77 14.68
CA LYS A 251 -48.67 12.77 15.28
C LYS A 251 -50.10 13.29 15.43
N HIS A 252 -50.27 14.58 15.70
CA HIS A 252 -51.60 15.13 15.98
C HIS A 252 -52.53 14.94 14.78
N TYR A 253 -52.06 15.30 13.58
CA TYR A 253 -52.91 15.18 12.41
C TYR A 253 -53.18 13.72 12.07
N VAL A 254 -52.22 12.83 12.33
CA VAL A 254 -52.47 11.40 12.13
C VAL A 254 -53.60 10.93 13.03
N GLU A 255 -53.54 11.31 14.31
CA GLU A 255 -54.61 10.94 15.23
C GLU A 255 -55.94 11.49 14.75
N LEU A 256 -55.95 12.75 14.33
CA LEU A 256 -57.19 13.37 13.90
C LEU A 256 -57.79 12.65 12.70
N LEU A 257 -56.97 12.40 11.68
CA LEU A 257 -57.46 11.72 10.48
C LEU A 257 -57.96 10.32 10.80
N VAL A 258 -57.21 9.58 11.62
CA VAL A 258 -57.62 8.21 11.95
C VAL A 258 -58.94 8.22 12.71
N ALA A 259 -59.07 9.13 13.68
CA ALA A 259 -60.30 9.19 14.46
C ALA A 259 -61.49 9.58 13.60
N GLN A 260 -61.30 10.54 12.69
CA GLN A 260 -62.41 11.00 11.85
C GLN A 260 -62.86 9.95 10.84
N GLY A 261 -62.10 8.87 10.66
CA GLY A 261 -62.47 7.82 9.76
C GLY A 261 -61.59 7.65 8.53
N ALA A 262 -60.35 8.15 8.57
CA ALA A 262 -59.47 8.01 7.43
C ALA A 262 -59.12 6.55 7.18
N ASP A 263 -59.13 6.15 5.92
CA ASP A 263 -58.75 4.79 5.57
C ASP A 263 -57.28 4.56 5.91
N VAL A 264 -56.99 3.39 6.46
CA VAL A 264 -55.65 3.05 6.91
C VAL A 264 -54.99 2.00 6.03
N HIS A 265 -55.72 1.40 5.10
CA HIS A 265 -55.17 0.40 4.19
C HIS A 265 -55.02 0.93 2.77
N ALA A 266 -55.16 2.23 2.57
CA ALA A 266 -55.05 2.80 1.23
C ALA A 266 -53.64 2.58 0.68
N GLN A 267 -53.56 2.24 -0.59
CA GLN A 267 -52.31 1.92 -1.26
C GLN A 267 -51.93 3.02 -2.23
N ALA A 268 -50.68 3.45 -2.16
CA ALA A 268 -50.13 4.44 -3.08
C ALA A 268 -49.32 3.72 -4.15
N ARG A 269 -49.74 3.83 -5.41
CA ARG A 269 -49.16 3.06 -6.50
C ARG A 269 -48.61 3.96 -7.60
N GLY A 270 -48.33 5.22 -7.30
CA GLY A 270 -47.78 6.11 -8.31
C GLY A 270 -46.37 5.73 -8.69
N ARG A 271 -45.96 6.14 -9.90
CA ARG A 271 -44.63 5.81 -10.38
C ARG A 271 -43.55 6.39 -9.49
N PHE A 272 -43.82 7.53 -8.85
CA PHE A 272 -42.85 8.12 -7.94
C PHE A 272 -42.57 7.21 -6.75
N PHE A 273 -43.57 6.43 -6.33
CA PHE A 273 -43.44 5.55 -5.19
C PHE A 273 -42.86 4.18 -5.54
N GLN A 274 -42.59 3.93 -6.81
CA GLN A 274 -42.05 2.65 -7.25
C GLN A 274 -40.56 2.56 -6.91
N PRO A 275 -40.00 1.35 -6.95
CA PRO A 275 -38.58 1.19 -6.60
C PRO A 275 -37.68 2.07 -7.44
N LYS A 276 -36.43 2.18 -6.99
CA LYS A 276 -35.46 3.05 -7.66
C LYS A 276 -35.21 2.60 -9.09
N ASP A 277 -34.91 1.31 -9.28
CA ASP A 277 -34.55 0.82 -10.60
C ASP A 277 -35.70 0.89 -11.58
N GLU A 278 -36.95 1.00 -11.10
CA GLU A 278 -38.10 1.02 -11.97
C GLU A 278 -38.48 2.42 -12.42
N GLY A 279 -38.10 3.46 -11.67
CA GLY A 279 -38.41 4.82 -12.06
C GLY A 279 -38.89 5.68 -10.91
N GLY A 280 -39.23 5.06 -9.78
CA GLY A 280 -39.69 5.78 -8.61
C GLY A 280 -38.55 6.00 -7.63
N TYR A 281 -38.44 7.24 -7.16
CA TYR A 281 -37.30 7.63 -6.34
C TYR A 281 -37.39 7.12 -4.90
N PHE A 282 -38.57 6.65 -4.46
CA PHE A 282 -38.74 6.20 -3.09
C PHE A 282 -39.77 5.07 -3.05
N TYR A 283 -39.44 4.01 -2.33
CA TYR A 283 -40.34 2.87 -2.17
C TYR A 283 -40.45 2.52 -0.69
N PHE A 284 -41.67 2.32 -0.21
CA PHE A 284 -41.89 2.06 1.21
C PHE A 284 -42.96 1.00 1.45
N GLY A 285 -43.29 0.18 0.46
CA GLY A 285 -44.29 -0.86 0.60
C GLY A 285 -45.69 -0.44 0.26
N GLU A 286 -45.94 0.84 0.01
CA GLU A 286 -47.24 1.32 -0.44
C GLU A 286 -48.31 1.09 0.62
N LEU A 287 -48.01 1.50 1.85
CA LEU A 287 -48.95 1.39 2.95
C LEU A 287 -48.62 2.46 3.99
N PRO A 288 -49.61 2.90 4.76
CA PRO A 288 -49.31 3.89 5.82
C PRO A 288 -48.38 3.36 6.89
N LEU A 289 -48.70 2.19 7.46
CA LEU A 289 -47.86 1.65 8.53
C LEU A 289 -46.46 1.36 8.01
N SER A 290 -46.34 0.80 6.81
CA SER A 290 -45.03 0.55 6.24
C SER A 290 -44.27 1.85 6.03
N LEU A 291 -44.96 2.89 5.57
CA LEU A 291 -44.32 4.18 5.38
C LEU A 291 -43.80 4.73 6.71
N ALA A 292 -44.60 4.62 7.76
CA ALA A 292 -44.15 5.08 9.07
C ALA A 292 -42.94 4.29 9.55
N ALA A 293 -42.97 2.98 9.36
CA ALA A 293 -41.86 2.14 9.81
C ALA A 293 -40.57 2.47 9.05
N CYS A 294 -40.67 2.69 7.74
CA CYS A 294 -39.49 2.96 6.94
C CYS A 294 -38.91 4.34 7.21
N THR A 295 -39.68 5.24 7.83
CA THR A 295 -39.23 6.59 8.11
C THR A 295 -38.75 6.78 9.54
N ASN A 296 -38.59 5.70 10.29
CA ASN A 296 -38.08 5.74 11.66
C ASN A 296 -38.95 6.63 12.55
N GLN A 297 -40.20 6.20 12.72
CA GLN A 297 -41.17 6.88 13.58
C GLN A 297 -41.83 5.84 14.48
N PRO A 298 -41.09 5.35 15.49
CA PRO A 298 -41.66 4.29 16.35
C PRO A 298 -42.97 4.68 17.00
N HIS A 299 -43.12 5.94 17.43
CA HIS A 299 -44.35 6.35 18.10
C HIS A 299 -45.55 6.24 17.17
N ILE A 300 -45.39 6.67 15.92
CA ILE A 300 -46.49 6.59 14.97
C ILE A 300 -46.88 5.14 14.73
N VAL A 301 -45.89 4.25 14.58
CA VAL A 301 -46.18 2.84 14.35
C VAL A 301 -46.91 2.26 15.55
N ASN A 302 -46.44 2.58 16.76
CA ASN A 302 -47.08 2.06 17.96
C ASN A 302 -48.52 2.51 18.05
N TYR A 303 -48.78 3.79 17.80
CA TYR A 303 -50.14 4.30 17.87
C TYR A 303 -51.02 3.66 16.80
N LEU A 304 -50.51 3.55 15.58
CA LEU A 304 -51.32 3.06 14.47
C LEU A 304 -51.64 1.58 14.64
N THR A 305 -50.69 0.80 15.17
CA THR A 305 -50.94 -0.62 15.37
C THR A 305 -52.07 -0.86 16.36
N GLU A 306 -52.08 -0.11 17.46
CA GLU A 306 -53.10 -0.27 18.50
C GLU A 306 -53.81 1.07 18.66
N ASN A 307 -54.99 1.19 18.04
CA ASN A 307 -55.82 2.37 18.16
C ASN A 307 -57.26 1.94 18.41
N PRO A 308 -58.00 2.66 19.27
CA PRO A 308 -59.38 2.28 19.53
C PRO A 308 -60.29 2.38 18.32
N HIS A 309 -59.91 3.15 17.31
CA HIS A 309 -60.77 3.37 16.15
C HIS A 309 -60.49 2.33 15.05
N LYS A 310 -59.24 2.26 14.60
CA LYS A 310 -58.85 1.34 13.55
C LYS A 310 -57.44 0.83 13.83
N LYS A 311 -57.14 -0.34 13.29
CA LYS A 311 -55.84 -0.99 13.47
C LYS A 311 -55.33 -1.45 12.11
N ALA A 312 -54.04 -1.25 11.88
CA ALA A 312 -53.39 -1.69 10.65
C ALA A 312 -52.64 -2.99 10.93
N ASP A 313 -53.22 -4.10 10.48
CA ASP A 313 -52.59 -5.40 10.69
C ASP A 313 -51.23 -5.45 10.00
N MET A 314 -50.23 -5.95 10.73
CA MET A 314 -48.87 -6.00 10.21
C MET A 314 -48.71 -7.05 9.13
N ARG A 315 -49.57 -8.04 9.07
CA ARG A 315 -49.51 -9.07 8.04
C ARG A 315 -50.43 -8.72 6.87
N ARG A 316 -50.11 -7.58 6.25
CA ARG A 316 -50.87 -7.04 5.14
C ARG A 316 -49.94 -6.87 3.95
N GLN A 317 -50.37 -7.32 2.78
CA GLN A 317 -49.54 -7.32 1.59
C GLN A 317 -50.09 -6.33 0.57
N ASP A 318 -49.18 -5.63 -0.10
CA ASP A 318 -49.54 -4.68 -1.15
C ASP A 318 -49.72 -5.44 -2.46
N SER A 319 -49.81 -4.70 -3.57
CA SER A 319 -49.94 -5.33 -4.88
C SER A 319 -48.73 -6.21 -5.18
N ARG A 320 -47.53 -5.72 -4.87
CA ARG A 320 -46.32 -6.49 -5.10
C ARG A 320 -46.27 -7.73 -4.21
N GLY A 321 -47.06 -7.77 -3.14
CA GLY A 321 -46.98 -8.83 -2.16
C GLY A 321 -46.08 -8.53 -0.98
N ASN A 322 -45.25 -7.49 -1.08
CA ASN A 322 -44.35 -7.14 0.01
C ASN A 322 -45.13 -6.64 1.21
N THR A 323 -44.81 -7.17 2.39
CA THR A 323 -45.38 -6.73 3.65
C THR A 323 -44.43 -5.74 4.31
N VAL A 324 -44.70 -5.40 5.56
CA VAL A 324 -43.93 -4.35 6.24
C VAL A 324 -42.46 -4.75 6.34
N LEU A 325 -42.19 -6.01 6.68
CA LEU A 325 -40.81 -6.47 6.75
C LEU A 325 -40.14 -6.42 5.38
N HIS A 326 -40.87 -6.80 4.34
CA HIS A 326 -40.32 -6.74 2.99
C HIS A 326 -39.90 -5.32 2.64
N ALA A 327 -40.79 -4.35 2.90
CA ALA A 327 -40.47 -2.97 2.59
C ALA A 327 -39.30 -2.47 3.44
N LEU A 328 -39.28 -2.84 4.72
CA LEU A 328 -38.19 -2.41 5.60
C LEU A 328 -36.86 -2.93 5.08
N VAL A 329 -36.83 -4.17 4.60
CA VAL A 329 -35.60 -4.70 4.01
C VAL A 329 -35.28 -3.97 2.71
N ALA A 330 -36.31 -3.62 1.94
CA ALA A 330 -36.08 -2.98 0.64
C ALA A 330 -35.33 -1.66 0.81
N ILE A 331 -35.73 -0.84 1.78
CA ILE A 331 -35.06 0.43 2.02
C ILE A 331 -33.83 0.28 2.90
N ALA A 332 -33.55 -0.92 3.39
CA ALA A 332 -32.39 -1.10 4.25
C ALA A 332 -31.11 -0.79 3.47
N ASP A 333 -30.14 -0.22 4.18
CA ASP A 333 -28.87 0.15 3.58
C ASP A 333 -27.74 -0.33 4.48
N ASN A 334 -26.57 -0.49 3.88
CA ASN A 334 -25.40 -0.97 4.59
C ASN A 334 -24.72 0.12 5.41
N THR A 335 -25.25 1.34 5.41
CA THR A 335 -24.65 2.42 6.17
C THR A 335 -24.78 2.16 7.68
N ARG A 336 -23.88 2.78 8.43
CA ARG A 336 -23.81 2.53 9.87
C ARG A 336 -25.10 2.97 10.57
N GLU A 337 -25.60 4.15 10.23
CA GLU A 337 -26.78 4.67 10.92
C GLU A 337 -28.05 3.96 10.48
N ASN A 338 -28.19 3.71 9.17
CA ASN A 338 -29.43 3.11 8.67
C ASN A 338 -29.65 1.72 9.23
N THR A 339 -28.58 0.92 9.33
CA THR A 339 -28.73 -0.46 9.76
C THR A 339 -29.27 -0.55 11.18
N LYS A 340 -28.78 0.31 12.08
CA LYS A 340 -29.21 0.25 13.47
C LYS A 340 -30.72 0.42 13.58
N PHE A 341 -31.25 1.48 12.97
CA PHE A 341 -32.68 1.74 13.08
C PHE A 341 -33.48 0.70 12.32
N VAL A 342 -32.97 0.21 11.18
CA VAL A 342 -33.68 -0.83 10.45
C VAL A 342 -33.83 -2.07 11.32
N THR A 343 -32.75 -2.52 11.94
CA THR A 343 -32.81 -3.70 12.79
C THR A 343 -33.72 -3.47 13.99
N LYS A 344 -33.63 -2.29 14.60
CA LYS A 344 -34.45 -2.01 15.77
C LYS A 344 -35.93 -2.06 15.41
N MET A 345 -36.32 -1.41 14.30
CA MET A 345 -37.71 -1.41 13.89
C MET A 345 -38.17 -2.81 13.50
N TYR A 346 -37.31 -3.56 12.81
CA TYR A 346 -37.65 -4.92 12.41
C TYR A 346 -37.94 -5.78 13.63
N ASP A 347 -37.06 -5.73 14.63
CA ASP A 347 -37.26 -6.52 15.84
C ASP A 347 -38.52 -6.08 16.58
N LEU A 348 -38.74 -4.77 16.69
CA LEU A 348 -39.92 -4.29 17.40
C LEU A 348 -41.19 -4.77 16.72
N LEU A 349 -41.26 -4.64 15.39
CA LEU A 349 -42.46 -5.01 14.67
C LEU A 349 -42.70 -6.51 14.72
N LEU A 350 -41.62 -7.30 14.58
CA LEU A 350 -41.77 -8.74 14.66
C LEU A 350 -42.26 -9.18 16.03
N LEU A 351 -41.70 -8.59 17.09
CA LEU A 351 -42.14 -8.93 18.44
C LEU A 351 -43.60 -8.55 18.64
N LYS A 352 -44.00 -7.37 18.17
CA LYS A 352 -45.40 -6.97 18.32
C LYS A 352 -46.33 -7.94 17.59
N CYS A 353 -45.97 -8.30 16.35
CA CYS A 353 -46.82 -9.21 15.58
C CYS A 353 -46.92 -10.57 16.26
N ALA A 354 -45.80 -11.09 16.75
CA ALA A 354 -45.83 -12.37 17.45
C ALA A 354 -46.67 -12.29 18.71
N ARG A 355 -46.53 -11.20 19.46
CA ARG A 355 -47.27 -11.04 20.70
C ARG A 355 -48.77 -11.00 20.44
N LEU A 356 -49.18 -10.24 19.43
CA LEU A 356 -50.62 -10.10 19.15
C LEU A 356 -51.19 -11.38 18.56
N PHE A 357 -50.48 -11.99 17.62
CA PHE A 357 -50.90 -13.27 17.02
C PHE A 357 -49.86 -14.33 17.33
N PRO A 358 -50.08 -15.19 18.32
CA PRO A 358 -49.07 -16.22 18.64
C PRO A 358 -49.08 -17.39 17.68
N ASP A 359 -50.18 -17.65 16.97
CA ASP A 359 -50.26 -18.83 16.12
C ASP A 359 -49.41 -18.68 14.87
N SER A 360 -49.44 -17.51 14.23
CA SER A 360 -48.78 -17.28 12.96
C SER A 360 -47.50 -16.49 13.14
N ASN A 361 -46.47 -16.86 12.39
CA ASN A 361 -45.19 -16.15 12.38
C ASN A 361 -45.16 -15.22 11.18
N LEU A 362 -44.78 -13.96 11.43
CA LEU A 362 -44.86 -12.95 10.37
C LEU A 362 -43.90 -13.26 9.23
N GLU A 363 -42.69 -13.73 9.55
CA GLU A 363 -41.71 -14.00 8.50
C GLU A 363 -42.16 -15.09 7.54
N ALA A 364 -43.15 -15.88 7.93
CA ALA A 364 -43.61 -16.96 7.04
C ALA A 364 -44.22 -16.42 5.76
N VAL A 365 -44.86 -15.26 5.82
CA VAL A 365 -45.54 -14.72 4.64
C VAL A 365 -44.54 -14.51 3.52
N LEU A 366 -44.97 -14.80 2.30
CA LEU A 366 -44.14 -14.65 1.11
C LEU A 366 -44.80 -13.67 0.15
N ASN A 367 -43.97 -13.02 -0.65
CA ASN A 367 -44.47 -12.09 -1.67
C ASN A 367 -44.85 -12.84 -2.93
N ASN A 368 -45.23 -12.09 -3.97
CA ASN A 368 -45.60 -12.71 -5.23
C ASN A 368 -44.41 -13.44 -5.84
N ASP A 369 -43.21 -12.89 -5.71
CA ASP A 369 -42.02 -13.56 -6.20
C ASP A 369 -41.72 -14.85 -5.44
N GLY A 370 -42.35 -15.07 -4.30
CA GLY A 370 -42.13 -16.26 -3.51
C GLY A 370 -41.03 -16.14 -2.48
N LEU A 371 -40.35 -15.01 -2.39
CA LEU A 371 -39.26 -14.83 -1.46
C LEU A 371 -39.78 -14.35 -0.10
N SER A 372 -38.97 -14.57 0.92
CA SER A 372 -39.19 -14.10 2.28
C SER A 372 -38.21 -13.00 2.61
N PRO A 373 -38.42 -12.28 3.71
CA PRO A 373 -37.50 -11.17 4.05
C PRO A 373 -36.05 -11.62 4.12
N LEU A 374 -35.79 -12.79 4.68
CA LEU A 374 -34.43 -13.31 4.70
C LEU A 374 -33.92 -13.57 3.30
N MET A 375 -34.73 -14.26 2.48
CA MET A 375 -34.31 -14.56 1.11
C MET A 375 -34.16 -13.30 0.29
N MET A 376 -35.08 -12.34 0.45
CA MET A 376 -34.97 -11.08 -0.30
C MET A 376 -33.72 -10.30 0.12
N ALA A 377 -33.42 -10.28 1.41
CA ALA A 377 -32.20 -9.60 1.85
C ALA A 377 -30.97 -10.29 1.28
N ALA A 378 -30.97 -11.62 1.24
CA ALA A 378 -29.84 -12.34 0.65
C ALA A 378 -29.71 -12.03 -0.82
N LYS A 379 -30.83 -11.97 -1.55
CA LYS A 379 -30.80 -11.74 -2.98
C LYS A 379 -30.37 -10.32 -3.30
N THR A 380 -30.78 -9.36 -2.48
CA THR A 380 -30.48 -7.95 -2.72
C THR A 380 -29.09 -7.57 -2.24
N GLY A 381 -28.41 -8.41 -1.46
CA GLY A 381 -27.07 -8.10 -1.02
C GLY A 381 -26.99 -7.16 0.16
N LYS A 382 -28.01 -7.14 1.01
CA LYS A 382 -28.03 -6.27 2.18
C LYS A 382 -27.56 -7.08 3.38
N ILE A 383 -26.25 -7.04 3.63
CA ILE A 383 -25.65 -7.82 4.70
C ILE A 383 -26.09 -7.33 6.07
N GLY A 384 -26.29 -6.02 6.22
CA GLY A 384 -26.53 -5.47 7.55
C GLY A 384 -27.71 -6.11 8.25
N ILE A 385 -28.83 -6.25 7.54
CA ILE A 385 -30.00 -6.88 8.13
C ILE A 385 -29.89 -8.40 8.05
N PHE A 386 -29.21 -8.93 7.03
CA PHE A 386 -29.11 -10.37 6.86
C PHE A 386 -28.39 -11.02 8.03
N GLN A 387 -27.21 -10.50 8.38
CA GLN A 387 -26.45 -11.09 9.46
C GLN A 387 -27.22 -11.04 10.78
N HIS A 388 -27.91 -9.92 11.03
CA HIS A 388 -28.71 -9.81 12.25
C HIS A 388 -29.84 -10.84 12.26
N ILE A 389 -30.49 -11.05 11.12
CA ILE A 389 -31.58 -12.01 11.06
C ILE A 389 -31.05 -13.41 11.31
N ILE A 390 -29.87 -13.72 10.79
CA ILE A 390 -29.34 -15.08 10.93
C ILE A 390 -29.13 -15.40 12.41
N ARG A 391 -28.57 -14.47 13.17
CA ARG A 391 -28.20 -14.69 14.56
C ARG A 391 -29.19 -14.01 15.52
N ARG A 392 -30.46 -14.00 15.17
CA ARG A 392 -31.46 -13.38 16.03
C ARG A 392 -31.67 -14.23 17.28
N GLU A 393 -31.53 -13.60 18.45
CA GLU A 393 -31.76 -14.26 19.73
C GLU A 393 -32.67 -13.39 20.57
N VAL A 394 -33.68 -14.00 21.17
CA VAL A 394 -34.68 -13.29 21.97
C VAL A 394 -34.54 -13.76 23.41
N THR A 395 -34.27 -12.81 24.31
CA THR A 395 -34.16 -13.13 25.73
C THR A 395 -35.52 -13.32 26.39
N ASP A 396 -36.56 -12.69 25.85
CA ASP A 396 -37.88 -12.78 26.46
C ASP A 396 -38.35 -14.23 26.50
N GLU A 397 -38.86 -14.64 27.67
CA GLU A 397 -39.33 -16.01 27.83
C GLU A 397 -40.63 -16.25 27.06
N ASP A 398 -41.50 -15.24 27.01
CA ASP A 398 -42.81 -15.44 26.39
C ASP A 398 -42.68 -15.75 24.91
N THR A 399 -41.79 -15.05 24.21
CA THR A 399 -41.67 -15.15 22.76
C THR A 399 -40.21 -15.41 22.36
N ARG A 400 -39.58 -16.34 23.07
CA ARG A 400 -38.23 -16.77 22.70
C ARG A 400 -38.22 -17.87 21.65
N HIS A 401 -39.39 -18.40 21.29
CA HIS A 401 -39.44 -19.49 20.32
C HIS A 401 -38.95 -19.03 18.95
N LEU A 402 -39.30 -17.81 18.56
CA LEU A 402 -38.94 -17.32 17.24
C LEU A 402 -37.47 -16.96 17.10
N SER A 403 -36.66 -17.20 18.12
CA SER A 403 -35.23 -16.94 18.01
C SER A 403 -34.58 -17.95 17.07
N ARG A 404 -33.46 -17.54 16.48
CA ARG A 404 -32.74 -18.34 15.51
C ARG A 404 -31.38 -18.82 16.01
N LYS A 405 -30.88 -18.26 17.11
CA LYS A 405 -29.60 -18.65 17.69
C LYS A 405 -29.83 -19.02 19.15
N PHE A 406 -29.42 -20.22 19.53
CA PHE A 406 -29.55 -20.71 20.89
C PHE A 406 -28.17 -21.02 21.46
N LYS A 407 -28.12 -21.10 22.79
CA LYS A 407 -26.90 -21.43 23.50
C LYS A 407 -26.94 -22.89 23.94
N ASP A 408 -25.91 -23.64 23.57
CA ASP A 408 -25.86 -25.06 23.89
C ASP A 408 -25.20 -25.31 25.24
N TRP A 409 -23.94 -24.90 25.38
CA TRP A 409 -23.27 -25.02 26.68
C TRP A 409 -21.90 -24.37 26.62
N ALA A 410 -21.40 -23.98 27.79
CA ALA A 410 -20.10 -23.35 27.92
C ALA A 410 -19.23 -24.17 28.86
N TYR A 411 -18.03 -24.52 28.40
CA TYR A 411 -17.01 -25.15 29.22
C TYR A 411 -15.78 -24.28 29.17
N GLY A 412 -15.51 -23.56 30.26
CA GLY A 412 -14.40 -22.65 30.31
C GLY A 412 -14.47 -21.64 29.18
N PRO A 413 -13.32 -21.32 28.57
CA PRO A 413 -13.32 -20.40 27.43
C PRO A 413 -14.11 -20.90 26.24
N VAL A 414 -14.38 -22.21 26.16
CA VAL A 414 -15.08 -22.77 25.01
C VAL A 414 -16.58 -22.53 25.18
N TYR A 415 -17.21 -22.00 24.13
CA TYR A 415 -18.65 -21.77 24.12
C TYR A 415 -19.23 -22.41 22.87
N SER A 416 -20.21 -23.30 23.06
CA SER A 416 -20.87 -23.99 21.96
C SER A 416 -22.31 -23.49 21.89
N SER A 417 -22.69 -22.98 20.72
CA SER A 417 -23.99 -22.41 20.46
C SER A 417 -24.65 -23.13 19.29
N LEU A 418 -25.97 -23.20 19.32
CA LEU A 418 -26.75 -24.03 18.41
C LEU A 418 -27.60 -23.13 17.52
N TYR A 419 -27.13 -22.90 16.30
CA TYR A 419 -27.87 -22.11 15.34
C TYR A 419 -29.01 -22.93 14.73
N ASP A 420 -29.95 -22.23 14.10
CA ASP A 420 -31.08 -22.85 13.42
C ASP A 420 -30.98 -22.57 11.93
N LEU A 421 -31.26 -23.60 11.14
CA LEU A 421 -31.19 -23.51 9.69
C LEU A 421 -32.40 -24.19 9.06
N SER A 422 -33.59 -23.94 9.63
CA SER A 422 -34.79 -24.57 9.09
C SER A 422 -35.02 -24.18 7.63
N SER A 423 -34.87 -22.89 7.32
CA SER A 423 -35.02 -22.41 5.95
C SER A 423 -33.69 -22.02 5.31
N LEU A 424 -32.59 -22.02 6.06
CA LEU A 424 -31.31 -21.65 5.48
C LEU A 424 -30.81 -22.72 4.52
N ASP A 425 -31.12 -23.98 4.79
CA ASP A 425 -30.75 -25.09 3.91
C ASP A 425 -31.99 -25.94 3.65
N THR A 426 -32.27 -26.19 2.37
CA THR A 426 -33.42 -26.98 1.96
C THR A 426 -32.99 -28.06 1.00
N CYS A 427 -33.49 -29.27 1.20
CA CYS A 427 -33.17 -30.41 0.33
C CYS A 427 -34.18 -30.52 -0.81
N GLY A 428 -34.36 -29.44 -1.55
CA GLY A 428 -35.29 -29.40 -2.67
C GLY A 428 -36.72 -29.11 -2.30
N GLU A 429 -37.07 -29.12 -1.00
CA GLU A 429 -38.44 -28.82 -0.61
C GLU A 429 -38.82 -27.38 -0.97
N GLU A 430 -37.90 -26.44 -0.74
CA GLU A 430 -38.15 -25.05 -1.08
C GLU A 430 -36.80 -24.37 -1.36
N ALA A 431 -36.87 -23.19 -1.95
CA ALA A 431 -35.66 -22.43 -2.24
C ALA A 431 -34.89 -22.15 -0.96
N SER A 432 -33.56 -22.23 -1.06
CA SER A 432 -32.68 -22.06 0.09
C SER A 432 -31.88 -20.78 -0.06
N VAL A 433 -31.52 -20.18 1.08
CA VAL A 433 -30.74 -18.96 1.08
C VAL A 433 -29.39 -19.19 0.41
N LEU A 434 -28.81 -20.38 0.64
CA LEU A 434 -27.46 -20.65 0.14
C LEU A 434 -27.43 -20.66 -1.38
N GLU A 435 -28.39 -21.33 -2.01
CA GLU A 435 -28.42 -21.39 -3.47
C GLU A 435 -28.62 -20.01 -4.06
N ILE A 436 -29.54 -19.23 -3.49
CA ILE A 436 -29.77 -17.88 -3.99
C ILE A 436 -28.53 -17.03 -3.84
N LEU A 437 -27.85 -17.14 -2.70
CA LEU A 437 -26.66 -16.34 -2.46
C LEU A 437 -25.54 -16.70 -3.42
N VAL A 438 -25.41 -17.98 -3.76
CA VAL A 438 -24.29 -18.42 -4.58
C VAL A 438 -24.59 -18.19 -6.07
N TYR A 439 -25.64 -18.83 -6.58
CA TYR A 439 -25.84 -18.87 -8.02
C TYR A 439 -26.18 -17.50 -8.59
N ASN A 440 -26.95 -16.70 -7.87
CA ASN A 440 -27.39 -15.42 -8.42
C ASN A 440 -26.21 -14.52 -8.70
N SER A 441 -26.35 -13.69 -9.73
CA SER A 441 -25.31 -12.79 -10.21
C SER A 441 -25.63 -11.35 -9.82
N LYS A 442 -24.60 -10.52 -9.81
CA LYS A 442 -24.73 -9.10 -9.54
C LYS A 442 -25.23 -8.84 -8.12
N ILE A 443 -24.53 -9.43 -7.15
CA ILE A 443 -24.80 -9.22 -5.73
C ILE A 443 -23.69 -8.37 -5.15
N GLU A 444 -24.06 -7.32 -4.43
CA GLU A 444 -23.09 -6.32 -4.00
C GLU A 444 -22.05 -6.93 -3.05
N ASN A 445 -22.50 -7.69 -2.06
CA ASN A 445 -21.64 -8.18 -0.99
C ASN A 445 -21.78 -9.69 -0.83
N ARG A 446 -21.72 -10.41 -1.95
CA ARG A 446 -21.83 -11.86 -1.90
C ARG A 446 -20.71 -12.47 -1.08
N HIS A 447 -19.47 -12.01 -1.32
CA HIS A 447 -18.32 -12.59 -0.62
C HIS A 447 -18.40 -12.37 0.87
N GLU A 448 -18.86 -11.19 1.30
CA GLU A 448 -18.96 -10.92 2.73
C GLU A 448 -20.09 -11.72 3.35
N MET A 449 -21.22 -11.83 2.66
CA MET A 449 -22.35 -12.59 3.20
C MET A 449 -22.04 -14.07 3.27
N LEU A 450 -21.16 -14.57 2.42
CA LEU A 450 -20.77 -15.98 2.52
C LEU A 450 -19.95 -16.25 3.78
N ALA A 451 -19.28 -15.23 4.31
CA ALA A 451 -18.41 -15.40 5.48
C ALA A 451 -19.19 -15.06 6.75
N VAL A 452 -20.11 -15.97 7.11
CA VAL A 452 -20.90 -15.85 8.32
C VAL A 452 -20.77 -17.15 9.10
N GLU A 453 -21.04 -17.07 10.40
CA GLU A 453 -20.72 -18.17 11.32
C GLU A 453 -21.28 -19.51 10.88
N PRO A 454 -22.56 -19.64 10.52
CA PRO A 454 -23.10 -20.97 10.22
C PRO A 454 -22.83 -21.42 8.79
N ILE A 455 -22.71 -20.47 7.86
CA ILE A 455 -22.56 -20.83 6.45
C ILE A 455 -21.28 -21.61 6.24
N ASN A 456 -20.17 -21.10 6.79
CA ASN A 456 -18.87 -21.74 6.59
C ASN A 456 -18.87 -23.15 7.18
N GLU A 457 -19.39 -23.29 8.40
CA GLU A 457 -19.41 -24.60 9.04
C GLU A 457 -20.30 -25.57 8.28
N LEU A 458 -21.45 -25.10 7.80
CA LEU A 458 -22.33 -25.98 7.03
C LEU A 458 -21.66 -26.44 5.74
N LEU A 459 -21.00 -25.53 5.04
CA LEU A 459 -20.30 -25.91 3.83
C LEU A 459 -19.20 -26.92 4.13
N ARG A 460 -18.45 -26.69 5.21
CA ARG A 460 -17.38 -27.60 5.58
C ARG A 460 -17.92 -28.99 5.87
N ASP A 461 -18.99 -29.06 6.67
CA ASP A 461 -19.56 -30.36 7.01
C ASP A 461 -20.13 -31.07 5.78
N LYS A 462 -20.80 -30.31 4.90
CA LYS A 462 -21.35 -30.92 3.70
C LYS A 462 -20.24 -31.45 2.80
N TRP A 463 -19.15 -30.70 2.69
CA TRP A 463 -18.02 -31.16 1.88
C TRP A 463 -17.39 -32.41 2.45
N ARG A 464 -17.20 -32.45 3.78
CA ARG A 464 -16.58 -33.62 4.39
C ARG A 464 -17.48 -34.85 4.28
N LYS A 465 -18.80 -34.66 4.46
CA LYS A 465 -19.68 -35.82 4.54
C LYS A 465 -19.69 -36.62 3.25
N PHE A 466 -19.93 -35.95 2.12
CA PHE A 466 -20.02 -36.65 0.84
C PHE A 466 -19.33 -35.95 -0.32
N GLY A 467 -18.96 -34.68 -0.21
CA GLY A 467 -18.46 -33.97 -1.38
C GLY A 467 -17.16 -34.56 -1.91
N ALA A 468 -16.20 -34.81 -1.01
CA ALA A 468 -14.91 -35.33 -1.44
C ALA A 468 -15.06 -36.74 -2.03
N VAL A 469 -15.95 -37.56 -1.45
CA VAL A 469 -16.11 -38.92 -1.92
C VAL A 469 -16.54 -38.95 -3.37
N SER A 470 -17.51 -38.10 -3.74
CA SER A 470 -18.07 -38.12 -5.08
C SER A 470 -17.28 -37.27 -6.06
N PHE A 471 -16.53 -36.27 -5.60
CA PHE A 471 -15.76 -35.43 -6.51
C PHE A 471 -14.69 -36.23 -7.24
N TYR A 472 -13.95 -37.07 -6.50
CA TYR A 472 -12.92 -37.87 -7.14
C TYR A 472 -13.51 -38.95 -8.04
N ILE A 473 -14.65 -39.52 -7.66
CA ILE A 473 -15.36 -40.44 -8.54
C ILE A 473 -15.70 -39.72 -9.85
N ASN A 474 -16.19 -38.48 -9.74
CA ASN A 474 -16.48 -37.67 -10.91
C ASN A 474 -15.27 -37.53 -11.80
N VAL A 475 -14.14 -37.14 -11.21
CA VAL A 475 -12.94 -36.90 -11.99
C VAL A 475 -12.49 -38.17 -12.70
N VAL A 476 -12.48 -39.29 -11.96
CA VAL A 476 -12.02 -40.55 -12.52
C VAL A 476 -12.92 -40.97 -13.69
N SER A 477 -14.24 -40.89 -13.49
CA SER A 477 -15.15 -41.31 -14.55
C SER A 477 -14.99 -40.45 -15.78
N TYR A 478 -14.91 -39.13 -15.61
CA TYR A 478 -14.81 -38.24 -16.76
C TYR A 478 -13.49 -38.48 -17.50
N LEU A 479 -12.39 -38.63 -16.77
CA LEU A 479 -11.11 -38.86 -17.42
C LEU A 479 -11.10 -40.19 -18.16
N CYS A 480 -11.70 -41.22 -17.57
CA CYS A 480 -11.77 -42.51 -18.27
C CYS A 480 -12.59 -42.39 -19.54
N ALA A 481 -13.71 -41.69 -19.48
CA ALA A 481 -14.53 -41.50 -20.69
C ALA A 481 -13.74 -40.75 -21.76
N MET A 482 -13.00 -39.72 -21.35
CA MET A 482 -12.21 -38.95 -22.32
C MET A 482 -11.11 -39.81 -22.94
N VAL A 483 -10.46 -40.65 -22.15
CA VAL A 483 -9.44 -41.54 -22.68
C VAL A 483 -10.06 -42.50 -23.69
N ILE A 484 -11.23 -43.06 -23.36
CA ILE A 484 -11.91 -43.95 -24.28
C ILE A 484 -12.24 -43.22 -25.58
N PHE A 485 -12.73 -41.98 -25.47
CA PHE A 485 -13.06 -41.20 -26.65
C PHE A 485 -11.83 -40.95 -27.51
N THR A 486 -10.71 -40.62 -26.87
CA THR A 486 -9.48 -40.37 -27.62
C THR A 486 -9.02 -41.64 -28.35
N LEU A 487 -9.07 -42.79 -27.66
CA LEU A 487 -8.67 -44.03 -28.32
C LEU A 487 -9.59 -44.35 -29.48
N THR A 488 -10.89 -44.12 -29.32
CA THR A 488 -11.81 -44.33 -30.43
C THR A 488 -11.49 -43.42 -31.60
N ALA A 489 -11.18 -42.16 -31.30
CA ALA A 489 -10.87 -41.21 -32.38
C ALA A 489 -9.61 -41.61 -33.13
N TYR A 490 -8.57 -42.04 -32.40
CA TYR A 490 -7.32 -42.39 -33.07
C TYR A 490 -7.53 -43.57 -34.01
N TYR A 491 -8.12 -44.66 -33.51
CA TYR A 491 -8.31 -45.86 -34.32
C TYR A 491 -9.59 -45.72 -35.14
N GLN A 492 -9.56 -44.77 -36.06
CA GLN A 492 -10.68 -44.50 -36.94
C GLN A 492 -10.33 -44.91 -38.36
N PRO A 493 -11.01 -45.89 -38.96
CA PRO A 493 -10.62 -46.31 -40.32
C PRO A 493 -10.99 -45.29 -41.38
N LEU A 494 -9.98 -44.60 -41.93
CA LEU A 494 -10.25 -43.66 -43.01
C LEU A 494 -10.77 -44.36 -44.25
N GLU A 495 -10.18 -45.51 -44.59
CA GLU A 495 -10.63 -46.27 -45.75
C GLU A 495 -12.05 -46.76 -45.55
N GLY A 496 -12.80 -46.79 -46.64
CA GLY A 496 -14.18 -47.25 -46.61
C GLY A 496 -15.16 -46.12 -46.33
N THR A 497 -16.41 -46.35 -46.75
CA THR A 497 -17.47 -45.38 -46.55
C THR A 497 -18.18 -45.67 -45.23
N PRO A 498 -18.24 -44.72 -44.30
CA PRO A 498 -19.04 -44.94 -43.09
C PRO A 498 -20.50 -45.12 -43.43
N PRO A 499 -21.23 -45.98 -42.70
CA PRO A 499 -20.79 -46.83 -41.59
C PRO A 499 -19.99 -48.03 -42.09
N TYR A 500 -19.21 -48.66 -41.22
CA TYR A 500 -18.38 -49.81 -41.61
C TYR A 500 -18.95 -51.09 -41.02
N PRO A 501 -18.74 -52.23 -41.69
CA PRO A 501 -19.14 -53.52 -41.09
C PRO A 501 -18.19 -53.91 -39.96
N TYR A 502 -18.75 -54.55 -38.94
CA TYR A 502 -18.01 -54.96 -37.75
C TYR A 502 -18.05 -56.47 -37.67
N ARG A 503 -16.91 -57.12 -37.96
CA ARG A 503 -16.85 -58.57 -38.04
C ARG A 503 -15.69 -59.13 -37.23
N THR A 504 -14.63 -58.34 -37.07
CA THR A 504 -13.40 -58.83 -36.48
C THR A 504 -13.42 -58.68 -34.96
N THR A 505 -12.39 -59.25 -34.32
CA THR A 505 -12.31 -59.19 -32.87
C THR A 505 -12.15 -57.75 -32.38
N VAL A 506 -11.32 -56.96 -33.05
CA VAL A 506 -11.12 -55.57 -32.65
C VAL A 506 -12.41 -54.77 -32.76
N ASP A 507 -13.36 -55.22 -33.59
CA ASP A 507 -14.62 -54.52 -33.73
C ASP A 507 -15.40 -54.50 -32.43
N TYR A 508 -15.36 -55.62 -31.69
CA TYR A 508 -16.03 -55.66 -30.39
C TYR A 508 -15.62 -54.49 -29.53
N LEU A 509 -14.31 -54.23 -29.44
CA LEU A 509 -13.81 -53.15 -28.61
C LEU A 509 -14.05 -51.78 -29.24
N ARG A 510 -13.94 -51.69 -30.57
CA ARG A 510 -14.03 -50.38 -31.21
C ARG A 510 -15.45 -49.83 -31.16
N LEU A 511 -16.46 -50.68 -31.39
CA LEU A 511 -17.83 -50.21 -31.39
C LEU A 511 -18.25 -49.70 -30.02
N ALA A 512 -17.76 -50.35 -28.97
CA ALA A 512 -18.15 -49.97 -27.61
C ALA A 512 -17.73 -48.54 -27.31
N GLY A 513 -16.56 -48.12 -27.78
CA GLY A 513 -16.13 -46.76 -27.53
C GLY A 513 -17.07 -45.73 -28.12
N GLU A 514 -17.47 -45.93 -29.38
CA GLU A 514 -18.40 -45.00 -30.02
C GLU A 514 -19.74 -45.00 -29.30
N VAL A 515 -20.25 -46.19 -28.96
CA VAL A 515 -21.54 -46.24 -28.28
C VAL A 515 -21.48 -45.51 -26.94
N ILE A 516 -20.40 -45.76 -26.18
CA ILE A 516 -20.27 -45.14 -24.87
C ILE A 516 -20.16 -43.62 -25.00
N THR A 517 -19.37 -43.15 -25.97
CA THR A 517 -19.22 -41.71 -26.13
C THR A 517 -20.55 -41.05 -26.52
N LEU A 518 -21.30 -41.68 -27.43
CA LEU A 518 -22.59 -41.10 -27.82
C LEU A 518 -23.55 -41.08 -26.65
N PHE A 519 -23.61 -42.17 -25.88
CA PHE A 519 -24.50 -42.20 -24.72
C PHE A 519 -24.07 -41.17 -23.68
N THR A 520 -22.76 -40.99 -23.51
CA THR A 520 -22.29 -39.98 -22.55
C THR A 520 -22.68 -38.58 -23.00
N GLY A 521 -22.58 -38.30 -24.31
CA GLY A 521 -23.02 -37.00 -24.79
C GLY A 521 -24.50 -36.77 -24.59
N VAL A 522 -25.30 -37.80 -24.86
CA VAL A 522 -26.74 -37.68 -24.65
C VAL A 522 -27.05 -37.46 -23.17
N LEU A 523 -26.32 -38.16 -22.29
CA LEU A 523 -26.50 -37.98 -20.86
C LEU A 523 -26.13 -36.57 -20.44
N PHE A 524 -25.05 -36.02 -21.01
CA PHE A 524 -24.67 -34.65 -20.72
C PHE A 524 -25.77 -33.68 -21.13
N PHE A 525 -26.33 -33.89 -22.31
CA PHE A 525 -27.40 -33.02 -22.79
C PHE A 525 -28.61 -33.09 -21.87
N PHE A 526 -29.01 -34.31 -21.47
CA PHE A 526 -30.15 -34.47 -20.58
C PHE A 526 -29.87 -33.82 -19.23
N THR A 527 -28.65 -33.99 -18.71
CA THR A 527 -28.30 -33.37 -17.43
C THR A 527 -28.36 -31.86 -17.53
N ASN A 528 -27.99 -31.32 -18.68
CA ASN A 528 -27.94 -29.89 -18.84
C ASN A 528 -29.25 -29.23 -19.13
N ILE A 529 -30.18 -29.98 -19.62
CA ILE A 529 -31.56 -29.49 -19.73
C ILE A 529 -32.28 -29.64 -18.39
N LYS A 530 -32.05 -30.75 -17.68
CA LYS A 530 -32.63 -30.92 -16.36
C LYS A 530 -32.16 -29.83 -15.40
N ASP A 531 -30.89 -29.48 -15.49
CA ASP A 531 -30.34 -28.45 -14.61
C ASP A 531 -30.92 -27.10 -14.97
N LEU A 532 -31.07 -26.83 -16.26
CA LEU A 532 -31.62 -25.56 -16.70
C LEU A 532 -33.06 -25.39 -16.19
N PHE A 533 -33.86 -26.45 -16.27
CA PHE A 533 -35.22 -26.39 -15.75
C PHE A 533 -35.26 -26.42 -14.22
N MET A 534 -34.24 -26.99 -13.58
CA MET A 534 -34.21 -27.09 -12.12
C MET A 534 -34.11 -25.72 -11.49
N LYS A 535 -33.28 -24.84 -12.05
CA LYS A 535 -33.09 -23.49 -11.55
C LYS A 535 -34.15 -22.52 -12.07
N LYS A 536 -35.29 -23.04 -12.54
CA LYS A 536 -36.38 -22.22 -13.04
C LYS A 536 -35.93 -21.41 -14.26
N CYS A 537 -35.23 -22.09 -15.17
CA CYS A 537 -34.81 -21.52 -16.44
C CYS A 537 -34.03 -20.22 -16.24
N PRO A 538 -32.81 -20.27 -15.72
CA PRO A 538 -32.00 -19.06 -15.65
C PRO A 538 -31.76 -18.47 -17.02
N GLY A 539 -31.69 -17.14 -17.07
CA GLY A 539 -31.56 -16.43 -18.32
C GLY A 539 -30.15 -16.44 -18.86
N VAL A 540 -29.90 -15.52 -19.80
CA VAL A 540 -28.60 -15.43 -20.44
C VAL A 540 -27.52 -15.12 -19.42
N ASN A 541 -27.79 -14.18 -18.51
CA ASN A 541 -26.77 -13.74 -17.55
C ASN A 541 -26.19 -14.93 -16.78
N SER A 542 -27.02 -15.91 -16.47
CA SER A 542 -26.54 -17.07 -15.70
C SER A 542 -25.59 -17.92 -16.53
N LEU A 543 -25.86 -18.07 -17.82
CA LEU A 543 -25.09 -18.99 -18.66
C LEU A 543 -23.90 -18.31 -19.34
N PHE A 544 -24.15 -17.22 -20.07
CA PHE A 544 -23.12 -16.66 -20.93
C PHE A 544 -22.01 -15.99 -20.11
N ILE A 545 -22.39 -15.05 -19.24
CA ILE A 545 -21.38 -14.21 -18.59
C ILE A 545 -20.48 -15.05 -17.69
N ASP A 546 -21.09 -15.87 -16.84
CA ASP A 546 -20.35 -16.66 -15.86
C ASP A 546 -20.80 -18.12 -15.95
N GLY A 547 -20.04 -19.00 -15.30
CA GLY A 547 -20.30 -20.41 -15.37
C GLY A 547 -20.20 -20.91 -16.80
N SER A 548 -19.12 -20.50 -17.48
CA SER A 548 -18.98 -20.83 -18.90
C SER A 548 -19.08 -22.33 -19.15
N PHE A 549 -18.58 -23.13 -18.21
CA PHE A 549 -18.60 -24.58 -18.40
C PHE A 549 -20.01 -25.14 -18.50
N GLN A 550 -21.00 -24.43 -17.94
CA GLN A 550 -22.38 -24.87 -18.07
C GLN A 550 -22.85 -24.80 -19.52
N LEU A 551 -22.29 -23.86 -20.30
CA LEU A 551 -22.61 -23.75 -21.71
C LEU A 551 -21.75 -24.65 -22.58
N LEU A 552 -20.47 -24.79 -22.26
CA LEU A 552 -19.56 -25.54 -23.11
C LEU A 552 -20.02 -26.99 -23.28
N TYR A 553 -20.40 -27.63 -22.18
CA TYR A 553 -20.84 -29.02 -22.27
C TYR A 553 -22.09 -29.13 -23.14
N PHE A 554 -22.89 -28.07 -23.25
CA PHE A 554 -24.00 -28.08 -24.19
C PHE A 554 -23.47 -28.17 -25.62
N ILE A 555 -22.48 -27.35 -25.94
CA ILE A 555 -21.84 -27.42 -27.27
C ILE A 555 -21.26 -28.81 -27.48
N TYR A 556 -20.49 -29.29 -26.50
CA TYR A 556 -19.99 -30.67 -26.56
C TYR A 556 -21.14 -31.65 -26.72
N SER A 557 -22.28 -31.35 -26.08
CA SER A 557 -23.44 -32.21 -26.22
C SER A 557 -23.93 -32.26 -27.67
N VAL A 558 -23.90 -31.11 -28.35
CA VAL A 558 -24.39 -31.03 -29.72
C VAL A 558 -23.47 -31.79 -30.66
N LEU A 559 -22.22 -31.35 -30.77
CA LEU A 559 -21.32 -31.87 -31.78
C LEU A 559 -21.26 -33.39 -31.74
N VAL A 560 -21.10 -33.95 -30.54
CA VAL A 560 -20.93 -35.40 -30.42
C VAL A 560 -22.09 -36.13 -31.05
N ILE A 561 -23.32 -35.65 -30.85
CA ILE A 561 -24.45 -36.31 -31.48
C ILE A 561 -24.57 -35.90 -32.95
N VAL A 562 -24.23 -34.65 -33.27
CA VAL A 562 -24.31 -34.21 -34.66
C VAL A 562 -23.48 -35.12 -35.54
N SER A 563 -22.24 -35.38 -35.13
CA SER A 563 -21.38 -36.28 -35.90
C SER A 563 -22.07 -37.60 -36.16
N ALA A 564 -22.76 -38.13 -35.15
CA ALA A 564 -23.45 -39.41 -35.33
C ALA A 564 -24.35 -39.37 -36.56
N ALA A 565 -25.16 -38.32 -36.67
CA ALA A 565 -26.02 -38.20 -37.85
C ALA A 565 -25.20 -38.29 -39.12
N LEU A 566 -24.14 -37.48 -39.20
CA LEU A 566 -23.26 -37.55 -40.37
C LEU A 566 -22.70 -38.96 -40.54
N TYR A 567 -22.27 -39.58 -39.43
CA TYR A 567 -21.70 -40.91 -39.51
C TYR A 567 -22.65 -41.90 -40.15
N LEU A 568 -23.95 -41.62 -40.09
CA LEU A 568 -24.94 -42.49 -40.73
C LEU A 568 -25.17 -42.11 -42.20
N ALA A 569 -25.18 -40.82 -42.51
CA ALA A 569 -25.40 -40.37 -43.88
C ALA A 569 -24.22 -39.56 -44.42
N GLY A 570 -23.81 -38.51 -43.72
CA GLY A 570 -22.68 -37.71 -44.16
C GLY A 570 -21.37 -38.37 -43.77
N ILE A 571 -21.08 -39.51 -44.40
CA ILE A 571 -19.98 -40.36 -43.95
C ILE A 571 -18.64 -39.65 -44.11
N GLU A 572 -18.50 -38.86 -45.18
CA GLU A 572 -17.18 -38.35 -45.55
C GLU A 572 -16.61 -37.43 -44.47
N ALA A 573 -17.42 -36.51 -43.93
CA ALA A 573 -16.91 -35.39 -43.14
C ALA A 573 -17.38 -35.43 -41.70
N TYR A 574 -17.56 -36.62 -41.12
CA TYR A 574 -17.89 -36.69 -39.70
C TYR A 574 -16.66 -36.46 -38.83
N LEU A 575 -15.48 -36.85 -39.30
CA LEU A 575 -14.26 -36.63 -38.55
C LEU A 575 -14.03 -35.15 -38.27
N ALA A 576 -14.35 -34.29 -39.24
CA ALA A 576 -14.05 -32.88 -39.10
C ALA A 576 -14.67 -32.30 -37.84
N VAL A 577 -15.91 -32.67 -37.53
CA VAL A 577 -16.58 -32.16 -36.34
C VAL A 577 -16.34 -33.06 -35.13
N MET A 578 -16.14 -34.36 -35.33
CA MET A 578 -15.85 -35.25 -34.21
C MET A 578 -14.55 -34.85 -33.52
N VAL A 579 -13.53 -34.52 -34.30
CA VAL A 579 -12.25 -34.12 -33.73
C VAL A 579 -12.39 -32.82 -32.94
N PHE A 580 -13.19 -31.88 -33.47
CA PHE A 580 -13.39 -30.62 -32.77
C PHE A 580 -14.14 -30.86 -31.46
N ALA A 581 -15.11 -31.77 -31.48
CA ALA A 581 -15.81 -32.12 -30.24
C ALA A 581 -14.85 -32.73 -29.23
N LEU A 582 -13.96 -33.60 -29.69
CA LEU A 582 -12.96 -34.18 -28.79
C LEU A 582 -12.06 -33.11 -28.19
N VAL A 583 -11.62 -32.17 -29.02
CA VAL A 583 -10.74 -31.10 -28.53
C VAL A 583 -11.48 -30.26 -27.48
N LEU A 584 -12.73 -29.91 -27.75
CA LEU A 584 -13.49 -29.12 -26.80
C LEU A 584 -13.69 -29.88 -25.50
N GLY A 585 -14.00 -31.17 -25.58
CA GLY A 585 -14.17 -31.96 -24.38
C GLY A 585 -12.90 -32.02 -23.54
N TRP A 586 -11.76 -32.20 -24.20
CA TRP A 586 -10.50 -32.21 -23.47
C TRP A 586 -10.23 -30.84 -22.84
N MET A 587 -10.54 -29.77 -23.57
CA MET A 587 -10.22 -28.42 -23.10
C MET A 587 -11.16 -27.95 -21.99
N ASN A 588 -12.36 -28.52 -21.89
CA ASN A 588 -13.34 -28.08 -20.91
C ASN A 588 -13.36 -28.97 -19.68
N ALA A 589 -12.21 -29.49 -19.26
CA ALA A 589 -12.09 -30.28 -18.05
C ALA A 589 -11.68 -29.45 -16.84
N LEU A 590 -11.49 -28.13 -17.00
CA LEU A 590 -11.12 -27.28 -15.89
C LEU A 590 -12.24 -27.10 -14.88
N TYR A 591 -13.47 -27.48 -15.22
CA TYR A 591 -14.55 -27.43 -14.25
C TYR A 591 -14.24 -28.30 -13.05
N PHE A 592 -13.64 -29.47 -13.28
CA PHE A 592 -13.25 -30.35 -12.19
C PHE A 592 -12.05 -29.83 -11.43
N THR A 593 -11.18 -29.05 -12.09
CA THR A 593 -10.04 -28.46 -11.40
C THR A 593 -10.45 -27.24 -10.58
N ARG A 594 -11.62 -26.66 -10.86
CA ARG A 594 -12.09 -25.53 -10.05
C ARG A 594 -12.10 -25.89 -8.57
N GLY A 595 -12.48 -27.12 -8.24
CA GLY A 595 -12.62 -27.48 -6.83
C GLY A 595 -11.31 -27.47 -6.07
N LEU A 596 -10.23 -27.97 -6.69
CA LEU A 596 -8.97 -28.11 -5.99
C LEU A 596 -8.49 -26.75 -5.47
N LYS A 597 -8.08 -26.73 -4.20
CA LYS A 597 -7.62 -25.47 -3.60
C LYS A 597 -6.34 -24.98 -4.26
N LEU A 598 -5.41 -25.88 -4.55
CA LEU A 598 -4.12 -25.46 -5.10
C LEU A 598 -4.28 -24.82 -6.48
N THR A 599 -5.17 -25.37 -7.31
CA THR A 599 -5.37 -24.89 -8.67
C THR A 599 -6.78 -24.36 -8.89
N GLY A 600 -7.50 -24.02 -7.81
CA GLY A 600 -8.86 -23.53 -7.98
C GLY A 600 -8.93 -22.20 -8.71
N THR A 601 -8.05 -21.27 -8.38
CA THR A 601 -8.09 -19.95 -8.99
C THR A 601 -7.80 -20.04 -10.49
N TYR A 602 -6.83 -20.87 -10.88
CA TYR A 602 -6.30 -20.82 -12.24
C TYR A 602 -7.40 -20.88 -13.28
N SER A 603 -8.33 -21.82 -13.14
CA SER A 603 -9.39 -21.97 -14.14
C SER A 603 -10.29 -20.73 -14.18
N ILE A 604 -10.68 -20.22 -13.01
CA ILE A 604 -11.55 -19.05 -12.99
C ILE A 604 -10.86 -17.86 -13.65
N MET A 605 -9.59 -17.64 -13.33
CA MET A 605 -8.91 -16.46 -13.84
C MET A 605 -8.55 -16.59 -15.32
N ILE A 606 -8.29 -17.82 -15.80
CA ILE A 606 -8.06 -17.98 -17.24
C ILE A 606 -9.35 -17.76 -18.01
N GLN A 607 -10.47 -18.26 -17.48
CA GLN A 607 -11.76 -17.99 -18.14
C GLN A 607 -12.08 -16.50 -18.12
N LYS A 608 -11.76 -15.82 -17.01
CA LYS A 608 -12.05 -14.39 -16.89
C LYS A 608 -11.20 -13.58 -17.87
N ILE A 609 -9.89 -13.81 -17.86
CA ILE A 609 -8.98 -13.02 -18.68
C ILE A 609 -9.23 -13.27 -20.16
N LEU A 610 -9.53 -14.52 -20.52
CA LEU A 610 -9.63 -14.88 -21.94
C LEU A 610 -10.72 -14.06 -22.64
N PHE A 611 -11.92 -14.01 -22.07
CA PHE A 611 -13.04 -13.37 -22.75
C PHE A 611 -13.00 -11.85 -22.65
N LYS A 612 -12.43 -11.31 -21.57
CA LYS A 612 -12.50 -9.88 -21.29
C LYS A 612 -11.26 -9.12 -21.74
N ASP A 613 -10.07 -9.55 -21.29
CA ASP A 613 -8.85 -8.83 -21.65
C ASP A 613 -8.40 -9.17 -23.07
N LEU A 614 -8.29 -10.46 -23.39
CA LEU A 614 -7.75 -10.85 -24.67
C LEU A 614 -8.61 -10.37 -25.82
N PHE A 615 -9.95 -10.44 -25.68
CA PHE A 615 -10.82 -9.98 -26.75
C PHE A 615 -10.76 -8.47 -26.92
N ARG A 616 -10.71 -7.72 -25.81
CA ARG A 616 -10.60 -6.27 -25.90
C ARG A 616 -9.31 -5.88 -26.60
N PHE A 617 -8.21 -6.55 -26.28
CA PHE A 617 -6.96 -6.31 -27.00
C PHE A 617 -7.03 -6.79 -28.45
N LEU A 618 -7.75 -7.88 -28.69
CA LEU A 618 -7.82 -8.46 -30.03
C LEU A 618 -8.61 -7.57 -30.97
N LEU A 619 -9.52 -6.76 -30.45
CA LEU A 619 -10.20 -5.78 -31.30
C LEU A 619 -9.18 -4.86 -31.97
N VAL A 620 -8.30 -4.25 -31.17
CA VAL A 620 -7.28 -3.37 -31.71
C VAL A 620 -6.30 -4.14 -32.59
N TYR A 621 -5.90 -5.34 -32.13
CA TYR A 621 -4.99 -6.15 -32.93
C TYR A 621 -5.59 -6.48 -34.29
N LEU A 622 -6.90 -6.74 -34.34
CA LEU A 622 -7.55 -7.05 -35.60
C LEU A 622 -7.65 -5.82 -36.49
N LEU A 623 -7.88 -4.65 -35.89
CA LEU A 623 -7.79 -3.42 -36.68
C LEU A 623 -6.44 -3.33 -37.38
N PHE A 624 -5.36 -3.50 -36.61
CA PHE A 624 -4.02 -3.45 -37.19
C PHE A 624 -3.85 -4.52 -38.27
N MET A 625 -4.26 -5.75 -37.98
CA MET A 625 -4.10 -6.85 -38.91
C MET A 625 -4.82 -6.56 -40.22
N ILE A 626 -6.09 -6.15 -40.14
CA ILE A 626 -6.87 -5.89 -41.34
C ILE A 626 -6.20 -4.79 -42.16
N GLY A 627 -5.86 -3.68 -41.50
CA GLY A 627 -5.27 -2.58 -42.24
C GLY A 627 -3.99 -2.98 -42.94
N TYR A 628 -3.04 -3.56 -42.21
CA TYR A 628 -1.75 -3.88 -42.79
C TYR A 628 -1.88 -4.96 -43.85
N ALA A 629 -2.68 -6.01 -43.60
CA ALA A 629 -2.82 -7.08 -44.58
C ALA A 629 -3.45 -6.57 -45.86
N SER A 630 -4.49 -5.75 -45.75
CA SER A 630 -5.10 -5.19 -46.95
C SER A 630 -4.11 -4.33 -47.71
N ALA A 631 -3.34 -3.50 -46.99
CA ALA A 631 -2.35 -2.65 -47.65
C ALA A 631 -1.33 -3.49 -48.41
N LEU A 632 -0.77 -4.51 -47.76
CA LEU A 632 0.26 -5.31 -48.41
C LEU A 632 -0.31 -6.08 -49.58
N VAL A 633 -1.52 -6.62 -49.46
CA VAL A 633 -2.13 -7.34 -50.57
C VAL A 633 -2.33 -6.41 -51.76
N SER A 634 -2.81 -5.19 -51.49
CA SER A 634 -3.04 -4.24 -52.58
C SER A 634 -1.72 -3.85 -53.26
N LEU A 635 -0.66 -3.68 -52.46
CA LEU A 635 0.57 -3.12 -53.01
C LEU A 635 1.21 -4.03 -54.04
N LEU A 636 1.22 -5.35 -53.78
CA LEU A 636 1.98 -6.25 -54.63
C LEU A 636 1.41 -6.32 -56.04
N ASN A 637 2.31 -6.52 -57.00
CA ASN A 637 1.95 -6.66 -58.41
C ASN A 637 2.19 -8.09 -58.86
N PRO A 638 1.16 -8.86 -59.23
CA PRO A 638 1.42 -10.22 -59.69
C PRO A 638 2.17 -10.29 -61.01
N CYS A 639 2.00 -9.30 -61.89
CA CYS A 639 2.65 -9.30 -63.19
C CYS A 639 3.02 -7.87 -63.60
N ASP A 662 -7.48 -14.33 -58.23
CA ASP A 662 -6.70 -13.55 -57.27
C ASP A 662 -6.95 -14.04 -55.84
N SER A 663 -8.03 -14.79 -55.65
CA SER A 663 -8.35 -15.30 -54.33
C SER A 663 -7.27 -16.24 -53.81
N GLU A 664 -6.76 -17.13 -54.68
CA GLU A 664 -5.71 -18.04 -54.26
C GLU A 664 -4.44 -17.29 -53.88
N THR A 665 -4.08 -16.28 -54.67
CA THR A 665 -2.89 -15.48 -54.34
C THR A 665 -3.05 -14.77 -53.01
N PHE A 666 -4.23 -14.20 -52.77
CA PHE A 666 -4.49 -13.52 -51.51
C PHE A 666 -4.40 -14.50 -50.34
N SER A 667 -4.98 -15.69 -50.49
CA SER A 667 -4.93 -16.68 -49.42
C SER A 667 -3.50 -17.11 -49.14
N THR A 668 -2.71 -17.35 -50.20
CA THR A 668 -1.32 -17.74 -49.99
C THR A 668 -0.52 -16.64 -49.32
N PHE A 669 -0.74 -15.40 -49.72
CA PHE A 669 -0.04 -14.29 -49.07
C PHE A 669 -0.44 -14.18 -47.61
N LEU A 670 -1.73 -14.37 -47.30
CA LEU A 670 -2.17 -14.32 -45.92
C LEU A 670 -1.54 -15.43 -45.10
N LEU A 671 -1.43 -16.63 -45.68
CA LEU A 671 -0.75 -17.72 -44.99
C LEU A 671 0.70 -17.36 -44.70
N ASP A 672 1.40 -16.82 -45.71
CA ASP A 672 2.80 -16.44 -45.52
C ASP A 672 2.94 -15.37 -44.45
N LEU A 673 2.04 -14.38 -44.46
CA LEU A 673 2.11 -13.31 -43.48
C LEU A 673 1.82 -13.81 -42.08
N PHE A 674 0.89 -14.76 -41.93
CA PHE A 674 0.64 -15.32 -40.61
C PHE A 674 1.86 -16.12 -40.13
N LYS A 675 2.47 -16.91 -41.02
CA LYS A 675 3.66 -17.65 -40.64
C LYS A 675 4.76 -16.69 -40.18
N LEU A 676 4.89 -15.55 -40.87
CA LEU A 676 5.80 -14.51 -40.40
C LEU A 676 5.38 -13.98 -39.05
N THR A 677 4.07 -13.76 -38.85
CA THR A 677 3.58 -13.18 -37.61
C THR A 677 3.96 -14.03 -36.42
N ILE A 678 3.96 -15.36 -36.59
CA ILE A 678 4.38 -16.23 -35.50
C ILE A 678 5.82 -15.92 -35.10
N GLY A 679 6.69 -15.74 -36.09
CA GLY A 679 8.10 -15.47 -35.83
C GLY A 679 9.02 -16.36 -36.64
N MET A 680 8.45 -17.15 -37.54
CA MET A 680 9.18 -18.05 -38.42
C MET A 680 8.88 -17.69 -39.87
N GLY A 681 9.38 -18.50 -40.79
CA GLY A 681 9.21 -18.24 -42.20
C GLY A 681 10.33 -17.38 -42.77
N ASP A 682 10.14 -16.98 -44.01
CA ASP A 682 11.13 -16.20 -44.75
C ASP A 682 10.44 -15.02 -45.43
N LEU A 683 11.22 -13.94 -45.61
CA LEU A 683 10.73 -12.72 -46.25
C LEU A 683 11.20 -12.73 -47.71
N GLU A 684 10.40 -13.38 -48.56
CA GLU A 684 10.69 -13.50 -49.98
C GLU A 684 9.71 -12.74 -50.85
N MET A 685 8.61 -12.25 -50.30
CA MET A 685 7.57 -11.60 -51.11
C MET A 685 8.08 -10.32 -51.75
N LEU A 686 9.04 -9.63 -51.13
CA LEU A 686 9.45 -8.33 -51.62
C LEU A 686 10.04 -8.40 -53.02
N SER A 687 10.55 -9.56 -53.44
CA SER A 687 11.25 -9.64 -54.72
C SER A 687 10.32 -9.32 -55.88
N SER A 688 9.11 -9.88 -55.87
CA SER A 688 8.21 -9.71 -57.01
C SER A 688 7.55 -8.33 -57.01
N THR A 689 7.22 -7.81 -55.84
CA THR A 689 6.47 -6.55 -55.77
C THR A 689 7.35 -5.36 -56.15
N LYS A 690 6.68 -4.30 -56.59
CA LYS A 690 7.33 -3.03 -56.87
C LYS A 690 7.29 -2.14 -55.63
N TYR A 691 8.20 -1.17 -55.60
CA TYR A 691 8.37 -0.30 -54.43
C TYR A 691 8.72 -1.17 -53.22
N PRO A 692 9.74 -2.01 -53.31
CA PRO A 692 10.06 -2.88 -52.17
C PRO A 692 10.42 -2.13 -50.90
N VAL A 693 11.03 -0.95 -51.02
CA VAL A 693 11.51 -0.24 -49.83
C VAL A 693 10.33 0.16 -48.94
N VAL A 694 9.26 0.70 -49.53
CA VAL A 694 8.09 1.04 -48.73
C VAL A 694 7.46 -0.22 -48.16
N PHE A 695 7.50 -1.33 -48.89
CA PHE A 695 6.96 -2.58 -48.37
C PHE A 695 7.71 -2.99 -47.12
N ILE A 696 9.04 -2.90 -47.14
CA ILE A 696 9.82 -3.27 -45.96
C ILE A 696 9.57 -2.30 -44.83
N ILE A 697 9.43 -1.01 -45.13
CA ILE A 697 9.13 -0.04 -44.09
C ILE A 697 7.82 -0.38 -43.40
N LEU A 698 6.80 -0.72 -44.20
CA LEU A 698 5.50 -1.05 -43.63
C LEU A 698 5.56 -2.34 -42.81
N LEU A 699 6.31 -3.33 -43.30
CA LEU A 699 6.48 -4.56 -42.53
C LEU A 699 7.17 -4.27 -41.19
N VAL A 700 8.17 -3.39 -41.22
CA VAL A 700 8.90 -3.04 -40.00
C VAL A 700 7.97 -2.35 -39.02
N THR A 701 7.14 -1.42 -39.51
CA THR A 701 6.20 -0.76 -38.61
C THR A 701 5.22 -1.78 -38.02
N TYR A 702 4.74 -2.71 -38.85
CA TYR A 702 3.85 -3.76 -38.37
C TYR A 702 4.51 -4.55 -37.25
N ILE A 703 5.72 -5.05 -37.50
CA ILE A 703 6.40 -5.88 -36.51
C ILE A 703 6.66 -5.07 -35.25
N ILE A 704 7.23 -3.88 -35.40
CA ILE A 704 7.52 -3.04 -34.24
C ILE A 704 6.26 -2.86 -33.41
N LEU A 705 5.25 -2.22 -33.99
CA LEU A 705 4.04 -1.92 -33.23
C LEU A 705 3.57 -3.19 -32.54
N THR A 706 3.13 -4.18 -33.33
CA THR A 706 2.49 -5.34 -32.71
C THR A 706 3.44 -5.99 -31.70
N PHE A 707 4.51 -6.60 -32.17
CA PHE A 707 5.34 -7.42 -31.30
C PHE A 707 5.89 -6.61 -30.13
N VAL A 708 6.56 -5.50 -30.40
CA VAL A 708 7.26 -4.80 -29.33
C VAL A 708 6.25 -4.21 -28.34
N LEU A 709 5.28 -3.43 -28.83
CA LEU A 709 4.42 -2.73 -27.90
C LEU A 709 3.26 -3.62 -27.44
N LEU A 710 2.40 -4.03 -28.37
CA LEU A 710 1.12 -4.61 -27.98
C LEU A 710 1.28 -6.01 -27.39
N LEU A 711 2.09 -6.84 -28.05
CA LEU A 711 2.20 -8.25 -27.66
C LEU A 711 2.51 -8.41 -26.18
N ASN A 712 3.34 -7.53 -25.64
CA ASN A 712 3.76 -7.60 -24.24
C ASN A 712 3.25 -6.44 -23.40
N MET A 713 2.48 -5.51 -23.98
CA MET A 713 1.77 -4.52 -23.20
C MET A 713 0.40 -5.01 -22.78
N LEU A 714 -0.18 -5.95 -23.55
CA LEU A 714 -1.32 -6.69 -23.06
C LEU A 714 -0.96 -7.37 -21.74
N ILE A 715 0.29 -7.81 -21.64
CA ILE A 715 0.74 -8.48 -20.43
C ILE A 715 0.63 -7.58 -19.20
N ALA A 716 0.72 -6.27 -19.41
CA ALA A 716 0.60 -5.34 -18.28
C ALA A 716 -0.75 -5.50 -17.59
N LEU A 717 -1.84 -5.27 -18.32
CA LEU A 717 -3.16 -5.39 -17.70
C LEU A 717 -3.50 -6.84 -17.41
N MET A 718 -2.92 -7.79 -18.14
CA MET A 718 -3.11 -9.19 -17.78
C MET A 718 -2.53 -9.49 -16.40
N GLY A 719 -1.33 -8.99 -16.14
CA GLY A 719 -0.73 -9.16 -14.83
C GLY A 719 -1.48 -8.39 -13.76
N GLU A 720 -2.05 -7.23 -14.11
CA GLU A 720 -2.89 -6.51 -13.17
C GLU A 720 -4.15 -7.30 -12.81
N THR A 721 -4.75 -7.95 -13.80
CA THR A 721 -5.90 -8.81 -13.54
C THR A 721 -5.52 -9.96 -12.63
N VAL A 722 -4.40 -10.63 -12.93
CA VAL A 722 -3.92 -11.70 -12.08
C VAL A 722 -3.57 -11.16 -10.70
N GLY A 723 -3.15 -9.90 -10.63
CA GLY A 723 -2.91 -9.28 -9.34
C GLY A 723 -4.17 -9.11 -8.52
N GLN A 724 -5.26 -8.65 -9.17
CA GLN A 724 -6.53 -8.61 -8.48
C GLN A 724 -6.94 -10.00 -8.00
N VAL A 725 -6.76 -11.00 -8.85
CA VAL A 725 -7.10 -12.36 -8.47
C VAL A 725 -6.21 -12.84 -7.32
N SER A 726 -4.93 -12.44 -7.31
CA SER A 726 -4.05 -12.80 -6.21
C SER A 726 -4.49 -12.14 -4.92
N LYS A 727 -4.91 -10.88 -4.99
CA LYS A 727 -5.39 -10.17 -3.81
C LYS A 727 -6.67 -10.78 -3.28
N GLU A 728 -7.49 -11.38 -4.15
CA GLU A 728 -8.77 -11.97 -3.74
C GLU A 728 -8.79 -13.49 -3.98
N SER A 729 -7.62 -14.12 -3.88
CA SER A 729 -7.52 -15.55 -4.15
C SER A 729 -8.28 -16.38 -3.12
N LYS A 730 -8.10 -16.10 -1.84
CA LYS A 730 -8.79 -16.89 -0.82
C LYS A 730 -10.30 -16.75 -0.96
N HIS A 731 -10.78 -15.52 -1.17
CA HIS A 731 -12.22 -15.30 -1.25
C HIS A 731 -12.84 -16.00 -2.45
N ILE A 732 -12.18 -15.94 -3.61
CA ILE A 732 -12.77 -16.54 -4.80
C ILE A 732 -12.72 -18.06 -4.73
N TRP A 733 -11.66 -18.63 -4.14
CA TRP A 733 -11.58 -20.08 -4.02
C TRP A 733 -12.72 -20.63 -3.18
N LYS A 734 -13.05 -19.93 -2.08
CA LYS A 734 -14.15 -20.37 -1.24
C LYS A 734 -15.45 -20.39 -2.03
N LEU A 735 -15.68 -19.35 -2.83
CA LEU A 735 -16.89 -19.30 -3.65
C LEU A 735 -16.93 -20.45 -4.64
N GLN A 736 -15.82 -20.70 -5.34
CA GLN A 736 -15.79 -21.76 -6.34
C GLN A 736 -16.00 -23.12 -5.70
N TRP A 737 -15.37 -23.37 -4.55
CA TRP A 737 -15.54 -24.64 -3.86
C TRP A 737 -16.98 -24.83 -3.42
N ALA A 738 -17.59 -23.77 -2.88
CA ALA A 738 -19.00 -23.85 -2.50
C ALA A 738 -19.87 -24.15 -3.72
N THR A 739 -19.57 -23.49 -4.84
CA THR A 739 -20.36 -23.70 -6.05
C THR A 739 -20.28 -25.15 -6.49
N THR A 740 -19.07 -25.71 -6.53
CA THR A 740 -18.93 -27.08 -7.02
C THR A 740 -19.59 -28.07 -6.09
N ILE A 741 -19.44 -27.89 -4.77
CA ILE A 741 -20.05 -28.85 -3.85
C ILE A 741 -21.57 -28.76 -3.93
N LEU A 742 -22.13 -27.54 -4.01
CA LEU A 742 -23.56 -27.40 -4.16
C LEU A 742 -24.05 -28.01 -5.46
N ASP A 743 -23.24 -27.84 -6.51
CA ASP A 743 -23.55 -28.38 -7.81
C ASP A 743 -23.69 -29.87 -7.68
N ILE A 744 -22.67 -30.50 -7.14
CA ILE A 744 -22.65 -31.94 -6.98
C ILE A 744 -23.87 -32.39 -6.17
N GLU A 745 -24.20 -31.65 -5.12
CA GLU A 745 -25.34 -32.01 -4.27
C GLU A 745 -26.65 -31.97 -5.06
N ARG A 746 -26.85 -30.92 -5.85
CA ARG A 746 -28.16 -30.69 -6.46
C ARG A 746 -28.54 -31.77 -7.46
N SER A 747 -27.58 -32.54 -7.96
CA SER A 747 -27.90 -33.58 -8.93
C SER A 747 -28.39 -34.87 -8.28
N PHE A 748 -28.32 -34.98 -6.96
CA PHE A 748 -28.78 -36.18 -6.29
C PHE A 748 -30.30 -36.25 -6.30
N PRO A 749 -30.86 -37.45 -6.16
CA PRO A 749 -32.31 -37.58 -6.04
C PRO A 749 -32.79 -37.04 -4.69
N VAL A 750 -34.08 -36.67 -4.66
CA VAL A 750 -34.64 -36.02 -3.49
C VAL A 750 -34.57 -36.93 -2.27
N PHE A 751 -34.92 -38.22 -2.45
CA PHE A 751 -34.95 -39.13 -1.30
C PHE A 751 -33.56 -39.32 -0.73
N LEU A 752 -32.55 -39.49 -1.59
CA LEU A 752 -31.18 -39.62 -1.10
C LEU A 752 -30.74 -38.35 -0.39
N ARG A 753 -31.11 -37.18 -0.93
CA ARG A 753 -30.75 -35.92 -0.29
C ARG A 753 -31.36 -35.82 1.10
N LYS A 754 -32.62 -36.23 1.25
CA LYS A 754 -33.23 -36.27 2.57
C LYS A 754 -32.50 -37.24 3.49
N ALA A 755 -32.10 -38.39 2.95
CA ALA A 755 -31.33 -39.34 3.74
C ALA A 755 -30.00 -38.75 4.22
N PHE A 756 -29.48 -37.74 3.52
CA PHE A 756 -28.23 -37.09 3.88
C PHE A 756 -28.44 -35.78 4.61
N ARG A 757 -29.58 -35.61 5.27
CA ARG A 757 -29.85 -34.38 5.99
C ARG A 757 -28.79 -34.16 7.07
N SER A 758 -28.41 -32.91 7.25
CA SER A 758 -27.41 -32.51 8.23
C SER A 758 -28.09 -31.76 9.37
N GLY A 759 -27.56 -31.95 10.58
CA GLY A 759 -28.07 -31.29 11.77
C GLY A 759 -28.74 -32.27 12.72
N GLU A 760 -29.31 -31.71 13.77
CA GLU A 760 -29.97 -32.46 14.83
C GLU A 760 -31.46 -32.11 14.87
N MET A 761 -32.18 -32.76 15.78
CA MET A 761 -33.60 -32.52 15.99
C MET A 761 -33.87 -32.08 17.42
N VAL A 762 -33.05 -31.14 17.91
CA VAL A 762 -33.13 -30.74 19.31
C VAL A 762 -34.47 -30.04 19.56
N THR A 763 -35.13 -30.43 20.65
CA THR A 763 -36.35 -29.77 21.10
C THR A 763 -35.95 -28.70 22.11
N VAL A 764 -35.45 -27.58 21.59
CA VAL A 764 -34.90 -26.53 22.44
C VAL A 764 -35.98 -25.95 23.34
N GLY A 765 -37.17 -25.71 22.79
CA GLY A 765 -38.24 -25.09 23.55
C GLY A 765 -39.60 -25.62 23.14
N LYS A 766 -40.60 -25.28 23.94
CA LYS A 766 -41.97 -25.68 23.71
C LYS A 766 -42.79 -24.49 23.23
N SER A 767 -43.84 -24.79 22.47
CA SER A 767 -44.70 -23.74 21.93
C SER A 767 -45.50 -23.08 23.05
N SER A 768 -46.34 -22.12 22.67
CA SER A 768 -47.17 -21.44 23.66
C SER A 768 -48.09 -22.42 24.37
N ASP A 769 -48.66 -23.37 23.63
CA ASP A 769 -49.52 -24.39 24.22
C ASP A 769 -48.74 -25.51 24.88
N GLY A 770 -47.41 -25.51 24.76
CA GLY A 770 -46.57 -26.52 25.36
C GLY A 770 -46.06 -27.58 24.41
N THR A 771 -46.55 -27.61 23.17
CA THR A 771 -46.09 -28.61 22.23
C THR A 771 -44.62 -28.37 21.88
N PRO A 772 -43.85 -29.43 21.63
CA PRO A 772 -42.43 -29.25 21.30
C PRO A 772 -42.25 -28.74 19.88
N ASP A 773 -41.30 -27.81 19.72
CA ASP A 773 -41.02 -27.26 18.40
C ASP A 773 -40.38 -28.32 17.50
N ARG A 774 -39.35 -29.00 18.00
CA ARG A 774 -38.66 -30.06 17.26
C ARG A 774 -38.26 -29.59 15.88
N ARG A 775 -37.36 -28.61 15.85
CA ARG A 775 -36.89 -28.02 14.61
C ARG A 775 -35.44 -28.42 14.36
N TRP A 776 -35.10 -28.59 13.09
CA TRP A 776 -33.73 -28.93 12.71
C TRP A 776 -32.80 -27.76 13.00
N CYS A 777 -31.62 -28.08 13.52
CA CYS A 777 -30.65 -27.07 13.91
C CYS A 777 -29.25 -27.57 13.57
N PHE A 778 -28.24 -26.85 14.02
CA PHE A 778 -26.84 -27.17 13.74
C PHE A 778 -25.96 -26.43 14.74
N ARG A 779 -25.09 -27.15 15.42
CA ARG A 779 -24.31 -26.61 16.52
C ARG A 779 -22.87 -26.33 16.09
N VAL A 780 -22.34 -25.21 16.59
CA VAL A 780 -20.94 -24.85 16.37
C VAL A 780 -20.38 -24.40 17.70
N ASP A 781 -19.08 -24.11 17.72
CA ASP A 781 -18.41 -23.70 18.95
C ASP A 781 -17.24 -22.79 18.61
N GLU A 782 -16.87 -21.98 19.60
CA GLU A 782 -15.74 -21.06 19.46
C GLU A 782 -15.10 -20.88 20.84
N VAL A 783 -14.09 -20.02 20.89
CA VAL A 783 -13.30 -19.80 22.10
C VAL A 783 -13.23 -18.31 22.38
N ASN A 784 -13.48 -17.93 23.63
CA ASN A 784 -13.34 -16.55 24.08
C ASN A 784 -12.63 -16.54 25.43
N TRP A 785 -11.72 -15.58 25.60
CA TRP A 785 -10.93 -15.49 26.81
C TRP A 785 -11.25 -14.25 27.65
N SER A 786 -11.99 -13.29 27.11
CA SER A 786 -12.32 -12.08 27.84
C SER A 786 -13.65 -12.16 28.57
N HIS A 787 -14.35 -13.30 28.49
CA HIS A 787 -15.64 -13.46 29.14
C HIS A 787 -15.43 -13.94 30.58
N TRP A 788 -14.97 -13.02 31.41
CA TRP A 788 -14.78 -13.28 32.83
C TRP A 788 -15.55 -12.25 33.66
N ASN B 150 47.95 -5.43 52.15
CA ASN B 150 46.65 -4.99 52.65
C ASN B 150 45.72 -4.59 51.51
N ARG B 151 46.11 -4.92 50.28
CA ARG B 151 45.28 -4.58 49.13
C ARG B 151 43.90 -5.23 49.20
N PRO B 152 43.77 -6.54 49.46
CA PRO B 152 42.43 -7.13 49.50
C PRO B 152 41.54 -6.53 50.59
N ILE B 153 42.08 -6.36 51.80
CA ILE B 153 41.29 -5.83 52.89
C ILE B 153 40.84 -4.40 52.60
N LEU B 154 41.76 -3.57 52.09
CA LEU B 154 41.40 -2.20 51.78
C LEU B 154 40.37 -2.13 50.65
N PHE B 155 40.52 -2.98 49.64
CA PHE B 155 39.54 -3.02 48.56
C PHE B 155 38.17 -3.41 49.10
N ASP B 156 38.11 -4.43 49.96
CA ASP B 156 36.83 -4.84 50.53
C ASP B 156 36.22 -3.72 51.37
N ILE B 157 37.05 -3.05 52.18
CA ILE B 157 36.54 -1.99 53.03
C ILE B 157 35.96 -0.85 52.19
N VAL B 158 36.68 -0.45 51.14
CA VAL B 158 36.22 0.67 50.33
C VAL B 158 34.98 0.27 49.54
N SER B 159 34.93 -0.97 49.04
CA SER B 159 33.75 -1.42 48.31
C SER B 159 32.52 -1.43 49.22
N ARG B 160 32.67 -1.91 50.46
CA ARG B 160 31.55 -1.91 51.39
C ARG B 160 31.16 -0.51 51.82
N GLY B 161 32.04 0.47 51.66
CA GLY B 161 31.74 1.83 52.04
C GLY B 161 31.90 2.15 53.50
N SER B 162 32.36 1.19 54.31
CA SER B 162 32.54 1.44 55.73
C SER B 162 33.65 2.45 55.96
N THR B 163 33.42 3.38 56.90
CA THR B 163 34.38 4.42 57.22
C THR B 163 35.18 4.12 58.48
N ALA B 164 34.61 3.37 59.42
CA ALA B 164 35.33 3.06 60.65
C ALA B 164 36.57 2.22 60.39
N ASP B 165 36.46 1.26 59.46
CA ASP B 165 37.60 0.37 59.19
C ASP B 165 38.83 1.14 58.76
N LEU B 166 38.65 2.31 58.12
CA LEU B 166 39.79 3.09 57.66
C LEU B 166 40.61 3.65 58.81
N ASP B 167 40.06 3.68 60.03
CA ASP B 167 40.80 4.18 61.17
C ASP B 167 42.08 3.36 61.37
N GLY B 168 43.18 4.06 61.65
CA GLY B 168 44.47 3.43 61.83
C GLY B 168 45.29 3.26 60.58
N LEU B 169 44.75 3.59 59.41
CA LEU B 169 45.52 3.49 58.18
C LEU B 169 46.63 4.53 58.13
N LEU B 170 46.34 5.76 58.56
CA LEU B 170 47.34 6.81 58.51
C LEU B 170 48.54 6.49 59.40
N PRO B 171 48.37 6.07 60.66
CA PRO B 171 49.55 5.65 61.43
C PRO B 171 50.32 4.54 60.76
N PHE B 172 49.65 3.57 60.14
CA PHE B 172 50.34 2.48 59.47
C PHE B 172 51.19 3.02 58.32
N LEU B 173 50.63 3.91 57.51
CA LEU B 173 51.38 4.48 56.40
C LEU B 173 52.56 5.30 56.92
N LEU B 174 52.35 6.07 57.98
CA LEU B 174 53.44 6.88 58.52
C LEU B 174 54.56 6.01 59.05
N THR B 175 54.23 4.94 59.77
CA THR B 175 55.25 4.07 60.35
C THR B 175 56.00 3.32 59.26
N HIS B 176 55.27 2.75 58.30
CA HIS B 176 55.88 1.97 57.22
C HIS B 176 56.32 2.83 56.04
N LYS B 177 55.94 4.12 56.01
CA LYS B 177 56.32 5.01 54.92
C LYS B 177 55.91 4.44 53.58
N LYS B 178 54.72 3.86 53.53
CA LYS B 178 54.18 3.24 52.32
C LYS B 178 53.18 4.20 51.68
N ARG B 179 53.45 4.59 50.43
CA ARG B 179 52.57 5.49 49.71
C ARG B 179 51.35 4.73 49.18
N LEU B 180 50.25 5.48 49.01
CA LEU B 180 49.00 4.89 48.54
C LEU B 180 49.07 4.48 47.07
N THR B 181 50.10 4.88 46.34
CA THR B 181 50.27 4.51 44.95
C THR B 181 51.23 3.34 44.75
N ASP B 182 51.59 2.65 45.84
CA ASP B 182 52.51 1.52 45.72
C ASP B 182 51.91 0.43 44.84
N GLU B 183 52.79 -0.25 44.09
CA GLU B 183 52.33 -1.28 43.17
C GLU B 183 51.48 -2.32 43.89
N GLU B 184 51.83 -2.65 45.13
CA GLU B 184 51.07 -3.67 45.86
C GLU B 184 49.63 -3.21 46.09
N PHE B 185 49.43 -1.94 46.45
CA PHE B 185 48.08 -1.43 46.64
C PHE B 185 47.30 -1.42 45.34
N ARG B 186 47.94 -1.02 44.25
CA ARG B 186 47.26 -0.94 42.96
C ARG B 186 46.94 -2.34 42.45
N GLU B 187 45.74 -2.47 41.86
CA GLU B 187 45.32 -3.74 41.31
C GLU B 187 46.21 -4.11 40.12
N PRO B 188 46.86 -5.28 40.11
CA PRO B 188 47.73 -5.61 38.98
C PRO B 188 47.01 -5.67 37.65
N SER B 189 45.72 -6.02 37.64
CA SER B 189 45.02 -6.25 36.38
C SER B 189 45.01 -5.00 35.51
N THR B 190 44.67 -3.84 36.09
CA THR B 190 44.56 -2.62 35.30
C THR B 190 45.15 -1.41 36.00
N GLY B 191 46.01 -1.61 37.00
CA GLY B 191 46.55 -0.49 37.72
C GLY B 191 45.52 0.31 38.48
N LYS B 192 44.32 -0.25 38.66
CA LYS B 192 43.25 0.45 39.36
C LYS B 192 43.68 0.72 40.80
N THR B 193 43.26 1.86 41.32
CA THR B 193 43.60 2.30 42.68
C THR B 193 42.34 2.39 43.51
N CYS B 194 42.50 2.84 44.76
CA CYS B 194 41.39 2.85 45.71
C CYS B 194 40.28 3.81 45.26
N LEU B 195 40.66 4.99 44.79
CA LEU B 195 39.67 6.01 44.48
C LEU B 195 38.72 5.61 43.35
N PRO B 196 39.19 5.11 42.21
CA PRO B 196 38.25 4.66 41.18
C PRO B 196 37.36 3.53 41.65
N LYS B 197 37.88 2.62 42.48
CA LYS B 197 37.02 1.58 43.03
C LYS B 197 35.93 2.18 43.91
N ALA B 198 36.29 3.18 44.72
CA ALA B 198 35.29 3.84 45.55
C ALA B 198 34.21 4.51 44.70
N LEU B 199 34.63 5.19 43.64
CA LEU B 199 33.68 5.92 42.82
C LEU B 199 32.82 5.00 41.98
N LEU B 200 33.35 3.84 41.59
CA LEU B 200 32.59 2.92 40.75
C LEU B 200 31.34 2.41 41.46
N ASN B 201 31.49 1.97 42.69
CA ASN B 201 30.39 1.44 43.48
C ASN B 201 30.12 2.37 44.66
N LEU B 202 28.86 2.77 44.82
CA LEU B 202 28.48 3.67 45.89
C LEU B 202 26.96 3.68 46.00
N SER B 203 26.48 4.18 47.15
CA SER B 203 25.06 4.19 47.46
C SER B 203 24.52 5.60 47.27
N ASN B 204 23.66 5.77 46.27
CA ASN B 204 22.99 7.05 46.02
C ASN B 204 23.98 8.19 45.84
N GLY B 205 25.15 7.89 45.28
CA GLY B 205 26.13 8.92 45.02
C GLY B 205 26.77 9.51 46.25
N ARG B 206 26.77 8.79 47.38
CA ARG B 206 27.30 9.29 48.64
C ARG B 206 28.15 8.21 49.31
N ASN B 207 29.11 7.66 48.57
CA ASN B 207 30.00 6.63 49.08
C ASN B 207 30.53 7.00 50.46
N ASP B 208 30.80 8.29 50.68
CA ASP B 208 31.15 8.81 52.00
C ASP B 208 32.56 8.44 52.43
N THR B 209 33.26 7.63 51.63
CA THR B 209 34.64 7.27 51.90
C THR B 209 35.63 8.17 51.16
N ILE B 210 35.17 8.93 50.18
CA ILE B 210 36.09 9.73 49.36
C ILE B 210 36.83 10.77 50.21
N PRO B 211 36.16 11.61 51.00
CA PRO B 211 36.91 12.65 51.72
C PRO B 211 37.97 12.11 52.66
N VAL B 212 37.71 10.98 53.32
CA VAL B 212 38.70 10.41 54.24
C VAL B 212 39.94 9.97 53.47
N LEU B 213 39.75 9.28 52.34
CA LEU B 213 40.88 8.86 51.54
C LEU B 213 41.65 10.07 51.00
N LEU B 214 40.93 11.10 50.58
CA LEU B 214 41.61 12.29 50.08
C LEU B 214 42.43 12.98 51.18
N ASP B 215 41.87 13.06 52.39
CA ASP B 215 42.63 13.62 53.49
C ASP B 215 43.87 12.78 53.80
N ILE B 216 43.73 11.46 53.76
CA ILE B 216 44.88 10.59 54.00
C ILE B 216 45.95 10.83 52.95
N ALA B 217 45.55 10.92 51.68
CA ALA B 217 46.51 11.18 50.62
C ALA B 217 47.18 12.54 50.82
N GLU B 218 46.41 13.54 51.25
CA GLU B 218 47.00 14.84 51.53
C GLU B 218 48.05 14.76 52.63
N ARG B 219 47.75 14.01 53.70
CA ARG B 219 48.72 13.85 54.78
C ARG B 219 49.97 13.15 54.27
N THR B 220 49.81 12.13 53.43
CA THR B 220 50.97 11.46 52.85
C THR B 220 51.74 12.37 51.89
N GLY B 221 51.16 13.48 51.48
CA GLY B 221 51.84 14.39 50.57
C GLY B 221 51.90 13.92 49.14
N ASN B 222 50.99 13.04 48.72
CA ASN B 222 50.96 12.49 47.38
C ASN B 222 49.57 12.62 46.79
N MET B 223 48.94 13.78 46.98
CA MET B 223 47.57 13.97 46.49
C MET B 223 47.53 14.10 44.96
N ARG B 224 48.45 14.89 44.40
CA ARG B 224 48.42 15.13 42.96
C ARG B 224 48.61 13.83 42.18
N GLU B 225 49.59 13.02 42.58
CA GLU B 225 49.82 11.74 41.91
C GLU B 225 48.63 10.80 42.10
N PHE B 226 48.05 10.79 43.31
CA PHE B 226 47.02 9.81 43.63
C PHE B 226 45.72 10.12 42.92
N ILE B 227 45.28 11.38 42.92
CA ILE B 227 43.96 11.71 42.39
C ILE B 227 43.91 11.40 40.89
N ASN B 228 44.93 11.81 40.15
CA ASN B 228 44.94 11.69 38.69
C ASN B 228 45.80 10.52 38.23
N SER B 229 45.80 9.42 38.95
CA SER B 229 46.56 8.25 38.54
C SER B 229 45.85 7.58 37.37
N PRO B 230 46.46 7.46 36.21
CA PRO B 230 45.77 6.89 35.05
C PRO B 230 45.79 5.37 35.06
N PHE B 231 44.74 4.80 34.49
CA PHE B 231 44.67 3.35 34.33
C PHE B 231 45.66 2.88 33.27
N ARG B 232 46.28 1.74 33.53
CA ARG B 232 47.16 1.09 32.56
C ARG B 232 46.33 0.13 31.71
N ASP B 233 47.02 -0.76 30.98
CA ASP B 233 46.37 -1.75 30.14
C ASP B 233 45.84 -1.12 28.86
N ILE B 234 44.97 -1.83 28.15
CA ILE B 234 44.53 -1.45 26.81
C ILE B 234 43.11 -0.91 26.83
N TYR B 235 42.17 -1.66 27.42
CA TYR B 235 40.76 -1.34 27.28
C TYR B 235 40.43 0.01 27.91
N TYR B 236 40.94 0.28 29.10
CA TYR B 236 40.63 1.48 29.86
C TYR B 236 41.85 2.36 30.07
N ARG B 237 42.67 2.51 29.03
CA ARG B 237 43.90 3.30 29.16
C ARG B 237 43.57 4.78 29.21
N GLY B 238 44.18 5.48 30.17
CA GLY B 238 44.01 6.91 30.32
C GLY B 238 42.86 7.34 31.20
N GLN B 239 41.95 6.43 31.52
CA GLN B 239 40.81 6.79 32.35
C GLN B 239 41.28 7.25 33.72
N THR B 240 40.60 8.25 34.27
CA THR B 240 40.94 8.83 35.56
C THR B 240 39.70 8.89 36.44
N ALA B 241 39.89 9.38 37.66
CA ALA B 241 38.78 9.50 38.60
C ALA B 241 37.76 10.54 38.13
N LEU B 242 38.23 11.62 37.50
CA LEU B 242 37.32 12.68 37.08
C LEU B 242 36.32 12.18 36.05
N HIS B 243 36.77 11.35 35.11
CA HIS B 243 35.85 10.81 34.12
C HIS B 243 34.75 9.99 34.79
N ILE B 244 35.13 9.17 35.77
CA ILE B 244 34.13 8.37 36.48
C ILE B 244 33.16 9.27 37.23
N ALA B 245 33.68 10.28 37.93
CA ALA B 245 32.81 11.17 38.68
C ALA B 245 31.81 11.86 37.77
N ILE B 246 32.27 12.31 36.60
CA ILE B 246 31.39 12.95 35.64
C ILE B 246 30.34 11.96 35.15
N GLU B 247 30.76 10.73 34.87
CA GLU B 247 29.84 9.73 34.32
C GLU B 247 28.72 9.42 35.29
N ARG B 248 29.05 9.26 36.58
CA ARG B 248 28.03 8.90 37.56
C ARG B 248 27.09 10.05 37.89
N ARG B 249 27.24 11.20 37.23
CA ARG B 249 26.26 12.28 37.32
C ARG B 249 26.19 12.89 38.72
N CYS B 250 27.29 12.81 39.47
CA CYS B 250 27.37 13.39 40.81
C CYS B 250 28.20 14.67 40.72
N LYS B 251 27.54 15.81 40.97
CA LYS B 251 28.23 17.09 40.92
C LYS B 251 29.18 17.29 42.09
N HIS B 252 28.82 16.75 43.26
CA HIS B 252 29.61 17.00 44.46
C HIS B 252 31.02 16.46 44.32
N TYR B 253 31.15 15.22 43.86
CA TYR B 253 32.48 14.63 43.71
C TYR B 253 33.28 15.33 42.62
N VAL B 254 32.60 15.79 41.56
CA VAL B 254 33.31 16.56 40.54
C VAL B 254 33.89 17.83 41.13
N GLU B 255 33.09 18.56 41.90
CA GLU B 255 33.60 19.76 42.56
C GLU B 255 34.77 19.42 43.47
N LEU B 256 34.65 18.35 44.25
CA LEU B 256 35.71 17.99 45.18
C LEU B 256 37.01 17.68 44.44
N LEU B 257 36.94 16.83 43.41
CA LEU B 257 38.13 16.47 42.67
C LEU B 257 38.76 17.68 41.99
N VAL B 258 37.94 18.54 41.40
CA VAL B 258 38.48 19.71 40.72
C VAL B 258 39.16 20.64 41.70
N ALA B 259 38.53 20.87 42.86
CA ALA B 259 39.11 21.76 43.86
C ALA B 259 40.41 21.19 44.40
N GLN B 260 40.46 19.88 44.65
CA GLN B 260 41.66 19.28 45.22
C GLN B 260 42.83 19.27 44.26
N GLY B 261 42.60 19.56 42.98
CA GLY B 261 43.65 19.61 42.00
C GLY B 261 43.61 18.55 40.92
N ALA B 262 42.45 17.95 40.67
CA ALA B 262 42.34 16.92 39.64
C ALA B 262 42.58 17.53 38.26
N ASP B 263 43.36 16.81 37.45
CA ASP B 263 43.60 17.25 36.09
C ASP B 263 42.30 17.25 35.29
N VAL B 264 42.10 18.30 34.51
CA VAL B 264 40.88 18.47 33.74
C VAL B 264 41.08 18.26 32.24
N HIS B 265 42.32 18.11 31.78
CA HIS B 265 42.61 17.88 30.37
C HIS B 265 43.07 16.45 30.11
N ALA B 266 42.92 15.55 31.08
CA ALA B 266 43.35 14.17 30.89
C ALA B 266 42.55 13.51 29.79
N GLN B 267 43.23 12.73 28.96
CA GLN B 267 42.64 12.09 27.80
C GLN B 267 42.53 10.60 28.04
N ALA B 268 41.35 10.04 27.75
CA ALA B 268 41.10 8.61 27.83
C ALA B 268 41.18 8.02 26.42
N ARG B 269 42.14 7.12 26.21
CA ARG B 269 42.43 6.59 24.89
C ARG B 269 42.29 5.08 24.82
N GLY B 270 41.57 4.47 25.75
CA GLY B 270 41.39 3.03 25.71
C GLY B 270 40.53 2.60 24.54
N ARG B 271 40.72 1.33 24.16
CA ARG B 271 39.97 0.80 23.03
C ARG B 271 38.47 0.84 23.27
N PHE B 272 38.04 0.71 24.53
CA PHE B 272 36.63 0.78 24.85
C PHE B 272 36.05 2.15 24.50
N PHE B 273 36.86 3.20 24.60
CA PHE B 273 36.42 4.56 24.35
C PHE B 273 36.51 4.96 22.88
N GLN B 274 37.01 4.07 22.02
CA GLN B 274 37.14 4.36 20.61
C GLN B 274 35.78 4.27 19.91
N PRO B 275 35.67 4.80 18.69
CA PRO B 275 34.39 4.79 17.99
C PRO B 275 33.84 3.37 17.84
N LYS B 276 32.56 3.32 17.47
CA LYS B 276 31.88 2.03 17.35
C LYS B 276 32.53 1.16 16.29
N ASP B 277 32.74 1.71 15.09
CA ASP B 277 33.25 0.90 13.99
C ASP B 277 34.68 0.43 14.23
N GLU B 278 35.40 1.06 15.15
CA GLU B 278 36.79 0.71 15.40
C GLU B 278 36.95 -0.37 16.47
N GLY B 279 35.97 -0.52 17.35
CA GLY B 279 36.03 -1.54 18.39
C GLY B 279 35.59 -1.06 19.76
N GLY B 280 35.48 0.25 19.93
CA GLY B 280 35.05 0.83 21.19
C GLY B 280 33.57 1.12 21.17
N TYR B 281 32.88 0.71 22.23
CA TYR B 281 31.43 0.79 22.28
C TYR B 281 30.92 2.21 22.55
N PHE B 282 31.78 3.13 22.96
CA PHE B 282 31.34 4.49 23.28
C PHE B 282 32.47 5.46 22.98
N TYR B 283 32.13 6.56 22.32
CA TYR B 283 33.10 7.61 21.99
C TYR B 283 32.53 8.95 22.38
N PHE B 284 33.33 9.77 23.07
CA PHE B 284 32.86 11.05 23.57
C PHE B 284 33.90 12.16 23.42
N GLY B 285 34.91 11.98 22.56
CA GLY B 285 35.92 12.99 22.36
C GLY B 285 37.13 12.86 23.25
N GLU B 286 37.11 11.97 24.24
CA GLU B 286 38.27 11.69 25.08
C GLU B 286 38.66 12.92 25.90
N LEU B 287 37.67 13.53 26.55
CA LEU B 287 37.89 14.68 27.41
C LEU B 287 36.82 14.73 28.48
N PRO B 288 37.09 15.31 29.64
CA PRO B 288 36.04 15.44 30.65
C PRO B 288 34.88 16.32 30.22
N LEU B 289 35.18 17.53 29.74
CA LEU B 289 34.10 18.43 29.35
C LEU B 289 33.29 17.84 28.19
N SER B 290 33.98 17.23 27.22
CA SER B 290 33.27 16.60 26.12
C SER B 290 32.39 15.46 26.61
N LEU B 291 32.91 14.67 27.57
CA LEU B 291 32.12 13.59 28.14
C LEU B 291 30.86 14.12 28.82
N ALA B 292 31.01 15.20 29.58
CA ALA B 292 29.85 15.79 30.24
C ALA B 292 28.84 16.29 29.23
N ALA B 293 29.33 16.95 28.17
CA ALA B 293 28.42 17.49 27.15
C ALA B 293 27.68 16.38 26.44
N CYS B 294 28.36 15.28 26.10
CA CYS B 294 27.73 14.20 25.37
C CYS B 294 26.73 13.42 26.23
N THR B 295 26.80 13.55 27.55
CA THR B 295 25.92 12.83 28.45
C THR B 295 24.74 13.67 28.93
N ASN B 296 24.54 14.85 28.35
CA ASN B 296 23.40 15.71 28.69
C ASN B 296 23.42 16.09 30.17
N GLN B 297 24.46 16.80 30.56
CA GLN B 297 24.63 17.31 31.92
C GLN B 297 24.98 18.80 31.85
N PRO B 298 24.01 19.65 31.52
CA PRO B 298 24.32 21.08 31.37
C PRO B 298 24.95 21.70 32.60
N HIS B 299 24.51 21.30 33.80
CA HIS B 299 25.05 21.90 35.02
C HIS B 299 26.53 21.58 35.17
N ILE B 300 26.93 20.34 34.90
CA ILE B 300 28.33 19.96 35.01
C ILE B 300 29.16 20.76 34.02
N VAL B 301 28.68 20.90 32.79
CA VAL B 301 29.42 21.66 31.78
C VAL B 301 29.57 23.11 32.21
N ASN B 302 28.48 23.71 32.70
CA ASN B 302 28.53 25.09 33.13
C ASN B 302 29.54 25.28 34.25
N TYR B 303 29.52 24.39 35.25
CA TYR B 303 30.46 24.51 36.36
C TYR B 303 31.89 24.32 35.89
N LEU B 304 32.13 23.33 35.04
CA LEU B 304 33.49 23.01 34.63
C LEU B 304 34.08 24.11 33.75
N THR B 305 33.25 24.71 32.90
CA THR B 305 33.73 25.79 32.04
C THR B 305 34.22 26.98 32.85
N GLU B 306 33.47 27.37 33.87
CA GLU B 306 33.79 28.52 34.71
C GLU B 306 33.93 28.03 36.15
N ASN B 307 35.17 27.81 36.58
CA ASN B 307 35.46 27.41 37.95
C ASN B 307 36.62 28.26 38.47
N PRO B 308 36.58 28.66 39.75
CA PRO B 308 37.69 29.47 40.28
C PRO B 308 39.02 28.73 40.33
N HIS B 309 39.01 27.41 40.30
CA HIS B 309 40.25 26.63 40.41
C HIS B 309 40.86 26.35 39.05
N LYS B 310 40.09 25.72 38.16
CA LYS B 310 40.56 25.37 36.83
C LYS B 310 39.41 25.50 35.84
N LYS B 311 39.77 25.73 34.58
CA LYS B 311 38.81 25.88 33.51
C LYS B 311 39.21 25.00 32.33
N ALA B 312 38.23 24.37 31.71
CA ALA B 312 38.44 23.52 30.55
C ALA B 312 38.05 24.31 29.31
N ASP B 313 39.06 24.78 28.58
CA ASP B 313 38.80 25.55 27.37
C ASP B 313 38.05 24.70 26.35
N MET B 314 37.01 25.28 25.76
CA MET B 314 36.18 24.55 24.81
C MET B 314 36.89 24.31 23.48
N ARG B 315 37.90 25.10 23.16
CA ARG B 315 38.65 24.92 21.92
C ARG B 315 39.90 24.08 22.18
N ARG B 316 39.65 22.84 22.61
CA ARG B 316 40.69 21.89 22.95
C ARG B 316 40.48 20.63 22.12
N GLN B 317 41.56 20.13 21.52
CA GLN B 317 41.50 19.01 20.59
C GLN B 317 42.19 17.80 21.21
N ASP B 318 41.60 16.63 20.99
CA ASP B 318 42.16 15.38 21.46
C ASP B 318 43.18 14.87 20.44
N SER B 319 43.61 13.62 20.59
CA SER B 319 44.56 13.05 19.64
C SER B 319 43.98 13.03 18.23
N ARG B 320 42.71 12.64 18.11
CA ARG B 320 42.05 12.61 16.82
C ARG B 320 41.90 14.00 16.22
N GLY B 321 42.00 15.04 17.04
CA GLY B 321 41.73 16.39 16.60
C GLY B 321 40.31 16.86 16.85
N ASN B 322 39.40 15.95 17.17
CA ASN B 322 38.01 16.31 17.42
C ASN B 322 37.90 17.14 18.70
N THR B 323 37.19 18.25 18.60
CA THR B 323 36.88 19.09 19.75
C THR B 323 35.49 18.74 20.28
N VAL B 324 34.99 19.56 21.21
CA VAL B 324 33.73 19.24 21.86
C VAL B 324 32.60 19.15 20.86
N LEU B 325 32.55 20.08 19.91
CA LEU B 325 31.51 20.04 18.89
C LEU B 325 31.65 18.81 18.01
N HIS B 326 32.88 18.44 17.67
CA HIS B 326 33.11 17.24 16.87
C HIS B 326 32.56 16.01 17.59
N ALA B 327 32.87 15.87 18.88
CA ALA B 327 32.38 14.71 19.63
C ALA B 327 30.86 14.74 19.75
N LEU B 328 30.30 15.93 19.98
CA LEU B 328 28.85 16.04 20.11
C LEU B 328 28.17 15.60 18.82
N VAL B 329 28.73 15.98 17.67
CA VAL B 329 28.19 15.51 16.40
C VAL B 329 28.38 14.02 16.25
N ALA B 330 29.52 13.49 16.73
CA ALA B 330 29.80 12.07 16.54
C ALA B 330 28.76 11.20 17.23
N ILE B 331 28.36 11.55 18.46
CA ILE B 331 27.34 10.79 19.16
C ILE B 331 25.93 11.21 18.78
N ALA B 332 25.77 12.23 17.94
CA ALA B 332 24.44 12.68 17.55
C ALA B 332 23.72 11.56 16.82
N ASP B 333 22.41 11.49 17.03
CA ASP B 333 21.57 10.48 16.42
C ASP B 333 20.33 11.14 15.84
N ASN B 334 19.72 10.46 14.87
CA ASN B 334 18.54 10.98 14.20
C ASN B 334 17.27 10.75 15.01
N THR B 335 17.37 10.17 16.20
CA THR B 335 16.19 9.93 17.02
C THR B 335 15.61 11.26 17.50
N ARG B 336 14.31 11.22 17.83
CA ARG B 336 13.59 12.43 18.19
C ARG B 336 14.15 13.04 19.47
N GLU B 337 14.41 12.22 20.49
CA GLU B 337 14.87 12.74 21.77
C GLU B 337 16.33 13.18 21.70
N ASN B 338 17.18 12.39 21.04
CA ASN B 338 18.61 12.69 21.02
C ASN B 338 18.89 14.02 20.32
N THR B 339 18.20 14.27 19.21
CA THR B 339 18.48 15.46 18.43
C THR B 339 18.21 16.74 19.22
N LYS B 340 17.12 16.76 19.99
CA LYS B 340 16.77 17.97 20.73
C LYS B 340 17.90 18.35 21.68
N PHE B 341 18.34 17.40 22.52
CA PHE B 341 19.38 17.72 23.49
C PHE B 341 20.72 17.97 22.80
N VAL B 342 21.01 17.28 21.71
CA VAL B 342 22.26 17.54 20.98
C VAL B 342 22.28 18.98 20.48
N THR B 343 21.20 19.42 19.84
CA THR B 343 21.15 20.79 19.34
C THR B 343 21.21 21.80 20.48
N LYS B 344 20.50 21.53 21.58
CA LYS B 344 20.50 22.46 22.69
C LYS B 344 21.91 22.63 23.26
N MET B 345 22.60 21.51 23.49
CA MET B 345 23.94 21.57 24.03
C MET B 345 24.90 22.24 23.06
N TYR B 346 24.76 21.93 21.77
CA TYR B 346 25.62 22.54 20.75
C TYR B 346 25.47 24.05 20.77
N ASP B 347 24.23 24.54 20.76
CA ASP B 347 23.99 25.98 20.77
C ASP B 347 24.53 26.61 22.05
N LEU B 348 24.28 25.97 23.19
CA LEU B 348 24.75 26.53 24.45
C LEU B 348 26.26 26.66 24.46
N LEU B 349 26.95 25.59 24.05
CA LEU B 349 28.41 25.60 24.09
C LEU B 349 28.99 26.59 23.10
N LEU B 350 28.40 26.66 21.90
CA LEU B 350 28.89 27.63 20.91
C LEU B 350 28.70 29.06 21.41
N LEU B 351 27.55 29.35 22.01
CA LEU B 351 27.31 30.69 22.53
C LEU B 351 28.28 31.02 23.65
N LYS B 352 28.54 30.07 24.55
CA LYS B 352 29.48 30.32 25.63
C LYS B 352 30.88 30.59 25.08
N CYS B 353 31.32 29.78 24.11
CA CYS B 353 32.65 29.97 23.55
C CYS B 353 32.76 31.32 22.85
N ALA B 354 31.74 31.70 22.09
CA ALA B 354 31.77 33.00 21.43
C ALA B 354 31.79 34.13 22.45
N ARG B 355 30.98 34.01 23.51
CA ARG B 355 30.92 35.05 24.52
C ARG B 355 32.26 35.23 25.21
N LEU B 356 32.91 34.12 25.57
CA LEU B 356 34.17 34.22 26.30
C LEU B 356 35.29 34.70 25.39
N PHE B 357 35.36 34.16 24.18
CA PHE B 357 36.37 34.58 23.19
C PHE B 357 35.66 35.17 21.97
N PRO B 358 35.56 36.49 21.86
CA PRO B 358 34.87 37.08 20.69
C PRO B 358 35.69 37.05 19.42
N ASP B 359 37.01 36.97 19.51
CA ASP B 359 37.84 37.06 18.30
C ASP B 359 37.74 35.79 17.46
N SER B 360 37.78 34.62 18.10
CA SER B 360 37.83 33.35 17.40
C SER B 360 36.46 32.67 17.42
N ASN B 361 36.11 32.04 16.30
CA ASN B 361 34.89 31.26 16.18
C ASN B 361 35.21 29.79 16.37
N LEU B 362 34.43 29.12 17.22
CA LEU B 362 34.75 27.75 17.58
C LEU B 362 34.64 26.80 16.38
N GLU B 363 33.63 27.01 15.54
CA GLU B 363 33.42 26.12 14.40
C GLU B 363 34.59 26.15 13.42
N ALA B 364 35.43 27.19 13.49
CA ALA B 364 36.54 27.30 12.55
C ALA B 364 37.54 26.16 12.74
N VAL B 365 37.72 25.69 13.97
CA VAL B 365 38.72 24.66 14.24
C VAL B 365 38.42 23.42 13.43
N LEU B 366 39.47 22.79 12.92
CA LEU B 366 39.37 21.58 12.12
C LEU B 366 40.13 20.45 12.79
N ASN B 367 39.68 19.22 12.52
CA ASN B 367 40.33 18.04 13.07
C ASN B 367 41.51 17.64 12.18
N ASN B 368 42.13 16.50 12.52
CA ASN B 368 43.24 16.02 11.72
C ASN B 368 42.81 15.69 10.30
N ASP B 369 41.60 15.13 10.15
CA ASP B 369 41.07 14.84 8.82
C ASP B 369 40.79 16.09 8.02
N GLY B 370 40.78 17.27 8.64
CA GLY B 370 40.53 18.52 7.96
C GLY B 370 39.08 18.93 7.91
N LEU B 371 38.17 18.13 8.45
CA LEU B 371 36.75 18.43 8.41
C LEU B 371 36.35 19.30 9.59
N SER B 372 35.23 19.99 9.44
CA SER B 372 34.59 20.79 10.46
C SER B 372 33.31 20.12 10.93
N PRO B 373 32.72 20.58 12.03
CA PRO B 373 31.50 19.93 12.52
C PRO B 373 30.40 19.85 11.48
N LEU B 374 30.22 20.91 10.69
CA LEU B 374 29.25 20.87 9.61
C LEU B 374 29.63 19.82 8.57
N MET B 375 30.89 19.84 8.14
CA MET B 375 31.34 18.88 7.13
C MET B 375 31.29 17.45 7.67
N MET B 376 31.68 17.25 8.92
CA MET B 376 31.63 15.92 9.49
C MET B 376 30.19 15.42 9.62
N ALA B 377 29.27 16.29 10.02
CA ALA B 377 27.87 15.91 10.08
C ALA B 377 27.35 15.54 8.69
N ALA B 378 27.73 16.31 7.68
CA ALA B 378 27.32 16.00 6.31
C ALA B 378 27.88 14.65 5.87
N LYS B 379 29.14 14.39 6.18
CA LYS B 379 29.79 13.16 5.75
C LYS B 379 29.21 11.94 6.47
N THR B 380 28.85 12.10 7.75
CA THR B 380 28.34 11.00 8.55
C THR B 380 26.86 10.75 8.31
N GLY B 381 26.15 11.66 7.66
CA GLY B 381 24.74 11.45 7.39
C GLY B 381 23.82 11.76 8.53
N LYS B 382 24.21 12.66 9.43
CA LYS B 382 23.38 13.03 10.58
C LYS B 382 22.61 14.30 10.22
N ILE B 383 21.40 14.09 9.68
CA ILE B 383 20.58 15.22 9.22
C ILE B 383 20.11 16.07 10.39
N GLY B 384 19.84 15.46 11.54
CA GLY B 384 19.20 16.20 12.62
C GLY B 384 19.98 17.43 13.04
N ILE B 385 21.29 17.27 13.21
CA ILE B 385 22.12 18.41 13.58
C ILE B 385 22.49 19.24 12.34
N PHE B 386 22.61 18.60 11.18
CA PHE B 386 23.01 19.30 9.98
C PHE B 386 22.00 20.38 9.60
N GLN B 387 20.72 20.02 9.54
CA GLN B 387 19.71 20.98 9.14
C GLN B 387 19.67 22.15 10.12
N HIS B 388 19.78 21.86 11.41
CA HIS B 388 19.78 22.93 12.41
C HIS B 388 20.97 23.85 12.22
N ILE B 389 22.15 23.29 11.93
CA ILE B 389 23.34 24.12 11.74
C ILE B 389 23.17 25.01 10.52
N ILE B 390 22.56 24.48 9.47
CA ILE B 390 22.42 25.26 8.24
C ILE B 390 21.58 26.50 8.48
N ARG B 391 20.48 26.37 9.21
CA ARG B 391 19.53 27.46 9.43
C ARG B 391 19.65 28.03 10.85
N ARG B 392 20.87 28.11 11.37
CA ARG B 392 21.07 28.66 12.70
C ARG B 392 20.85 30.17 12.69
N GLU B 393 19.97 30.63 13.57
CA GLU B 393 19.66 32.05 13.71
C GLU B 393 19.74 32.42 15.19
N VAL B 394 20.44 33.51 15.50
CA VAL B 394 20.64 33.96 16.87
C VAL B 394 19.92 35.29 17.05
N THR B 395 18.98 35.32 17.99
CA THR B 395 18.25 36.55 18.28
C THR B 395 19.08 37.53 19.10
N ASP B 396 20.03 37.03 19.89
CA ASP B 396 20.82 37.90 20.75
C ASP B 396 21.57 38.93 19.93
N GLU B 397 21.51 40.19 20.36
CA GLU B 397 22.20 41.26 19.63
C GLU B 397 23.71 41.16 19.80
N ASP B 398 24.17 40.77 20.99
CA ASP B 398 25.59 40.77 21.27
C ASP B 398 26.34 39.80 20.36
N THR B 399 25.77 38.62 20.13
CA THR B 399 26.45 37.55 19.39
C THR B 399 25.54 37.01 18.28
N ARG B 400 24.91 37.93 17.54
CA ARG B 400 24.11 37.55 16.38
C ARG B 400 24.95 37.41 15.12
N HIS B 401 26.24 37.77 15.17
CA HIS B 401 27.07 37.71 13.98
C HIS B 401 27.25 36.26 13.51
N LEU B 402 27.39 35.33 14.44
CA LEU B 402 27.64 33.94 14.08
C LEU B 402 26.41 33.22 13.54
N SER B 403 25.30 33.92 13.36
CA SER B 403 24.12 33.30 12.78
C SER B 403 24.34 33.01 11.30
N ARG B 404 23.62 32.01 10.79
CA ARG B 404 23.75 31.58 9.41
C ARG B 404 22.52 31.87 8.56
N LYS B 405 21.40 32.24 9.18
CA LYS B 405 20.17 32.56 8.47
C LYS B 405 19.71 33.94 8.91
N PHE B 406 19.53 34.84 7.94
CA PHE B 406 19.07 36.20 8.21
C PHE B 406 17.74 36.44 7.51
N LYS B 407 17.04 37.47 7.97
CA LYS B 407 15.77 37.88 7.38
C LYS B 407 15.99 39.09 6.49
N ASP B 408 15.55 38.99 5.23
CA ASP B 408 15.74 40.07 4.27
C ASP B 408 14.58 41.05 4.30
N TRP B 409 13.37 40.57 4.03
CA TRP B 409 12.19 41.45 4.13
C TRP B 409 10.93 40.64 3.89
N ALA B 410 9.82 41.16 4.40
CA ALA B 410 8.52 40.53 4.26
C ALA B 410 7.55 41.49 3.59
N TYR B 411 6.91 41.04 2.52
CA TYR B 411 5.84 41.76 1.86
C TYR B 411 4.62 40.86 1.87
N GLY B 412 3.64 41.18 2.71
CA GLY B 412 2.47 40.37 2.85
C GLY B 412 2.81 38.94 3.18
N PRO B 413 2.10 37.99 2.57
CA PRO B 413 2.43 36.57 2.80
C PRO B 413 3.82 36.18 2.33
N VAL B 414 4.43 36.98 1.46
CA VAL B 414 5.75 36.64 0.92
C VAL B 414 6.82 37.03 1.94
N TYR B 415 7.72 36.08 2.23
CA TYR B 415 8.84 36.33 3.14
C TYR B 415 10.13 35.93 2.44
N SER B 416 11.07 36.86 2.35
CA SER B 416 12.37 36.63 1.72
C SER B 416 13.44 36.65 2.81
N SER B 417 14.19 35.57 2.90
CA SER B 417 15.24 35.39 3.90
C SER B 417 16.56 35.10 3.21
N LEU B 418 17.65 35.54 3.85
CA LEU B 418 18.98 35.56 3.25
C LEU B 418 19.87 34.57 3.99
N TYR B 419 20.05 33.38 3.42
CA TYR B 419 20.93 32.38 4.00
C TYR B 419 22.39 32.74 3.72
N ASP B 420 23.27 32.09 4.47
CA ASP B 420 24.71 32.24 4.32
C ASP B 420 25.32 30.93 3.85
N LEU B 421 26.24 31.02 2.89
CA LEU B 421 26.89 29.85 2.33
C LEU B 421 28.39 30.11 2.19
N SER B 422 28.99 30.71 3.21
CA SER B 422 30.42 31.01 3.14
C SER B 422 31.24 29.74 2.95
N SER B 423 30.93 28.69 3.71
CA SER B 423 31.61 27.41 3.58
C SER B 423 30.76 26.33 2.93
N LEU B 424 29.48 26.61 2.68
CA LEU B 424 28.63 25.61 2.06
C LEU B 424 29.00 25.39 0.60
N ASP B 425 29.48 26.42 -0.08
CA ASP B 425 29.93 26.33 -1.46
C ASP B 425 31.30 26.97 -1.57
N THR B 426 32.25 26.23 -2.15
CA THR B 426 33.62 26.70 -2.31
C THR B 426 34.06 26.50 -3.76
N CYS B 427 34.70 27.51 -4.32
CA CYS B 427 35.20 27.46 -5.69
C CYS B 427 36.64 26.94 -5.74
N GLY B 428 36.85 25.77 -5.13
CA GLY B 428 38.17 25.17 -5.09
C GLY B 428 39.07 25.66 -3.97
N GLU B 429 38.70 26.73 -3.27
CA GLU B 429 39.52 27.21 -2.18
C GLU B 429 39.61 26.19 -1.06
N GLU B 430 38.50 25.55 -0.72
CA GLU B 430 38.48 24.52 0.31
C GLU B 430 37.35 23.55 0.01
N ALA B 431 37.37 22.42 0.70
CA ALA B 431 36.32 21.41 0.52
C ALA B 431 34.96 22.00 0.86
N SER B 432 33.96 21.62 0.08
CA SER B 432 32.61 22.14 0.23
C SER B 432 31.67 21.05 0.73
N VAL B 433 30.64 21.46 1.45
CA VAL B 433 29.66 20.52 1.97
C VAL B 433 28.96 19.79 0.83
N LEU B 434 28.71 20.51 -0.27
CA LEU B 434 27.94 19.94 -1.37
C LEU B 434 28.69 18.78 -2.03
N GLU B 435 29.99 18.97 -2.30
CA GLU B 435 30.77 17.91 -2.93
C GLU B 435 30.85 16.69 -2.03
N ILE B 436 31.08 16.90 -0.73
CA ILE B 436 31.16 15.78 0.19
C ILE B 436 29.83 15.05 0.25
N LEU B 437 28.73 15.80 0.29
CA LEU B 437 27.42 15.18 0.38
C LEU B 437 27.11 14.36 -0.86
N VAL B 438 27.52 14.84 -2.03
CA VAL B 438 27.16 14.18 -3.27
C VAL B 438 28.09 13.00 -3.57
N TYR B 439 29.38 13.28 -3.71
CA TYR B 439 30.30 12.28 -4.24
C TYR B 439 30.48 11.11 -3.27
N ASN B 440 30.53 11.39 -1.96
CA ASN B 440 30.81 10.34 -1.01
C ASN B 440 29.73 9.26 -1.05
N SER B 441 30.15 8.03 -0.77
CA SER B 441 29.30 6.85 -0.84
C SER B 441 28.97 6.36 0.57
N LYS B 442 27.88 5.60 0.66
CA LYS B 442 27.46 4.99 1.93
C LYS B 442 27.07 6.04 2.95
N ILE B 443 26.17 6.93 2.55
CA ILE B 443 25.62 7.95 3.43
C ILE B 443 24.17 7.58 3.74
N GLU B 444 23.82 7.59 5.03
CA GLU B 444 22.52 7.07 5.45
C GLU B 444 21.37 7.86 4.85
N ASN B 445 21.44 9.19 4.91
CA ASN B 445 20.33 10.06 4.55
C ASN B 445 20.78 11.12 3.54
N ARG B 446 21.50 10.68 2.52
CA ARG B 446 21.97 11.62 1.50
C ARG B 446 20.80 12.30 0.81
N HIS B 447 19.79 11.52 0.42
CA HIS B 447 18.67 12.07 -0.33
C HIS B 447 17.91 13.10 0.50
N GLU B 448 17.73 12.83 1.80
CA GLU B 448 17.01 13.77 2.64
C GLU B 448 17.83 15.04 2.88
N MET B 449 19.13 14.88 3.09
CA MET B 449 19.99 16.04 3.33
C MET B 449 20.12 16.91 2.08
N LEU B 450 19.96 16.32 0.89
CA LEU B 450 19.99 17.13 -0.32
C LEU B 450 18.76 18.02 -0.42
N ALA B 451 17.65 17.64 0.21
CA ALA B 451 16.41 18.40 0.12
C ALA B 451 16.29 19.35 1.30
N VAL B 452 17.10 20.41 1.24
CA VAL B 452 17.09 21.47 2.24
C VAL B 452 16.95 22.80 1.51
N GLU B 453 16.49 23.80 2.25
CA GLU B 453 16.06 25.06 1.63
C GLU B 453 17.12 25.70 0.74
N PRO B 454 18.38 25.84 1.14
CA PRO B 454 19.34 26.56 0.30
C PRO B 454 19.97 25.68 -0.77
N ILE B 455 20.09 24.38 -0.49
CA ILE B 455 20.78 23.48 -1.42
C ILE B 455 20.05 23.44 -2.76
N ASN B 456 18.74 23.26 -2.72
CA ASN B 456 17.96 23.13 -3.96
C ASN B 456 18.05 24.42 -4.77
N GLU B 457 17.88 25.57 -4.11
CA GLU B 457 17.94 26.84 -4.82
C GLU B 457 19.32 27.09 -5.40
N LEU B 458 20.38 26.75 -4.66
CA LEU B 458 21.72 26.94 -5.18
C LEU B 458 21.97 26.07 -6.40
N LEU B 459 21.53 24.80 -6.33
CA LEU B 459 21.69 23.93 -7.50
C LEU B 459 20.92 24.47 -8.69
N ARG B 460 19.68 24.94 -8.46
CA ARG B 460 18.88 25.48 -9.55
C ARG B 460 19.56 26.68 -10.19
N ASP B 461 20.05 27.61 -9.37
CA ASP B 461 20.70 28.80 -9.90
C ASP B 461 21.97 28.44 -10.66
N LYS B 462 22.76 27.52 -10.10
CA LYS B 462 23.99 27.11 -10.77
C LYS B 462 23.69 26.45 -12.11
N TRP B 463 22.66 25.62 -12.16
CA TRP B 463 22.28 24.98 -13.42
C TRP B 463 21.82 26.00 -14.44
N ARG B 464 21.00 26.97 -14.02
CA ARG B 464 20.51 27.96 -14.97
C ARG B 464 21.63 28.86 -15.47
N LYS B 465 22.56 29.24 -14.60
CA LYS B 465 23.57 30.24 -14.97
C LYS B 465 24.44 29.74 -16.10
N PHE B 466 25.04 28.55 -15.94
CA PHE B 466 25.95 28.03 -16.95
C PHE B 466 25.80 26.54 -17.26
N GLY B 467 25.09 25.76 -16.44
CA GLY B 467 25.07 24.32 -16.65
C GLY B 467 24.45 23.93 -17.97
N ALA B 468 23.28 24.50 -18.29
CA ALA B 468 22.61 24.14 -19.52
C ALA B 468 23.40 24.58 -20.74
N VAL B 469 24.06 25.74 -20.66
CA VAL B 469 24.81 26.25 -21.81
C VAL B 469 25.91 25.28 -22.19
N SER B 470 26.65 24.76 -21.21
CA SER B 470 27.79 23.91 -21.49
C SER B 470 27.42 22.44 -21.66
N PHE B 471 26.29 22.00 -21.11
CA PHE B 471 25.90 20.60 -21.24
C PHE B 471 25.63 20.24 -22.71
N TYR B 472 24.88 21.10 -23.40
CA TYR B 472 24.58 20.82 -24.80
C TYR B 472 25.82 20.95 -25.68
N ILE B 473 26.71 21.88 -25.36
CA ILE B 473 28.00 21.95 -26.05
C ILE B 473 28.75 20.64 -25.87
N ASN B 474 28.74 20.11 -24.65
CA ASN B 474 29.36 18.82 -24.37
C ASN B 474 28.78 17.73 -25.26
N VAL B 475 27.45 17.64 -25.30
CA VAL B 475 26.80 16.58 -26.06
C VAL B 475 27.16 16.69 -27.54
N VAL B 476 27.08 17.91 -28.07
CA VAL B 476 27.35 18.11 -29.50
C VAL B 476 28.78 17.73 -29.83
N SER B 477 29.73 18.19 -29.02
CA SER B 477 31.13 17.89 -29.30
C SER B 477 31.40 16.40 -29.24
N TYR B 478 30.88 15.72 -28.21
CA TYR B 478 31.13 14.29 -28.08
C TYR B 478 30.51 13.51 -29.23
N LEU B 479 29.28 13.86 -29.61
CA LEU B 479 28.63 13.16 -30.71
C LEU B 479 29.37 13.40 -32.02
N CYS B 480 29.85 14.62 -32.26
CA CYS B 480 30.62 14.89 -33.47
C CYS B 480 31.90 14.07 -33.49
N ALA B 481 32.60 14.00 -32.35
CA ALA B 481 33.81 13.20 -32.30
C ALA B 481 33.52 11.73 -32.57
N MET B 482 32.41 11.21 -32.02
CA MET B 482 32.05 9.82 -32.24
C MET B 482 31.72 9.57 -33.71
N VAL B 483 31.01 10.50 -34.34
CA VAL B 483 30.70 10.35 -35.76
C VAL B 483 31.98 10.33 -36.58
N ILE B 484 32.92 11.22 -36.26
CA ILE B 484 34.20 11.24 -36.97
C ILE B 484 34.93 9.92 -36.78
N PHE B 485 34.91 9.40 -35.55
CA PHE B 485 35.59 8.12 -35.28
C PHE B 485 34.94 6.99 -36.08
N THR B 486 33.62 6.97 -36.14
CA THR B 486 32.92 5.93 -36.91
C THR B 486 33.27 6.01 -38.38
N LEU B 487 33.28 7.22 -38.95
CA LEU B 487 33.64 7.38 -40.35
C LEU B 487 35.07 6.93 -40.61
N THR B 488 35.99 7.27 -39.70
CA THR B 488 37.36 6.81 -39.84
C THR B 488 37.44 5.30 -39.79
N ALA B 489 36.69 4.68 -38.89
CA ALA B 489 36.72 3.22 -38.77
C ALA B 489 36.19 2.55 -40.02
N TYR B 490 35.09 3.07 -40.58
CA TYR B 490 34.51 2.45 -41.77
C TYR B 490 35.49 2.49 -42.94
N TYR B 491 36.02 3.68 -43.25
CA TYR B 491 36.92 3.84 -44.39
C TYR B 491 38.34 3.49 -43.96
N GLN B 492 38.53 2.21 -43.64
CA GLN B 492 39.82 1.69 -43.22
C GLN B 492 40.35 0.77 -44.30
N PRO B 493 41.49 1.08 -44.94
CA PRO B 493 41.99 0.21 -46.02
C PRO B 493 42.54 -1.11 -45.49
N LEU B 494 41.81 -2.20 -45.72
CA LEU B 494 42.32 -3.51 -45.31
C LEU B 494 43.57 -3.88 -46.09
N GLU B 495 43.59 -3.61 -47.39
CA GLU B 495 44.74 -3.92 -48.21
C GLU B 495 45.94 -3.08 -47.77
N GLY B 496 47.12 -3.69 -47.85
CA GLY B 496 48.35 -3.02 -47.48
C GLY B 496 48.70 -3.21 -46.01
N THR B 497 49.99 -3.07 -45.72
CA THR B 497 50.48 -3.20 -44.36
C THR B 497 50.47 -1.85 -43.67
N PRO B 498 49.78 -1.69 -42.54
CA PRO B 498 49.86 -0.43 -41.80
C PRO B 498 51.28 -0.19 -41.31
N PRO B 499 51.75 1.07 -41.28
CA PRO B 499 51.05 2.29 -41.70
C PRO B 499 50.99 2.42 -43.22
N TYR B 500 50.08 3.25 -43.75
CA TYR B 500 49.93 3.42 -45.18
C TYR B 500 50.45 4.78 -45.61
N PRO B 501 50.94 4.91 -46.85
CA PRO B 501 51.31 6.23 -47.36
C PRO B 501 50.07 7.06 -47.68
N TYR B 502 50.18 8.37 -47.45
CA TYR B 502 49.09 9.31 -47.66
C TYR B 502 49.50 10.29 -48.75
N ARG B 503 48.90 10.15 -49.93
CA ARG B 503 49.29 10.95 -51.09
C ARG B 503 48.09 11.57 -51.78
N THR B 504 46.93 10.94 -51.66
CA THR B 504 45.75 11.34 -52.42
C THR B 504 44.95 12.40 -51.67
N THR B 505 43.95 12.95 -52.35
CA THR B 505 43.12 13.99 -51.76
C THR B 505 42.35 13.46 -50.55
N VAL B 506 41.79 12.25 -50.66
CA VAL B 506 41.05 11.67 -49.56
C VAL B 506 41.93 11.45 -48.34
N ASP B 507 43.24 11.35 -48.54
CA ASP B 507 44.15 11.15 -47.41
C ASP B 507 44.11 12.35 -46.46
N TYR B 508 44.02 13.57 -47.01
CA TYR B 508 43.92 14.76 -46.16
C TYR B 508 42.80 14.58 -45.14
N LEU B 509 41.63 14.14 -45.59
CA LEU B 509 40.50 14.00 -44.69
C LEU B 509 40.64 12.76 -43.80
N ARG B 510 41.20 11.67 -44.33
CA ARG B 510 41.23 10.44 -43.56
C ARG B 510 42.21 10.52 -42.40
N LEU B 511 43.38 11.13 -42.62
CA LEU B 511 44.38 11.22 -41.55
C LEU B 511 43.88 12.07 -40.39
N ALA B 512 43.12 13.13 -40.70
CA ALA B 512 42.64 14.02 -39.66
C ALA B 512 41.76 13.28 -38.67
N GLY B 513 40.92 12.35 -39.15
CA GLY B 513 40.06 11.61 -38.24
C GLY B 513 40.85 10.81 -37.23
N GLU B 514 41.87 10.08 -37.70
CA GLU B 514 42.70 9.30 -36.79
C GLU B 514 43.43 10.20 -35.79
N VAL B 515 43.99 11.30 -36.27
CA VAL B 515 44.71 12.20 -35.39
C VAL B 515 43.78 12.76 -34.32
N ILE B 516 42.58 13.19 -34.73
CA ILE B 516 41.63 13.77 -33.80
C ILE B 516 41.18 12.73 -32.77
N THR B 517 40.91 11.51 -33.22
CA THR B 517 40.47 10.48 -32.27
C THR B 517 41.57 10.16 -31.27
N LEU B 518 42.82 10.04 -31.73
CA LEU B 518 43.90 9.75 -30.80
C LEU B 518 44.09 10.89 -29.80
N PHE B 519 44.04 12.13 -30.27
CA PHE B 519 44.19 13.26 -29.36
C PHE B 519 43.02 13.33 -28.37
N THR B 520 41.82 12.99 -28.83
CA THR B 520 40.66 12.98 -27.93
C THR B 520 40.83 11.91 -26.86
N GLY B 521 41.33 10.73 -27.23
CA GLY B 521 41.58 9.70 -26.24
C GLY B 521 42.61 10.11 -25.22
N VAL B 522 43.70 10.74 -25.68
CA VAL B 522 44.73 11.22 -24.77
C VAL B 522 44.15 12.28 -23.84
N LEU B 523 43.31 13.16 -24.38
CA LEU B 523 42.68 14.19 -23.56
C LEU B 523 41.77 13.57 -22.51
N PHE B 524 41.04 12.52 -22.90
CA PHE B 524 40.18 11.82 -21.94
C PHE B 524 41.03 11.22 -20.82
N PHE B 525 42.16 10.61 -21.17
CA PHE B 525 43.02 10.02 -20.16
C PHE B 525 43.56 11.08 -19.21
N PHE B 526 44.02 12.21 -19.76
CA PHE B 526 44.52 13.29 -18.92
C PHE B 526 43.43 13.84 -18.02
N THR B 527 42.22 14.00 -18.56
CA THR B 527 41.12 14.51 -17.75
C THR B 527 40.80 13.55 -16.63
N ASN B 528 40.93 12.26 -16.89
CA ASN B 528 40.58 11.26 -15.91
C ASN B 528 41.61 11.00 -14.86
N ILE B 529 42.83 11.34 -15.14
CA ILE B 529 43.87 11.34 -14.10
C ILE B 529 43.81 12.63 -13.29
N LYS B 530 43.56 13.75 -13.96
CA LYS B 530 43.41 15.02 -13.24
C LYS B 530 42.25 14.97 -12.28
N ASP B 531 41.16 14.34 -12.70
CA ASP B 531 39.98 14.25 -11.84
C ASP B 531 40.25 13.31 -10.67
N LEU B 532 40.96 12.22 -10.93
CA LEU B 532 41.28 11.29 -9.86
C LEU B 532 42.14 11.96 -8.80
N PHE B 533 43.13 12.75 -9.22
CA PHE B 533 43.95 13.47 -8.25
C PHE B 533 43.22 14.65 -7.62
N MET B 534 42.22 15.21 -8.32
CA MET B 534 41.49 16.36 -7.81
C MET B 534 40.69 15.99 -6.56
N LYS B 535 40.07 14.81 -6.56
CA LYS B 535 39.28 14.33 -5.44
C LYS B 535 40.14 13.64 -4.38
N LYS B 536 41.44 13.91 -4.38
CA LYS B 536 42.36 13.33 -3.40
C LYS B 536 42.39 11.81 -3.53
N CYS B 537 42.47 11.34 -4.77
CA CYS B 537 42.62 9.92 -5.08
C CYS B 537 41.54 9.09 -4.42
N PRO B 538 40.28 9.18 -4.88
CA PRO B 538 39.25 8.30 -4.35
C PRO B 538 39.60 6.84 -4.60
N GLY B 539 39.20 5.99 -3.66
CA GLY B 539 39.54 4.59 -3.70
C GLY B 539 38.66 3.80 -4.65
N VAL B 540 38.68 2.47 -4.47
CA VAL B 540 37.92 1.59 -5.35
C VAL B 540 36.44 1.88 -5.24
N ASN B 541 35.94 2.09 -4.03
CA ASN B 541 34.50 2.27 -3.83
C ASN B 541 33.96 3.40 -4.69
N SER B 542 34.76 4.46 -4.89
CA SER B 542 34.29 5.58 -5.68
C SER B 542 34.17 5.23 -7.15
N LEU B 543 35.10 4.41 -7.67
CA LEU B 543 35.15 4.11 -9.09
C LEU B 543 34.35 2.88 -9.48
N PHE B 544 34.61 1.74 -8.83
CA PHE B 544 34.05 0.48 -9.29
C PHE B 544 32.55 0.39 -9.02
N ILE B 545 32.15 0.59 -7.76
CA ILE B 545 30.76 0.30 -7.37
C ILE B 545 29.81 1.25 -8.10
N ASP B 546 30.09 2.55 -8.07
CA ASP B 546 29.21 3.56 -8.63
C ASP B 546 30.02 4.48 -9.53
N GLY B 547 29.32 5.29 -10.31
CA GLY B 547 29.97 6.16 -11.27
C GLY B 547 30.75 5.35 -12.29
N SER B 548 30.11 4.30 -12.81
CA SER B 548 30.80 3.39 -13.71
C SER B 548 31.42 4.12 -14.90
N PHE B 549 30.76 5.18 -15.38
CA PHE B 549 31.28 5.90 -16.54
C PHE B 549 32.63 6.54 -16.26
N GLN B 550 32.95 6.81 -14.99
CA GLN B 550 34.28 7.34 -14.68
C GLN B 550 35.37 6.34 -14.97
N LEU B 551 35.05 5.04 -14.88
CA LEU B 551 36.01 3.98 -15.21
C LEU B 551 36.00 3.64 -16.69
N LEU B 552 34.82 3.62 -17.31
CA LEU B 552 34.74 3.18 -18.70
C LEU B 552 35.59 4.04 -19.62
N TYR B 553 35.51 5.37 -19.46
CA TYR B 553 36.32 6.23 -20.31
C TYR B 553 37.81 5.99 -20.11
N PHE B 554 38.21 5.49 -18.94
CA PHE B 554 39.60 5.08 -18.78
C PHE B 554 39.92 3.92 -19.69
N ILE B 555 39.05 2.91 -19.73
CA ILE B 555 39.23 1.79 -20.65
C ILE B 555 39.25 2.30 -22.09
N TYR B 556 38.26 3.11 -22.44
CA TYR B 556 38.26 3.75 -23.76
C TYR B 556 39.54 4.55 -23.97
N SER B 557 40.07 5.14 -22.89
CA SER B 557 41.33 5.87 -23.01
C SER B 557 42.47 4.93 -23.39
N VAL B 558 42.47 3.73 -22.81
CA VAL B 558 43.56 2.78 -23.07
C VAL B 558 43.50 2.28 -24.51
N LEU B 559 42.41 1.59 -24.85
CA LEU B 559 42.34 0.89 -26.13
C LEU B 559 42.70 1.82 -27.29
N VAL B 560 42.11 3.02 -27.29
CA VAL B 560 42.30 3.93 -28.42
C VAL B 560 43.78 4.20 -28.64
N ILE B 561 44.54 4.40 -27.56
CA ILE B 561 45.97 4.63 -27.73
C ILE B 561 46.69 3.31 -27.97
N VAL B 562 46.24 2.23 -27.34
CA VAL B 562 46.89 0.93 -27.54
C VAL B 562 46.92 0.59 -29.01
N SER B 563 45.77 0.72 -29.67
CA SER B 563 45.71 0.45 -31.11
C SER B 563 46.78 1.22 -31.85
N ALA B 564 46.97 2.49 -31.49
CA ALA B 564 47.97 3.31 -32.17
C ALA B 564 49.31 2.60 -32.19
N ALA B 565 49.75 2.10 -31.02
CA ALA B 565 51.01 1.36 -30.97
C ALA B 565 51.01 0.24 -31.99
N LEU B 566 49.97 -0.58 -31.97
CA LEU B 566 49.87 -1.66 -32.95
C LEU B 566 49.89 -1.09 -34.36
N TYR B 567 49.15 -0.01 -34.60
CA TYR B 567 49.10 0.57 -35.92
C TYR B 567 50.47 0.94 -36.44
N LEU B 568 51.43 1.17 -35.53
CA LEU B 568 52.79 1.47 -35.94
C LEU B 568 53.63 0.21 -36.15
N ALA B 569 53.45 -0.80 -35.30
CA ALA B 569 54.19 -2.05 -35.41
C ALA B 569 53.29 -3.25 -35.64
N GLY B 570 52.30 -3.47 -34.77
CA GLY B 570 51.39 -4.59 -34.93
C GLY B 570 50.30 -4.26 -35.93
N ILE B 571 50.70 -4.12 -37.20
CA ILE B 571 49.81 -3.57 -38.22
C ILE B 571 48.61 -4.48 -38.44
N GLU B 572 48.82 -5.80 -38.36
CA GLU B 572 47.79 -6.73 -38.80
C GLU B 572 46.52 -6.61 -37.97
N ALA B 573 46.65 -6.54 -36.64
CA ALA B 573 45.53 -6.76 -35.74
C ALA B 573 45.18 -5.52 -34.92
N TYR B 574 45.36 -4.32 -35.48
CA TYR B 574 44.92 -3.12 -34.78
C TYR B 574 43.42 -2.92 -34.88
N LEU B 575 42.80 -3.38 -35.98
CA LEU B 575 41.36 -3.25 -36.13
C LEU B 575 40.62 -4.01 -35.03
N ALA B 576 41.15 -5.16 -34.61
CA ALA B 576 40.44 -5.98 -33.64
C ALA B 576 40.14 -5.21 -32.37
N VAL B 577 41.09 -4.42 -31.88
CA VAL B 577 40.89 -3.65 -30.67
C VAL B 577 40.32 -2.26 -30.96
N MET B 578 40.63 -1.69 -32.13
CA MET B 578 40.06 -0.39 -32.48
C MET B 578 38.55 -0.45 -32.57
N VAL B 579 38.02 -1.52 -33.17
CA VAL B 579 36.57 -1.67 -33.29
C VAL B 579 35.93 -1.82 -31.92
N PHE B 580 36.59 -2.56 -31.02
CA PHE B 580 36.05 -2.72 -29.68
C PHE B 580 36.06 -1.40 -28.93
N ALA B 581 37.11 -0.60 -29.12
CA ALA B 581 37.14 0.72 -28.52
C ALA B 581 36.00 1.58 -29.05
N LEU B 582 35.76 1.53 -30.36
CA LEU B 582 34.65 2.28 -30.93
C LEU B 582 33.32 1.85 -30.34
N VAL B 583 33.11 0.54 -30.20
CA VAL B 583 31.85 0.05 -29.64
C VAL B 583 31.69 0.53 -28.21
N LEU B 584 32.75 0.45 -27.41
CA LEU B 584 32.67 0.89 -26.03
C LEU B 584 32.38 2.39 -25.96
N GLY B 585 33.02 3.18 -26.81
CA GLY B 585 32.77 4.60 -26.82
C GLY B 585 31.34 4.94 -27.18
N TRP B 586 30.78 4.25 -28.18
CA TRP B 586 29.38 4.46 -28.51
C TRP B 586 28.46 4.04 -27.38
N MET B 587 28.79 2.93 -26.70
CA MET B 587 27.93 2.40 -25.66
C MET B 587 27.98 3.21 -24.38
N ASN B 588 29.06 3.94 -24.13
CA ASN B 588 29.24 4.69 -22.89
C ASN B 588 28.88 6.16 -23.04
N ALA B 589 27.87 6.46 -23.86
CA ALA B 589 27.38 7.83 -24.01
C ALA B 589 26.20 8.13 -23.11
N LEU B 590 25.77 7.17 -22.29
CA LEU B 590 24.65 7.39 -21.37
C LEU B 590 25.01 8.34 -20.24
N TYR B 591 26.28 8.65 -20.04
CA TYR B 591 26.65 9.65 -19.04
C TYR B 591 26.03 10.99 -19.36
N PHE B 592 25.99 11.36 -20.64
CA PHE B 592 25.35 12.60 -21.05
C PHE B 592 23.84 12.54 -20.98
N THR B 593 23.25 11.34 -21.10
CA THR B 593 21.81 11.20 -20.95
C THR B 593 21.38 11.20 -19.49
N ARG B 594 22.31 10.95 -18.57
CA ARG B 594 21.98 11.02 -17.15
C ARG B 594 21.32 12.35 -16.81
N GLY B 595 21.81 13.44 -17.39
CA GLY B 595 21.31 14.76 -17.02
C GLY B 595 19.85 14.97 -17.37
N LEU B 596 19.43 14.51 -18.55
CA LEU B 596 18.08 14.78 -19.02
C LEU B 596 17.05 14.23 -18.04
N LYS B 597 16.06 15.06 -17.70
CA LYS B 597 15.04 14.65 -16.75
C LYS B 597 14.19 13.51 -17.29
N LEU B 598 13.83 13.57 -18.58
CA LEU B 598 12.94 12.57 -19.16
C LEU B 598 13.60 11.19 -19.16
N THR B 599 14.90 11.13 -19.45
CA THR B 599 15.63 9.86 -19.55
C THR B 599 16.74 9.76 -18.51
N GLY B 600 16.68 10.56 -17.45
CA GLY B 600 17.73 10.52 -16.45
C GLY B 600 17.81 9.19 -15.72
N THR B 601 16.65 8.64 -15.33
CA THR B 601 16.64 7.39 -14.57
C THR B 601 17.19 6.24 -15.40
N TYR B 602 16.83 6.18 -16.68
CA TYR B 602 17.08 4.99 -17.49
C TYR B 602 18.53 4.53 -17.39
N SER B 603 19.48 5.46 -17.56
CA SER B 603 20.88 5.08 -17.54
C SER B 603 21.29 4.54 -16.17
N ILE B 604 20.87 5.22 -15.10
CA ILE B 604 21.24 4.78 -13.76
C ILE B 604 20.70 3.38 -13.49
N MET B 605 19.43 3.15 -13.85
CA MET B 605 18.82 1.88 -13.52
C MET B 605 19.32 0.74 -14.43
N ILE B 606 19.69 1.03 -15.67
CA ILE B 606 20.27 -0.01 -16.51
C ILE B 606 21.66 -0.37 -15.99
N GLN B 607 22.45 0.62 -15.57
CA GLN B 607 23.75 0.31 -14.98
C GLN B 607 23.58 -0.48 -13.69
N LYS B 608 22.59 -0.13 -12.88
CA LYS B 608 22.36 -0.82 -11.62
C LYS B 608 21.93 -2.27 -11.84
N ILE B 609 20.93 -2.48 -12.69
CA ILE B 609 20.39 -3.82 -12.89
C ILE B 609 21.42 -4.72 -13.57
N LEU B 610 22.19 -4.17 -14.50
CA LEU B 610 23.10 -4.99 -15.30
C LEU B 610 24.11 -5.72 -14.42
N PHE B 611 24.79 -4.98 -13.53
CA PHE B 611 25.87 -5.59 -12.75
C PHE B 611 25.36 -6.43 -11.59
N LYS B 612 24.20 -6.09 -11.03
CA LYS B 612 23.72 -6.72 -9.80
C LYS B 612 22.72 -7.84 -10.05
N ASP B 613 21.65 -7.58 -10.80
CA ASP B 613 20.64 -8.60 -11.04
C ASP B 613 21.10 -9.59 -12.11
N LEU B 614 21.53 -9.08 -13.26
CA LEU B 614 21.84 -9.97 -14.37
C LEU B 614 23.00 -10.89 -14.03
N PHE B 615 24.03 -10.38 -13.35
CA PHE B 615 25.16 -11.23 -12.99
C PHE B 615 24.78 -12.28 -11.95
N ARG B 616 23.97 -11.90 -10.96
CA ARG B 616 23.52 -12.86 -9.97
C ARG B 616 22.73 -13.98 -10.62
N PHE B 617 21.85 -13.63 -11.56
CA PHE B 617 21.14 -14.65 -12.33
C PHE B 617 22.06 -15.44 -13.23
N LEU B 618 23.08 -14.78 -13.79
CA LEU B 618 23.97 -15.42 -14.73
C LEU B 618 24.86 -16.45 -14.05
N LEU B 619 25.11 -16.30 -12.75
CA LEU B 619 25.82 -17.34 -12.03
C LEU B 619 25.07 -18.67 -12.14
N VAL B 620 23.78 -18.67 -11.80
CA VAL B 620 22.98 -19.89 -11.89
C VAL B 620 22.86 -20.35 -13.33
N TYR B 621 22.62 -19.39 -14.25
CA TYR B 621 22.51 -19.75 -15.65
C TYR B 621 23.78 -20.43 -16.15
N LEU B 622 24.94 -19.96 -15.70
CA LEU B 622 26.20 -20.54 -16.12
C LEU B 622 26.40 -21.92 -15.50
N LEU B 623 25.95 -22.11 -14.27
CA LEU B 623 25.95 -23.46 -13.71
C LEU B 623 25.18 -24.41 -14.62
N PHE B 624 23.96 -24.02 -14.99
CA PHE B 624 23.15 -24.85 -15.89
C PHE B 624 23.86 -25.07 -17.21
N MET B 625 24.39 -24.00 -17.81
CA MET B 625 25.04 -24.10 -19.11
C MET B 625 26.21 -25.07 -19.05
N ILE B 626 27.09 -24.89 -18.07
CA ILE B 626 28.26 -25.75 -17.96
C ILE B 626 27.82 -27.20 -17.82
N GLY B 627 26.91 -27.47 -16.89
CA GLY B 627 26.50 -28.85 -16.66
C GLY B 627 25.93 -29.49 -17.92
N TYR B 628 24.94 -28.83 -18.54
CA TYR B 628 24.28 -29.42 -19.68
C TYR B 628 25.23 -29.55 -20.87
N ALA B 629 26.04 -28.51 -21.14
CA ALA B 629 26.95 -28.57 -22.27
C ALA B 629 27.97 -29.69 -22.10
N SER B 630 28.55 -29.81 -20.90
CA SER B 630 29.49 -30.88 -20.64
C SER B 630 28.83 -32.24 -20.82
N ALA B 631 27.61 -32.39 -20.31
CA ALA B 631 26.91 -33.66 -20.45
C ALA B 631 26.70 -34.02 -21.92
N LEU B 632 26.19 -33.07 -22.70
CA LEU B 632 25.91 -33.34 -24.11
C LEU B 632 27.18 -33.63 -24.88
N VAL B 633 28.25 -32.88 -24.61
CA VAL B 633 29.52 -33.13 -25.29
C VAL B 633 30.03 -34.52 -24.98
N SER B 634 29.95 -34.93 -23.71
CA SER B 634 30.43 -36.25 -23.33
C SER B 634 29.59 -37.35 -23.99
N LEU B 635 28.27 -37.14 -24.07
CA LEU B 635 27.39 -38.22 -24.50
C LEU B 635 27.65 -38.62 -25.96
N LEU B 636 27.87 -37.65 -26.84
CA LEU B 636 27.94 -37.95 -28.26
C LEU B 636 29.15 -38.82 -28.60
N ASN B 637 28.96 -39.67 -29.61
CA ASN B 637 30.01 -40.55 -30.11
C ASN B 637 30.43 -40.09 -31.50
N PRO B 638 31.68 -39.65 -31.70
CA PRO B 638 32.09 -39.24 -33.05
C PRO B 638 32.16 -40.41 -34.03
N CYS B 639 32.47 -41.61 -33.56
CA CYS B 639 32.61 -42.77 -34.42
C CYS B 639 32.13 -44.03 -33.72
N ASP B 662 39.71 -33.29 -30.95
CA ASP B 662 38.38 -33.24 -30.38
C ASP B 662 37.98 -31.81 -30.03
N SER B 663 38.98 -30.92 -29.95
CA SER B 663 38.70 -29.52 -29.62
C SER B 663 37.81 -28.87 -30.68
N GLU B 664 38.09 -29.12 -31.96
CA GLU B 664 37.28 -28.55 -33.03
C GLU B 664 35.84 -29.05 -32.95
N THR B 665 35.66 -30.35 -32.70
CA THR B 665 34.32 -30.90 -32.59
C THR B 665 33.57 -30.27 -31.42
N PHE B 666 34.25 -30.12 -30.28
CA PHE B 666 33.62 -29.50 -29.12
C PHE B 666 33.23 -28.06 -29.41
N SER B 667 34.11 -27.31 -30.08
CA SER B 667 33.79 -25.92 -30.40
C SER B 667 32.60 -25.83 -31.35
N THR B 668 32.57 -26.70 -32.37
CA THR B 668 31.44 -26.69 -33.30
C THR B 668 30.14 -27.05 -32.60
N PHE B 669 30.18 -28.04 -31.72
CA PHE B 669 28.97 -28.40 -30.97
C PHE B 669 28.53 -27.25 -30.08
N LEU B 670 29.47 -26.56 -29.45
CA LEU B 670 29.11 -25.44 -28.59
C LEU B 670 28.48 -24.32 -29.42
N LEU B 671 29.01 -24.07 -30.62
CA LEU B 671 28.41 -23.08 -31.51
C LEU B 671 26.99 -23.47 -31.87
N ASP B 672 26.79 -24.74 -32.22
CA ASP B 672 25.45 -25.20 -32.59
C ASP B 672 24.49 -25.07 -31.42
N LEU B 673 24.95 -25.43 -30.21
CA LEU B 673 24.09 -25.36 -29.04
C LEU B 673 23.76 -23.91 -28.69
N PHE B 674 24.71 -22.98 -28.86
CA PHE B 674 24.38 -21.58 -28.62
C PHE B 674 23.36 -21.08 -29.64
N LYS B 675 23.54 -21.43 -30.91
CA LYS B 675 22.59 -21.04 -31.93
C LYS B 675 21.20 -21.55 -31.59
N LEU B 676 21.12 -22.78 -31.08
CA LEU B 676 19.86 -23.30 -30.58
C LEU B 676 19.36 -22.48 -29.39
N THR B 677 20.26 -22.12 -28.48
CA THR B 677 19.87 -21.40 -27.27
C THR B 677 19.19 -20.08 -27.63
N ILE B 678 19.65 -19.42 -28.70
CA ILE B 678 18.98 -18.19 -29.12
C ILE B 678 17.52 -18.46 -29.45
N GLY B 679 17.26 -19.55 -30.18
CA GLY B 679 15.92 -19.90 -30.60
C GLY B 679 15.83 -20.23 -32.06
N MET B 680 16.98 -20.28 -32.74
CA MET B 680 17.07 -20.60 -34.15
C MET B 680 17.96 -21.84 -34.32
N GLY B 681 18.25 -22.18 -35.57
CA GLY B 681 19.03 -23.36 -35.87
C GLY B 681 18.17 -24.59 -36.03
N ASP B 682 18.85 -25.72 -36.15
CA ASP B 682 18.20 -27.01 -36.37
C ASP B 682 18.77 -28.05 -35.42
N LEU B 683 17.94 -29.04 -35.08
CA LEU B 683 18.32 -30.12 -34.18
C LEU B 683 18.70 -31.33 -35.02
N GLU B 684 19.97 -31.38 -35.45
CA GLU B 684 20.48 -32.46 -36.27
C GLU B 684 21.52 -33.31 -35.56
N MET B 685 22.00 -32.89 -34.39
CA MET B 685 23.07 -33.60 -33.71
C MET B 685 22.63 -34.99 -33.27
N LEU B 686 21.35 -35.19 -32.99
CA LEU B 686 20.90 -36.45 -32.42
C LEU B 686 21.15 -37.63 -33.36
N SER B 687 21.27 -37.39 -34.66
CA SER B 687 21.38 -38.50 -35.61
C SER B 687 22.64 -39.32 -35.37
N SER B 688 23.78 -38.64 -35.17
CA SER B 688 25.04 -39.35 -35.04
C SER B 688 25.20 -40.01 -33.68
N THR B 689 24.73 -39.34 -32.62
CA THR B 689 24.95 -39.83 -31.27
C THR B 689 24.10 -41.08 -30.98
N LYS B 690 24.57 -41.86 -30.02
CA LYS B 690 23.83 -43.01 -29.52
C LYS B 690 22.99 -42.59 -28.32
N TYR B 691 21.96 -43.40 -28.03
CA TYR B 691 21.00 -43.08 -27.00
C TYR B 691 20.34 -41.75 -27.32
N PRO B 692 19.77 -41.58 -28.52
CA PRO B 692 19.17 -40.29 -28.87
C PRO B 692 18.02 -39.88 -27.96
N VAL B 693 17.26 -40.84 -27.44
CA VAL B 693 16.08 -40.50 -26.66
C VAL B 693 16.46 -39.74 -25.39
N VAL B 694 17.49 -40.21 -24.68
CA VAL B 694 17.94 -39.51 -23.49
C VAL B 694 18.51 -38.15 -23.87
N PHE B 695 19.15 -38.06 -25.03
CA PHE B 695 19.67 -36.77 -25.48
C PHE B 695 18.54 -35.77 -25.65
N ILE B 696 17.44 -36.20 -26.28
CA ILE B 696 16.31 -35.30 -26.49
C ILE B 696 15.67 -34.96 -25.14
N ILE B 697 15.58 -35.93 -24.24
CA ILE B 697 15.01 -35.65 -22.91
C ILE B 697 15.83 -34.56 -22.22
N LEU B 698 17.15 -34.68 -22.27
CA LEU B 698 18.03 -33.71 -21.63
C LEU B 698 17.91 -32.34 -22.29
N LEU B 699 17.83 -32.31 -23.62
CA LEU B 699 17.63 -31.04 -24.31
C LEU B 699 16.31 -30.40 -23.91
N VAL B 700 15.27 -31.22 -23.76
CA VAL B 700 13.96 -30.69 -23.38
C VAL B 700 14.02 -30.12 -21.96
N THR B 701 14.68 -30.82 -21.05
CA THR B 701 14.81 -30.29 -19.70
C THR B 701 15.58 -28.97 -19.72
N TYR B 702 16.66 -28.91 -20.51
CA TYR B 702 17.43 -27.68 -20.65
C TYR B 702 16.54 -26.54 -21.12
N ILE B 703 15.82 -26.75 -22.22
CA ILE B 703 14.98 -25.69 -22.79
C ILE B 703 13.91 -25.29 -21.79
N ILE B 704 13.19 -26.26 -21.25
CA ILE B 704 12.13 -25.97 -20.29
C ILE B 704 12.69 -25.12 -19.16
N LEU B 705 13.62 -25.67 -18.40
CA LEU B 705 14.14 -24.95 -17.24
C LEU B 705 14.53 -23.54 -17.67
N THR B 706 15.56 -23.42 -18.51
CA THR B 706 16.08 -22.09 -18.81
C THR B 706 14.98 -21.20 -19.36
N PHE B 707 14.51 -21.48 -20.57
CA PHE B 707 13.62 -20.55 -21.26
C PHE B 707 12.36 -20.29 -20.44
N VAL B 708 11.63 -21.35 -20.07
CA VAL B 708 10.33 -21.15 -19.45
C VAL B 708 10.48 -20.48 -18.09
N LEU B 709 11.31 -21.06 -17.21
CA LEU B 709 11.34 -20.53 -15.84
C LEU B 709 12.30 -19.35 -15.73
N LEU B 710 13.59 -19.57 -15.98
CA LEU B 710 14.59 -18.59 -15.60
C LEU B 710 14.54 -17.35 -16.49
N LEU B 711 14.44 -17.56 -17.80
CA LEU B 711 14.55 -16.47 -18.76
C LEU B 711 13.59 -15.34 -18.43
N ASN B 712 12.38 -15.68 -17.97
CA ASN B 712 11.36 -14.69 -17.67
C ASN B 712 11.02 -14.61 -16.18
N MET B 713 11.68 -15.40 -15.34
CA MET B 713 11.60 -15.21 -13.89
C MET B 713 12.63 -14.23 -13.39
N LEU B 714 13.75 -14.10 -14.10
CA LEU B 714 14.63 -12.96 -13.88
C LEU B 714 13.86 -11.66 -14.03
N ILE B 715 12.90 -11.67 -14.96
CA ILE B 715 12.12 -10.47 -15.20
C ILE B 715 11.33 -10.06 -13.96
N ALA B 716 10.99 -11.02 -13.11
CA ALA B 716 10.26 -10.69 -11.88
C ALA B 716 11.05 -9.71 -11.03
N LEU B 717 12.25 -10.11 -10.58
CA LEU B 717 13.04 -9.21 -9.74
C LEU B 717 13.57 -8.03 -10.54
N MET B 718 13.74 -8.17 -11.85
CA MET B 718 14.10 -7.01 -12.66
C MET B 718 13.00 -5.95 -12.61
N GLY B 719 11.74 -6.37 -12.76
CA GLY B 719 10.64 -5.45 -12.65
C GLY B 719 10.50 -4.90 -11.24
N GLU B 720 10.81 -5.70 -10.23
CA GLU B 720 10.81 -5.20 -8.86
C GLU B 720 11.87 -4.12 -8.66
N THR B 721 13.06 -4.32 -9.24
CA THR B 721 14.10 -3.29 -9.19
C THR B 721 13.64 -2.02 -9.89
N VAL B 722 13.07 -2.15 -11.08
CA VAL B 722 12.54 -0.99 -11.79
C VAL B 722 11.39 -0.36 -10.99
N GLY B 723 10.67 -1.18 -10.22
CA GLY B 723 9.65 -0.64 -9.35
C GLY B 723 10.21 0.21 -8.24
N GLN B 724 11.29 -0.25 -7.61
CA GLN B 724 11.97 0.59 -6.62
C GLN B 724 12.44 1.89 -7.27
N VAL B 725 13.00 1.80 -8.47
CA VAL B 725 13.46 3.00 -9.16
C VAL B 725 12.28 3.90 -9.51
N SER B 726 11.13 3.31 -9.85
CA SER B 726 9.95 4.13 -10.13
C SER B 726 9.47 4.84 -8.86
N LYS B 727 9.50 4.13 -7.73
CA LYS B 727 9.09 4.73 -6.47
C LYS B 727 10.03 5.86 -6.05
N GLU B 728 11.31 5.77 -6.43
CA GLU B 728 12.31 6.77 -6.06
C GLU B 728 12.85 7.50 -7.28
N SER B 729 12.03 7.64 -8.32
CA SER B 729 12.49 8.27 -9.56
C SER B 729 12.81 9.74 -9.37
N LYS B 730 11.93 10.50 -8.73
CA LYS B 730 12.19 11.92 -8.54
C LYS B 730 13.45 12.14 -7.71
N HIS B 731 13.61 11.38 -6.64
CA HIS B 731 14.75 11.58 -5.76
C HIS B 731 16.07 11.26 -6.46
N ILE B 732 16.12 10.17 -7.23
CA ILE B 732 17.36 9.79 -7.88
C ILE B 732 17.71 10.75 -9.01
N TRP B 733 16.70 11.24 -9.74
CA TRP B 733 16.98 12.17 -10.83
C TRP B 733 17.63 13.44 -10.30
N LYS B 734 17.15 13.94 -9.17
CA LYS B 734 17.73 15.13 -8.57
C LYS B 734 19.21 14.91 -8.25
N LEU B 735 19.51 13.74 -7.68
CA LEU B 735 20.90 13.41 -7.35
C LEU B 735 21.76 13.36 -8.62
N GLN B 736 21.26 12.69 -9.66
CA GLN B 736 22.06 12.57 -10.88
C GLN B 736 22.28 13.92 -11.54
N TRP B 737 21.24 14.76 -11.57
CA TRP B 737 21.37 16.08 -12.15
C TRP B 737 22.39 16.92 -11.36
N ALA B 738 22.31 16.86 -10.04
CA ALA B 738 23.29 17.58 -9.22
C ALA B 738 24.70 17.06 -9.49
N THR B 739 24.84 15.75 -9.62
CA THR B 739 26.16 15.17 -9.87
C THR B 739 26.73 15.68 -11.18
N THR B 740 25.92 15.67 -12.24
CA THR B 740 26.44 16.07 -13.54
C THR B 740 26.77 17.55 -13.57
N ILE B 741 25.93 18.39 -12.96
CA ILE B 741 26.21 19.83 -12.99
C ILE B 741 27.46 20.13 -12.17
N LEU B 742 27.63 19.48 -11.01
CA LEU B 742 28.83 19.67 -10.23
C LEU B 742 30.06 19.19 -10.98
N ASP B 743 29.89 18.09 -11.70
CA ASP B 743 30.96 17.50 -12.48
C ASP B 743 31.42 18.52 -13.47
N ILE B 744 30.48 19.04 -14.24
CA ILE B 744 30.79 20.03 -15.27
C ILE B 744 31.49 21.22 -14.65
N GLU B 745 31.02 21.68 -13.48
CA GLU B 745 31.61 22.83 -12.83
C GLU B 745 33.06 22.57 -12.45
N ARG B 746 33.34 21.40 -11.87
CA ARG B 746 34.66 21.15 -11.29
C ARG B 746 35.78 21.14 -12.31
N SER B 747 35.47 20.97 -13.59
CA SER B 747 36.51 20.94 -14.61
C SER B 747 36.94 22.34 -15.05
N PHE B 748 36.23 23.37 -14.64
CA PHE B 748 36.59 24.73 -15.03
C PHE B 748 37.85 25.18 -14.30
N PRO B 749 38.58 26.15 -14.86
CA PRO B 749 39.73 26.72 -14.16
C PRO B 749 39.28 27.52 -12.95
N VAL B 750 40.22 27.68 -12.00
CA VAL B 750 39.88 28.33 -10.74
C VAL B 750 39.47 29.78 -10.96
N PHE B 751 40.20 30.50 -11.81
CA PHE B 751 39.88 31.91 -12.01
C PHE B 751 38.51 32.10 -12.65
N LEU B 752 38.18 31.27 -13.64
CA LEU B 752 36.86 31.34 -14.23
C LEU B 752 35.78 31.01 -13.20
N ARG B 753 36.04 30.00 -12.37
CA ARG B 753 35.07 29.63 -11.34
C ARG B 753 34.82 30.79 -10.39
N LYS B 754 35.89 31.49 -9.98
CA LYS B 754 35.72 32.67 -9.14
C LYS B 754 34.93 33.74 -9.88
N ALA B 755 35.19 33.91 -11.18
CA ALA B 755 34.43 34.88 -11.96
C ALA B 755 32.94 34.53 -12.01
N PHE B 756 32.60 33.26 -11.80
CA PHE B 756 31.21 32.80 -11.81
C PHE B 756 30.64 32.62 -10.40
N ARG B 757 31.20 33.33 -9.42
CA ARG B 757 30.71 33.21 -8.06
C ARG B 757 29.23 33.61 -7.99
N SER B 758 28.47 32.89 -7.17
CA SER B 758 27.06 33.13 -6.98
C SER B 758 26.81 33.72 -5.60
N GLY B 759 25.82 34.61 -5.51
CA GLY B 759 25.45 35.23 -4.27
C GLY B 759 25.78 36.72 -4.27
N GLU B 760 25.55 37.33 -3.11
CA GLU B 760 25.76 38.76 -2.90
C GLU B 760 26.86 38.98 -1.87
N MET B 761 27.15 40.26 -1.60
CA MET B 761 28.14 40.64 -0.62
C MET B 761 27.49 41.53 0.45
N VAL B 762 26.33 41.13 0.93
CA VAL B 762 25.58 41.96 1.86
C VAL B 762 26.33 42.10 3.17
N THR B 763 26.43 43.34 3.67
CA THR B 763 27.01 43.61 4.98
C THR B 763 25.88 43.63 6.00
N VAL B 764 25.42 42.42 6.37
CA VAL B 764 24.24 42.30 7.22
C VAL B 764 24.50 42.92 8.59
N GLY B 765 25.69 42.67 9.15
CA GLY B 765 26.00 43.17 10.48
C GLY B 765 27.46 43.54 10.60
N LYS B 766 27.77 44.21 11.71
CA LYS B 766 29.12 44.65 12.02
C LYS B 766 29.70 43.79 13.14
N SER B 767 31.03 43.69 13.15
CA SER B 767 31.71 42.88 14.15
C SER B 767 31.60 43.55 15.52
N SER B 768 32.22 42.92 16.52
CA SER B 768 32.21 43.48 17.87
C SER B 768 32.87 44.85 17.90
N ASP B 769 33.97 45.01 17.17
CA ASP B 769 34.65 46.30 17.09
C ASP B 769 33.98 47.26 16.11
N GLY B 770 32.96 46.80 15.38
CA GLY B 770 32.25 47.64 14.43
C GLY B 770 32.61 47.42 12.98
N THR B 771 33.65 46.64 12.70
CA THR B 771 34.03 46.39 11.32
C THR B 771 32.95 45.59 10.60
N PRO B 772 32.75 45.82 9.32
CA PRO B 772 31.71 45.08 8.58
C PRO B 772 32.14 43.66 8.28
N ASP B 773 31.20 42.73 8.44
CA ASP B 773 31.49 41.33 8.15
C ASP B 773 31.71 41.10 6.66
N ARG B 774 30.82 41.62 5.82
CA ARG B 774 30.93 41.51 4.37
C ARG B 774 31.18 40.06 3.94
N ARG B 775 30.19 39.22 4.21
CA ARG B 775 30.26 37.80 3.90
C ARG B 775 29.33 37.47 2.74
N TRP B 776 29.75 36.51 1.92
CA TRP B 776 28.92 36.06 0.81
C TRP B 776 27.69 35.33 1.33
N CYS B 777 26.55 35.59 0.69
CA CYS B 777 25.28 35.03 1.12
C CYS B 777 24.45 34.69 -0.12
N PHE B 778 23.20 34.32 0.09
CA PHE B 778 22.30 33.93 -0.99
C PHE B 778 20.88 34.01 -0.47
N ARG B 779 20.01 34.72 -1.19
CA ARG B 779 18.67 35.01 -0.71
C ARG B 779 17.63 34.14 -1.42
N VAL B 780 16.65 33.69 -0.67
CA VAL B 780 15.52 32.93 -1.18
C VAL B 780 14.24 33.52 -0.59
N ASP B 781 13.10 33.01 -1.04
CA ASP B 781 11.83 33.51 -0.55
C ASP B 781 10.79 32.40 -0.62
N GLU B 782 9.76 32.56 0.21
CA GLU B 782 8.66 31.61 0.27
C GLU B 782 7.39 32.36 0.63
N VAL B 783 6.29 31.61 0.78
CA VAL B 783 4.97 32.18 1.03
C VAL B 783 4.35 31.48 2.24
N ASN B 784 3.82 32.26 3.17
CA ASN B 784 3.10 31.74 4.31
C ASN B 784 1.83 32.56 4.53
N TRP B 785 0.73 31.87 4.84
CA TRP B 785 -0.56 32.52 5.01
C TRP B 785 -1.06 32.50 6.45
N SER B 786 -0.46 31.71 7.33
CA SER B 786 -0.90 31.63 8.71
C SER B 786 -0.16 32.59 9.63
N HIS B 787 0.76 33.40 9.10
CA HIS B 787 1.52 34.34 9.91
C HIS B 787 0.76 35.65 10.04
N TRP B 788 -0.31 35.60 10.84
CA TRP B 788 -1.10 36.78 11.13
C TRP B 788 -1.19 37.00 12.64
N ASN C 150 19.89 68.19 2.51
CA ASN C 150 19.45 67.71 3.81
C ASN C 150 18.74 66.37 3.69
N ARG C 151 18.86 65.74 2.52
CA ARG C 151 18.22 64.43 2.32
C ARG C 151 18.75 63.38 3.29
N PRO C 152 20.06 63.20 3.46
CA PRO C 152 20.52 62.17 4.40
C PRO C 152 20.07 62.41 5.84
N ILE C 153 20.19 63.64 6.31
CA ILE C 153 19.81 63.94 7.70
C ILE C 153 18.32 63.72 7.91
N LEU C 154 17.50 64.19 6.97
CA LEU C 154 16.06 63.99 7.10
C LEU C 154 15.69 62.52 7.05
N PHE C 155 16.33 61.76 6.15
CA PHE C 155 16.07 60.33 6.08
C PHE C 155 16.44 59.64 7.41
N ASP C 156 17.59 59.99 7.98
CA ASP C 156 17.98 59.40 9.25
C ASP C 156 17.00 59.77 10.35
N ILE C 157 16.58 61.03 10.39
CA ILE C 157 15.66 61.48 11.44
C ILE C 157 14.34 60.72 11.33
N VAL C 158 13.80 60.60 10.12
CA VAL C 158 12.51 59.94 9.94
C VAL C 158 12.63 58.45 10.24
N SER C 159 13.74 57.82 9.83
CA SER C 159 13.93 56.41 10.12
C SER C 159 14.00 56.17 11.62
N ARG C 160 14.73 57.02 12.35
CA ARG C 160 14.82 56.86 13.79
C ARG C 160 13.49 57.17 14.48
N GLY C 161 12.58 57.88 13.82
CA GLY C 161 11.30 58.20 14.40
C GLY C 161 11.29 59.38 15.34
N SER C 162 12.42 60.06 15.52
CA SER C 162 12.48 61.20 16.41
C SER C 162 11.63 62.35 15.86
N THR C 163 10.90 63.00 16.76
CA THR C 163 10.03 64.11 16.39
C THR C 163 10.64 65.48 16.69
N ALA C 164 11.52 65.56 17.69
CA ALA C 164 12.11 66.84 18.03
C ALA C 164 13.00 67.37 16.91
N ASP C 165 13.74 66.47 16.25
CA ASP C 165 14.66 66.90 15.20
C ASP C 165 13.94 67.62 14.09
N LEU C 166 12.66 67.29 13.86
CA LEU C 166 11.91 67.95 12.78
C LEU C 166 11.67 69.42 13.06
N ASP C 167 11.83 69.87 14.30
CA ASP C 167 11.63 71.27 14.62
C ASP C 167 12.58 72.14 13.81
N GLY C 168 12.05 73.24 13.27
CA GLY C 168 12.82 74.15 12.45
C GLY C 168 12.82 73.84 10.97
N LEU C 169 12.22 72.72 10.56
CA LEU C 169 12.15 72.40 9.13
C LEU C 169 11.22 73.36 8.40
N LEU C 170 10.08 73.70 9.00
CA LEU C 170 9.13 74.60 8.34
C LEU C 170 9.72 75.97 8.10
N PRO C 171 10.37 76.63 9.07
CA PRO C 171 11.05 77.90 8.75
C PRO C 171 12.08 77.76 7.65
N PHE C 172 12.82 76.67 7.61
CA PHE C 172 13.82 76.47 6.57
C PHE C 172 13.16 76.40 5.20
N LEU C 173 12.07 75.62 5.09
CA LEU C 173 11.36 75.52 3.83
C LEU C 173 10.77 76.86 3.41
N LEU C 174 10.21 77.59 4.37
CA LEU C 174 9.62 78.89 4.05
C LEU C 174 10.68 79.88 3.56
N THR C 175 11.84 79.91 4.22
CA THR C 175 12.88 80.85 3.84
C THR C 175 13.48 80.47 2.48
N HIS C 176 13.78 79.19 2.28
CA HIS C 176 14.38 78.73 1.04
C HIS C 176 13.36 78.40 -0.04
N LYS C 177 12.07 78.39 0.30
CA LYS C 177 11.01 78.09 -0.67
C LYS C 177 11.26 76.76 -1.37
N LYS C 178 11.70 75.77 -0.60
CA LYS C 178 12.02 74.45 -1.12
C LYS C 178 10.87 73.50 -0.80
N ARG C 179 10.28 72.92 -1.84
CA ARG C 179 9.18 71.99 -1.66
C ARG C 179 9.70 70.62 -1.22
N LEU C 180 8.83 69.88 -0.50
CA LEU C 180 9.20 68.56 -0.01
C LEU C 180 9.32 67.53 -1.12
N THR C 181 8.89 67.84 -2.34
CA THR C 181 8.99 66.93 -3.47
C THR C 181 10.18 67.24 -4.36
N ASP C 182 11.10 68.09 -3.91
CA ASP C 182 12.26 68.43 -4.72
C ASP C 182 13.11 67.19 -5.00
N GLU C 183 13.70 67.15 -6.19
CA GLU C 183 14.48 65.99 -6.60
C GLU C 183 15.56 65.67 -5.58
N GLU C 184 16.16 66.70 -4.97
CA GLU C 184 17.22 66.47 -4.00
C GLU C 184 16.69 65.70 -2.79
N PHE C 185 15.51 66.07 -2.30
CA PHE C 185 14.93 65.34 -1.17
C PHE C 185 14.58 63.91 -1.54
N ARG C 186 14.04 63.69 -2.73
CA ARG C 186 13.65 62.36 -3.15
C ARG C 186 14.87 61.50 -3.38
N GLU C 187 14.78 60.24 -2.97
CA GLU C 187 15.89 59.30 -3.16
C GLU C 187 16.09 59.04 -4.65
N PRO C 188 17.28 59.26 -5.19
CA PRO C 188 17.47 59.03 -6.63
C PRO C 188 17.20 57.59 -7.07
N SER C 189 17.41 56.61 -6.20
CA SER C 189 17.34 55.22 -6.61
C SER C 189 15.95 54.87 -7.13
N THR C 190 14.89 55.26 -6.40
CA THR C 190 13.54 54.89 -6.77
C THR C 190 12.54 56.03 -6.60
N GLY C 191 13.01 57.28 -6.53
CA GLY C 191 12.11 58.38 -6.30
C GLY C 191 11.38 58.32 -4.98
N LYS C 192 11.86 57.49 -4.06
CA LYS C 192 11.22 57.37 -2.75
C LYS C 192 11.28 58.71 -2.01
N THR C 193 10.21 59.00 -1.27
CA THR C 193 10.09 60.24 -0.53
C THR C 193 10.05 59.95 0.97
N CYS C 194 9.87 61.01 1.76
CA CYS C 194 9.94 60.88 3.21
C CYS C 194 8.82 59.98 3.75
N LEU C 195 7.61 60.17 3.25
CA LEU C 195 6.46 59.46 3.80
C LEU C 195 6.55 57.95 3.64
N PRO C 196 6.86 57.40 2.47
CA PRO C 196 7.00 55.94 2.37
C PRO C 196 8.12 55.41 3.25
N LYS C 197 9.21 56.15 3.40
CA LYS C 197 10.27 55.72 4.32
C LYS C 197 9.75 55.68 5.75
N ALA C 198 8.97 56.68 6.14
CA ALA C 198 8.40 56.67 7.49
C ALA C 198 7.48 55.49 7.69
N LEU C 199 6.63 55.19 6.70
CA LEU C 199 5.67 54.10 6.85
C LEU C 199 6.34 52.74 6.80
N LEU C 200 7.45 52.61 6.07
CA LEU C 200 8.10 51.31 5.93
C LEU C 200 8.62 50.81 7.27
N ASN C 201 9.32 51.69 8.01
CA ASN C 201 9.89 51.33 9.30
C ASN C 201 9.20 52.14 10.39
N LEU C 202 8.70 51.44 11.42
CA LEU C 202 8.00 52.10 12.51
C LEU C 202 7.88 51.11 13.66
N SER C 203 7.57 51.64 14.85
CA SER C 203 7.50 50.86 16.07
C SER C 203 6.03 50.64 16.43
N ASN C 204 5.59 49.39 16.35
CA ASN C 204 4.23 49.00 16.74
C ASN C 204 3.17 49.81 15.99
N GLY C 205 3.46 50.18 14.76
CA GLY C 205 2.50 50.91 13.95
C GLY C 205 2.22 52.31 14.42
N ARG C 206 3.13 52.94 15.15
CA ARG C 206 2.95 54.27 15.70
C ARG C 206 4.21 55.11 15.50
N ASN C 207 4.69 55.17 14.26
CA ASN C 207 5.88 55.94 13.91
C ASN C 207 5.84 57.33 14.55
N ASP C 208 4.65 57.92 14.60
CA ASP C 208 4.43 59.17 15.33
C ASP C 208 5.01 60.38 14.60
N THR C 209 5.70 60.15 13.48
CA THR C 209 6.22 61.24 12.67
C THR C 209 5.30 61.63 11.52
N ILE C 210 4.32 60.78 11.20
CA ILE C 210 3.47 61.03 10.05
C ILE C 210 2.69 62.34 10.19
N PRO C 211 1.96 62.58 11.29
CA PRO C 211 1.14 63.80 11.35
C PRO C 211 1.96 65.08 11.22
N VAL C 212 3.16 65.12 11.79
CA VAL C 212 3.99 66.32 11.69
C VAL C 212 4.38 66.59 10.25
N LEU C 213 4.82 65.54 9.54
CA LEU C 213 5.18 65.70 8.13
C LEU C 213 3.97 66.12 7.30
N LEU C 214 2.80 65.55 7.60
CA LEU C 214 1.60 65.92 6.86
C LEU C 214 1.23 67.38 7.10
N ASP C 215 1.34 67.83 8.35
CA ASP C 215 1.07 69.24 8.64
C ASP C 215 2.06 70.14 7.91
N ILE C 216 3.34 69.75 7.89
CA ILE C 216 4.33 70.55 7.18
C ILE C 216 3.99 70.63 5.70
N ALA C 217 3.62 69.50 5.10
CA ALA C 217 3.24 69.51 3.69
C ALA C 217 2.02 70.39 3.45
N GLU C 218 1.06 70.35 4.38
CA GLU C 218 -0.11 71.22 4.26
C GLU C 218 0.29 72.68 4.29
N ARG C 219 1.20 73.05 5.20
CA ARG C 219 1.65 74.43 5.26
C ARG C 219 2.36 74.83 3.97
N THR C 220 3.17 73.93 3.41
CA THR C 220 3.81 74.22 2.14
C THR C 220 2.82 74.30 0.99
N GLY C 221 1.58 73.83 1.19
CA GLY C 221 0.59 73.87 0.15
C GLY C 221 0.76 72.84 -0.94
N ASN C 222 1.46 71.75 -0.66
CA ASN C 222 1.73 70.69 -1.64
C ASN C 222 1.37 69.33 -1.05
N MET C 223 0.21 69.25 -0.39
CA MET C 223 -0.19 68.00 0.24
C MET C 223 -0.62 66.97 -0.79
N ARG C 224 -1.41 67.39 -1.78
CA ARG C 224 -1.93 66.43 -2.76
C ARG C 224 -0.80 65.76 -3.54
N GLU C 225 0.16 66.57 -4.01
CA GLU C 225 1.29 66.01 -4.73
C GLU C 225 2.14 65.11 -3.83
N PHE C 226 2.33 65.53 -2.58
CA PHE C 226 3.26 64.83 -1.70
C PHE C 226 2.71 63.48 -1.26
N ILE C 227 1.43 63.44 -0.85
CA ILE C 227 0.88 62.21 -0.27
C ILE C 227 0.88 61.09 -1.31
N ASN C 228 0.43 61.39 -2.52
CA ASN C 228 0.27 60.38 -3.57
C ASN C 228 1.39 60.42 -4.59
N SER C 229 2.61 60.69 -4.16
CA SER C 229 3.74 60.71 -5.07
C SER C 229 4.10 59.27 -5.44
N PRO C 230 4.05 58.90 -6.71
CA PRO C 230 4.31 57.50 -7.07
C PRO C 230 5.81 57.22 -7.20
N PHE C 231 6.16 55.97 -6.90
CA PHE C 231 7.53 55.52 -7.09
C PHE C 231 7.87 55.40 -8.57
N ARG C 232 9.09 55.77 -8.90
CA ARG C 232 9.61 55.60 -10.25
C ARG C 232 10.32 54.25 -10.35
N ASP C 233 11.10 54.05 -11.40
CA ASP C 233 11.83 52.81 -11.61
C ASP C 233 10.93 51.70 -12.10
N ILE C 234 11.40 50.47 -12.04
CA ILE C 234 10.73 49.32 -12.64
C ILE C 234 10.07 48.44 -11.58
N TYR C 235 10.84 48.04 -10.57
CA TYR C 235 10.36 47.01 -9.65
C TYR C 235 9.14 47.49 -8.87
N TYR C 236 9.16 48.72 -8.37
CA TYR C 236 8.11 49.25 -7.52
C TYR C 236 7.40 50.44 -8.17
N ARG C 237 7.12 50.33 -9.47
CA ARG C 237 6.50 51.44 -10.18
C ARG C 237 5.03 51.55 -9.80
N GLY C 238 4.59 52.77 -9.50
CA GLY C 238 3.21 53.05 -9.18
C GLY C 238 2.86 52.93 -7.71
N GLN C 239 3.72 52.31 -6.90
CA GLN C 239 3.43 52.15 -5.49
C GLN C 239 3.29 53.52 -4.82
N THR C 240 2.37 53.61 -3.87
CA THR C 240 2.07 54.84 -3.17
C THR C 240 2.08 54.58 -1.67
N ALA C 241 1.85 55.65 -0.91
CA ALA C 241 1.82 55.53 0.55
C ALA C 241 0.63 54.72 1.01
N LEU C 242 -0.51 54.83 0.33
CA LEU C 242 -1.71 54.12 0.75
C LEU C 242 -1.52 52.61 0.70
N HIS C 243 -0.86 52.12 -0.35
CA HIS C 243 -0.60 50.69 -0.44
C HIS C 243 0.22 50.21 0.74
N ILE C 244 1.25 50.97 1.11
CA ILE C 244 2.08 50.60 2.25
C ILE C 244 1.28 50.61 3.53
N ALA C 245 0.47 51.65 3.73
CA ALA C 245 -0.34 51.74 4.95
C ALA C 245 -1.29 50.56 5.06
N ILE C 246 -1.91 50.18 3.94
CA ILE C 246 -2.80 49.03 3.95
C ILE C 246 -2.02 47.75 4.26
N GLU C 247 -0.84 47.60 3.67
CA GLU C 247 -0.07 46.39 3.85
C GLU C 247 0.34 46.20 5.30
N ARG C 248 0.77 47.26 5.97
CA ARG C 248 1.22 47.16 7.35
C ARG C 248 0.08 46.94 8.34
N ARG C 249 -1.16 46.83 7.86
CA ARG C 249 -2.29 46.43 8.69
C ARG C 249 -2.61 47.47 9.77
N CYS C 250 -2.28 48.73 9.52
CA CYS C 250 -2.58 49.82 10.45
C CYS C 250 -3.77 50.60 9.90
N LYS C 251 -4.90 50.53 10.62
CA LYS C 251 -6.10 51.24 10.20
C LYS C 251 -5.97 52.75 10.37
N HIS C 252 -5.26 53.19 11.42
CA HIS C 252 -5.19 54.62 11.72
C HIS C 252 -4.56 55.40 10.58
N TYR C 253 -3.43 54.93 10.07
CA TYR C 253 -2.76 55.64 8.99
C TYR C 253 -3.58 55.59 7.70
N VAL C 254 -4.30 54.50 7.47
CA VAL C 254 -5.19 54.44 6.31
C VAL C 254 -6.25 55.52 6.41
N GLU C 255 -6.89 55.63 7.58
CA GLU C 255 -7.89 56.68 7.77
C GLU C 255 -7.28 58.05 7.56
N LEU C 256 -6.09 58.28 8.11
CA LEU C 256 -5.46 59.59 7.99
C LEU C 256 -5.18 59.93 6.54
N LEU C 257 -4.56 59.00 5.79
CA LEU C 257 -4.24 59.27 4.40
C LEU C 257 -5.50 59.49 3.57
N VAL C 258 -6.53 58.68 3.80
CA VAL C 258 -7.76 58.83 3.02
C VAL C 258 -8.41 60.18 3.31
N ALA C 259 -8.46 60.57 4.59
CA ALA C 259 -9.08 61.84 4.95
C ALA C 259 -8.31 63.01 4.37
N GLN C 260 -6.97 62.95 4.41
CA GLN C 260 -6.16 64.06 3.93
C GLN C 260 -6.23 64.21 2.41
N GLY C 261 -6.79 63.26 1.70
CA GLY C 261 -6.94 63.33 0.27
C GLY C 261 -6.12 62.35 -0.54
N ALA C 262 -5.69 61.24 0.06
CA ALA C 262 -4.89 60.26 -0.67
C ALA C 262 -5.73 59.61 -1.77
N ASP C 263 -5.12 59.45 -2.94
CA ASP C 263 -5.80 58.78 -4.04
C ASP C 263 -6.07 57.33 -3.67
N VAL C 264 -7.27 56.86 -4.02
CA VAL C 264 -7.70 55.51 -3.68
C VAL C 264 -7.76 54.59 -4.89
N HIS C 265 -7.60 55.11 -6.10
CA HIS C 265 -7.63 54.31 -7.31
C HIS C 265 -6.24 54.17 -7.93
N ALA C 266 -5.18 54.55 -7.21
CA ALA C 266 -3.84 54.44 -7.74
C ALA C 266 -3.49 52.99 -8.02
N GLN C 267 -2.82 52.75 -9.14
CA GLN C 267 -2.47 51.41 -9.59
C GLN C 267 -0.97 51.19 -9.45
N ALA C 268 -0.60 50.05 -8.88
CA ALA C 268 0.79 49.64 -8.74
C ALA C 268 1.10 48.62 -9.83
N ARG C 269 2.02 48.97 -10.73
CA ARG C 269 2.30 48.16 -11.91
C ARG C 269 3.75 47.71 -11.98
N GLY C 270 4.47 47.72 -10.85
CA GLY C 270 5.84 47.27 -10.85
C GLY C 270 5.97 45.78 -11.12
N ARG C 271 7.15 45.39 -11.61
CA ARG C 271 7.37 43.99 -11.93
C ARG C 271 7.25 43.11 -10.69
N PHE C 272 7.58 43.65 -9.51
CA PHE C 272 7.44 42.87 -8.29
C PHE C 272 5.98 42.52 -8.01
N PHE C 273 5.05 43.37 -8.43
CA PHE C 273 3.63 43.17 -8.21
C PHE C 273 2.97 42.30 -9.27
N GLN C 274 3.72 41.89 -10.29
CA GLN C 274 3.17 41.07 -11.36
C GLN C 274 2.99 39.63 -10.90
N PRO C 275 2.22 38.83 -11.64
CA PRO C 275 1.98 37.44 -11.24
C PRO C 275 3.28 36.67 -11.05
N LYS C 276 3.15 35.50 -10.41
CA LYS C 276 4.31 34.69 -10.12
C LYS C 276 5.02 34.24 -11.39
N ASP C 277 4.27 33.67 -12.33
CA ASP C 277 4.89 33.13 -13.55
C ASP C 277 5.53 34.20 -14.41
N GLU C 278 5.16 35.46 -14.23
CA GLU C 278 5.68 36.54 -15.06
C GLU C 278 6.95 37.16 -14.50
N GLY C 279 7.18 37.04 -13.19
CA GLY C 279 8.39 37.58 -12.59
C GLY C 279 8.15 38.31 -11.28
N GLY C 280 6.90 38.61 -10.98
CA GLY C 280 6.54 39.29 -9.75
C GLY C 280 6.11 38.29 -8.69
N TYR C 281 6.66 38.46 -7.48
CA TYR C 281 6.45 37.48 -6.42
C TYR C 281 5.08 37.59 -5.77
N PHE C 282 4.33 38.66 -6.01
CA PHE C 282 3.03 38.85 -5.37
C PHE C 282 2.13 39.63 -6.31
N TYR C 283 0.89 39.17 -6.46
CA TYR C 283 -0.11 39.83 -7.29
C TYR C 283 -1.40 39.97 -6.51
N PHE C 284 -1.98 41.18 -6.53
CA PHE C 284 -3.18 41.44 -5.75
C PHE C 284 -4.20 42.30 -6.51
N GLY C 285 -4.10 42.38 -7.82
CA GLY C 285 -5.03 43.16 -8.61
C GLY C 285 -4.63 44.60 -8.85
N GLU C 286 -3.56 45.06 -8.21
CA GLU C 286 -3.02 46.40 -8.44
C GLU C 286 -4.01 47.48 -8.05
N LEU C 287 -4.58 47.35 -6.85
CA LEU C 287 -5.51 48.34 -6.32
C LEU C 287 -5.45 48.31 -4.80
N PRO C 288 -5.77 49.42 -4.14
CA PRO C 288 -5.78 49.40 -2.66
C PRO C 288 -6.83 48.47 -2.08
N LEU C 289 -8.08 48.59 -2.54
CA LEU C 289 -9.14 47.74 -1.99
C LEU C 289 -8.86 46.28 -2.28
N SER C 290 -8.40 45.96 -3.49
CA SER C 290 -8.05 44.59 -3.82
C SER C 290 -6.93 44.09 -2.94
N LEU C 291 -5.93 44.93 -2.69
CA LEU C 291 -4.83 44.55 -1.81
C LEU C 291 -5.33 44.24 -0.41
N ALA C 292 -6.22 45.09 0.12
CA ALA C 292 -6.77 44.84 1.44
C ALA C 292 -7.56 43.54 1.47
N ALA C 293 -8.36 43.28 0.44
CA ALA C 293 -9.17 42.07 0.40
C ALA C 293 -8.29 40.83 0.34
N CYS C 294 -7.22 40.87 -0.47
CA CYS C 294 -6.36 39.70 -0.62
C CYS C 294 -5.52 39.43 0.62
N THR C 295 -5.40 40.40 1.53
CA THR C 295 -4.59 40.26 2.73
C THR C 295 -5.42 39.92 3.95
N ASN C 296 -6.71 39.62 3.78
CA ASN C 296 -7.59 39.22 4.88
C ASN C 296 -7.66 40.33 5.94
N GLN C 297 -8.19 41.47 5.54
CA GLN C 297 -8.41 42.62 6.42
C GLN C 297 -9.83 43.12 6.23
N PRO C 298 -10.82 42.39 6.75
CA PRO C 298 -12.22 42.80 6.54
C PRO C 298 -12.52 44.21 7.01
N HIS C 299 -11.94 44.63 8.12
CA HIS C 299 -12.23 45.96 8.65
C HIS C 299 -11.76 47.04 7.68
N ILE C 300 -10.57 46.87 7.12
CA ILE C 300 -10.06 47.86 6.18
C ILE C 300 -10.95 47.94 4.96
N VAL C 301 -11.37 46.79 4.43
CA VAL C 301 -12.23 46.77 3.26
C VAL C 301 -13.56 47.46 3.58
N ASN C 302 -14.14 47.15 4.74
CA ASN C 302 -15.41 47.76 5.12
C ASN C 302 -15.28 49.29 5.21
N TYR C 303 -14.22 49.76 5.85
CA TYR C 303 -14.03 51.20 5.98
C TYR C 303 -13.82 51.85 4.62
N LEU C 304 -12.98 51.24 3.78
CA LEU C 304 -12.63 51.85 2.51
C LEU C 304 -13.82 51.88 1.56
N THR C 305 -14.65 50.84 1.59
CA THR C 305 -15.82 50.81 0.71
C THR C 305 -16.78 51.95 1.03
N GLU C 306 -17.04 52.20 2.32
CA GLU C 306 -17.96 53.24 2.76
C GLU C 306 -17.20 54.21 3.65
N ASN C 307 -16.78 55.34 3.07
CA ASN C 307 -16.10 56.39 3.78
C ASN C 307 -16.71 57.74 3.40
N PRO C 308 -16.86 58.66 4.35
CA PRO C 308 -17.45 59.96 4.01
C PRO C 308 -16.61 60.78 3.06
N HIS C 309 -15.31 60.49 2.93
CA HIS C 309 -14.42 61.27 2.09
C HIS C 309 -14.35 60.72 0.67
N LYS C 310 -13.98 59.44 0.53
CA LYS C 310 -13.86 58.79 -0.75
C LYS C 310 -14.29 57.34 -0.63
N LYS C 311 -14.72 56.78 -1.76
CA LYS C 311 -15.17 55.40 -1.83
C LYS C 311 -14.50 54.71 -3.00
N ALA C 312 -14.09 53.46 -2.78
CA ALA C 312 -13.47 52.65 -3.82
C ALA C 312 -14.52 51.68 -4.37
N ASP C 313 -15.04 52.00 -5.55
CA ASP C 313 -16.05 51.14 -6.17
C ASP C 313 -15.49 49.75 -6.42
N MET C 314 -16.26 48.73 -6.06
CA MET C 314 -15.81 47.36 -6.20
C MET C 314 -15.77 46.90 -7.65
N ARG C 315 -16.51 47.56 -8.53
CA ARG C 315 -16.52 47.20 -9.95
C ARG C 315 -15.53 48.08 -10.71
N ARG C 316 -14.26 47.95 -10.31
CA ARG C 316 -13.16 48.72 -10.88
C ARG C 316 -12.12 47.75 -11.41
N GLN C 317 -11.66 48.00 -12.64
CA GLN C 317 -10.75 47.10 -13.33
C GLN C 317 -9.38 47.75 -13.49
N ASP C 318 -8.33 46.95 -13.31
CA ASP C 318 -6.96 47.42 -13.46
C ASP C 318 -6.58 47.33 -14.95
N SER C 319 -5.29 47.48 -15.24
CA SER C 319 -4.83 47.39 -16.62
C SER C 319 -5.14 46.02 -17.20
N ARG C 320 -4.90 44.96 -16.42
CA ARG C 320 -5.19 43.61 -16.88
C ARG C 320 -6.67 43.37 -17.08
N GLY C 321 -7.52 44.22 -16.49
CA GLY C 321 -8.95 44.01 -16.51
C GLY C 321 -9.49 43.28 -15.30
N ASN C 322 -8.62 42.66 -14.51
CA ASN C 322 -9.05 41.93 -13.32
C ASN C 322 -9.62 42.89 -12.28
N THR C 323 -10.79 42.56 -11.75
CA THR C 323 -11.41 43.31 -10.67
C THR C 323 -11.10 42.60 -9.35
N VAL C 324 -11.75 43.05 -8.28
CA VAL C 324 -11.42 42.55 -6.95
C VAL C 324 -11.64 41.04 -6.87
N LEU C 325 -12.75 40.55 -7.42
CA LEU C 325 -13.00 39.12 -7.41
C LEU C 325 -11.95 38.37 -8.23
N HIS C 326 -11.55 38.94 -9.36
CA HIS C 326 -10.51 38.31 -10.17
C HIS C 326 -9.22 38.15 -9.37
N ALA C 327 -8.80 39.23 -8.70
CA ALA C 327 -7.57 39.16 -7.90
C ALA C 327 -7.72 38.18 -6.76
N LEU C 328 -8.88 38.19 -6.10
CA LEU C 328 -9.10 37.28 -4.98
C LEU C 328 -8.99 35.83 -5.43
N VAL C 329 -9.52 35.52 -6.61
CA VAL C 329 -9.37 34.17 -7.16
C VAL C 329 -7.91 33.90 -7.52
N ALA C 330 -7.21 34.92 -8.02
CA ALA C 330 -5.83 34.71 -8.47
C ALA C 330 -4.94 34.26 -7.31
N ILE C 331 -5.09 34.89 -6.14
CA ILE C 331 -4.30 34.50 -4.98
C ILE C 331 -4.91 33.34 -4.22
N ALA C 332 -6.08 32.87 -4.63
CA ALA C 332 -6.71 31.76 -3.93
C ALA C 332 -5.84 30.52 -4.02
N ASP C 333 -5.84 29.73 -2.96
CA ASP C 333 -5.04 28.52 -2.88
C ASP C 333 -5.92 27.38 -2.35
N ASN C 334 -5.51 26.16 -2.65
CA ASN C 334 -6.24 24.98 -2.25
C ASN C 334 -5.99 24.58 -0.80
N THR C 335 -5.17 25.34 -0.07
CA THR C 335 -4.89 25.03 1.32
C THR C 335 -6.14 25.22 2.17
N ARG C 336 -6.16 24.52 3.31
CA ARG C 336 -7.33 24.52 4.16
C ARG C 336 -7.63 25.91 4.71
N GLU C 337 -6.60 26.61 5.18
CA GLU C 337 -6.82 27.92 5.80
C GLU C 337 -7.13 28.98 4.75
N ASN C 338 -6.41 28.97 3.64
CA ASN C 338 -6.57 30.02 2.63
C ASN C 338 -7.98 30.01 2.05
N THR C 339 -8.52 28.82 1.78
CA THR C 339 -9.81 28.72 1.11
C THR C 339 -10.92 29.33 1.95
N LYS C 340 -10.89 29.10 3.27
CA LYS C 340 -11.95 29.61 4.12
C LYS C 340 -12.04 31.12 4.03
N PHE C 341 -10.91 31.81 4.22
CA PHE C 341 -10.93 33.27 4.20
C PHE C 341 -11.20 33.79 2.80
N VAL C 342 -10.70 33.10 1.76
CA VAL C 342 -10.99 33.54 0.40
C VAL C 342 -12.48 33.52 0.14
N THR C 343 -13.14 32.41 0.49
CA THR C 343 -14.58 32.30 0.27
C THR C 343 -15.34 33.32 1.10
N LYS C 344 -14.93 33.52 2.35
CA LYS C 344 -15.63 34.47 3.21
C LYS C 344 -15.54 35.87 2.63
N MET C 345 -14.34 36.30 2.23
CA MET C 345 -14.18 37.62 1.67
C MET C 345 -14.93 37.76 0.36
N TYR C 346 -14.90 36.73 -0.48
CA TYR C 346 -15.61 36.76 -1.75
C TYR C 346 -17.09 36.97 -1.53
N ASP C 347 -17.68 36.18 -0.62
CA ASP C 347 -19.10 36.32 -0.34
C ASP C 347 -19.42 37.70 0.24
N LEU C 348 -18.61 38.17 1.17
CA LEU C 348 -18.86 39.48 1.77
C LEU C 348 -18.84 40.58 0.72
N LEU C 349 -17.82 40.56 -0.14
CA LEU C 349 -17.68 41.62 -1.14
C LEU C 349 -18.80 41.55 -2.17
N LEU C 350 -19.17 40.33 -2.60
CA LEU C 350 -20.25 40.21 -3.56
C LEU C 350 -21.56 40.70 -2.98
N LEU C 351 -21.84 40.35 -1.71
CA LEU C 351 -23.07 40.81 -1.08
C LEU C 351 -23.07 42.33 -0.96
N LYS C 352 -21.95 42.92 -0.57
CA LYS C 352 -21.89 44.38 -0.46
C LYS C 352 -22.14 45.04 -1.81
N CYS C 353 -21.50 44.53 -2.86
CA CYS C 353 -21.67 45.11 -4.19
C CYS C 353 -23.12 45.00 -4.65
N ALA C 354 -23.73 43.83 -4.44
CA ALA C 354 -25.14 43.67 -4.83
C ALA C 354 -26.03 44.60 -4.03
N ARG C 355 -25.78 44.74 -2.74
CA ARG C 355 -26.60 45.58 -1.89
C ARG C 355 -26.52 47.03 -2.34
N LEU C 356 -25.31 47.53 -2.62
CA LEU C 356 -25.14 48.92 -3.00
C LEU C 356 -25.69 49.19 -4.40
N PHE C 357 -25.40 48.31 -5.34
CA PHE C 357 -25.90 48.41 -6.72
C PHE C 357 -26.78 47.20 -7.02
N PRO C 358 -28.11 47.34 -6.94
CA PRO C 358 -28.97 46.17 -7.22
C PRO C 358 -29.11 45.87 -8.71
N ASP C 359 -28.91 46.84 -9.58
CA ASP C 359 -29.15 46.63 -11.01
C ASP C 359 -28.08 45.72 -11.62
N SER C 360 -26.82 45.95 -11.29
CA SER C 360 -25.71 45.24 -11.92
C SER C 360 -25.16 44.16 -10.99
N ASN C 361 -24.80 43.02 -11.58
CA ASN C 361 -24.18 41.92 -10.86
C ASN C 361 -22.67 41.98 -11.07
N LEU C 362 -21.92 41.88 -9.97
CA LEU C 362 -20.47 42.07 -10.04
C LEU C 362 -19.81 40.99 -10.88
N GLU C 363 -20.26 39.74 -10.74
CA GLU C 363 -19.63 38.64 -11.48
C GLU C 363 -19.76 38.80 -12.98
N ALA C 364 -20.69 39.65 -13.44
CA ALA C 364 -20.87 39.81 -14.88
C ALA C 364 -19.64 40.41 -15.54
N VAL C 365 -18.91 41.28 -14.83
CA VAL C 365 -17.77 41.96 -15.43
C VAL C 365 -16.74 40.94 -15.89
N LEU C 366 -16.12 41.21 -17.03
CA LEU C 366 -15.11 40.34 -17.61
C LEU C 366 -13.80 41.11 -17.76
N ASN C 367 -12.70 40.36 -17.72
CA ASN C 367 -11.39 40.95 -17.89
C ASN C 367 -11.06 41.08 -19.38
N ASN C 368 -9.82 41.52 -19.67
CA ASN C 368 -9.41 41.66 -21.06
C ASN C 368 -9.40 40.32 -21.76
N ASP C 369 -8.99 39.26 -21.06
CA ASP C 369 -9.01 37.92 -21.64
C ASP C 369 -10.42 37.42 -21.92
N GLY C 370 -11.45 38.09 -21.39
CA GLY C 370 -12.83 37.70 -21.59
C GLY C 370 -13.37 36.73 -20.57
N LEU C 371 -12.57 36.29 -19.61
CA LEU C 371 -13.00 35.33 -18.61
C LEU C 371 -13.66 36.04 -17.43
N SER C 372 -14.47 35.28 -16.70
CA SER C 372 -15.10 35.70 -15.47
C SER C 372 -14.47 34.97 -14.29
N PRO C 373 -14.76 35.41 -13.06
CA PRO C 373 -14.14 34.75 -11.90
C PRO C 373 -14.36 33.25 -11.87
N LEU C 374 -15.57 32.81 -12.22
CA LEU C 374 -15.84 31.38 -12.30
C LEU C 374 -14.98 30.72 -13.38
N MET C 375 -14.96 31.32 -14.57
CA MET C 375 -14.19 30.75 -15.66
C MET C 375 -12.69 30.79 -15.35
N MET C 376 -12.22 31.89 -14.76
CA MET C 376 -10.80 31.96 -14.43
C MET C 376 -10.43 30.94 -13.36
N ALA C 377 -11.29 30.74 -12.36
CA ALA C 377 -11.01 29.71 -11.37
C ALA C 377 -10.98 28.33 -12.00
N ALA C 378 -11.90 28.07 -12.93
CA ALA C 378 -11.90 26.78 -13.62
C ALA C 378 -10.63 26.60 -14.43
N LYS C 379 -10.18 27.65 -15.12
CA LYS C 379 -9.00 27.56 -15.97
C LYS C 379 -7.74 27.39 -15.15
N THR C 380 -7.68 28.05 -13.99
CA THR C 380 -6.49 28.01 -13.14
C THR C 380 -6.42 26.76 -12.28
N GLY C 381 -7.51 26.00 -12.17
CA GLY C 381 -7.48 24.78 -11.39
C GLY C 381 -7.64 24.97 -9.91
N LYS C 382 -8.31 26.05 -9.48
CA LYS C 382 -8.53 26.32 -8.06
C LYS C 382 -9.89 25.79 -7.68
N ILE C 383 -9.92 24.53 -7.22
CA ILE C 383 -11.17 23.87 -6.88
C ILE C 383 -11.83 24.52 -5.66
N GLY C 384 -11.03 24.98 -4.70
CA GLY C 384 -11.59 25.42 -3.44
C GLY C 384 -12.64 26.50 -3.60
N ILE C 385 -12.34 27.51 -4.42
CA ILE C 385 -13.31 28.58 -4.65
C ILE C 385 -14.33 28.16 -5.72
N PHE C 386 -13.91 27.32 -6.67
CA PHE C 386 -14.80 26.93 -7.75
C PHE C 386 -16.02 26.18 -7.22
N GLN C 387 -15.79 25.15 -6.40
CA GLN C 387 -16.90 24.37 -5.89
C GLN C 387 -17.86 25.24 -5.07
N HIS C 388 -17.31 26.15 -4.27
CA HIS C 388 -18.16 27.05 -3.48
C HIS C 388 -18.99 27.94 -4.40
N ILE C 389 -18.38 28.46 -5.47
CA ILE C 389 -19.12 29.34 -6.37
C ILE C 389 -20.25 28.56 -7.04
N ILE C 390 -20.00 27.30 -7.40
CA ILE C 390 -21.01 26.52 -8.11
C ILE C 390 -22.26 26.36 -7.25
N ARG C 391 -22.08 26.06 -5.97
CA ARG C 391 -23.19 25.77 -5.06
C ARG C 391 -23.46 26.92 -4.11
N ARG C 392 -23.32 28.16 -4.60
CA ARG C 392 -23.58 29.31 -3.76
C ARG C 392 -25.07 29.45 -3.49
N GLU C 393 -25.44 29.53 -2.21
CA GLU C 393 -26.82 29.71 -1.80
C GLU C 393 -26.88 30.84 -0.78
N VAL C 394 -27.82 31.76 -0.97
CA VAL C 394 -27.98 32.92 -0.12
C VAL C 394 -29.30 32.81 0.62
N THR C 395 -29.24 32.80 1.95
CA THR C 395 -30.45 32.73 2.76
C THR C 395 -31.16 34.08 2.83
N ASP C 396 -30.44 35.18 2.68
CA ASP C 396 -31.04 36.50 2.80
C ASP C 396 -32.14 36.67 1.75
N GLU C 397 -33.29 37.17 2.20
CA GLU C 397 -34.42 37.37 1.29
C GLU C 397 -34.15 38.53 0.34
N ASP C 398 -33.49 39.59 0.82
CA ASP C 398 -33.31 40.79 0.01
C ASP C 398 -32.48 40.49 -1.24
N THR C 399 -31.41 39.70 -1.09
CA THR C 399 -30.45 39.45 -2.16
C THR C 399 -30.23 37.95 -2.34
N ARG C 400 -31.33 37.19 -2.35
CA ARG C 400 -31.27 35.76 -2.64
C ARG C 400 -31.29 35.47 -4.13
N HIS C 401 -31.52 36.48 -4.97
CA HIS C 401 -31.61 36.24 -6.41
C HIS C 401 -30.29 35.74 -6.97
N LEU C 402 -29.17 36.30 -6.49
CA LEU C 402 -27.86 35.94 -7.02
C LEU C 402 -27.38 34.57 -6.59
N SER C 403 -28.20 33.80 -5.88
CA SER C 403 -27.81 32.45 -5.50
C SER C 403 -27.81 31.54 -6.73
N ARG C 404 -27.00 30.48 -6.65
CA ARG C 404 -26.83 29.54 -7.75
C ARG C 404 -27.39 28.16 -7.45
N LYS C 405 -27.73 27.87 -6.20
CA LYS C 405 -28.30 26.59 -5.81
C LYS C 405 -29.61 26.84 -5.07
N PHE C 406 -30.68 26.23 -5.55
CA PHE C 406 -32.00 26.37 -4.95
C PHE C 406 -32.49 25.01 -4.47
N LYS C 407 -33.48 25.04 -3.58
CA LYS C 407 -34.11 23.84 -3.07
C LYS C 407 -35.44 23.62 -3.76
N ASP C 408 -35.63 22.44 -4.34
CA ASP C 408 -36.85 22.13 -5.08
C ASP C 408 -37.91 21.53 -4.16
N TRP C 409 -37.62 20.40 -3.53
CA TRP C 409 -38.55 19.82 -2.57
C TRP C 409 -37.92 18.60 -1.90
N ALA C 410 -38.44 18.28 -0.72
CA ALA C 410 -37.97 17.14 0.05
C ALA C 410 -39.13 16.20 0.33
N TYR C 411 -38.95 14.93 -0.01
CA TYR C 411 -39.88 13.87 0.34
C TYR C 411 -39.11 12.83 1.14
N GLY C 412 -39.36 12.79 2.44
CA GLY C 412 -38.64 11.89 3.32
C GLY C 412 -37.14 12.07 3.19
N PRO C 413 -36.39 10.96 3.20
CA PRO C 413 -34.94 11.06 3.02
C PRO C 413 -34.53 11.63 1.68
N VAL C 414 -35.41 11.64 0.69
CA VAL C 414 -35.07 12.14 -0.64
C VAL C 414 -35.15 13.65 -0.65
N TYR C 415 -34.10 14.30 -1.15
CA TYR C 415 -34.05 15.75 -1.28
C TYR C 415 -33.69 16.09 -2.71
N SER C 416 -34.52 16.89 -3.37
CA SER C 416 -34.30 17.33 -4.74
C SER C 416 -34.02 18.82 -4.73
N SER C 417 -32.87 19.20 -5.29
CA SER C 417 -32.41 20.58 -5.33
C SER C 417 -32.14 20.99 -6.77
N LEU C 418 -32.34 22.26 -7.05
CA LEU C 418 -32.36 22.79 -8.41
C LEU C 418 -31.18 23.73 -8.60
N TYR C 419 -30.11 23.23 -9.21
CA TYR C 419 -28.94 24.03 -9.50
C TYR C 419 -29.20 24.94 -10.70
N ASP C 420 -28.34 25.95 -10.85
CA ASP C 420 -28.40 26.88 -11.96
C ASP C 420 -27.15 26.72 -12.82
N LEU C 421 -27.34 26.73 -14.13
CA LEU C 421 -26.24 26.58 -15.08
C LEU C 421 -26.39 27.58 -16.22
N SER C 422 -26.72 28.82 -15.89
CA SER C 422 -26.89 29.85 -16.91
C SER C 422 -25.62 30.04 -17.72
N SER C 423 -24.47 30.12 -17.05
CA SER C 423 -23.19 30.25 -17.72
C SER C 423 -22.34 28.99 -17.65
N LEU C 424 -22.77 27.97 -16.91
CA LEU C 424 -21.99 26.74 -16.82
C LEU C 424 -22.03 25.97 -18.12
N ASP C 425 -23.14 26.05 -18.87
CA ASP C 425 -23.26 25.40 -20.16
C ASP C 425 -23.78 26.43 -21.16
N THR C 426 -23.10 26.55 -22.29
CA THR C 426 -23.48 27.49 -23.33
C THR C 426 -23.51 26.77 -24.67
N CYS C 427 -24.55 27.05 -25.45
CA CYS C 427 -24.72 26.46 -26.78
C CYS C 427 -24.09 27.32 -27.86
N GLY C 428 -22.82 27.67 -27.68
CA GLY C 428 -22.09 28.49 -28.62
C GLY C 428 -22.27 29.98 -28.43
N GLU C 429 -23.22 30.41 -27.59
CA GLU C 429 -23.41 31.84 -27.36
C GLU C 429 -22.17 32.46 -26.72
N GLU C 430 -21.58 31.77 -25.75
CA GLU C 430 -20.38 32.26 -25.08
C GLU C 430 -19.59 31.05 -24.57
N ALA C 431 -18.34 31.32 -24.19
CA ALA C 431 -17.50 30.26 -23.65
C ALA C 431 -18.14 29.66 -22.40
N SER C 432 -18.01 28.34 -22.27
CA SER C 432 -18.60 27.60 -21.18
C SER C 432 -17.52 27.05 -20.25
N VAL C 433 -17.89 26.90 -18.98
CA VAL C 433 -16.94 26.38 -17.99
C VAL C 433 -16.53 24.97 -18.37
N LEU C 434 -17.47 24.18 -18.90
CA LEU C 434 -17.20 22.78 -19.18
C LEU C 434 -16.12 22.62 -20.25
N GLU C 435 -16.25 23.38 -21.35
CA GLU C 435 -15.27 23.29 -22.42
C GLU C 435 -13.89 23.71 -21.94
N ILE C 436 -13.82 24.81 -21.18
CA ILE C 436 -12.54 25.27 -20.67
C ILE C 436 -11.93 24.23 -19.75
N LEU C 437 -12.75 23.63 -18.88
CA LEU C 437 -12.25 22.65 -17.93
C LEU C 437 -11.73 21.41 -18.65
N VAL C 438 -12.39 21.00 -19.73
CA VAL C 438 -12.01 19.76 -20.40
C VAL C 438 -10.84 19.98 -21.35
N TYR C 439 -11.03 20.84 -22.35
CA TYR C 439 -10.06 20.93 -23.44
C TYR C 439 -8.73 21.49 -22.98
N ASN C 440 -8.73 22.45 -22.07
CA ASN C 440 -7.48 23.09 -21.67
C ASN C 440 -6.54 22.10 -21.02
N SER C 441 -5.25 22.32 -21.22
CA SER C 441 -4.19 21.45 -20.74
C SER C 441 -3.47 22.07 -19.56
N LYS C 442 -2.81 21.22 -18.78
CA LYS C 442 -1.99 21.66 -17.65
C LYS C 442 -2.85 22.30 -16.57
N ILE C 443 -3.88 21.57 -16.15
CA ILE C 443 -4.76 21.99 -15.06
C ILE C 443 -4.47 21.11 -13.85
N GLU C 444 -4.26 21.74 -12.69
CA GLU C 444 -3.78 21.01 -11.52
C GLU C 444 -4.78 19.95 -11.08
N ASN C 445 -6.06 20.31 -10.97
CA ASN C 445 -7.08 19.46 -10.39
C ASN C 445 -8.27 19.31 -11.32
N ARG C 446 -7.98 19.03 -12.59
CA ARG C 446 -9.06 18.86 -13.57
C ARG C 446 -9.97 17.70 -13.19
N HIS C 447 -9.37 16.56 -12.81
CA HIS C 447 -10.16 15.37 -12.50
C HIS C 447 -11.07 15.61 -11.30
N GLU C 448 -10.57 16.32 -10.28
CA GLU C 448 -11.39 16.58 -9.10
C GLU C 448 -12.50 17.57 -9.42
N MET C 449 -12.19 18.60 -10.21
CA MET C 449 -13.19 19.60 -10.56
C MET C 449 -14.27 19.02 -11.45
N LEU C 450 -13.95 17.99 -12.23
CA LEU C 450 -14.97 17.33 -13.04
C LEU C 450 -15.98 16.58 -12.18
N ALA C 451 -15.58 16.16 -10.97
CA ALA C 451 -16.45 15.37 -10.11
C ALA C 451 -17.16 16.30 -9.12
N VAL C 452 -18.13 17.04 -9.66
CA VAL C 452 -18.97 17.92 -8.87
C VAL C 452 -20.42 17.61 -9.18
N GLU C 453 -21.31 17.98 -8.26
CA GLU C 453 -22.69 17.51 -8.29
C GLU C 453 -23.39 17.77 -9.62
N PRO C 454 -23.33 18.97 -10.21
CA PRO C 454 -24.11 19.21 -11.43
C PRO C 454 -23.41 18.76 -12.69
N ILE C 455 -22.08 18.76 -12.69
CA ILE C 455 -21.32 18.43 -13.89
C ILE C 455 -21.61 17.00 -14.32
N ASN C 456 -21.54 16.07 -13.38
CA ASN C 456 -21.74 14.65 -13.72
C ASN C 456 -23.14 14.41 -14.25
N GLU C 457 -24.14 14.99 -13.58
CA GLU C 457 -25.52 14.80 -14.03
C GLU C 457 -25.76 15.41 -15.40
N LEU C 458 -25.18 16.60 -15.64
CA LEU C 458 -25.35 17.23 -16.94
C LEU C 458 -24.71 16.40 -18.04
N LEU C 459 -23.51 15.87 -17.79
CA LEU C 459 -22.87 15.02 -18.78
C LEU C 459 -23.69 13.76 -19.04
N ARG C 460 -24.23 13.16 -17.97
CA ARG C 460 -25.03 11.95 -18.12
C ARG C 460 -26.27 12.23 -18.97
N ASP C 461 -26.97 13.33 -18.66
CA ASP C 461 -28.19 13.66 -19.41
C ASP C 461 -27.86 13.97 -20.86
N LYS C 462 -26.78 14.72 -21.11
CA LYS C 462 -26.41 15.05 -22.48
C LYS C 462 -26.06 13.80 -23.26
N TRP C 463 -25.34 12.85 -22.63
CA TRP C 463 -25.00 11.61 -23.29
C TRP C 463 -26.24 10.79 -23.61
N ARG C 464 -27.18 10.70 -22.66
CA ARG C 464 -28.38 9.91 -22.90
C ARG C 464 -29.25 10.54 -23.99
N LYS C 465 -29.36 11.86 -23.99
CA LYS C 465 -30.32 12.51 -24.89
C LYS C 465 -29.96 12.26 -26.35
N PHE C 466 -28.72 12.55 -26.75
CA PHE C 466 -28.33 12.39 -28.14
C PHE C 466 -26.96 11.77 -28.36
N GLY C 467 -26.10 11.68 -27.34
CA GLY C 467 -24.74 11.23 -27.59
C GLY C 467 -24.66 9.81 -28.11
N ALA C 468 -25.39 8.89 -27.47
CA ALA C 468 -25.34 7.50 -27.89
C ALA C 468 -25.94 7.32 -29.27
N VAL C 469 -26.99 8.07 -29.60
CA VAL C 469 -27.65 7.92 -30.88
C VAL C 469 -26.68 8.23 -32.02
N SER C 470 -25.91 9.31 -31.88
CA SER C 470 -25.03 9.76 -32.95
C SER C 470 -23.68 9.07 -32.92
N PHE C 471 -23.23 8.58 -31.77
CA PHE C 471 -21.92 7.93 -31.69
C PHE C 471 -21.89 6.67 -32.56
N TYR C 472 -22.93 5.83 -32.46
CA TYR C 472 -22.97 4.61 -33.25
C TYR C 472 -23.13 4.92 -34.74
N ILE C 473 -23.91 5.95 -35.07
CA ILE C 473 -24.00 6.39 -36.46
C ILE C 473 -22.62 6.78 -36.96
N ASN C 474 -21.85 7.50 -36.13
CA ASN C 474 -20.48 7.86 -36.47
C ASN C 474 -19.65 6.63 -36.77
N VAL C 475 -19.69 5.65 -35.87
CA VAL C 475 -18.86 4.46 -36.02
C VAL C 475 -19.23 3.73 -37.31
N VAL C 476 -20.53 3.55 -37.54
CA VAL C 476 -20.98 2.81 -38.72
C VAL C 476 -20.54 3.51 -39.99
N SER C 477 -20.75 4.83 -40.06
CA SER C 477 -20.39 5.56 -41.27
C SER C 477 -18.88 5.48 -41.52
N TYR C 478 -18.08 5.68 -40.48
CA TYR C 478 -16.63 5.66 -40.67
C TYR C 478 -16.15 4.28 -41.11
N LEU C 479 -16.68 3.23 -40.48
CA LEU C 479 -16.27 1.88 -40.85
C LEU C 479 -16.69 1.55 -42.28
N CYS C 480 -17.89 1.98 -42.69
CA CYS C 480 -18.32 1.75 -44.07
C CYS C 480 -17.41 2.46 -45.04
N ALA C 481 -17.05 3.72 -44.74
CA ALA C 481 -16.14 4.45 -45.62
C ALA C 481 -14.78 3.76 -45.71
N MET C 482 -14.28 3.25 -44.58
CA MET C 482 -12.99 2.56 -44.60
C MET C 482 -13.06 1.28 -45.41
N VAL C 483 -14.17 0.54 -45.29
CA VAL C 483 -14.32 -0.68 -46.09
C VAL C 483 -14.35 -0.34 -47.57
N ILE C 484 -15.07 0.72 -47.93
CA ILE C 484 -15.11 1.14 -49.34
C ILE C 484 -13.72 1.51 -49.81
N PHE C 485 -12.97 2.23 -48.98
CA PHE C 485 -11.62 2.63 -49.36
C PHE C 485 -10.73 1.41 -49.56
N THR C 486 -10.84 0.42 -48.67
CA THR C 486 -10.04 -0.79 -48.79
C THR C 486 -10.37 -1.54 -50.08
N LEU C 487 -11.67 -1.67 -50.38
CA LEU C 487 -12.05 -2.35 -51.61
C LEU C 487 -11.54 -1.61 -52.83
N THR C 488 -11.61 -0.27 -52.81
CA THR C 488 -11.07 0.51 -53.92
C THR C 488 -9.57 0.28 -54.06
N ALA C 489 -8.85 0.24 -52.93
CA ALA C 489 -7.41 0.05 -52.99
C ALA C 489 -7.04 -1.31 -53.55
N TYR C 490 -7.76 -2.35 -53.13
CA TYR C 490 -7.44 -3.70 -53.60
C TYR C 490 -7.62 -3.80 -55.11
N TYR C 491 -8.79 -3.40 -55.62
CA TYR C 491 -9.10 -3.51 -57.04
C TYR C 491 -8.54 -2.30 -57.77
N GLN C 492 -7.21 -2.20 -57.77
CA GLN C 492 -6.51 -1.11 -58.43
C GLN C 492 -5.76 -1.66 -59.64
N PRO C 493 -6.09 -1.23 -60.86
CA PRO C 493 -5.41 -1.79 -62.04
C PRO C 493 -3.98 -1.32 -62.17
N LEU C 494 -3.01 -2.21 -61.89
CA LEU C 494 -1.61 -1.84 -62.06
C LEU C 494 -1.29 -1.56 -63.51
N GLU C 495 -1.80 -2.39 -64.43
CA GLU C 495 -1.55 -2.20 -65.84
C GLU C 495 -2.17 -0.88 -66.32
N GLY C 496 -1.50 -0.23 -67.25
CA GLY C 496 -1.96 1.03 -67.80
C GLY C 496 -1.45 2.23 -67.03
N THR C 497 -1.42 3.36 -67.73
CA THR C 497 -0.97 4.61 -67.12
C THR C 497 -2.16 5.35 -66.52
N PRO C 498 -2.16 5.66 -65.23
CA PRO C 498 -3.23 6.49 -64.67
C PRO C 498 -3.25 7.86 -65.32
N PRO C 499 -4.43 8.47 -65.52
CA PRO C 499 -5.77 7.94 -65.24
C PRO C 499 -6.20 6.89 -66.25
N TYR C 500 -7.20 6.07 -65.92
CA TYR C 500 -7.66 5.01 -66.81
C TYR C 500 -9.03 5.35 -67.38
N PRO C 501 -9.35 4.87 -68.58
CA PRO C 501 -10.70 5.06 -69.10
C PRO C 501 -11.68 4.14 -68.39
N TYR C 502 -12.91 4.63 -68.21
CA TYR C 502 -13.97 3.92 -67.52
C TYR C 502 -15.10 3.66 -68.49
N ARG C 503 -15.24 2.41 -68.93
CA ARG C 503 -16.22 2.06 -69.95
C ARG C 503 -17.08 0.86 -69.54
N THR C 504 -16.53 0.00 -68.69
CA THR C 504 -17.18 -1.26 -68.37
C THR C 504 -18.15 -1.09 -67.19
N THR C 505 -18.90 -2.16 -66.93
CA THR C 505 -19.88 -2.13 -65.83
C THR C 505 -19.20 -1.95 -64.49
N VAL C 506 -18.10 -2.66 -64.27
CA VAL C 506 -17.37 -2.55 -63.00
C VAL C 506 -16.85 -1.14 -62.78
N ASP C 507 -16.67 -0.37 -63.86
CA ASP C 507 -16.18 1.00 -63.72
C ASP C 507 -17.16 1.85 -62.94
N TYR C 508 -18.45 1.66 -63.16
CA TYR C 508 -19.47 2.41 -62.41
C TYR C 508 -19.20 2.29 -60.91
N LEU C 509 -18.96 1.07 -60.44
CA LEU C 509 -18.74 0.86 -59.00
C LEU C 509 -17.36 1.31 -58.58
N ARG C 510 -16.34 1.13 -59.42
CA ARG C 510 -14.97 1.42 -59.01
C ARG C 510 -14.75 2.92 -58.88
N LEU C 511 -15.29 3.71 -59.80
CA LEU C 511 -15.06 5.16 -59.75
C LEU C 511 -15.71 5.77 -58.51
N ALA C 512 -16.87 5.24 -58.11
CA ALA C 512 -17.59 5.79 -56.98
C ALA C 512 -16.75 5.70 -55.71
N GLY C 513 -16.02 4.61 -55.53
CA GLY C 513 -15.20 4.47 -54.34
C GLY C 513 -14.13 5.55 -54.25
N GLU C 514 -13.42 5.79 -55.35
CA GLU C 514 -12.40 6.84 -55.35
C GLU C 514 -13.03 8.21 -55.09
N VAL C 515 -14.15 8.51 -55.75
CA VAL C 515 -14.78 9.80 -55.57
C VAL C 515 -15.20 9.98 -54.11
N ILE C 516 -15.81 8.94 -53.53
CA ILE C 516 -16.28 9.03 -52.15
C ILE C 516 -15.11 9.21 -51.19
N THR C 517 -14.03 8.47 -51.40
CA THR C 517 -12.87 8.59 -50.51
C THR C 517 -12.27 9.99 -50.60
N LEU C 518 -12.12 10.52 -51.81
CA LEU C 518 -11.56 11.87 -51.94
C LEU C 518 -12.46 12.91 -51.28
N PHE C 519 -13.78 12.81 -51.49
CA PHE C 519 -14.68 13.76 -50.86
C PHE C 519 -14.66 13.62 -49.35
N THR C 520 -14.53 12.40 -48.84
CA THR C 520 -14.45 12.20 -47.39
C THR C 520 -13.18 12.82 -46.84
N GLY C 521 -12.06 12.68 -47.55
CA GLY C 521 -10.83 13.32 -47.09
C GLY C 521 -10.95 14.84 -47.07
N VAL C 522 -11.55 15.41 -48.12
CA VAL C 522 -11.75 16.85 -48.17
C VAL C 522 -12.66 17.29 -47.03
N LEU C 523 -13.70 16.51 -46.75
CA LEU C 523 -14.59 16.83 -45.65
C LEU C 523 -13.86 16.78 -44.32
N PHE C 524 -12.98 15.80 -44.14
CA PHE C 524 -12.19 15.72 -42.92
C PHE C 524 -11.30 16.94 -42.77
N PHE C 525 -10.67 17.37 -43.86
CA PHE C 525 -9.82 18.56 -43.81
C PHE C 525 -10.62 19.80 -43.43
N PHE C 526 -11.79 19.96 -44.06
CA PHE C 526 -12.63 21.12 -43.75
C PHE C 526 -13.10 21.07 -42.30
N THR C 527 -13.47 19.90 -41.81
CA THR C 527 -13.91 19.77 -40.43
C THR C 527 -12.77 20.11 -39.48
N ASN C 528 -11.56 19.78 -39.86
CA ASN C 528 -10.43 19.99 -39.00
C ASN C 528 -9.88 21.37 -39.00
N ILE C 529 -10.14 22.11 -40.03
CA ILE C 529 -9.84 23.55 -40.04
C ILE C 529 -10.95 24.32 -39.33
N LYS C 530 -12.21 23.92 -39.54
CA LYS C 530 -13.31 24.56 -38.84
C LYS C 530 -13.17 24.39 -37.32
N ASP C 531 -12.75 23.21 -36.90
CA ASP C 531 -12.59 22.94 -35.48
C ASP C 531 -11.44 23.74 -34.92
N LEU C 532 -10.36 23.84 -35.68
CA LEU C 532 -9.20 24.61 -35.23
C LEU C 532 -9.56 26.07 -35.03
N PHE C 533 -10.33 26.65 -35.97
CA PHE C 533 -10.76 28.03 -35.81
C PHE C 533 -11.87 28.17 -34.77
N MET C 534 -12.64 27.11 -34.50
CA MET C 534 -13.72 27.18 -33.54
C MET C 534 -13.19 27.40 -32.13
N LYS C 535 -12.10 26.72 -31.78
CA LYS C 535 -11.49 26.84 -30.47
C LYS C 535 -10.53 28.02 -30.38
N LYS C 536 -10.67 28.99 -31.28
CA LYS C 536 -9.83 30.19 -31.29
C LYS C 536 -8.36 29.81 -31.52
N CYS C 537 -8.14 28.93 -32.49
CA CYS C 537 -6.81 28.53 -32.91
C CYS C 537 -5.97 28.06 -31.73
N PRO C 538 -6.26 26.88 -31.18
CA PRO C 538 -5.39 26.33 -30.13
C PRO C 538 -3.98 26.11 -30.66
N GLY C 539 -3.00 26.30 -29.79
CA GLY C 539 -1.61 26.23 -30.17
C GLY C 539 -1.11 24.80 -30.27
N VAL C 540 0.23 24.67 -30.27
CA VAL C 540 0.85 23.36 -30.42
C VAL C 540 0.45 22.45 -29.27
N ASN C 541 0.44 22.97 -28.04
CA ASN C 541 0.17 22.13 -26.88
C ASN C 541 -1.16 21.39 -27.02
N SER C 542 -2.15 22.03 -27.63
CA SER C 542 -3.46 21.39 -27.78
C SER C 542 -3.39 20.22 -28.76
N LEU C 543 -2.61 20.37 -29.84
CA LEU C 543 -2.60 19.37 -30.90
C LEU C 543 -1.55 18.29 -30.69
N PHE C 544 -0.28 18.69 -30.52
CA PHE C 544 0.81 17.73 -30.55
C PHE C 544 0.81 16.84 -29.30
N ILE C 545 0.83 17.45 -28.12
CA ILE C 545 1.05 16.69 -26.89
C ILE C 545 -0.09 15.71 -26.65
N ASP C 546 -1.33 16.21 -26.72
CA ASP C 546 -2.51 15.40 -26.43
C ASP C 546 -3.52 15.55 -27.57
N GLY C 547 -4.52 14.68 -27.55
CA GLY C 547 -5.50 14.65 -28.63
C GLY C 547 -4.84 14.35 -29.95
N SER C 548 -3.97 13.33 -29.95
CA SER C 548 -3.19 13.02 -31.15
C SER C 548 -4.09 12.80 -32.37
N PHE C 549 -5.28 12.22 -32.16
CA PHE C 549 -6.16 11.94 -33.28
C PHE C 549 -6.61 13.20 -33.99
N GLN C 550 -6.59 14.35 -33.31
CA GLN C 550 -6.93 15.60 -33.98
C GLN C 550 -5.90 15.96 -35.04
N LEU C 551 -4.65 15.54 -34.84
CA LEU C 551 -3.60 15.78 -35.82
C LEU C 551 -3.56 14.69 -36.89
N LEU C 552 -3.77 13.44 -36.51
CA LEU C 552 -3.61 12.33 -37.46
C LEU C 552 -4.56 12.49 -38.63
N TYR C 553 -5.83 12.81 -38.37
CA TYR C 553 -6.77 12.97 -39.46
C TYR C 553 -6.36 14.10 -40.40
N PHE C 554 -5.60 15.08 -39.90
CA PHE C 554 -5.04 16.09 -40.79
C PHE C 554 -4.05 15.46 -41.76
N ILE C 555 -3.15 14.62 -41.24
CA ILE C 555 -2.23 13.89 -42.10
C ILE C 555 -3.01 13.02 -43.08
N TYR C 556 -3.96 12.25 -42.58
CA TYR C 556 -4.85 11.48 -43.46
C TYR C 556 -5.54 12.40 -44.45
N SER C 557 -5.86 13.63 -44.02
CA SER C 557 -6.48 14.58 -44.94
C SER C 557 -5.54 14.93 -46.07
N VAL C 558 -4.25 15.09 -45.77
CA VAL C 558 -3.28 15.48 -46.78
C VAL C 558 -3.07 14.35 -47.80
N LEU C 559 -2.57 13.21 -47.32
CA LEU C 559 -2.14 12.16 -48.22
C LEU C 559 -3.24 11.80 -49.22
N VAL C 560 -4.47 11.63 -48.73
CA VAL C 560 -5.56 11.18 -49.58
C VAL C 560 -5.73 12.12 -50.76
N ILE C 561 -5.64 13.43 -50.52
CA ILE C 561 -5.77 14.36 -51.63
C ILE C 561 -4.46 14.45 -52.41
N VAL C 562 -3.32 14.34 -51.73
CA VAL C 562 -2.04 14.40 -52.42
C VAL C 562 -2.00 13.35 -53.51
N SER C 563 -2.35 12.10 -53.15
CA SER C 563 -2.37 11.03 -54.13
C SER C 563 -3.18 11.43 -55.37
N ALA C 564 -4.34 12.07 -55.15
CA ALA C 564 -5.17 12.48 -56.27
C ALA C 564 -4.36 13.28 -57.28
N ALA C 565 -3.60 14.27 -56.81
CA ALA C 565 -2.77 15.04 -57.71
C ALA C 565 -1.87 14.12 -58.52
N LEU C 566 -1.15 13.23 -57.83
CA LEU C 566 -0.30 12.28 -58.54
C LEU C 566 -1.13 11.45 -59.50
N TYR C 567 -2.30 10.99 -59.06
CA TYR C 567 -3.14 10.16 -59.91
C TYR C 567 -3.47 10.86 -61.23
N LEU C 568 -3.43 12.19 -61.25
CA LEU C 568 -3.68 12.92 -62.47
C LEU C 568 -2.41 13.11 -63.30
N ALA C 569 -1.27 13.36 -62.65
CA ALA C 569 0.00 13.56 -63.35
C ALA C 569 1.04 12.52 -62.96
N GLY C 570 1.33 12.38 -61.67
CA GLY C 570 2.31 11.39 -61.22
C GLY C 570 1.69 10.02 -61.15
N ILE C 571 1.33 9.46 -62.30
CA ILE C 571 0.52 8.26 -62.36
C ILE C 571 1.26 7.08 -61.73
N GLU C 572 2.57 7.01 -61.92
CA GLU C 572 3.31 5.79 -61.57
C GLU C 572 3.25 5.50 -60.08
N ALA C 573 3.45 6.51 -59.24
CA ALA C 573 3.74 6.29 -57.82
C ALA C 573 2.65 6.85 -56.91
N TYR C 574 1.39 6.84 -57.34
CA TYR C 574 0.32 7.26 -56.45
C TYR C 574 -0.03 6.17 -55.44
N LEU C 575 0.14 4.90 -55.82
CA LEU C 575 -0.14 3.81 -54.89
C LEU C 575 0.73 3.89 -53.65
N ALA C 576 1.99 4.31 -53.81
CA ALA C 576 2.93 4.30 -52.69
C ALA C 576 2.39 5.12 -51.52
N VAL C 577 1.80 6.28 -51.81
CA VAL C 577 1.27 7.12 -50.74
C VAL C 577 -0.20 6.80 -50.44
N MET C 578 -0.95 6.33 -51.43
CA MET C 578 -2.34 5.96 -51.19
C MET C 578 -2.43 4.82 -50.19
N VAL C 579 -1.56 3.82 -50.31
CA VAL C 579 -1.57 2.70 -49.39
C VAL C 579 -1.21 3.15 -47.98
N PHE C 580 -0.25 4.07 -47.87
CA PHE C 580 0.13 4.58 -46.56
C PHE C 580 -1.02 5.37 -45.93
N ALA C 581 -1.74 6.14 -46.75
CA ALA C 581 -2.93 6.84 -46.25
C ALA C 581 -3.97 5.85 -45.76
N LEU C 582 -4.19 4.77 -46.51
CA LEU C 582 -5.14 3.75 -46.07
C LEU C 582 -4.73 3.13 -44.75
N VAL C 583 -3.44 2.81 -44.61
CA VAL C 583 -2.95 2.22 -43.36
C VAL C 583 -3.17 3.17 -42.20
N LEU C 584 -2.84 4.45 -42.40
CA LEU C 584 -3.01 5.43 -41.33
C LEU C 584 -4.48 5.57 -40.96
N GLY C 585 -5.36 5.60 -41.96
CA GLY C 585 -6.78 5.71 -41.68
C GLY C 585 -7.30 4.52 -40.89
N TRP C 586 -6.87 3.32 -41.25
CA TRP C 586 -7.28 2.13 -40.49
C TRP C 586 -6.72 2.19 -39.07
N MET C 587 -5.48 2.66 -38.92
CA MET C 587 -4.83 2.65 -37.61
C MET C 587 -5.37 3.73 -36.68
N ASN C 588 -5.94 4.80 -37.22
CA ASN C 588 -6.40 5.93 -36.42
C ASN C 588 -7.91 5.86 -36.16
N ALA C 589 -8.46 4.66 -36.00
CA ALA C 589 -9.86 4.49 -35.65
C ALA C 589 -10.09 4.33 -34.16
N LEU C 590 -9.02 4.40 -33.34
CA LEU C 590 -9.17 4.29 -31.90
C LEU C 590 -9.85 5.49 -31.28
N TYR C 591 -9.99 6.60 -32.01
CA TYR C 591 -10.73 7.73 -31.50
C TYR C 591 -12.16 7.34 -31.18
N PHE C 592 -12.77 6.52 -32.03
CA PHE C 592 -14.13 6.05 -31.78
C PHE C 592 -14.18 5.02 -30.66
N THR C 593 -13.10 4.29 -30.43
CA THR C 593 -13.06 3.34 -29.32
C THR C 593 -12.83 4.04 -27.98
N ARG C 594 -12.31 5.28 -28.00
CA ARG C 594 -12.13 6.02 -26.77
C ARG C 594 -13.41 6.06 -25.96
N GLY C 595 -14.56 6.22 -26.63
CA GLY C 595 -15.81 6.39 -25.92
C GLY C 595 -16.22 5.18 -25.12
N LEU C 596 -16.04 3.99 -25.69
CA LEU C 596 -16.52 2.77 -25.04
C LEU C 596 -15.89 2.61 -23.67
N LYS C 597 -16.72 2.30 -22.68
CA LYS C 597 -16.22 2.15 -21.31
C LYS C 597 -15.30 0.94 -21.18
N LEU C 598 -15.64 -0.17 -21.83
CA LEU C 598 -14.85 -1.38 -21.68
C LEU C 598 -13.45 -1.21 -22.26
N THR C 599 -13.33 -0.51 -23.39
CA THR C 599 -12.05 -0.31 -24.06
C THR C 599 -11.65 1.16 -24.13
N GLY C 600 -12.22 2.00 -23.28
CA GLY C 600 -11.88 3.41 -23.32
C GLY C 600 -10.44 3.69 -22.95
N THR C 601 -9.93 3.03 -21.91
CA THR C 601 -8.57 3.29 -21.45
C THR C 601 -7.56 2.88 -22.51
N TYR C 602 -7.78 1.74 -23.17
CA TYR C 602 -6.76 1.12 -24.01
C TYR C 602 -6.16 2.12 -24.99
N SER C 603 -7.00 2.85 -25.71
CA SER C 603 -6.50 3.78 -26.72
C SER C 603 -5.68 4.88 -26.08
N ILE C 604 -6.16 5.46 -24.98
CA ILE C 604 -5.43 6.56 -24.33
C ILE C 604 -4.07 6.07 -23.86
N MET C 605 -4.03 4.88 -23.24
CA MET C 605 -2.77 4.41 -22.67
C MET C 605 -1.80 3.93 -23.74
N ILE C 606 -2.30 3.39 -24.86
CA ILE C 606 -1.39 3.03 -25.94
C ILE C 606 -0.81 4.27 -26.59
N GLN C 607 -1.63 5.32 -26.76
CA GLN C 607 -1.09 6.57 -27.29
C GLN C 607 -0.07 7.18 -26.33
N LYS C 608 -0.35 7.09 -25.02
CA LYS C 608 0.55 7.67 -24.03
C LYS C 608 1.88 6.92 -23.99
N ILE C 609 1.84 5.59 -23.90
CA ILE C 609 3.06 4.80 -23.77
C ILE C 609 3.89 4.88 -25.04
N LEU C 610 3.24 4.90 -26.19
CA LEU C 610 3.97 4.83 -27.46
C LEU C 610 4.95 5.99 -27.61
N PHE C 611 4.47 7.22 -27.41
CA PHE C 611 5.30 8.38 -27.67
C PHE C 611 6.30 8.66 -26.55
N LYS C 612 5.98 8.29 -25.31
CA LYS C 612 6.79 8.66 -24.16
C LYS C 612 7.74 7.56 -23.71
N ASP C 613 7.24 6.35 -23.47
CA ASP C 613 8.11 5.27 -23.00
C ASP C 613 8.90 4.66 -24.14
N LEU C 614 8.22 4.28 -25.22
CA LEU C 614 8.90 3.57 -26.30
C LEU C 614 9.97 4.43 -26.96
N PHE C 615 9.70 5.72 -27.15
CA PHE C 615 10.70 6.59 -27.76
C PHE C 615 11.90 6.82 -26.84
N ARG C 616 11.64 7.00 -25.55
CA ARG C 616 12.74 7.17 -24.60
C ARG C 616 13.63 5.94 -24.58
N PHE C 617 13.02 4.75 -24.60
CA PHE C 617 13.80 3.51 -24.70
C PHE C 617 14.49 3.39 -26.06
N LEU C 618 13.82 3.85 -27.12
CA LEU C 618 14.34 3.71 -28.47
C LEU C 618 15.56 4.59 -28.68
N LEU C 619 15.68 5.68 -27.94
CA LEU C 619 16.92 6.47 -28.00
C LEU C 619 18.13 5.59 -27.66
N VAL C 620 18.08 4.93 -26.51
CA VAL C 620 19.17 4.05 -26.10
C VAL C 620 19.32 2.88 -27.06
N TYR C 621 18.19 2.29 -27.47
CA TYR C 621 18.26 1.18 -28.41
C TYR C 621 18.94 1.59 -29.71
N LEU C 622 18.68 2.82 -30.18
CA LEU C 622 19.28 3.30 -31.41
C LEU C 622 20.76 3.57 -31.22
N LEU C 623 21.15 4.07 -30.04
CA LEU C 623 22.58 4.18 -29.75
C LEU C 623 23.25 2.82 -29.92
N PHE C 624 22.68 1.78 -29.29
CA PHE C 624 23.25 0.43 -29.41
C PHE C 624 23.27 -0.02 -30.86
N MET C 625 22.15 0.17 -31.57
CA MET C 625 22.05 -0.28 -32.95
C MET C 625 23.11 0.38 -33.81
N ILE C 626 23.23 1.71 -33.73
CA ILE C 626 24.19 2.43 -34.55
C ILE C 626 25.59 1.94 -34.25
N GLY C 627 25.96 1.87 -32.96
CA GLY C 627 27.30 1.45 -32.62
C GLY C 627 27.63 0.07 -33.15
N TYR C 628 26.78 -0.91 -32.84
CA TYR C 628 27.07 -2.29 -33.24
C TYR C 628 27.05 -2.45 -34.75
N ALA C 629 26.06 -1.86 -35.43
CA ALA C 629 25.97 -2.00 -36.87
C ALA C 629 27.19 -1.39 -37.56
N SER C 630 27.59 -0.19 -37.12
CA SER C 630 28.79 0.43 -37.70
C SER C 630 30.01 -0.43 -37.46
N ALA C 631 30.16 -0.97 -36.24
CA ALA C 631 31.30 -1.82 -35.94
C ALA C 631 31.34 -3.03 -36.86
N LEU C 632 30.21 -3.74 -36.98
CA LEU C 632 30.18 -4.96 -37.79
C LEU C 632 30.43 -4.65 -39.26
N VAL C 633 29.85 -3.55 -39.77
CA VAL C 633 30.07 -3.18 -41.16
C VAL C 633 31.54 -2.89 -41.40
N SER C 634 32.18 -2.16 -40.48
CA SER C 634 33.59 -1.84 -40.65
C SER C 634 34.45 -3.09 -40.61
N LEU C 635 34.12 -4.04 -39.72
CA LEU C 635 35.00 -5.18 -39.49
C LEU C 635 35.13 -6.05 -40.73
N LEU C 636 34.03 -6.30 -41.43
CA LEU C 636 34.04 -7.29 -42.50
C LEU C 636 34.95 -6.85 -43.66
N ASN C 637 35.55 -7.84 -44.30
CA ASN C 637 36.41 -7.63 -45.46
C ASN C 637 35.74 -8.18 -46.70
N PRO C 638 35.38 -7.35 -47.69
CA PRO C 638 34.76 -7.90 -48.90
C PRO C 638 35.70 -8.75 -49.73
N CYS C 639 37.00 -8.46 -49.70
CA CYS C 639 37.98 -9.19 -50.50
C CYS C 639 39.30 -9.30 -49.76
N ASP C 662 30.04 0.09 -52.36
CA ASP C 662 29.99 -0.44 -51.00
C ASP C 662 28.62 -0.19 -50.38
N SER C 663 27.85 0.74 -50.96
CA SER C 663 26.54 1.05 -50.42
C SER C 663 25.61 -0.16 -50.49
N GLU C 664 25.63 -0.89 -51.60
CA GLU C 664 24.79 -2.07 -51.73
C GLU C 664 25.16 -3.13 -50.71
N THR C 665 26.47 -3.36 -50.51
CA THR C 665 26.90 -4.33 -49.52
C THR C 665 26.45 -3.94 -48.12
N PHE C 666 26.58 -2.65 -47.78
CA PHE C 666 26.16 -2.17 -46.48
C PHE C 666 24.65 -2.35 -46.30
N SER C 667 23.87 -2.04 -47.33
CA SER C 667 22.42 -2.20 -47.24
C SER C 667 22.04 -3.67 -47.05
N THR C 668 22.69 -4.56 -47.81
CA THR C 668 22.39 -5.99 -47.67
C THR C 668 22.76 -6.50 -46.29
N PHE C 669 23.91 -6.07 -45.77
CA PHE C 669 24.30 -6.47 -44.42
C PHE C 669 23.30 -5.95 -43.39
N LEU C 670 22.84 -4.72 -43.56
CA LEU C 670 21.87 -4.17 -42.62
C LEU C 670 20.56 -4.93 -42.67
N LEU C 671 20.14 -5.33 -43.88
CA LEU C 671 18.94 -6.16 -44.00
C LEU C 671 19.12 -7.49 -43.28
N ASP C 672 20.27 -8.13 -43.48
CA ASP C 672 20.53 -9.42 -42.83
C ASP C 672 20.54 -9.26 -41.31
N LEU C 673 21.17 -8.19 -40.82
CA LEU C 673 21.25 -7.97 -39.39
C LEU C 673 19.88 -7.68 -38.79
N PHE C 674 19.02 -6.94 -39.51
CA PHE C 674 17.67 -6.71 -39.01
C PHE C 674 16.88 -8.02 -38.97
N LYS C 675 17.00 -8.83 -40.02
CA LYS C 675 16.33 -10.13 -40.03
C LYS C 675 16.77 -10.98 -38.85
N LEU C 676 18.07 -10.93 -38.53
CA LEU C 676 18.55 -11.58 -37.32
C LEU C 676 17.94 -10.96 -36.07
N THR C 677 17.85 -9.63 -36.04
CA THR C 677 17.35 -8.94 -34.86
C THR C 677 15.93 -9.39 -34.53
N ILE C 678 15.11 -9.66 -35.55
CA ILE C 678 13.78 -10.17 -35.29
C ILE C 678 13.85 -11.48 -34.53
N GLY C 679 14.74 -12.38 -34.94
CA GLY C 679 14.87 -13.67 -34.30
C GLY C 679 14.90 -14.81 -35.30
N MET C 680 14.92 -14.47 -36.59
CA MET C 680 14.97 -15.43 -37.67
C MET C 680 16.22 -15.17 -38.51
N GLY C 681 16.33 -15.89 -39.62
CA GLY C 681 17.50 -15.78 -40.47
C GLY C 681 18.60 -16.75 -40.07
N ASP C 682 19.74 -16.58 -40.72
CA ASP C 682 20.90 -17.45 -40.52
C ASP C 682 22.15 -16.60 -40.33
N LEU C 683 23.10 -17.16 -39.59
CA LEU C 683 24.37 -16.49 -39.29
C LEU C 683 25.42 -17.06 -40.25
N GLU C 684 25.49 -16.47 -41.45
CA GLU C 684 26.44 -16.88 -42.48
C GLU C 684 27.51 -15.84 -42.76
N MET C 685 27.36 -14.62 -42.25
CA MET C 685 28.30 -13.55 -42.58
C MET C 685 29.69 -13.84 -42.07
N LEU C 686 29.82 -14.59 -40.98
CA LEU C 686 31.14 -14.78 -40.35
C LEU C 686 32.13 -15.48 -41.28
N SER C 687 31.64 -16.23 -42.27
CA SER C 687 32.54 -17.03 -43.09
C SER C 687 33.50 -16.14 -43.87
N SER C 688 32.99 -15.06 -44.48
CA SER C 688 33.83 -14.23 -45.34
C SER C 688 34.75 -13.32 -44.54
N THR C 689 34.27 -12.80 -43.41
CA THR C 689 35.03 -11.83 -42.65
C THR C 689 36.22 -12.47 -41.95
N LYS C 690 37.22 -11.65 -41.66
CA LYS C 690 38.37 -12.06 -40.87
C LYS C 690 38.13 -11.75 -39.40
N TYR C 691 38.87 -12.43 -38.53
CA TYR C 691 38.67 -12.34 -37.10
C TYR C 691 37.25 -12.76 -36.75
N PRO C 692 36.80 -13.94 -37.20
CA PRO C 692 35.42 -14.35 -36.92
C PRO C 692 35.09 -14.45 -35.44
N VAL C 693 36.05 -14.82 -34.61
CA VAL C 693 35.77 -15.05 -33.19
C VAL C 693 35.31 -13.76 -32.52
N VAL C 694 36.01 -12.66 -32.78
CA VAL C 694 35.59 -11.38 -32.20
C VAL C 694 34.25 -10.97 -32.76
N PHE C 695 33.99 -11.28 -34.04
CA PHE C 695 32.69 -10.97 -34.62
C PHE C 695 31.57 -11.68 -33.87
N ILE C 696 31.77 -12.97 -33.57
CA ILE C 696 30.76 -13.72 -32.84
C ILE C 696 30.63 -13.19 -31.42
N ILE C 697 31.74 -12.82 -30.79
CA ILE C 697 31.67 -12.26 -29.45
C ILE C 697 30.82 -11.00 -29.44
N LEU C 698 31.06 -10.12 -30.43
CA LEU C 698 30.30 -8.88 -30.51
C LEU C 698 28.83 -9.13 -30.79
N LEU C 699 28.53 -10.09 -31.68
CA LEU C 699 27.13 -10.45 -31.93
C LEU C 699 26.47 -10.97 -30.65
N VAL C 700 27.20 -11.76 -29.88
CA VAL C 700 26.64 -12.31 -28.64
C VAL C 700 26.37 -11.20 -27.65
N THR C 701 27.29 -10.25 -27.53
CA THR C 701 27.04 -9.12 -26.63
C THR C 701 25.83 -8.34 -27.09
N TYR C 702 25.71 -8.10 -28.40
CA TYR C 702 24.56 -7.41 -28.95
C TYR C 702 23.27 -8.12 -28.56
N ILE C 703 23.19 -9.42 -28.85
CA ILE C 703 21.98 -10.18 -28.58
C ILE C 703 21.68 -10.17 -27.09
N ILE C 704 22.67 -10.51 -26.27
CA ILE C 704 22.48 -10.54 -24.83
C ILE C 704 21.91 -9.21 -24.36
N LEU C 705 22.69 -8.14 -24.52
CA LEU C 705 22.25 -6.84 -24.02
C LEU C 705 20.83 -6.57 -24.49
N THR C 706 20.65 -6.40 -25.80
CA THR C 706 19.34 -5.96 -26.27
C THR C 706 18.26 -6.93 -25.82
N PHE C 707 18.26 -8.15 -26.36
CA PHE C 707 17.14 -9.05 -26.14
C PHE C 707 16.92 -9.34 -24.66
N VAL C 708 17.96 -9.80 -23.96
CA VAL C 708 17.77 -10.25 -22.60
C VAL C 708 17.40 -9.08 -21.70
N LEU C 709 18.21 -8.02 -21.69
CA LEU C 709 17.97 -6.96 -20.72
C LEU C 709 16.92 -5.97 -21.23
N LEU C 710 17.20 -5.28 -22.34
CA LEU C 710 16.41 -4.11 -22.69
C LEU C 710 15.02 -4.51 -23.20
N LEU C 711 14.97 -5.51 -24.07
CA LEU C 711 13.72 -5.87 -24.74
C LEU C 711 12.59 -6.09 -23.73
N ASN C 712 12.90 -6.70 -22.59
CA ASN C 712 11.90 -7.00 -21.58
C ASN C 712 12.09 -6.21 -20.29
N MET C 713 13.08 -5.33 -20.22
CA MET C 713 13.17 -4.38 -19.13
C MET C 713 12.41 -3.10 -19.43
N LEU C 714 12.24 -2.77 -20.72
CA LEU C 714 11.26 -1.77 -21.09
C LEU C 714 9.89 -2.16 -20.55
N ILE C 715 9.62 -3.47 -20.53
CA ILE C 715 8.34 -3.94 -20.05
C ILE C 715 8.10 -3.56 -18.59
N ALA C 716 9.18 -3.40 -17.83
CA ALA C 716 9.04 -3.02 -16.43
C ALA C 716 8.32 -1.69 -16.30
N LEU C 717 8.90 -0.62 -16.86
CA LEU C 717 8.26 0.69 -16.77
C LEU C 717 7.00 0.76 -17.61
N MET C 718 6.90 -0.05 -18.67
CA MET C 718 5.63 -0.11 -19.40
C MET C 718 4.51 -0.63 -18.52
N GLY C 719 4.78 -1.69 -17.77
CA GLY C 719 3.80 -2.22 -16.83
C GLY C 719 3.52 -1.25 -15.70
N GLU C 720 4.54 -0.50 -15.27
CA GLU C 720 4.31 0.54 -14.27
C GLU C 720 3.39 1.65 -14.80
N THR C 721 3.58 2.03 -16.06
CA THR C 721 2.69 3.01 -16.67
C THR C 721 1.26 2.47 -16.75
N VAL C 722 1.11 1.23 -17.20
CA VAL C 722 -0.21 0.61 -17.23
C VAL C 722 -0.76 0.47 -15.82
N GLY C 723 0.11 0.33 -14.83
CA GLY C 723 -0.34 0.31 -13.45
C GLY C 723 -0.90 1.64 -12.99
N GLN C 724 -0.22 2.73 -13.35
CA GLN C 724 -0.79 4.05 -13.08
C GLN C 724 -2.14 4.20 -13.75
N VAL C 725 -2.23 3.76 -15.01
CA VAL C 725 -3.50 3.86 -15.73
C VAL C 725 -4.56 2.98 -15.07
N SER C 726 -4.16 1.81 -14.55
CA SER C 726 -5.12 0.96 -13.85
C SER C 726 -5.61 1.62 -12.57
N LYS C 727 -4.69 2.28 -11.84
CA LYS C 727 -5.07 2.97 -10.62
C LYS C 727 -6.00 4.15 -10.91
N GLU C 728 -5.87 4.76 -12.08
CA GLU C 728 -6.68 5.93 -12.44
C GLU C 728 -7.60 5.62 -13.64
N SER C 729 -8.01 4.36 -13.78
CA SER C 729 -8.82 3.96 -14.93
C SER C 729 -10.20 4.62 -14.92
N LYS C 730 -10.88 4.60 -13.78
CA LYS C 730 -12.21 5.20 -13.73
C LYS C 730 -12.15 6.69 -14.01
N HIS C 731 -11.17 7.39 -13.42
CA HIS C 731 -11.10 8.83 -13.60
C HIS C 731 -10.80 9.20 -15.05
N ILE C 732 -9.88 8.49 -15.70
CA ILE C 732 -9.53 8.86 -17.07
C ILE C 732 -10.64 8.51 -18.04
N TRP C 733 -11.37 7.41 -17.80
CA TRP C 733 -12.47 7.05 -18.70
C TRP C 733 -13.54 8.12 -18.69
N LYS C 734 -13.86 8.66 -17.51
CA LYS C 734 -14.86 9.72 -17.41
C LYS C 734 -14.43 10.93 -18.25
N LEU C 735 -13.15 11.29 -18.15
CA LEU C 735 -12.64 12.43 -18.91
C LEU C 735 -12.76 12.16 -20.41
N GLN C 736 -12.35 10.97 -20.86
CA GLN C 736 -12.39 10.66 -22.29
C GLN C 736 -13.83 10.65 -22.80
N TRP C 737 -14.75 10.06 -22.03
CA TRP C 737 -16.15 10.03 -22.43
C TRP C 737 -16.71 11.45 -22.53
N ALA C 738 -16.41 12.29 -21.55
CA ALA C 738 -16.86 13.68 -21.61
C ALA C 738 -16.28 14.37 -22.83
N THR C 739 -15.00 14.13 -23.12
CA THR C 739 -14.37 14.77 -24.27
C THR C 739 -15.07 14.37 -25.56
N THR C 740 -15.34 13.08 -25.73
CA THR C 740 -15.94 12.63 -26.98
C THR C 740 -17.37 13.14 -27.13
N ILE C 741 -18.15 13.14 -26.04
CA ILE C 741 -19.53 13.62 -26.16
C ILE C 741 -19.54 15.12 -26.44
N LEU C 742 -18.67 15.89 -25.78
CA LEU C 742 -18.60 17.32 -26.06
C LEU C 742 -18.15 17.57 -27.50
N ASP C 743 -17.23 16.73 -27.97
CA ASP C 743 -16.72 16.84 -29.31
C ASP C 743 -17.87 16.69 -30.26
N ILE C 744 -18.61 15.60 -30.11
CA ILE C 744 -19.75 15.32 -30.98
C ILE C 744 -20.73 16.48 -30.95
N GLU C 745 -20.98 17.02 -29.76
CA GLU C 745 -21.93 18.13 -29.62
C GLU C 745 -21.47 19.36 -30.41
N ARG C 746 -20.19 19.70 -30.28
CA ARG C 746 -19.71 20.98 -30.81
C ARG C 746 -19.80 21.07 -32.33
N SER C 747 -19.91 19.94 -33.03
CA SER C 747 -19.99 19.97 -34.48
C SER C 747 -21.40 20.26 -34.98
N PHE C 748 -22.40 20.25 -34.11
CA PHE C 748 -23.76 20.52 -34.54
C PHE C 748 -23.94 21.99 -34.89
N PRO C 749 -24.93 22.30 -35.72
CA PRO C 749 -25.25 23.71 -35.99
C PRO C 749 -25.84 24.39 -34.77
N VAL C 750 -25.72 25.72 -34.75
CA VAL C 750 -26.13 26.49 -33.57
C VAL C 750 -27.63 26.33 -33.33
N PHE C 751 -28.44 26.41 -34.39
CA PHE C 751 -29.89 26.34 -34.20
C PHE C 751 -30.31 24.99 -33.66
N LEU C 752 -29.73 23.91 -34.20
CA LEU C 752 -30.04 22.58 -33.67
C LEU C 752 -29.60 22.46 -32.22
N ARG C 753 -28.44 23.01 -31.88
CA ARG C 753 -27.96 22.95 -30.51
C ARG C 753 -28.93 23.66 -29.57
N LYS C 754 -29.43 24.83 -29.98
CA LYS C 754 -30.43 25.52 -29.18
C LYS C 754 -31.70 24.68 -29.06
N ALA C 755 -32.10 24.02 -30.14
CA ALA C 755 -33.26 23.14 -30.09
C ALA C 755 -33.07 22.00 -29.10
N PHE C 756 -31.82 21.64 -28.81
CA PHE C 756 -31.50 20.56 -27.87
C PHE C 756 -31.10 21.09 -26.49
N ARG C 757 -31.55 22.29 -26.14
CA ARG C 757 -31.21 22.84 -24.84
C ARG C 757 -31.72 21.94 -23.72
N SER C 758 -30.92 21.82 -22.66
CA SER C 758 -31.25 21.00 -21.51
C SER C 758 -31.58 21.89 -20.32
N GLY C 759 -32.52 21.43 -19.50
CA GLY C 759 -32.93 22.15 -18.30
C GLY C 759 -34.34 22.69 -18.42
N GLU C 760 -34.73 23.43 -17.41
CA GLU C 760 -36.07 24.02 -17.30
C GLU C 760 -35.98 25.53 -17.33
N MET C 761 -37.15 26.17 -17.25
CA MET C 761 -37.25 27.63 -17.22
C MET C 761 -37.97 28.08 -15.96
N VAL C 762 -37.58 27.51 -14.81
CA VAL C 762 -38.29 27.78 -13.57
C VAL C 762 -38.09 29.24 -13.17
N THR C 763 -39.19 29.89 -12.79
CA THR C 763 -39.14 31.25 -12.26
C THR C 763 -39.06 31.15 -10.74
N VAL C 764 -37.86 30.84 -10.25
CA VAL C 764 -37.68 30.57 -8.82
C VAL C 764 -37.98 31.80 -8.00
N GLY C 765 -37.53 32.98 -8.45
CA GLY C 765 -37.73 34.20 -7.70
C GLY C 765 -37.93 35.39 -8.61
N LYS C 766 -38.34 36.49 -8.01
CA LYS C 766 -38.59 37.74 -8.71
C LYS C 766 -37.48 38.74 -8.40
N SER C 767 -37.25 39.65 -9.33
CA SER C 767 -36.20 40.66 -9.17
C SER C 767 -36.60 41.66 -8.07
N SER C 768 -35.74 42.65 -7.86
CA SER C 768 -36.01 43.67 -6.85
C SER C 768 -37.29 44.43 -7.20
N ASP C 769 -37.49 44.73 -8.48
CA ASP C 769 -38.70 45.42 -8.92
C ASP C 769 -39.89 44.48 -9.06
N GLY C 770 -39.68 43.17 -8.89
CA GLY C 770 -40.75 42.20 -8.99
C GLY C 770 -40.78 41.42 -10.28
N THR C 771 -39.99 41.80 -11.28
CA THR C 771 -39.98 41.07 -12.53
C THR C 771 -39.42 39.66 -12.34
N PRO C 772 -39.93 38.69 -13.08
CA PRO C 772 -39.45 37.31 -12.92
C PRO C 772 -38.08 37.12 -13.55
N ASP C 773 -37.23 36.37 -12.85
CA ASP C 773 -35.89 36.09 -13.36
C ASP C 773 -35.94 35.20 -14.59
N ARG C 774 -36.68 34.10 -14.50
CA ARG C 774 -36.86 33.16 -15.61
C ARG C 774 -35.51 32.75 -16.20
N ARG C 775 -34.72 32.08 -15.37
CA ARG C 775 -33.39 31.63 -15.76
C ARG C 775 -33.38 30.11 -15.93
N TRP C 776 -32.56 29.66 -16.88
CA TRP C 776 -32.43 28.22 -17.12
C TRP C 776 -31.72 27.56 -15.94
N CYS C 777 -32.20 26.38 -15.57
CA CYS C 777 -31.68 25.66 -14.42
C CYS C 777 -31.68 24.17 -14.73
N PHE C 778 -31.39 23.36 -13.71
CA PHE C 778 -31.29 21.91 -13.87
C PHE C 778 -31.40 21.28 -12.50
N ARG C 779 -32.32 20.32 -12.34
CA ARG C 779 -32.63 19.76 -11.03
C ARG C 779 -32.01 18.38 -10.87
N VAL C 780 -31.51 18.10 -9.67
CA VAL C 780 -30.98 16.81 -9.29
C VAL C 780 -31.56 16.44 -7.94
N ASP C 781 -31.25 15.23 -7.49
CA ASP C 781 -31.75 14.75 -6.21
C ASP C 781 -30.78 13.76 -5.60
N GLU C 782 -30.86 13.64 -4.28
CA GLU C 782 -30.02 12.70 -3.53
C GLU C 782 -30.81 12.21 -2.33
N VAL C 783 -30.15 11.40 -1.50
CA VAL C 783 -30.78 10.76 -0.35
C VAL C 783 -29.91 11.00 0.87
N ASN C 784 -30.54 11.42 1.97
CA ASN C 784 -29.87 11.59 3.25
C ASN C 784 -30.74 11.00 4.35
N TRP C 785 -30.12 10.31 5.30
CA TRP C 785 -30.83 9.65 6.38
C TRP C 785 -30.57 10.27 7.75
N SER C 786 -29.57 11.13 7.88
CA SER C 786 -29.26 11.75 9.16
C SER C 786 -29.95 13.10 9.36
N HIS C 787 -30.76 13.54 8.39
CA HIS C 787 -31.45 14.84 8.50
C HIS C 787 -32.78 14.64 9.23
N TRP C 788 -32.66 14.42 10.53
CA TRP C 788 -33.83 14.30 11.40
C TRP C 788 -33.76 15.32 12.54
N ASN D 150 -36.22 -44.01 42.47
CA ASN D 150 -36.38 -42.62 42.87
C ASN D 150 -35.38 -41.71 42.16
N ARG D 151 -34.71 -42.26 41.15
CA ARG D 151 -33.73 -41.45 40.41
C ARG D 151 -34.37 -40.24 39.74
N PRO D 152 -35.48 -40.36 39.00
CA PRO D 152 -36.04 -39.15 38.37
C PRO D 152 -36.48 -38.10 39.38
N ILE D 153 -37.15 -38.50 40.46
CA ILE D 153 -37.62 -37.53 41.43
C ILE D 153 -36.45 -36.84 42.10
N LEU D 154 -35.43 -37.60 42.49
CA LEU D 154 -34.27 -36.99 43.13
C LEU D 154 -33.54 -36.06 42.19
N PHE D 155 -33.40 -36.46 40.92
CA PHE D 155 -32.77 -35.58 39.94
C PHE D 155 -33.53 -34.28 39.78
N ASP D 156 -34.87 -34.37 39.69
CA ASP D 156 -35.67 -33.16 39.56
C ASP D 156 -35.53 -32.28 40.80
N ILE D 157 -35.55 -32.88 41.99
CA ILE D 157 -35.45 -32.11 43.22
C ILE D 157 -34.12 -31.38 43.28
N VAL D 158 -33.03 -32.08 42.95
CA VAL D 158 -31.71 -31.47 43.04
C VAL D 158 -31.54 -30.40 41.98
N SER D 159 -32.08 -30.63 40.77
CA SER D 159 -31.98 -29.63 39.73
C SER D 159 -32.74 -28.36 40.12
N ARG D 160 -33.94 -28.52 40.69
CA ARG D 160 -34.69 -27.35 41.13
C ARG D 160 -34.05 -26.65 42.32
N GLY D 161 -33.17 -27.33 43.04
CA GLY D 161 -32.49 -26.73 44.18
C GLY D 161 -33.29 -26.71 45.46
N SER D 162 -34.50 -27.29 45.47
CA SER D 162 -35.31 -27.31 46.67
C SER D 162 -34.65 -28.18 47.74
N THR D 163 -34.69 -27.69 48.98
CA THR D 163 -34.09 -28.39 50.11
C THR D 163 -35.11 -29.15 50.95
N ALA D 164 -36.36 -28.67 51.00
CA ALA D 164 -37.38 -29.34 51.81
C ALA D 164 -37.68 -30.73 51.28
N ASP D 165 -37.70 -30.90 49.95
CA ASP D 165 -38.03 -32.20 49.37
C ASP D 165 -37.07 -33.28 49.84
N LEU D 166 -35.82 -32.92 50.14
CA LEU D 166 -34.84 -33.91 50.57
C LEU D 166 -35.19 -34.51 51.93
N ASP D 167 -36.08 -33.88 52.69
CA ASP D 167 -36.46 -34.42 53.99
C ASP D 167 -37.06 -35.81 53.83
N GLY D 168 -36.65 -36.73 54.71
CA GLY D 168 -37.12 -38.10 54.66
C GLY D 168 -36.27 -39.04 53.83
N LEU D 169 -35.27 -38.51 53.11
CA LEU D 169 -34.40 -39.39 52.32
C LEU D 169 -33.54 -40.27 53.23
N LEU D 170 -33.01 -39.70 54.30
CA LEU D 170 -32.13 -40.47 55.18
C LEU D 170 -32.87 -41.64 55.83
N PRO D 171 -34.08 -41.46 56.40
CA PRO D 171 -34.81 -42.64 56.88
C PRO D 171 -35.06 -43.68 55.80
N PHE D 172 -35.35 -43.25 54.58
CA PHE D 172 -35.58 -44.21 53.50
C PHE D 172 -34.32 -45.02 53.21
N LEU D 173 -33.17 -44.34 53.14
CA LEU D 173 -31.92 -45.05 52.89
C LEU D 173 -31.60 -46.00 54.04
N LEU D 174 -31.82 -45.56 55.28
CA LEU D 174 -31.53 -46.41 56.43
C LEU D 174 -32.42 -47.65 56.43
N THR D 175 -33.71 -47.48 56.14
CA THR D 175 -34.62 -48.61 56.15
C THR D 175 -34.33 -49.57 55.02
N HIS D 176 -34.11 -49.05 53.81
CA HIS D 176 -33.85 -49.88 52.65
C HIS D 176 -32.38 -50.23 52.48
N LYS D 177 -31.49 -49.60 53.26
CA LYS D 177 -30.06 -49.88 53.18
C LYS D 177 -29.55 -49.69 51.75
N LYS D 178 -30.03 -48.64 51.10
CA LYS D 178 -29.65 -48.33 49.72
C LYS D 178 -28.63 -47.21 49.72
N ARG D 179 -27.45 -47.49 49.15
CA ARG D 179 -26.39 -46.50 49.08
C ARG D 179 -26.66 -45.49 47.97
N LEU D 180 -26.12 -44.29 48.14
CA LEU D 180 -26.31 -43.23 47.16
C LEU D 180 -25.56 -43.49 45.86
N THR D 181 -24.67 -44.48 45.81
CA THR D 181 -23.93 -44.82 44.60
C THR D 181 -24.54 -46.00 43.86
N ASP D 182 -25.75 -46.42 44.23
CA ASP D 182 -26.38 -47.55 43.56
C ASP D 182 -26.58 -47.25 42.09
N GLU D 183 -26.45 -48.29 41.26
CA GLU D 183 -26.57 -48.12 39.82
C GLU D 183 -27.89 -47.46 39.44
N GLU D 184 -28.96 -47.78 40.16
CA GLU D 184 -30.25 -47.18 39.85
C GLU D 184 -30.23 -45.67 40.04
N PHE D 185 -29.61 -45.19 41.12
CA PHE D 185 -29.52 -43.75 41.33
C PHE D 185 -28.65 -43.08 40.27
N ARG D 186 -27.54 -43.72 39.90
CA ARG D 186 -26.65 -43.13 38.91
C ARG D 186 -27.29 -43.12 37.53
N GLU D 187 -27.09 -42.04 36.80
CA GLU D 187 -27.64 -41.92 35.46
C GLU D 187 -26.97 -42.95 34.55
N PRO D 188 -27.73 -43.82 33.87
CA PRO D 188 -27.10 -44.83 33.01
C PRO D 188 -26.26 -44.23 31.90
N SER D 189 -26.61 -43.05 31.41
CA SER D 189 -25.96 -42.51 30.21
C SER D 189 -24.46 -42.32 30.44
N THR D 190 -24.08 -41.71 31.57
CA THR D 190 -22.69 -41.40 31.83
C THR D 190 -22.26 -41.69 33.27
N GLY D 191 -23.02 -42.50 34.00
CA GLY D 191 -22.70 -42.74 35.39
C GLY D 191 -22.78 -41.51 36.26
N LYS D 192 -23.40 -40.44 35.76
CA LYS D 192 -23.50 -39.21 36.54
C LYS D 192 -24.29 -39.46 37.82
N THR D 193 -23.88 -38.77 38.88
CA THR D 193 -24.50 -38.92 40.19
C THR D 193 -25.14 -37.60 40.61
N CYS D 194 -25.68 -37.59 41.83
CA CYS D 194 -26.44 -36.42 42.28
C CYS D 194 -25.57 -35.18 42.40
N LEU D 195 -24.37 -35.35 42.96
CA LEU D 195 -23.51 -34.19 43.24
C LEU D 195 -23.10 -33.44 41.98
N PRO D 196 -22.60 -34.09 40.93
CA PRO D 196 -22.26 -33.33 39.70
C PRO D 196 -23.48 -32.65 39.09
N LYS D 197 -24.65 -33.28 39.16
CA LYS D 197 -25.87 -32.61 38.68
C LYS D 197 -26.15 -31.37 39.49
N ALA D 198 -25.99 -31.44 40.81
CA ALA D 198 -26.21 -30.27 41.66
C ALA D 198 -25.23 -29.16 41.31
N LEU D 199 -23.96 -29.50 41.10
CA LEU D 199 -22.95 -28.48 40.83
C LEU D 199 -23.09 -27.90 39.44
N LEU D 200 -23.59 -28.68 38.48
CA LEU D 200 -23.70 -28.19 37.11
C LEU D 200 -24.68 -27.01 37.03
N ASN D 201 -25.85 -27.16 37.62
CA ASN D 201 -26.88 -26.13 37.60
C ASN D 201 -27.09 -25.59 39.01
N LEU D 202 -27.01 -24.27 39.16
CA LEU D 202 -27.18 -23.63 40.46
C LEU D 202 -27.39 -22.14 40.25
N SER D 203 -27.89 -21.49 41.29
CA SER D 203 -28.23 -20.08 41.24
C SER D 203 -27.16 -19.28 41.97
N ASN D 204 -26.40 -18.47 41.21
CA ASN D 204 -25.40 -17.57 41.77
C ASN D 204 -24.37 -18.34 42.61
N GLY D 205 -24.08 -19.57 42.24
CA GLY D 205 -23.09 -20.35 42.96
C GLY D 205 -23.48 -20.76 44.35
N ARG D 206 -24.77 -20.82 44.66
CA ARG D 206 -25.27 -21.15 45.99
C ARG D 206 -26.42 -22.14 45.90
N ASN D 207 -26.20 -23.24 45.18
CA ASN D 207 -27.20 -24.29 45.02
C ASN D 207 -27.86 -24.62 46.35
N ASP D 208 -27.09 -24.61 47.43
CA ASP D 208 -27.62 -24.74 48.79
C ASP D 208 -28.06 -26.17 49.11
N THR D 209 -27.99 -27.07 48.12
CA THR D 209 -28.31 -28.47 48.35
C THR D 209 -27.07 -29.32 48.63
N ILE D 210 -25.88 -28.79 48.37
CA ILE D 210 -24.67 -29.59 48.52
C ILE D 210 -24.46 -30.03 49.95
N PRO D 211 -24.49 -29.16 50.96
CA PRO D 211 -24.19 -29.62 52.33
C PRO D 211 -25.14 -30.69 52.82
N VAL D 212 -26.42 -30.62 52.47
CA VAL D 212 -27.37 -31.62 52.93
C VAL D 212 -27.03 -32.99 52.33
N LEU D 213 -26.75 -33.01 51.03
CA LEU D 213 -26.37 -34.27 50.39
C LEU D 213 -25.08 -34.82 50.98
N LEU D 214 -24.11 -33.95 51.26
CA LEU D 214 -22.86 -34.40 51.85
C LEU D 214 -23.07 -34.98 53.23
N ASP D 215 -23.92 -34.33 54.05
CA ASP D 215 -24.24 -34.88 55.36
C ASP D 215 -24.93 -36.23 55.24
N ILE D 216 -25.84 -36.36 54.28
CA ILE D 216 -26.52 -37.64 54.09
C ILE D 216 -25.51 -38.72 53.72
N ALA D 217 -24.59 -38.41 52.81
CA ALA D 217 -23.57 -39.37 52.42
C ALA D 217 -22.69 -39.74 53.61
N GLU D 218 -22.36 -38.76 54.45
CA GLU D 218 -21.59 -39.04 55.66
C GLU D 218 -22.34 -40.00 56.57
N ARG D 219 -23.64 -39.77 56.76
CA ARG D 219 -24.42 -40.68 57.61
C ARG D 219 -24.44 -42.08 57.02
N THR D 220 -24.58 -42.19 55.69
CA THR D 220 -24.53 -43.50 55.05
C THR D 220 -23.16 -44.14 55.15
N GLY D 221 -22.14 -43.37 55.51
CA GLY D 221 -20.79 -43.93 55.61
C GLY D 221 -20.11 -44.19 54.30
N ASN D 222 -20.53 -43.52 53.23
CA ASN D 222 -19.96 -43.70 51.90
C ASN D 222 -19.58 -42.35 51.29
N MET D 223 -18.96 -41.49 52.09
CA MET D 223 -18.61 -40.16 51.61
C MET D 223 -17.44 -40.21 50.62
N ARG D 224 -16.40 -40.99 50.93
CA ARG D 224 -15.23 -41.02 50.07
C ARG D 224 -15.57 -41.53 48.68
N GLU D 225 -16.34 -42.61 48.60
CA GLU D 225 -16.74 -43.14 47.30
C GLU D 225 -17.65 -42.16 46.56
N PHE D 226 -18.56 -41.51 47.30
CA PHE D 226 -19.57 -40.67 46.66
C PHE D 226 -18.97 -39.39 46.10
N ILE D 227 -18.13 -38.72 46.88
CA ILE D 227 -17.63 -37.40 46.48
C ILE D 227 -16.81 -37.51 45.20
N ASN D 228 -15.91 -38.49 45.15
CA ASN D 228 -14.96 -38.63 44.04
C ASN D 228 -15.37 -39.75 43.09
N SER D 229 -16.66 -39.91 42.85
CA SER D 229 -17.12 -40.92 41.91
C SER D 229 -16.85 -40.44 40.49
N PRO D 230 -16.05 -41.17 39.71
CA PRO D 230 -15.70 -40.69 38.37
C PRO D 230 -16.78 -41.01 37.35
N PHE D 231 -16.87 -40.14 36.34
CA PHE D 231 -17.78 -40.39 35.23
C PHE D 231 -17.28 -41.52 34.37
N ARG D 232 -18.21 -42.34 33.87
CA ARG D 232 -17.90 -43.40 32.93
C ARG D 232 -18.06 -42.86 31.51
N ASP D 233 -18.11 -43.75 30.53
CA ASP D 233 -18.27 -43.37 29.13
C ASP D 233 -16.97 -42.84 28.56
N ILE D 234 -17.05 -42.18 27.40
CA ILE D 234 -15.88 -41.78 26.63
C ILE D 234 -15.64 -40.28 26.73
N TYR D 235 -16.67 -39.47 26.45
CA TYR D 235 -16.47 -38.04 26.31
C TYR D 235 -15.99 -37.40 27.60
N TYR D 236 -16.60 -37.76 28.73
CA TYR D 236 -16.33 -37.14 30.02
C TYR D 236 -15.74 -38.15 31.00
N ARG D 237 -14.83 -39.00 30.54
CA ARG D 237 -14.26 -40.02 31.39
C ARG D 237 -13.28 -39.40 32.38
N GLY D 238 -13.41 -39.79 33.65
CA GLY D 238 -12.51 -39.33 34.69
C GLY D 238 -12.95 -38.06 35.38
N GLN D 239 -13.89 -37.32 34.81
CA GLN D 239 -14.32 -36.07 35.42
C GLN D 239 -14.93 -36.33 36.80
N THR D 240 -14.67 -35.42 37.72
CA THR D 240 -15.13 -35.54 39.10
C THR D 240 -15.82 -34.25 39.52
N ALA D 241 -16.32 -34.25 40.75
CA ALA D 241 -16.99 -33.06 41.28
C ALA D 241 -16.02 -31.90 41.46
N LEU D 242 -14.79 -32.18 41.85
CA LEU D 242 -13.82 -31.11 42.10
C LEU D 242 -13.55 -30.31 40.83
N HIS D 243 -13.42 -30.99 39.69
CA HIS D 243 -13.19 -30.28 38.44
C HIS D 243 -14.33 -29.32 38.15
N ILE D 244 -15.58 -29.78 38.35
CA ILE D 244 -16.73 -28.91 38.12
C ILE D 244 -16.72 -27.73 39.06
N ALA D 245 -16.44 -27.98 40.34
CA ALA D 245 -16.42 -26.89 41.31
C ALA D 245 -15.38 -25.85 40.96
N ILE D 246 -14.21 -26.30 40.51
CA ILE D 246 -13.16 -25.37 40.11
C ILE D 246 -13.60 -24.59 38.88
N GLU D 247 -14.24 -25.28 37.92
CA GLU D 247 -14.63 -24.62 36.67
C GLU D 247 -15.64 -23.51 36.93
N ARG D 248 -16.62 -23.76 37.79
CA ARG D 248 -17.67 -22.77 38.05
C ARG D 248 -17.17 -21.59 38.87
N ARG D 249 -15.89 -21.55 39.23
CA ARG D 249 -15.28 -20.38 39.83
C ARG D 249 -15.84 -20.08 41.22
N CYS D 250 -16.34 -21.11 41.92
CA CYS D 250 -16.85 -20.97 43.28
C CYS D 250 -15.82 -21.53 44.24
N LYS D 251 -15.25 -20.65 45.06
CA LYS D 251 -14.24 -21.06 46.03
C LYS D 251 -14.85 -21.86 47.18
N HIS D 252 -16.08 -21.52 47.58
CA HIS D 252 -16.69 -22.16 48.74
C HIS D 252 -16.84 -23.66 48.55
N TYR D 253 -17.37 -24.08 47.40
CA TYR D 253 -17.56 -25.50 47.16
C TYR D 253 -16.22 -26.21 47.02
N VAL D 254 -15.22 -25.55 46.46
CA VAL D 254 -13.89 -26.14 46.39
C VAL D 254 -13.37 -26.43 47.79
N GLU D 255 -13.47 -25.44 48.68
CA GLU D 255 -13.04 -25.63 50.06
C GLU D 255 -13.81 -26.79 50.70
N LEU D 256 -15.12 -26.82 50.50
CA LEU D 256 -15.93 -27.86 51.11
C LEU D 256 -15.52 -29.25 50.63
N LEU D 257 -15.39 -29.42 49.31
CA LEU D 257 -15.01 -30.72 48.78
C LEU D 257 -13.63 -31.14 49.24
N VAL D 258 -12.67 -30.20 49.24
CA VAL D 258 -11.32 -30.55 49.67
C VAL D 258 -11.31 -30.95 51.14
N ALA D 259 -12.01 -30.20 51.98
CA ALA D 259 -12.04 -30.52 53.41
C ALA D 259 -12.71 -31.87 53.66
N GLN D 260 -13.80 -32.16 52.95
CA GLN D 260 -14.52 -33.40 53.18
C GLN D 260 -13.74 -34.62 52.71
N GLY D 261 -12.65 -34.44 51.97
CA GLY D 261 -11.83 -35.54 51.52
C GLY D 261 -11.82 -35.78 50.02
N ALA D 262 -12.17 -34.78 49.21
CA ALA D 262 -12.18 -34.97 47.77
C ALA D 262 -10.77 -35.19 47.26
N ASP D 263 -10.63 -36.15 46.35
CA ASP D 263 -9.33 -36.40 45.73
C ASP D 263 -8.89 -35.19 44.92
N VAL D 264 -7.61 -34.84 45.03
CA VAL D 264 -7.06 -33.67 44.37
C VAL D 264 -6.15 -34.02 43.21
N HIS D 265 -5.81 -35.30 43.03
CA HIS D 265 -4.95 -35.74 41.93
C HIS D 265 -5.74 -36.49 40.86
N ALA D 266 -7.06 -36.46 40.91
CA ALA D 266 -7.87 -37.17 39.92
C ALA D 266 -7.62 -36.60 38.53
N GLN D 267 -7.54 -37.49 37.55
CA GLN D 267 -7.21 -37.12 36.17
C GLN D 267 -8.45 -37.29 35.30
N ALA D 268 -8.73 -36.28 34.49
CA ALA D 268 -9.83 -36.32 33.53
C ALA D 268 -9.25 -36.62 32.15
N ARG D 269 -9.63 -37.76 31.58
CA ARG D 269 -9.05 -38.25 30.34
C ARG D 269 -10.08 -38.43 29.24
N GLY D 270 -11.23 -37.77 29.34
CA GLY D 270 -12.24 -37.89 28.29
C GLY D 270 -11.80 -37.23 27.00
N ARG D 271 -12.40 -37.70 25.90
CA ARG D 271 -12.05 -37.16 24.59
C ARG D 271 -12.33 -35.66 24.51
N PHE D 272 -13.34 -35.19 25.22
CA PHE D 272 -13.64 -33.76 25.22
C PHE D 272 -12.50 -32.95 25.80
N PHE D 273 -11.76 -33.52 26.75
CA PHE D 273 -10.65 -32.83 27.40
C PHE D 273 -9.34 -32.95 26.65
N GLN D 274 -9.31 -33.68 25.54
CA GLN D 274 -8.10 -33.85 24.76
C GLN D 274 -7.79 -32.61 23.95
N PRO D 275 -6.57 -32.48 23.43
CA PRO D 275 -6.20 -31.29 22.66
C PRO D 275 -7.14 -31.04 21.50
N LYS D 276 -7.04 -29.83 20.94
CA LYS D 276 -7.93 -29.43 19.85
C LYS D 276 -7.74 -30.32 18.63
N ASP D 277 -6.48 -30.51 18.20
CA ASP D 277 -6.22 -31.25 16.98
C ASP D 277 -6.60 -32.73 17.11
N GLU D 278 -6.73 -33.24 18.33
CA GLU D 278 -7.03 -34.65 18.53
C GLU D 278 -8.53 -34.93 18.59
N GLY D 279 -9.35 -33.94 18.91
CA GLY D 279 -10.79 -34.13 18.96
C GLY D 279 -11.45 -33.51 20.17
N GLY D 280 -10.67 -33.11 21.16
CA GLY D 280 -11.19 -32.48 22.36
C GLY D 280 -11.10 -30.98 22.26
N TYR D 281 -12.20 -30.32 22.60
CA TYR D 281 -12.31 -28.87 22.41
C TYR D 281 -11.55 -28.07 23.45
N PHE D 282 -11.12 -28.69 24.55
CA PHE D 282 -10.42 -27.96 25.60
C PHE D 282 -9.42 -28.89 26.27
N TYR D 283 -8.20 -28.39 26.50
CA TYR D 283 -7.15 -29.15 27.17
C TYR D 283 -6.53 -28.29 28.25
N PHE D 284 -6.37 -28.87 29.44
CA PHE D 284 -5.85 -28.10 30.57
C PHE D 284 -4.88 -28.91 31.43
N GLY D 285 -4.31 -29.99 30.89
CA GLY D 285 -3.36 -30.79 31.64
C GLY D 285 -3.97 -31.93 32.42
N GLU D 286 -5.30 -32.01 32.50
CA GLU D 286 -5.98 -33.14 33.14
C GLU D 286 -5.66 -33.21 34.63
N LEU D 287 -5.78 -32.07 35.31
CA LEU D 287 -5.56 -32.01 36.74
C LEU D 287 -6.37 -30.86 37.31
N PRO D 288 -6.75 -30.93 38.58
CA PRO D 288 -7.47 -29.79 39.19
C PRO D 288 -6.66 -28.52 39.26
N LEU D 289 -5.44 -28.59 39.79
CA LEU D 289 -4.62 -27.39 39.91
C LEU D 289 -4.30 -26.81 38.54
N SER D 290 -3.98 -27.67 37.58
CA SER D 290 -3.71 -27.19 36.23
C SER D 290 -4.94 -26.53 35.63
N LEU D 291 -6.12 -27.12 35.88
CA LEU D 291 -7.36 -26.52 35.38
C LEU D 291 -7.58 -25.14 35.99
N ALA D 292 -7.34 -25.00 37.29
CA ALA D 292 -7.50 -23.70 37.93
C ALA D 292 -6.52 -22.69 37.35
N ALA D 293 -5.27 -23.11 37.15
CA ALA D 293 -4.26 -22.19 36.62
C ALA D 293 -4.61 -21.75 35.21
N CYS D 294 -5.08 -22.67 34.37
CA CYS D 294 -5.38 -22.32 32.98
C CYS D 294 -6.63 -21.44 32.87
N THR D 295 -7.45 -21.38 33.91
CA THR D 295 -8.68 -20.60 33.88
C THR D 295 -8.54 -19.24 34.56
N ASN D 296 -7.31 -18.84 34.91
CA ASN D 296 -7.05 -17.54 35.51
C ASN D 296 -7.83 -17.37 36.82
N GLN D 297 -7.49 -18.22 37.79
CA GLN D 297 -8.09 -18.17 39.13
C GLN D 297 -6.97 -18.22 40.16
N PRO D 298 -6.22 -17.13 40.32
CA PRO D 298 -5.07 -17.15 41.25
C PRO D 298 -5.45 -17.56 42.66
N HIS D 299 -6.62 -17.11 43.14
CA HIS D 299 -7.01 -17.43 44.52
C HIS D 299 -7.20 -18.93 44.70
N ILE D 300 -7.84 -19.58 43.74
CA ILE D 300 -8.05 -21.03 43.84
C ILE D 300 -6.72 -21.75 43.85
N VAL D 301 -5.80 -21.34 42.98
CA VAL D 301 -4.48 -21.99 42.92
C VAL D 301 -3.75 -21.81 44.24
N ASN D 302 -3.79 -20.58 44.78
CA ASN D 302 -3.11 -20.32 46.05
C ASN D 302 -3.67 -21.19 47.17
N TYR D 303 -5.01 -21.27 47.25
CA TYR D 303 -5.61 -22.08 48.30
C TYR D 303 -5.28 -23.55 48.12
N LEU D 304 -5.36 -24.05 46.90
CA LEU D 304 -5.17 -25.47 46.65
C LEU D 304 -3.73 -25.89 46.89
N THR D 305 -2.77 -25.02 46.54
CA THR D 305 -1.37 -25.35 46.75
C THR D 305 -1.06 -25.53 48.23
N GLU D 306 -1.57 -24.62 49.08
CA GLU D 306 -1.33 -24.66 50.51
C GLU D 306 -2.67 -24.77 51.22
N ASN D 307 -3.01 -26.00 51.62
CA ASN D 307 -4.23 -26.26 52.37
C ASN D 307 -3.90 -27.18 53.54
N PRO D 308 -4.52 -26.97 54.71
CA PRO D 308 -4.22 -27.85 55.86
C PRO D 308 -4.66 -29.28 55.65
N HIS D 309 -5.56 -29.55 54.72
CA HIS D 309 -6.08 -30.90 54.52
C HIS D 309 -5.26 -31.67 53.48
N LYS D 310 -5.15 -31.11 52.28
CA LYS D 310 -4.42 -31.74 51.19
C LYS D 310 -3.73 -30.67 50.36
N LYS D 311 -2.65 -31.06 49.69
CA LYS D 311 -1.87 -30.17 48.84
C LYS D 311 -1.63 -30.83 47.50
N ALA D 312 -1.74 -30.04 46.44
CA ALA D 312 -1.49 -30.51 45.07
C ALA D 312 -0.09 -30.07 44.67
N ASP D 313 0.84 -31.01 44.67
CA ASP D 313 2.22 -30.69 44.29
C ASP D 313 2.27 -30.21 42.84
N MET D 314 2.99 -29.12 42.61
CA MET D 314 3.07 -28.53 41.29
C MET D 314 3.90 -29.37 40.32
N ARG D 315 4.77 -30.23 40.84
CA ARG D 315 5.60 -31.09 39.99
C ARG D 315 4.93 -32.45 39.84
N ARG D 316 3.74 -32.42 39.26
CA ARG D 316 2.91 -33.61 39.04
C ARG D 316 2.60 -33.73 37.56
N GLN D 317 2.77 -34.91 37.01
CA GLN D 317 2.62 -35.16 35.59
C GLN D 317 1.40 -36.02 35.32
N ASP D 318 0.68 -35.70 34.26
CA ASP D 318 -0.49 -36.47 33.84
C ASP D 318 -0.02 -37.64 32.98
N SER D 319 -0.98 -38.31 32.32
CA SER D 319 -0.61 -39.42 31.45
C SER D 319 0.30 -38.96 30.32
N ARG D 320 0.00 -37.81 29.72
CA ARG D 320 0.83 -37.28 28.66
C ARG D 320 2.22 -36.88 29.15
N GLY D 321 2.39 -36.71 30.46
CA GLY D 321 3.62 -36.21 31.02
C GLY D 321 3.64 -34.72 31.24
N ASN D 322 2.69 -33.99 30.66
CA ASN D 322 2.64 -32.54 30.82
C ASN D 322 2.31 -32.16 32.25
N THR D 323 3.10 -31.25 32.82
CA THR D 323 2.85 -30.70 34.14
C THR D 323 2.11 -29.37 34.00
N VAL D 324 1.99 -28.65 35.11
CA VAL D 324 1.18 -27.43 35.11
C VAL D 324 1.73 -26.42 34.12
N LEU D 325 3.05 -26.25 34.08
CA LEU D 325 3.65 -25.32 33.12
C LEU D 325 3.40 -25.78 31.69
N HIS D 326 3.49 -27.08 31.45
CA HIS D 326 3.23 -27.60 30.10
C HIS D 326 1.81 -27.25 29.67
N ALA D 327 0.83 -27.50 30.54
CA ALA D 327 -0.55 -27.19 30.20
C ALA D 327 -0.75 -25.69 30.00
N LEU D 328 -0.14 -24.89 30.86
CA LEU D 328 -0.27 -23.44 30.76
C LEU D 328 0.26 -22.96 29.41
N VAL D 329 1.38 -23.52 28.97
CA VAL D 329 1.90 -23.17 27.65
C VAL D 329 0.97 -23.68 26.56
N ALA D 330 0.37 -24.86 26.75
CA ALA D 330 -0.47 -25.44 25.72
C ALA D 330 -1.66 -24.54 25.40
N ILE D 331 -2.32 -23.99 26.43
CA ILE D 331 -3.45 -23.10 26.22
C ILE D 331 -3.01 -21.66 25.95
N ALA D 332 -1.71 -21.37 26.03
CA ALA D 332 -1.25 -20.02 25.79
C ALA D 332 -1.58 -19.59 24.37
N ASP D 333 -1.91 -18.30 24.22
CA ASP D 333 -2.26 -17.73 22.93
C ASP D 333 -1.50 -16.43 22.73
N ASN D 334 -1.35 -16.05 21.46
CA ASN D 334 -0.63 -14.83 21.11
C ASN D 334 -1.47 -13.58 21.28
N THR D 335 -2.70 -13.71 21.75
CA THR D 335 -3.56 -12.54 21.94
C THR D 335 -3.02 -11.66 23.07
N ARG D 336 -3.40 -10.39 23.01
CA ARG D 336 -2.86 -9.41 23.96
C ARG D 336 -3.28 -9.75 25.40
N GLU D 337 -4.55 -10.08 25.59
CA GLU D 337 -5.04 -10.34 26.94
C GLU D 337 -4.55 -11.67 27.48
N ASN D 338 -4.57 -12.71 26.64
CA ASN D 338 -4.22 -14.05 27.11
C ASN D 338 -2.77 -14.10 27.57
N THR D 339 -1.87 -13.46 26.83
CA THR D 339 -0.45 -13.55 27.14
C THR D 339 -0.13 -12.97 28.51
N LYS D 340 -0.75 -11.85 28.86
CA LYS D 340 -0.46 -11.22 30.15
C LYS D 340 -0.76 -12.16 31.30
N PHE D 341 -1.97 -12.73 31.32
CA PHE D 341 -2.34 -13.61 32.42
C PHE D 341 -1.55 -14.91 32.38
N VAL D 342 -1.24 -15.42 31.18
CA VAL D 342 -0.44 -16.63 31.10
C VAL D 342 0.93 -16.41 31.74
N THR D 343 1.60 -15.31 31.37
CA THR D 343 2.90 -15.02 31.93
C THR D 343 2.82 -14.80 33.44
N LYS D 344 1.79 -14.07 33.89
CA LYS D 344 1.67 -13.80 35.32
C LYS D 344 1.51 -15.10 36.10
N MET D 345 0.62 -15.98 35.64
CA MET D 345 0.40 -17.24 36.33
C MET D 345 1.65 -18.11 36.28
N TYR D 346 2.33 -18.14 35.12
CA TYR D 346 3.55 -18.93 35.00
C TYR D 346 4.60 -18.48 36.01
N ASP D 347 4.83 -17.16 36.09
CA ASP D 347 5.81 -16.64 37.02
C ASP D 347 5.40 -16.95 38.47
N LEU D 348 4.12 -16.73 38.80
CA LEU D 348 3.67 -16.98 40.16
C LEU D 348 3.90 -18.44 40.55
N LEU D 349 3.50 -19.36 39.67
CA LEU D 349 3.60 -20.79 39.98
C LEU D 349 5.06 -21.22 40.07
N LEU D 350 5.90 -20.73 39.16
CA LEU D 350 7.32 -21.07 39.22
C LEU D 350 7.95 -20.58 40.50
N LEU D 351 7.64 -19.34 40.89
CA LEU D 351 8.19 -18.80 42.13
C LEU D 351 7.72 -19.60 43.34
N LYS D 352 6.45 -19.97 43.37
CA LYS D 352 5.94 -20.76 44.49
C LYS D 352 6.65 -22.11 44.56
N CYS D 353 6.81 -22.78 43.41
CA CYS D 353 7.46 -24.08 43.40
C CYS D 353 8.90 -23.98 43.86
N ALA D 354 9.62 -22.96 43.37
CA ALA D 354 11.00 -22.77 43.80
C ALA D 354 11.08 -22.48 45.29
N ARG D 355 10.17 -21.64 45.80
CA ARG D 355 10.19 -21.29 47.21
C ARG D 355 9.95 -22.52 48.08
N LEU D 356 8.98 -23.34 47.71
CA LEU D 356 8.65 -24.50 48.54
C LEU D 356 9.73 -25.57 48.44
N PHE D 357 10.21 -25.84 47.23
CA PHE D 357 11.29 -26.81 47.01
C PHE D 357 12.49 -26.08 46.42
N PRO D 358 13.50 -25.74 47.22
CA PRO D 358 14.67 -25.04 46.66
C PRO D 358 15.62 -25.93 45.90
N ASP D 359 15.64 -27.24 46.16
CA ASP D 359 16.61 -28.12 45.54
C ASP D 359 16.30 -28.34 44.07
N SER D 360 15.03 -28.56 43.72
CA SER D 360 14.64 -28.91 42.38
C SER D 360 14.02 -27.72 41.66
N ASN D 361 14.34 -27.60 40.37
CA ASN D 361 13.76 -26.57 39.52
C ASN D 361 12.62 -27.16 38.71
N LEU D 362 11.48 -26.47 38.70
CA LEU D 362 10.28 -27.04 38.08
C LEU D 362 10.46 -27.21 36.58
N GLU D 363 11.09 -26.23 35.92
CA GLU D 363 11.26 -26.31 34.47
C GLU D 363 12.08 -27.51 34.04
N ALA D 364 12.84 -28.12 34.95
CA ALA D 364 13.67 -29.25 34.57
C ALA D 364 12.84 -30.44 34.13
N VAL D 365 11.65 -30.61 34.71
CA VAL D 365 10.83 -31.78 34.40
C VAL D 365 10.50 -31.80 32.92
N LEU D 366 10.51 -33.00 32.34
CA LEU D 366 10.21 -33.19 30.93
C LEU D 366 9.01 -34.12 30.78
N ASN D 367 8.29 -33.95 29.67
CA ASN D 367 7.14 -34.78 29.38
C ASN D 367 7.58 -36.07 28.71
N ASN D 368 6.61 -36.89 28.29
CA ASN D 368 6.93 -38.14 27.61
C ASN D 368 7.66 -37.88 26.31
N ASP D 369 7.26 -36.83 25.59
CA ASP D 369 7.94 -36.47 24.34
C ASP D 369 9.37 -36.00 24.57
N GLY D 370 9.75 -35.71 25.82
CA GLY D 370 11.09 -35.26 26.14
C GLY D 370 11.28 -33.76 26.10
N LEU D 371 10.25 -33.00 25.75
CA LEU D 371 10.36 -31.55 25.66
C LEU D 371 10.10 -30.89 27.01
N SER D 372 10.60 -29.68 27.15
CA SER D 372 10.39 -28.82 28.29
C SER D 372 9.47 -27.66 27.91
N PRO D 373 8.96 -26.92 28.89
CA PRO D 373 8.04 -25.82 28.55
C PRO D 373 8.63 -24.84 27.55
N LEU D 374 9.91 -24.51 27.68
CA LEU D 374 10.56 -23.65 26.70
C LEU D 374 10.59 -24.31 25.33
N MET D 375 11.01 -25.57 25.28
CA MET D 375 11.08 -26.28 24.00
C MET D 375 9.70 -26.47 23.40
N MET D 376 8.71 -26.80 24.23
CA MET D 376 7.35 -26.97 23.71
C MET D 376 6.79 -25.67 23.18
N ALA D 377 7.05 -24.56 23.87
CA ALA D 377 6.60 -23.26 23.37
C ALA D 377 7.28 -22.94 22.05
N ALA D 378 8.57 -23.23 21.94
CA ALA D 378 9.27 -22.99 20.68
C ALA D 378 8.68 -23.85 19.56
N LYS D 379 8.39 -25.11 19.85
CA LYS D 379 7.89 -26.02 18.83
C LYS D 379 6.48 -25.65 18.40
N THR D 380 5.65 -25.17 19.34
CA THR D 380 4.27 -24.83 19.06
C THR D 380 4.11 -23.45 18.43
N GLY D 381 5.16 -22.63 18.45
CA GLY D 381 5.08 -21.32 17.84
C GLY D 381 4.40 -20.26 18.67
N LYS D 382 4.44 -20.39 20.00
CA LYS D 382 3.81 -19.42 20.90
C LYS D 382 4.89 -18.44 21.36
N ILE D 383 5.02 -17.35 20.61
CA ILE D 383 6.06 -16.35 20.88
C ILE D 383 5.79 -15.64 22.20
N GLY D 384 4.52 -15.40 22.55
CA GLY D 384 4.22 -14.55 23.68
C GLY D 384 4.87 -15.04 24.96
N ILE D 385 4.76 -16.34 25.24
CA ILE D 385 5.38 -16.88 26.44
C ILE D 385 6.86 -17.16 26.20
N PHE D 386 7.23 -17.50 24.97
CA PHE D 386 8.63 -17.85 24.67
C PHE D 386 9.55 -16.67 24.95
N GLN D 387 9.23 -15.50 24.41
CA GLN D 387 10.10 -14.34 24.58
C GLN D 387 10.22 -13.99 26.05
N HIS D 388 9.11 -14.06 26.80
CA HIS D 388 9.17 -13.78 28.23
C HIS D 388 10.06 -14.76 28.96
N ILE D 389 9.97 -16.05 28.60
CA ILE D 389 10.80 -17.06 29.27
C ILE D 389 12.27 -16.81 28.97
N ILE D 390 12.58 -16.39 27.75
CA ILE D 390 13.99 -16.19 27.39
C ILE D 390 14.62 -15.11 28.25
N ARG D 391 13.90 -14.00 28.46
CA ARG D 391 14.43 -12.84 29.17
C ARG D 391 13.86 -12.73 30.58
N ARG D 392 13.65 -13.88 31.24
CA ARG D 392 13.12 -13.85 32.59
C ARG D 392 14.16 -13.33 33.56
N GLU D 393 13.79 -12.31 34.34
CA GLU D 393 14.66 -11.72 35.35
C GLU D 393 13.88 -11.61 36.65
N VAL D 394 14.50 -12.05 37.75
CA VAL D 394 13.87 -12.06 39.06
C VAL D 394 14.61 -11.06 39.94
N THR D 395 13.89 -10.07 40.46
CA THR D 395 14.49 -9.09 41.35
C THR D 395 14.67 -9.64 42.76
N ASP D 396 13.85 -10.61 43.16
CA ASP D 396 13.92 -11.13 44.52
C ASP D 396 15.31 -11.73 44.78
N GLU D 397 15.88 -11.38 45.93
CA GLU D 397 17.21 -11.88 46.28
C GLU D 397 17.16 -13.37 46.63
N ASP D 398 16.09 -13.80 47.29
CA ASP D 398 16.01 -15.19 47.77
C ASP D 398 16.05 -16.18 46.61
N THR D 399 15.32 -15.88 45.53
CA THR D 399 15.15 -16.80 44.41
C THR D 399 15.47 -16.12 43.09
N ARG D 400 16.58 -15.37 43.07
CA ARG D 400 17.06 -14.76 41.84
C ARG D 400 17.92 -15.70 41.02
N HIS D 401 18.26 -16.87 41.55
CA HIS D 401 19.13 -17.79 40.82
C HIS D 401 18.47 -18.29 39.54
N LEU D 402 17.16 -18.55 39.59
CA LEU D 402 16.46 -19.11 38.44
C LEU D 402 16.23 -18.09 37.33
N SER D 403 16.74 -16.87 37.46
CA SER D 403 16.60 -15.89 36.40
C SER D 403 17.47 -16.29 35.20
N ARG D 404 17.05 -15.81 34.02
CA ARG D 404 17.73 -16.14 32.77
C ARG D 404 18.43 -14.93 32.14
N LYS D 405 18.14 -13.72 32.61
CA LYS D 405 18.76 -12.51 32.09
C LYS D 405 19.38 -11.75 33.25
N PHE D 406 20.67 -11.45 33.14
CA PHE D 406 21.40 -10.72 34.16
C PHE D 406 21.94 -9.42 33.57
N LYS D 407 22.29 -8.49 34.47
CA LYS D 407 22.87 -7.21 34.09
C LYS D 407 24.37 -7.26 34.32
N ASP D 408 25.14 -6.94 33.28
CA ASP D 408 26.59 -6.98 33.37
C ASP D 408 27.16 -5.65 33.84
N TRP D 409 26.90 -4.58 33.09
CA TRP D 409 27.34 -3.25 33.51
C TRP D 409 26.83 -2.20 32.55
N ALA D 410 26.73 -0.97 33.05
CA ALA D 410 26.27 0.17 32.27
C ALA D 410 27.34 1.25 32.26
N TYR D 411 27.70 1.70 31.07
CA TYR D 411 28.59 2.85 30.89
C TYR D 411 27.84 3.87 30.04
N GLY D 412 27.38 4.94 30.67
CA GLY D 412 26.60 5.94 29.98
C GLY D 412 25.38 5.34 29.30
N PRO D 413 25.08 5.79 28.09
CA PRO D 413 23.95 5.20 27.35
C PRO D 413 24.14 3.73 27.02
N VAL D 414 25.37 3.22 27.07
CA VAL D 414 25.63 1.83 26.72
C VAL D 414 25.28 0.93 27.91
N TYR D 415 24.50 -0.10 27.65
CA TYR D 415 24.12 -1.08 28.67
C TYR D 415 24.46 -2.47 28.16
N SER D 416 25.27 -3.22 28.92
CA SER D 416 25.65 -4.58 28.57
C SER D 416 25.01 -5.53 29.56
N SER D 417 24.25 -6.49 29.04
CA SER D 417 23.52 -7.46 29.82
C SER D 417 23.92 -8.86 29.40
N LEU D 418 23.87 -9.78 30.36
CA LEU D 418 24.44 -11.12 30.21
C LEU D 418 23.30 -12.15 30.24
N TYR D 419 22.89 -12.60 29.06
CA TYR D 419 21.85 -13.61 28.96
C TYR D 419 22.42 -14.99 29.29
N ASP D 420 21.52 -15.93 29.55
CA ASP D 420 21.88 -17.32 29.83
C ASP D 420 21.34 -18.21 28.72
N LEU D 421 22.15 -19.16 28.29
CA LEU D 421 21.79 -20.09 27.22
C LEU D 421 22.21 -21.51 27.58
N SER D 422 21.97 -21.89 28.83
CA SER D 422 22.35 -23.23 29.27
C SER D 422 21.67 -24.31 28.43
N SER D 423 20.37 -24.15 28.19
CA SER D 423 19.62 -25.08 27.36
C SER D 423 19.24 -24.52 26.00
N LEU D 424 19.49 -23.23 25.75
CA LEU D 424 19.15 -22.65 24.47
C LEU D 424 20.06 -23.17 23.37
N ASP D 425 21.31 -23.48 23.69
CA ASP D 425 22.25 -24.04 22.73
C ASP D 425 22.91 -25.27 23.36
N THR D 426 22.89 -26.37 22.63
CA THR D 426 23.46 -27.63 23.10
C THR D 426 24.36 -28.20 22.04
N CYS D 427 25.53 -28.67 22.45
CA CYS D 427 26.51 -29.28 21.55
C CYS D 427 26.30 -30.79 21.43
N GLY D 428 25.08 -31.19 21.11
CA GLY D 428 24.75 -32.60 20.99
C GLY D 428 24.38 -33.29 22.28
N GLU D 429 24.61 -32.65 23.44
CA GLU D 429 24.26 -33.28 24.71
C GLU D 429 22.76 -33.50 24.81
N GLU D 430 21.97 -32.51 24.39
CA GLU D 430 20.52 -32.62 24.41
C GLU D 430 19.94 -31.74 23.33
N ALA D 431 18.65 -31.93 23.05
CA ALA D 431 17.98 -31.12 22.04
C ALA D 431 18.03 -29.65 22.41
N SER D 432 18.23 -28.80 21.41
CA SER D 432 18.36 -27.38 21.60
C SER D 432 17.16 -26.65 21.02
N VAL D 433 16.85 -25.50 21.62
CA VAL D 433 15.73 -24.70 21.15
C VAL D 433 15.96 -24.24 19.72
N LEU D 434 17.21 -23.94 19.37
CA LEU D 434 17.51 -23.39 18.06
C LEU D 434 17.22 -24.40 16.96
N GLU D 435 17.67 -25.64 17.14
CA GLU D 435 17.44 -26.66 16.13
C GLU D 435 15.96 -26.94 15.95
N ILE D 436 15.21 -27.03 17.05
CA ILE D 436 13.78 -27.26 16.97
C ILE D 436 13.10 -26.10 16.25
N LEU D 437 13.49 -24.86 16.57
CA LEU D 437 12.88 -23.70 15.95
C LEU D 437 13.15 -23.65 14.46
N VAL D 438 14.35 -24.05 14.04
CA VAL D 438 14.72 -23.92 12.64
C VAL D 438 14.18 -25.08 11.82
N TYR D 439 14.61 -26.31 12.16
CA TYR D 439 14.35 -27.45 11.28
C TYR D 439 12.87 -27.79 11.21
N ASN D 440 12.15 -27.67 12.32
CA ASN D 440 10.76 -28.09 12.33
C ASN D 440 9.93 -27.26 11.36
N SER D 441 8.90 -27.90 10.79
CA SER D 441 8.04 -27.31 9.80
C SER D 441 6.68 -26.98 10.39
N LYS D 442 5.97 -26.06 9.72
CA LYS D 442 4.62 -25.69 10.11
C LYS D 442 4.60 -25.02 11.48
N ILE D 443 5.43 -23.98 11.63
CA ILE D 443 5.48 -23.16 12.84
C ILE D 443 4.87 -21.81 12.51
N GLU D 444 3.94 -21.37 13.36
CA GLU D 444 3.15 -20.18 13.05
C GLU D 444 4.03 -18.94 12.95
N ASN D 445 4.92 -18.73 13.91
CA ASN D 445 5.69 -17.50 14.03
C ASN D 445 7.17 -17.79 14.13
N ARG D 446 7.67 -18.67 13.24
CA ARG D 446 9.09 -19.02 13.26
C ARG D 446 9.96 -17.78 13.00
N HIS D 447 9.58 -16.99 12.00
CA HIS D 447 10.39 -15.83 11.63
C HIS D 447 10.47 -14.82 12.76
N GLU D 448 9.35 -14.61 13.46
CA GLU D 448 9.35 -13.65 14.56
C GLU D 448 10.14 -14.18 15.75
N MET D 449 10.01 -15.46 16.05
CA MET D 449 10.73 -16.06 17.17
C MET D 449 12.23 -16.09 16.91
N LEU D 450 12.64 -16.16 15.64
CA LEU D 450 14.07 -16.10 15.34
C LEU D 450 14.67 -14.73 15.63
N ALA D 451 13.84 -13.68 15.60
CA ALA D 451 14.32 -12.32 15.81
C ALA D 451 14.16 -11.92 17.28
N VAL D 452 15.02 -12.50 18.10
CA VAL D 452 15.06 -12.20 19.53
C VAL D 452 16.50 -11.86 19.89
N GLU D 453 16.64 -11.14 21.01
CA GLU D 453 17.91 -10.52 21.35
C GLU D 453 19.10 -11.49 21.35
N PRO D 454 19.02 -12.66 21.99
CA PRO D 454 20.20 -13.52 22.08
C PRO D 454 20.40 -14.40 20.85
N ILE D 455 19.31 -14.75 20.17
CA ILE D 455 19.39 -15.67 19.04
C ILE D 455 20.23 -15.08 17.92
N ASN D 456 19.96 -13.82 17.56
CA ASN D 456 20.67 -13.19 16.47
C ASN D 456 22.15 -13.08 16.78
N GLU D 457 22.48 -12.63 18.00
CA GLU D 457 23.88 -12.48 18.37
C GLU D 457 24.60 -13.82 18.40
N LEU D 458 23.94 -14.87 18.90
CA LEU D 458 24.56 -16.18 18.92
C LEU D 458 24.82 -16.69 17.51
N LEU D 459 23.85 -16.52 16.62
CA LEU D 459 24.06 -16.92 15.23
C LEU D 459 25.21 -16.15 14.61
N ARG D 460 25.27 -14.84 14.86
CA ARG D 460 26.34 -14.03 14.28
C ARG D 460 27.71 -14.50 14.78
N ASP D 461 27.82 -14.72 16.09
CA ASP D 461 29.10 -15.16 16.65
C ASP D 461 29.49 -16.53 16.13
N LYS D 462 28.52 -17.46 16.04
CA LYS D 462 28.82 -18.78 15.54
C LYS D 462 29.28 -18.73 14.09
N TRP D 463 28.62 -17.88 13.28
CA TRP D 463 29.03 -17.74 11.89
C TRP D 463 30.43 -17.16 11.76
N ARG D 464 30.73 -16.14 12.56
CA ARG D 464 32.06 -15.52 12.48
C ARG D 464 33.15 -16.48 12.94
N LYS D 465 32.88 -17.25 14.00
CA LYS D 465 33.94 -18.05 14.62
C LYS D 465 34.46 -19.10 13.64
N PHE D 466 33.56 -19.90 13.07
CA PHE D 466 33.99 -20.98 12.18
C PHE D 466 33.16 -21.15 10.92
N GLY D 467 31.96 -20.55 10.83
CA GLY D 467 31.10 -20.85 9.70
C GLY D 467 31.70 -20.42 8.37
N ALA D 468 32.21 -19.19 8.32
CA ALA D 468 32.77 -18.68 7.07
C ALA D 468 34.01 -19.47 6.66
N VAL D 469 34.82 -19.87 7.64
CA VAL D 469 36.06 -20.58 7.32
C VAL D 469 35.75 -21.88 6.60
N SER D 470 34.77 -22.64 7.09
CA SER D 470 34.47 -23.95 6.53
C SER D 470 33.52 -23.90 5.33
N PHE D 471 32.71 -22.85 5.21
CA PHE D 471 31.79 -22.76 4.08
C PHE D 471 32.54 -22.66 2.76
N TYR D 472 33.57 -21.82 2.70
CA TYR D 472 34.33 -21.69 1.47
C TYR D 472 35.14 -22.93 1.17
N ILE D 473 35.66 -23.60 2.21
CA ILE D 473 36.32 -24.90 2.02
C ILE D 473 35.33 -25.87 1.39
N ASN D 474 34.10 -25.88 1.90
CA ASN D 474 33.05 -26.72 1.34
C ASN D 474 32.87 -26.45 -0.15
N VAL D 475 32.71 -25.17 -0.50
CA VAL D 475 32.43 -24.81 -1.89
C VAL D 475 33.58 -25.24 -2.77
N VAL D 476 34.81 -24.96 -2.35
CA VAL D 476 35.98 -25.28 -3.16
C VAL D 476 36.07 -26.79 -3.38
N SER D 477 35.92 -27.57 -2.30
CA SER D 477 36.03 -29.02 -2.43
C SER D 477 34.96 -29.57 -3.35
N TYR D 478 33.71 -29.12 -3.19
CA TYR D 478 32.63 -29.65 -4.02
C TYR D 478 32.84 -29.28 -5.48
N LEU D 479 33.24 -28.04 -5.75
CA LEU D 479 33.47 -27.63 -7.13
C LEU D 479 34.63 -28.41 -7.76
N CYS D 480 35.69 -28.64 -6.99
CA CYS D 480 36.80 -29.42 -7.51
C CYS D 480 36.36 -30.85 -7.84
N ALA D 481 35.57 -31.45 -6.96
CA ALA D 481 35.08 -32.80 -7.22
C ALA D 481 34.20 -32.82 -8.47
N MET D 482 33.35 -31.82 -8.64
CA MET D 482 32.51 -31.77 -9.82
C MET D 482 33.32 -31.59 -11.09
N VAL D 483 34.36 -30.77 -11.05
CA VAL D 483 35.23 -30.60 -12.22
C VAL D 483 35.91 -31.92 -12.55
N ILE D 484 36.40 -32.63 -11.54
CA ILE D 484 37.02 -33.92 -11.77
C ILE D 484 36.03 -34.88 -12.40
N PHE D 485 34.79 -34.90 -11.88
CA PHE D 485 33.78 -35.78 -12.43
C PHE D 485 33.48 -35.44 -13.89
N THR D 486 33.39 -34.15 -14.21
CA THR D 486 33.13 -33.75 -15.59
C THR D 486 34.26 -34.19 -16.51
N LEU D 487 35.51 -33.99 -16.08
CA LEU D 487 36.64 -34.41 -16.90
C LEU D 487 36.63 -35.92 -17.10
N THR D 488 36.31 -36.68 -16.05
CA THR D 488 36.22 -38.12 -16.19
C THR D 488 35.13 -38.50 -17.18
N ALA D 489 33.98 -37.82 -17.11
CA ALA D 489 32.88 -38.14 -18.01
C ALA D 489 33.24 -37.86 -19.46
N TYR D 490 33.90 -36.72 -19.71
CA TYR D 490 34.24 -36.36 -21.09
C TYR D 490 35.19 -37.40 -21.69
N TYR D 491 36.29 -37.70 -21.00
CA TYR D 491 37.30 -38.63 -21.52
C TYR D 491 36.88 -40.05 -21.18
N GLN D 492 35.77 -40.48 -21.78
CA GLN D 492 35.22 -41.81 -21.59
C GLN D 492 35.38 -42.60 -22.88
N PRO D 493 36.15 -43.70 -22.90
CA PRO D 493 36.34 -44.44 -24.15
C PRO D 493 35.10 -45.22 -24.57
N LEU D 494 34.42 -44.74 -25.61
CA LEU D 494 33.26 -45.45 -26.13
C LEU D 494 33.67 -46.82 -26.68
N GLU D 495 34.77 -46.87 -27.42
CA GLU D 495 35.24 -48.13 -27.98
C GLU D 495 35.62 -49.10 -26.87
N GLY D 496 35.36 -50.38 -27.10
CA GLY D 496 35.69 -51.42 -26.14
C GLY D 496 34.54 -51.68 -25.17
N THR D 497 34.56 -52.89 -24.61
CA THR D 497 33.54 -53.30 -23.65
C THR D 497 34.01 -52.96 -22.24
N PRO D 498 33.27 -52.17 -21.48
CA PRO D 498 33.64 -51.94 -20.07
C PRO D 498 33.60 -53.25 -19.30
N PRO D 499 34.51 -53.43 -18.32
CA PRO D 499 35.60 -52.55 -17.92
C PRO D 499 36.76 -52.58 -18.91
N TYR D 500 37.63 -51.56 -18.89
CA TYR D 500 38.74 -51.49 -19.83
C TYR D 500 40.06 -51.75 -19.10
N PRO D 501 41.06 -52.29 -19.79
CA PRO D 501 42.38 -52.42 -19.19
C PRO D 501 43.08 -51.08 -19.08
N TYR D 502 43.84 -50.90 -18.02
CA TYR D 502 44.56 -49.65 -17.73
C TYR D 502 46.05 -49.94 -17.75
N ARG D 503 46.73 -49.48 -18.80
CA ARG D 503 48.14 -49.79 -18.99
C ARG D 503 48.95 -48.54 -19.29
N THR D 504 48.32 -47.52 -19.87
CA THR D 504 49.03 -46.35 -20.36
C THR D 504 49.17 -45.30 -19.26
N THR D 505 49.96 -44.26 -19.57
CA THR D 505 50.19 -43.20 -18.60
C THR D 505 48.90 -42.46 -18.26
N VAL D 506 48.08 -42.17 -19.27
CA VAL D 506 46.82 -41.47 -19.04
C VAL D 506 45.89 -42.28 -18.15
N ASP D 507 46.08 -43.60 -18.10
CA ASP D 507 45.23 -44.45 -17.25
C ASP D 507 45.40 -44.10 -15.78
N TYR D 508 46.63 -43.80 -15.37
CA TYR D 508 46.86 -43.40 -13.98
C TYR D 508 45.92 -42.27 -13.59
N LEU D 509 45.82 -41.24 -14.43
CA LEU D 509 44.98 -40.11 -14.12
C LEU D 509 43.50 -40.42 -14.29
N ARG D 510 43.15 -41.22 -15.30
CA ARG D 510 41.75 -41.46 -15.60
C ARG D 510 41.08 -42.31 -14.53
N LEU D 511 41.77 -43.34 -14.04
CA LEU D 511 41.17 -44.22 -13.04
C LEU D 511 40.90 -43.46 -11.74
N ALA D 512 41.79 -42.54 -11.39
CA ALA D 512 41.65 -41.81 -10.13
C ALA D 512 40.35 -41.01 -10.11
N GLY D 513 39.96 -40.43 -11.24
CA GLY D 513 38.72 -39.67 -11.27
C GLY D 513 37.52 -40.53 -10.95
N GLU D 514 37.42 -41.71 -11.58
CA GLU D 514 36.31 -42.60 -11.30
C GLU D 514 36.30 -43.05 -9.85
N VAL D 515 37.48 -43.42 -9.33
CA VAL D 515 37.55 -43.88 -7.94
C VAL D 515 37.10 -42.77 -7.00
N ILE D 516 37.59 -41.55 -7.24
CA ILE D 516 37.25 -40.43 -6.36
C ILE D 516 35.77 -40.13 -6.43
N THR D 517 35.19 -40.15 -7.63
CA THR D 517 33.76 -39.86 -7.76
C THR D 517 32.92 -40.91 -7.04
N LEU D 518 33.28 -42.19 -7.21
CA LEU D 518 32.52 -43.24 -6.54
C LEU D 518 32.63 -43.12 -5.02
N PHE D 519 33.84 -42.86 -4.51
CA PHE D 519 34.00 -42.69 -3.08
C PHE D 519 33.25 -41.48 -2.56
N THR D 520 33.22 -40.40 -3.35
CA THR D 520 32.47 -39.22 -2.94
C THR D 520 30.98 -39.51 -2.89
N GLY D 521 30.46 -40.26 -3.85
CA GLY D 521 29.06 -40.63 -3.81
C GLY D 521 28.72 -41.49 -2.60
N VAL D 522 29.59 -42.45 -2.29
CA VAL D 522 29.38 -43.30 -1.12
C VAL D 522 29.43 -42.45 0.15
N LEU D 523 30.35 -41.49 0.21
CA LEU D 523 30.44 -40.61 1.36
C LEU D 523 29.18 -39.76 1.49
N PHE D 524 28.64 -39.29 0.36
CA PHE D 524 27.39 -38.53 0.41
C PHE D 524 26.26 -39.38 0.95
N PHE D 525 26.18 -40.64 0.50
CA PHE D 525 25.13 -41.52 0.99
C PHE D 525 25.26 -41.76 2.48
N PHE D 526 26.49 -42.02 2.95
CA PHE D 526 26.70 -42.24 4.38
C PHE D 526 26.36 -41.00 5.18
N THR D 527 26.75 -39.82 4.67
CA THR D 527 26.43 -38.58 5.37
C THR D 527 24.93 -38.37 5.45
N ASN D 528 24.22 -38.79 4.42
CA ASN D 528 22.79 -38.57 4.36
C ASN D 528 21.97 -39.55 5.12
N ILE D 529 22.50 -40.69 5.39
CA ILE D 529 21.87 -41.63 6.32
C ILE D 529 22.20 -41.25 7.76
N LYS D 530 23.45 -40.83 8.01
CA LYS D 530 23.82 -40.37 9.35
C LYS D 530 23.00 -39.17 9.77
N ASP D 531 22.75 -38.27 8.84
CA ASP D 531 21.98 -37.07 9.13
C ASP D 531 20.53 -37.45 9.39
N LEU D 532 20.00 -38.37 8.61
CA LEU D 532 18.62 -38.80 8.78
C LEU D 532 18.41 -39.42 10.16
N PHE D 533 19.36 -40.25 10.59
CA PHE D 533 19.26 -40.84 11.93
C PHE D 533 19.59 -39.84 13.02
N MET D 534 20.38 -38.81 12.72
CA MET D 534 20.76 -37.82 13.72
C MET D 534 19.55 -37.02 14.19
N LYS D 535 18.66 -36.65 13.27
CA LYS D 535 17.46 -35.89 13.58
C LYS D 535 16.32 -36.79 14.03
N LYS D 536 16.62 -38.01 14.46
CA LYS D 536 15.61 -38.96 14.94
C LYS D 536 14.62 -39.31 13.82
N CYS D 537 15.18 -39.57 12.64
CA CYS D 537 14.42 -40.02 11.48
C CYS D 537 13.26 -39.07 11.18
N PRO D 538 13.54 -37.87 10.67
CA PRO D 538 12.45 -36.99 10.23
C PRO D 538 11.63 -37.66 9.14
N GLY D 539 10.33 -37.36 9.15
CA GLY D 539 9.40 -37.98 8.23
C GLY D 539 9.43 -37.35 6.84
N VAL D 540 8.38 -37.63 6.08
CA VAL D 540 8.30 -37.14 4.71
C VAL D 540 8.31 -35.61 4.69
N ASN D 541 7.54 -34.99 5.59
CA ASN D 541 7.40 -33.53 5.57
C ASN D 541 8.75 -32.85 5.63
N SER D 542 9.71 -33.42 6.36
CA SER D 542 11.02 -32.80 6.48
C SER D 542 11.80 -32.88 5.17
N LEU D 543 11.66 -33.98 4.44
CA LEU D 543 12.47 -34.20 3.24
C LEU D 543 11.79 -33.69 1.97
N PHE D 544 10.56 -34.13 1.70
CA PHE D 544 9.94 -33.87 0.41
C PHE D 544 9.55 -32.41 0.25
N ILE D 545 8.76 -31.88 1.19
CA ILE D 545 8.18 -30.56 1.00
C ILE D 545 9.26 -29.48 0.95
N ASP D 546 10.18 -29.50 1.92
CA ASP D 546 11.20 -28.48 2.03
C ASP D 546 12.56 -29.15 2.18
N GLY D 547 13.62 -28.35 2.05
CA GLY D 547 14.97 -28.89 2.08
C GLY D 547 15.18 -29.89 0.96
N SER D 548 14.76 -29.52 -0.24
CA SER D 548 14.81 -30.45 -1.36
C SER D 548 16.21 -30.99 -1.57
N PHE D 549 17.24 -30.17 -1.33
CA PHE D 549 18.62 -30.62 -1.56
C PHE D 549 18.99 -31.79 -0.66
N GLN D 550 18.33 -31.95 0.48
CA GLN D 550 18.59 -33.10 1.33
C GLN D 550 18.19 -34.40 0.64
N LEU D 551 17.18 -34.35 -0.23
CA LEU D 551 16.76 -35.51 -0.99
C LEU D 551 17.56 -35.69 -2.28
N LEU D 552 17.88 -34.59 -2.96
CA LEU D 552 18.54 -34.70 -4.26
C LEU D 552 19.87 -35.43 -4.16
N TYR D 553 20.68 -35.08 -3.16
CA TYR D 553 21.96 -35.75 -3.00
C TYR D 553 21.79 -37.24 -2.75
N PHE D 554 20.65 -37.65 -2.19
CA PHE D 554 20.37 -39.08 -2.07
C PHE D 554 20.22 -39.70 -3.45
N ILE D 555 19.46 -39.05 -4.33
CA ILE D 555 19.34 -39.52 -5.71
C ILE D 555 20.71 -39.55 -6.36
N TYR D 556 21.45 -38.43 -6.26
CA TYR D 556 22.83 -38.41 -6.74
C TYR D 556 23.64 -39.52 -6.10
N SER D 557 23.37 -39.84 -4.84
CA SER D 557 24.07 -40.93 -4.18
C SER D 557 23.78 -42.25 -4.87
N VAL D 558 22.52 -42.46 -5.28
CA VAL D 558 22.14 -43.73 -5.89
C VAL D 558 22.79 -43.88 -7.26
N LEU D 559 22.45 -42.97 -8.19
CA LEU D 559 22.86 -43.15 -9.58
C LEU D 559 24.35 -43.39 -9.69
N VAL D 560 25.15 -42.58 -8.99
CA VAL D 560 26.60 -42.67 -9.13
C VAL D 560 27.08 -44.08 -8.81
N ILE D 561 26.53 -44.69 -7.78
CA ILE D 561 26.94 -46.05 -7.46
C ILE D 561 26.24 -47.05 -8.38
N VAL D 562 25.00 -46.78 -8.76
CA VAL D 562 24.29 -47.69 -9.65
C VAL D 562 25.09 -47.90 -10.93
N SER D 563 25.54 -46.80 -11.53
CA SER D 563 26.35 -46.90 -12.75
C SER D 563 27.52 -47.84 -12.53
N ALA D 564 28.18 -47.76 -11.37
CA ALA D 564 29.32 -48.62 -11.11
C ALA D 564 28.95 -50.07 -11.33
N ALA D 565 27.83 -50.51 -10.76
CA ALA D 565 27.38 -51.88 -10.98
C ALA D 565 27.31 -52.19 -12.47
N LEU D 566 26.61 -51.35 -13.22
CA LEU D 566 26.54 -51.53 -14.66
C LEU D 566 27.94 -51.54 -15.27
N TYR D 567 28.80 -50.61 -14.83
CA TYR D 567 30.14 -50.54 -15.39
C TYR D 567 30.89 -51.86 -15.23
N LEU D 568 30.50 -52.68 -14.25
CA LEU D 568 31.12 -53.98 -14.07
C LEU D 568 30.46 -55.06 -14.91
N ALA D 569 29.13 -55.03 -15.04
CA ALA D 569 28.40 -56.02 -15.83
C ALA D 569 27.63 -55.39 -16.98
N GLY D 570 26.78 -54.40 -16.71
CA GLY D 570 26.02 -53.75 -17.76
C GLY D 570 26.86 -52.70 -18.46
N ILE D 571 27.88 -53.17 -19.17
CA ILE D 571 28.90 -52.26 -19.69
C ILE D 571 28.31 -51.28 -20.70
N GLU D 572 27.35 -51.75 -21.50
CA GLU D 572 26.91 -50.95 -22.65
C GLU D 572 26.28 -49.64 -22.24
N ALA D 573 25.41 -49.65 -21.22
CA ALA D 573 24.52 -48.53 -20.95
C ALA D 573 24.79 -47.87 -19.60
N TYR D 574 26.05 -47.86 -19.14
CA TYR D 574 26.35 -47.14 -17.92
C TYR D 574 26.43 -45.63 -18.15
N LEU D 575 26.83 -45.21 -19.35
CA LEU D 575 26.88 -43.78 -19.65
C LEU D 575 25.52 -43.13 -19.52
N ALA D 576 24.45 -43.84 -19.92
CA ALA D 576 23.13 -43.25 -19.93
C ALA D 576 22.75 -42.69 -18.56
N VAL D 577 23.05 -43.43 -17.50
CA VAL D 577 22.72 -42.99 -16.15
C VAL D 577 23.85 -42.18 -15.53
N MET D 578 25.10 -42.45 -15.91
CA MET D 578 26.21 -41.66 -15.38
C MET D 578 26.10 -40.20 -15.78
N VAL D 579 25.71 -39.95 -17.03
CA VAL D 579 25.57 -38.57 -17.50
C VAL D 579 24.43 -37.87 -16.76
N PHE D 580 23.34 -38.60 -16.51
CA PHE D 580 22.23 -38.00 -15.77
C PHE D 580 22.63 -37.68 -14.34
N ALA D 581 23.42 -38.57 -13.73
CA ALA D 581 23.94 -38.28 -12.40
C ALA D 581 24.82 -37.05 -12.40
N LEU D 582 25.67 -36.90 -13.41
CA LEU D 582 26.52 -35.72 -13.53
C LEU D 582 25.67 -34.46 -13.66
N VAL D 583 24.63 -34.51 -14.49
CA VAL D 583 23.78 -33.35 -14.68
C VAL D 583 23.09 -32.98 -13.38
N LEU D 584 22.56 -33.97 -12.65
CA LEU D 584 21.90 -33.69 -11.39
C LEU D 584 22.87 -33.10 -10.38
N GLY D 585 24.10 -33.64 -10.32
CA GLY D 585 25.09 -33.11 -9.41
C GLY D 585 25.44 -31.66 -9.71
N TRP D 586 25.59 -31.33 -10.99
CA TRP D 586 25.86 -29.95 -11.36
C TRP D 586 24.68 -29.06 -11.02
N MET D 587 23.46 -29.55 -11.24
CA MET D 587 22.27 -28.73 -11.03
C MET D 587 21.93 -28.53 -9.56
N ASN D 588 22.39 -29.42 -8.69
CA ASN D 588 22.05 -29.35 -7.27
C ASN D 588 23.16 -28.71 -6.44
N ALA D 589 23.86 -27.72 -7.01
CA ALA D 589 24.87 -26.98 -6.28
C ALA D 589 24.35 -25.69 -5.67
N LEU D 590 23.05 -25.41 -5.82
CA LEU D 590 22.46 -24.20 -5.24
C LEU D 590 22.37 -24.27 -3.72
N TYR D 591 22.56 -25.45 -3.13
CA TYR D 591 22.59 -25.52 -1.67
C TYR D 591 23.71 -24.67 -1.11
N PHE D 592 24.87 -24.66 -1.77
CA PHE D 592 25.97 -23.82 -1.34
C PHE D 592 25.73 -22.35 -1.62
N THR D 593 24.93 -22.02 -2.64
CA THR D 593 24.59 -20.64 -2.91
C THR D 593 23.53 -20.11 -1.96
N ARG D 594 22.78 -21.00 -1.30
CA ARG D 594 21.80 -20.55 -0.32
C ARG D 594 22.43 -19.62 0.71
N GLY D 595 23.67 -19.91 1.13
CA GLY D 595 24.27 -19.13 2.19
C GLY D 595 24.55 -17.68 1.80
N LEU D 596 25.01 -17.46 0.57
CA LEU D 596 25.41 -16.12 0.17
C LEU D 596 24.23 -15.15 0.28
N LYS D 597 24.49 -13.99 0.89
CA LYS D 597 23.44 -13.00 1.08
C LYS D 597 22.94 -12.45 -0.25
N LEU D 598 23.86 -12.19 -1.18
CA LEU D 598 23.48 -11.57 -2.43
C LEU D 598 22.56 -12.49 -3.25
N THR D 599 22.86 -13.79 -3.25
CA THR D 599 22.10 -14.76 -4.03
C THR D 599 21.40 -15.79 -3.15
N GLY D 600 21.20 -15.49 -1.87
CA GLY D 600 20.57 -16.46 -0.99
C GLY D 600 19.12 -16.73 -1.36
N THR D 601 18.36 -15.69 -1.69
CA THR D 601 16.95 -15.88 -2.00
C THR D 601 16.77 -16.71 -3.27
N TYR D 602 17.60 -16.46 -4.28
CA TYR D 602 17.35 -17.00 -5.62
C TYR D 602 17.09 -18.50 -5.57
N SER D 603 17.94 -19.25 -4.89
CA SER D 603 17.80 -20.71 -4.85
C SER D 603 16.48 -21.11 -4.17
N ILE D 604 16.17 -20.48 -3.04
CA ILE D 604 14.95 -20.83 -2.31
C ILE D 604 13.73 -20.57 -3.18
N MET D 605 13.71 -19.40 -3.84
CA MET D 605 12.52 -19.03 -4.60
C MET D 605 12.40 -19.81 -5.90
N ILE D 606 13.52 -20.21 -6.52
CA ILE D 606 13.43 -21.06 -7.70
C ILE D 606 12.93 -22.45 -7.32
N GLN D 607 13.41 -22.98 -6.19
CA GLN D 607 12.90 -24.27 -5.73
C GLN D 607 11.41 -24.18 -5.39
N LYS D 608 11.00 -23.07 -4.78
CA LYS D 608 9.60 -22.89 -4.39
C LYS D 608 8.70 -22.78 -5.62
N ILE D 609 9.06 -21.91 -6.56
CA ILE D 609 8.21 -21.67 -7.72
C ILE D 609 8.14 -22.91 -8.61
N LEU D 610 9.26 -23.63 -8.74
CA LEU D 610 9.33 -24.73 -9.68
C LEU D 610 8.29 -25.80 -9.37
N PHE D 611 8.24 -26.25 -8.11
CA PHE D 611 7.36 -27.37 -7.76
C PHE D 611 5.91 -26.95 -7.60
N LYS D 612 5.65 -25.71 -7.21
CA LYS D 612 4.30 -25.27 -6.86
C LYS D 612 3.59 -24.55 -8.00
N ASP D 613 4.21 -23.50 -8.55
CA ASP D 613 3.56 -22.74 -9.62
C ASP D 613 3.66 -23.46 -10.96
N LEU D 614 4.87 -23.87 -11.34
CA LEU D 614 5.05 -24.44 -12.67
C LEU D 614 4.28 -25.74 -12.83
N PHE D 615 4.24 -26.58 -11.80
CA PHE D 615 3.50 -27.84 -11.91
C PHE D 615 2.00 -27.60 -11.96
N ARG D 616 1.49 -26.65 -11.16
CA ARG D 616 0.07 -26.34 -11.20
C ARG D 616 -0.33 -25.83 -12.57
N PHE D 617 0.50 -24.98 -13.18
CA PHE D 617 0.25 -24.53 -14.54
C PHE D 617 0.42 -25.68 -15.55
N LEU D 618 1.37 -26.58 -15.29
CA LEU D 618 1.67 -27.65 -16.22
C LEU D 618 0.54 -28.66 -16.26
N LEU D 619 -0.24 -28.78 -15.20
CA LEU D 619 -1.43 -29.64 -15.26
C LEU D 619 -2.35 -29.18 -16.39
N VAL D 620 -2.71 -27.90 -16.40
CA VAL D 620 -3.57 -27.36 -17.45
C VAL D 620 -2.89 -27.44 -18.80
N TYR D 621 -1.60 -27.10 -18.85
CA TYR D 621 -0.87 -27.17 -20.11
C TYR D 621 -0.88 -28.58 -20.67
N LEU D 622 -0.76 -29.58 -19.80
CA LEU D 622 -0.76 -30.97 -20.25
C LEU D 622 -2.14 -31.39 -20.72
N LEU D 623 -3.20 -30.89 -20.06
CA LEU D 623 -4.53 -31.13 -20.58
C LEU D 623 -4.63 -30.63 -22.02
N PHE D 624 -4.20 -29.39 -22.26
CA PHE D 624 -4.24 -28.84 -23.61
C PHE D 624 -3.40 -29.66 -24.57
N MET D 625 -2.18 -30.01 -24.15
CA MET D 625 -1.26 -30.77 -25.01
C MET D 625 -1.88 -32.10 -25.40
N ILE D 626 -2.37 -32.85 -24.41
CA ILE D 626 -2.95 -34.16 -24.69
C ILE D 626 -4.11 -34.02 -25.67
N GLY D 627 -5.03 -33.11 -25.37
CA GLY D 627 -6.20 -32.96 -26.23
C GLY D 627 -5.81 -32.64 -27.67
N TYR D 628 -5.02 -31.59 -27.85
CA TYR D 628 -4.68 -31.15 -29.20
C TYR D 628 -3.84 -32.19 -29.93
N ALA D 629 -2.86 -32.78 -29.26
CA ALA D 629 -2.01 -33.78 -29.92
C ALA D 629 -2.82 -34.99 -30.35
N SER D 630 -3.71 -35.48 -29.48
CA SER D 630 -4.56 -36.61 -29.85
C SER D 630 -5.45 -36.25 -31.03
N ALA D 631 -6.03 -35.05 -31.00
CA ALA D 631 -6.89 -34.62 -32.10
C ALA D 631 -6.12 -34.61 -33.43
N LEU D 632 -4.95 -33.97 -33.43
CA LEU D 632 -4.18 -33.86 -34.67
C LEU D 632 -3.71 -35.22 -35.16
N VAL D 633 -3.28 -36.09 -34.25
CA VAL D 633 -2.86 -37.43 -34.65
C VAL D 633 -4.02 -38.18 -35.28
N SER D 634 -5.21 -38.10 -34.67
CA SER D 634 -6.36 -38.80 -35.21
C SER D 634 -6.75 -38.26 -36.59
N LEU D 635 -6.66 -36.93 -36.76
CA LEU D 635 -7.19 -36.32 -37.98
C LEU D 635 -6.43 -36.77 -39.22
N LEU D 636 -5.10 -36.86 -39.14
CA LEU D 636 -4.30 -37.09 -40.34
C LEU D 636 -4.57 -38.46 -40.93
N ASN D 637 -4.48 -38.54 -42.26
CA ASN D 637 -4.65 -39.76 -43.01
C ASN D 637 -3.32 -40.20 -43.59
N PRO D 638 -2.74 -41.33 -43.19
CA PRO D 638 -1.46 -41.75 -43.79
C PRO D 638 -1.60 -42.13 -45.25
N CYS D 639 -2.75 -42.65 -45.68
CA CYS D 639 -2.94 -43.08 -47.06
C CYS D 639 -4.37 -42.81 -47.51
N ASP D 662 1.95 -47.85 -36.77
CA ASP D 662 1.45 -46.49 -36.59
C ASP D 662 2.17 -45.79 -35.44
N SER D 663 2.84 -46.58 -34.59
CA SER D 663 3.57 -46.00 -33.46
C SER D 663 4.69 -45.08 -33.94
N GLU D 664 5.43 -45.50 -34.96
CA GLU D 664 6.52 -44.67 -35.48
C GLU D 664 5.98 -43.35 -36.05
N THR D 665 4.87 -43.43 -36.79
CA THR D 665 4.29 -42.22 -37.35
C THR D 665 3.83 -41.27 -36.24
N PHE D 666 3.20 -41.82 -35.20
CA PHE D 666 2.76 -40.99 -34.08
C PHE D 666 3.95 -40.35 -33.38
N SER D 667 5.03 -41.10 -33.16
CA SER D 667 6.20 -40.54 -32.51
C SER D 667 6.82 -39.43 -33.36
N THR D 668 6.93 -39.65 -34.67
CA THR D 668 7.49 -38.62 -35.54
C THR D 668 6.62 -37.37 -35.55
N PHE D 669 5.30 -37.53 -35.59
CA PHE D 669 4.41 -36.38 -35.54
C PHE D 669 4.56 -35.63 -34.23
N LEU D 670 4.68 -36.37 -33.12
CA LEU D 670 4.85 -35.73 -31.83
C LEU D 670 6.16 -34.95 -31.77
N LEU D 671 7.23 -35.51 -32.35
CA LEU D 671 8.49 -34.79 -32.42
C LEU D 671 8.34 -33.51 -33.21
N ASP D 672 7.68 -33.60 -34.37
CA ASP D 672 7.48 -32.40 -35.20
C ASP D 672 6.67 -31.35 -34.47
N LEU D 673 5.61 -31.79 -33.78
CA LEU D 673 4.75 -30.85 -33.06
C LEU D 673 5.49 -30.20 -31.90
N PHE D 674 6.36 -30.95 -31.20
CA PHE D 674 7.14 -30.34 -30.14
C PHE D 674 8.13 -29.32 -30.71
N LYS D 675 8.78 -29.66 -31.82
CA LYS D 675 9.69 -28.72 -32.46
C LYS D 675 8.96 -27.44 -32.85
N LEU D 676 7.73 -27.58 -33.33
CA LEU D 676 6.89 -26.41 -33.58
C LEU D 676 6.59 -25.66 -32.28
N THR D 677 6.29 -26.41 -31.21
CA THR D 677 5.91 -25.79 -29.94
C THR D 677 7.02 -24.88 -29.43
N ILE D 678 8.28 -25.28 -29.65
CA ILE D 678 9.38 -24.41 -29.24
C ILE D 678 9.30 -23.08 -29.95
N GLY D 679 9.02 -23.09 -31.25
CA GLY D 679 8.95 -21.88 -32.04
C GLY D 679 9.75 -21.97 -33.32
N MET D 680 10.28 -23.15 -33.60
CA MET D 680 11.06 -23.41 -34.81
C MET D 680 10.39 -24.54 -35.60
N GLY D 681 11.06 -24.98 -36.65
CA GLY D 681 10.52 -26.01 -37.51
C GLY D 681 9.68 -25.44 -38.63
N ASP D 682 9.02 -26.34 -39.36
CA ASP D 682 8.21 -25.99 -40.52
C ASP D 682 6.86 -26.68 -40.43
N LEU D 683 5.86 -26.05 -41.03
CA LEU D 683 4.49 -26.57 -41.06
C LEU D 683 4.27 -27.24 -42.41
N GLU D 684 4.65 -28.51 -42.49
CA GLU D 684 4.52 -29.30 -43.71
C GLU D 684 3.50 -30.43 -43.59
N MET D 685 3.03 -30.72 -42.37
CA MET D 685 2.15 -31.86 -42.18
C MET D 685 0.82 -31.69 -42.89
N LEU D 686 0.36 -30.44 -43.08
CA LEU D 686 -0.97 -30.22 -43.63
C LEU D 686 -1.12 -30.78 -45.04
N SER D 687 -0.01 -30.94 -45.78
CA SER D 687 -0.12 -31.34 -47.17
C SER D 687 -0.74 -32.72 -47.32
N SER D 688 -0.31 -33.69 -46.50
CA SER D 688 -0.79 -35.05 -46.64
C SER D 688 -2.20 -35.23 -46.10
N THR D 689 -2.52 -34.56 -45.00
CA THR D 689 -3.79 -34.77 -44.33
C THR D 689 -4.94 -34.17 -45.13
N LYS D 690 -6.13 -34.72 -44.90
CA LYS D 690 -7.36 -34.19 -45.47
C LYS D 690 -8.00 -33.19 -44.51
N TYR D 691 -8.85 -32.34 -45.06
CA TYR D 691 -9.45 -31.25 -44.28
C TYR D 691 -8.34 -30.35 -43.74
N PRO D 692 -7.43 -29.86 -44.59
CA PRO D 692 -6.33 -29.03 -44.07
C PRO D 692 -6.78 -27.77 -43.38
N VAL D 693 -7.89 -27.18 -43.81
CA VAL D 693 -8.32 -25.89 -43.25
C VAL D 693 -8.63 -26.02 -41.77
N VAL D 694 -9.38 -27.07 -41.40
CA VAL D 694 -9.68 -27.27 -39.98
C VAL D 694 -8.41 -27.58 -39.21
N PHE D 695 -7.46 -28.29 -39.85
CA PHE D 695 -6.19 -28.56 -39.19
C PHE D 695 -5.47 -27.27 -38.85
N ILE D 696 -5.43 -26.33 -39.80
CA ILE D 696 -4.76 -25.06 -39.55
C ILE D 696 -5.51 -24.27 -38.50
N ILE D 697 -6.85 -24.30 -38.53
CA ILE D 697 -7.63 -23.59 -37.52
C ILE D 697 -7.28 -24.12 -36.13
N LEU D 698 -7.22 -25.45 -35.99
CA LEU D 698 -6.89 -26.05 -34.71
C LEU D 698 -5.49 -25.71 -34.26
N LEU D 699 -4.53 -25.73 -35.20
CA LEU D 699 -3.17 -25.33 -34.86
C LEU D 699 -3.12 -23.88 -34.39
N VAL D 700 -3.89 -23.01 -35.04
CA VAL D 700 -3.91 -21.60 -34.67
C VAL D 700 -4.50 -21.44 -33.27
N THR D 701 -5.58 -22.16 -32.98
CA THR D 701 -6.14 -22.08 -31.63
C THR D 701 -5.12 -22.57 -30.61
N TYR D 702 -4.44 -23.67 -30.91
CA TYR D 702 -3.39 -24.18 -30.02
C TYR D 702 -2.34 -23.11 -29.75
N ILE D 703 -1.79 -22.54 -30.81
CA ILE D 703 -0.72 -21.55 -30.66
C ILE D 703 -1.23 -20.35 -29.88
N ILE D 704 -2.37 -19.80 -30.31
CA ILE D 704 -2.93 -18.64 -29.64
C ILE D 704 -3.07 -18.91 -28.15
N LEU D 705 -3.91 -19.88 -27.81
CA LEU D 705 -4.17 -20.15 -26.40
C LEU D 705 -2.85 -20.29 -25.67
N THR D 706 -2.08 -21.34 -25.98
CA THR D 706 -0.89 -21.60 -25.17
C THR D 706 0.03 -20.38 -25.17
N PHE D 707 0.65 -20.07 -26.32
CA PHE D 707 1.70 -19.06 -26.34
C PHE D 707 1.19 -17.72 -25.84
N VAL D 708 0.12 -17.20 -26.44
CA VAL D 708 -0.29 -15.84 -26.11
C VAL D 708 -0.77 -15.75 -24.67
N LEU D 709 -1.72 -16.60 -24.28
CA LEU D 709 -2.31 -16.43 -22.95
C LEU D 709 -1.47 -17.11 -21.88
N LEU D 710 -1.33 -18.44 -21.96
CA LEU D 710 -0.81 -19.19 -20.82
C LEU D 710 0.68 -18.96 -20.62
N LEU D 711 1.45 -19.01 -21.71
CA LEU D 711 2.90 -18.96 -21.62
C LEU D 711 3.38 -17.76 -20.80
N ASN D 712 2.70 -16.63 -20.95
CA ASN D 712 3.09 -15.40 -20.25
C ASN D 712 2.08 -14.95 -19.21
N MET D 713 0.98 -15.69 -19.03
CA MET D 713 0.09 -15.46 -17.90
C MET D 713 0.52 -16.23 -16.68
N LEU D 714 1.22 -17.36 -16.88
CA LEU D 714 1.94 -17.97 -15.76
C LEU D 714 2.89 -16.96 -15.14
N ILE D 715 3.46 -16.09 -15.98
CA ILE D 715 4.39 -15.11 -15.50
C ILE D 715 3.74 -14.16 -14.49
N ALA D 716 2.43 -13.97 -14.61
CA ALA D 716 1.73 -13.09 -13.67
C ALA D 716 1.89 -13.59 -12.23
N LEU D 717 1.41 -14.81 -11.96
CA LEU D 717 1.53 -15.35 -10.60
C LEU D 717 2.97 -15.68 -10.26
N MET D 718 3.81 -15.97 -11.25
CA MET D 718 5.23 -16.15 -10.96
C MET D 718 5.84 -14.87 -10.42
N GLY D 719 5.53 -13.74 -11.05
CA GLY D 719 6.00 -12.45 -10.55
C GLY D 719 5.39 -12.10 -9.22
N GLU D 720 4.14 -12.49 -8.99
CA GLU D 720 3.52 -12.28 -7.69
C GLU D 720 4.24 -13.09 -6.60
N THR D 721 4.62 -14.33 -6.92
CA THR D 721 5.40 -15.14 -5.98
C THR D 721 6.74 -14.48 -5.69
N VAL D 722 7.44 -14.05 -6.74
CA VAL D 722 8.71 -13.34 -6.55
C VAL D 722 8.48 -12.05 -5.78
N GLY D 723 7.30 -11.44 -5.93
CA GLY D 723 6.97 -10.26 -5.16
C GLY D 723 6.84 -10.57 -3.67
N GLN D 724 6.17 -11.67 -3.34
CA GLN D 724 6.13 -12.08 -1.94
C GLN D 724 7.54 -12.33 -1.42
N VAL D 725 8.38 -12.99 -2.22
CA VAL D 725 9.75 -13.24 -1.80
C VAL D 725 10.52 -11.94 -1.66
N SER D 726 10.25 -10.96 -2.53
CA SER D 726 10.90 -9.66 -2.39
C SER D 726 10.47 -8.95 -1.12
N LYS D 727 9.17 -9.04 -0.79
CA LYS D 727 8.68 -8.42 0.43
C LYS D 727 9.25 -9.09 1.67
N GLU D 728 9.58 -10.38 1.60
CA GLU D 728 10.11 -11.12 2.73
C GLU D 728 11.54 -11.60 2.47
N SER D 729 12.30 -10.85 1.67
CA SER D 729 13.65 -11.26 1.32
C SER D 729 14.59 -11.27 2.51
N LYS D 730 14.58 -10.21 3.32
CA LYS D 730 15.47 -10.16 4.47
C LYS D 730 15.16 -11.28 5.45
N HIS D 731 13.88 -11.52 5.72
CA HIS D 731 13.51 -12.53 6.70
C HIS D 731 13.90 -13.92 6.24
N ILE D 732 13.68 -14.24 4.96
CA ILE D 732 13.98 -15.59 4.50
C ILE D 732 15.48 -15.83 4.40
N TRP D 733 16.26 -14.79 4.04
CA TRP D 733 17.70 -14.96 3.96
C TRP D 733 18.28 -15.29 5.32
N LYS D 734 17.79 -14.64 6.37
CA LYS D 734 18.27 -14.92 7.72
C LYS D 734 18.02 -16.38 8.07
N LEU D 735 16.82 -16.88 7.74
CA LEU D 735 16.49 -18.27 8.02
C LEU D 735 17.41 -19.21 7.26
N GLN D 736 17.63 -18.95 5.98
CA GLN D 736 18.48 -19.84 5.17
C GLN D 736 19.92 -19.83 5.68
N TRP D 737 20.44 -18.65 6.02
CA TRP D 737 21.80 -18.56 6.55
C TRP D 737 21.92 -19.32 7.86
N ALA D 738 20.94 -19.16 8.75
CA ALA D 738 20.95 -19.91 10.00
C ALA D 738 20.92 -21.41 9.73
N THR D 739 20.09 -21.83 8.79
CA THR D 739 19.97 -23.24 8.47
C THR D 739 21.31 -23.80 8.00
N THR D 740 21.97 -23.09 7.08
CA THR D 740 23.22 -23.61 6.54
C THR D 740 24.32 -23.64 7.60
N ILE D 741 24.41 -22.60 8.43
CA ILE D 741 25.46 -22.59 9.45
C ILE D 741 25.21 -23.69 10.47
N LEU D 742 23.96 -23.89 10.88
CA LEU D 742 23.64 -24.98 11.81
C LEU D 742 23.94 -26.33 11.19
N ASP D 743 23.65 -26.43 9.89
CA ASP D 743 23.89 -27.65 9.15
C ASP D 743 25.36 -27.98 9.24
N ILE D 744 26.17 -27.01 8.85
CA ILE D 744 27.62 -27.19 8.86
C ILE D 744 28.09 -27.59 10.26
N GLU D 745 27.54 -26.95 11.29
CA GLU D 745 27.94 -27.25 12.65
C GLU D 745 27.63 -28.69 13.03
N ARG D 746 26.43 -29.16 12.69
CA ARG D 746 25.96 -30.44 13.20
C ARG D 746 26.78 -31.62 12.69
N SER D 747 27.53 -31.44 11.61
CA SER D 747 28.33 -32.54 11.06
C SER D 747 29.66 -32.71 11.78
N PHE D 748 30.03 -31.78 12.66
CA PHE D 748 31.29 -31.90 13.37
C PHE D 748 31.21 -32.98 14.43
N PRO D 749 32.36 -33.53 14.83
CA PRO D 749 32.37 -34.48 15.95
C PRO D 749 32.05 -33.79 17.27
N VAL D 750 31.57 -34.60 18.22
CA VAL D 750 31.10 -34.06 19.48
C VAL D 750 32.25 -33.38 20.24
N PHE D 751 33.42 -34.01 20.27
CA PHE D 751 34.53 -33.43 21.03
C PHE D 751 34.97 -32.10 20.44
N LEU D 752 35.06 -32.02 19.11
CA LEU D 752 35.42 -30.75 18.48
C LEU D 752 34.36 -29.70 18.77
N ARG D 753 33.08 -30.09 18.73
CA ARG D 753 32.01 -29.14 19.01
C ARG D 753 32.13 -28.59 20.43
N LYS D 754 32.43 -29.46 21.40
CA LYS D 754 32.66 -28.99 22.75
C LYS D 754 33.86 -28.06 22.82
N ALA D 755 34.91 -28.38 22.07
CA ALA D 755 36.08 -27.49 22.02
C ALA D 755 35.72 -26.13 21.46
N PHE D 756 34.65 -26.03 20.67
CA PHE D 756 34.22 -24.76 20.09
C PHE D 756 33.05 -24.14 20.84
N ARG D 757 32.91 -24.46 22.13
CA ARG D 757 31.82 -23.90 22.91
C ARG D 757 31.91 -22.38 22.94
N SER D 758 30.76 -21.73 22.89
CA SER D 758 30.66 -20.27 22.91
C SER D 758 30.09 -19.81 24.24
N GLY D 759 30.57 -18.67 24.70
CA GLY D 759 30.10 -18.08 25.95
C GLY D 759 31.17 -18.10 27.02
N GLU D 760 30.77 -17.67 28.21
CA GLU D 760 31.64 -17.57 29.37
C GLU D 760 31.17 -18.52 30.46
N MET D 761 31.91 -18.52 31.57
CA MET D 761 31.58 -19.34 32.73
C MET D 761 31.40 -18.46 33.96
N VAL D 762 30.66 -17.36 33.80
CA VAL D 762 30.52 -16.38 34.87
C VAL D 762 29.77 -17.00 36.04
N THR D 763 30.29 -16.80 37.25
CA THR D 763 29.62 -17.21 38.48
C THR D 763 28.80 -16.03 38.99
N VAL D 764 27.67 -15.80 38.34
CA VAL D 764 26.86 -14.61 38.63
C VAL D 764 26.35 -14.64 40.06
N GLY D 765 25.89 -15.80 40.53
CA GLY D 765 25.34 -15.90 41.86
C GLY D 765 25.65 -17.24 42.49
N LYS D 766 25.38 -17.33 43.78
CA LYS D 766 25.58 -18.54 44.56
C LYS D 766 24.24 -19.20 44.88
N SER D 767 24.28 -20.51 45.07
CA SER D 767 23.07 -21.26 45.37
C SER D 767 22.58 -20.92 46.77
N SER D 768 21.48 -21.58 47.17
CA SER D 768 20.93 -21.35 48.50
C SER D 768 21.93 -21.72 49.58
N ASP D 769 22.66 -22.82 49.39
CA ASP D 769 23.68 -23.23 50.35
C ASP D 769 24.99 -22.46 50.17
N GLY D 770 25.09 -21.61 49.15
CA GLY D 770 26.28 -20.81 48.92
C GLY D 770 27.17 -21.32 47.81
N THR D 771 26.93 -22.51 47.28
CA THR D 771 27.75 -23.04 46.22
C THR D 771 27.59 -22.20 44.95
N PRO D 772 28.65 -22.05 44.16
CA PRO D 772 28.55 -21.24 42.94
C PRO D 772 27.80 -21.97 41.85
N ASP D 773 26.95 -21.23 41.13
CA ASP D 773 26.19 -21.81 40.04
C ASP D 773 27.10 -22.20 38.88
N ARG D 774 27.97 -21.28 38.46
CA ARG D 774 28.93 -21.51 37.39
C ARG D 774 28.24 -22.08 36.15
N ARG D 775 27.36 -21.27 35.57
CA ARG D 775 26.59 -21.65 34.40
C ARG D 775 27.08 -20.89 33.17
N TRP D 776 27.03 -21.56 32.02
CA TRP D 776 27.42 -20.93 30.78
C TRP D 776 26.43 -19.83 30.39
N CYS D 777 26.96 -18.71 29.90
CA CYS D 777 26.14 -17.55 29.57
C CYS D 777 26.70 -16.91 28.31
N PHE D 778 26.18 -15.74 27.96
CA PHE D 778 26.57 -15.02 26.76
C PHE D 778 26.14 -13.58 26.90
N ARG D 779 27.07 -12.64 26.70
CA ARG D 779 26.81 -11.24 26.98
C ARG D 779 26.61 -10.46 25.69
N VAL D 780 25.66 -9.52 25.72
CA VAL D 780 25.40 -8.61 24.62
C VAL D 780 25.28 -7.21 25.19
N ASP D 781 25.12 -6.23 24.30
CA ASP D 781 25.02 -4.84 24.72
C ASP D 781 24.19 -4.05 23.73
N GLU D 782 23.62 -2.95 24.22
CA GLU D 782 22.81 -2.07 23.39
C GLU D 782 22.97 -0.65 23.92
N VAL D 783 22.24 0.28 23.31
CA VAL D 783 22.34 1.70 23.61
C VAL D 783 20.95 2.25 23.87
N ASN D 784 20.78 3.00 24.96
CA ASN D 784 19.55 3.69 25.26
C ASN D 784 19.87 5.10 25.71
N TRP D 785 19.06 6.07 25.26
CA TRP D 785 19.27 7.46 25.57
C TRP D 785 18.20 8.07 26.48
N SER D 786 17.08 7.38 26.68
CA SER D 786 16.01 7.89 27.51
C SER D 786 16.11 7.44 28.96
N HIS D 787 17.13 6.66 29.32
CA HIS D 787 17.29 6.16 30.68
C HIS D 787 18.06 7.20 31.51
N TRP D 788 17.36 8.28 31.83
CA TRP D 788 17.91 9.32 32.69
C TRP D 788 17.00 9.56 33.89
N MET E 1 -57.84 -14.58 7.62
CA MET E 1 -56.59 -14.05 8.26
C MET E 1 -56.38 -12.59 7.86
N ALA E 2 -55.79 -12.38 6.69
CA ALA E 2 -55.55 -11.04 6.15
C ALA E 2 -56.46 -10.83 4.94
N ALA E 3 -57.30 -9.81 5.00
CA ALA E 3 -58.22 -9.54 3.90
C ALA E 3 -57.44 -9.12 2.66
N ILE E 4 -57.90 -9.56 1.50
CA ILE E 4 -57.25 -9.26 0.22
C ILE E 4 -58.06 -8.17 -0.47
N ARG E 5 -57.36 -7.14 -0.96
CA ARG E 5 -58.02 -6.01 -1.60
C ARG E 5 -58.14 -6.24 -3.11
N LYS E 6 -59.34 -6.08 -3.63
CA LYS E 6 -59.60 -6.24 -5.05
C LYS E 6 -60.39 -5.05 -5.58
N LYS E 7 -60.10 -4.67 -6.82
CA LYS E 7 -60.66 -3.49 -7.46
C LYS E 7 -61.81 -3.90 -8.37
N LEU E 8 -62.99 -3.34 -8.12
CA LEU E 8 -64.17 -3.59 -8.94
C LEU E 8 -64.64 -2.27 -9.52
N VAL E 9 -64.85 -2.25 -10.83
CA VAL E 9 -65.35 -1.05 -11.51
C VAL E 9 -66.64 -1.40 -12.24
N ILE E 10 -67.66 -0.57 -12.07
CA ILE E 10 -68.97 -0.79 -12.69
C ILE E 10 -69.13 0.22 -13.81
N VAL E 11 -69.45 -0.26 -15.01
CA VAL E 11 -69.60 0.59 -16.19
C VAL E 11 -70.91 0.24 -16.88
N GLY E 12 -71.69 1.26 -17.19
CA GLY E 12 -72.98 1.06 -17.87
C GLY E 12 -73.52 2.39 -18.35
N ASP E 13 -74.53 2.30 -19.22
CA ASP E 13 -75.12 3.50 -19.78
C ASP E 13 -75.96 4.23 -18.73
N GLY E 14 -76.19 5.51 -18.98
CA GLY E 14 -76.85 6.35 -17.99
C GLY E 14 -78.24 5.83 -17.63
N ALA E 15 -78.63 6.07 -16.38
CA ALA E 15 -79.94 5.72 -15.85
C ALA E 15 -80.16 4.21 -15.79
N CYS E 16 -79.08 3.43 -15.71
CA CYS E 16 -79.18 1.98 -15.63
C CYS E 16 -79.22 1.44 -14.22
N GLY E 17 -78.99 2.28 -13.21
CA GLY E 17 -79.03 1.83 -11.83
C GLY E 17 -77.72 1.31 -11.28
N LYS E 18 -76.60 1.57 -11.94
CA LYS E 18 -75.31 1.13 -11.41
C LYS E 18 -75.07 1.71 -10.02
N THR E 19 -75.27 3.04 -9.89
CA THR E 19 -75.10 3.68 -8.59
C THR E 19 -76.07 3.10 -7.57
N CYS E 20 -77.33 2.87 -7.97
CA CYS E 20 -78.29 2.27 -7.06
C CYS E 20 -77.86 0.87 -6.65
N LEU E 21 -77.33 0.08 -7.60
CA LEU E 21 -76.87 -1.26 -7.28
C LEU E 21 -75.78 -1.21 -6.21
N LEU E 22 -74.77 -0.37 -6.41
CA LEU E 22 -73.68 -0.29 -5.44
C LEU E 22 -74.17 0.28 -4.11
N ILE E 23 -75.11 1.22 -4.13
CA ILE E 23 -75.62 1.81 -2.89
C ILE E 23 -76.37 0.75 -2.09
N VAL E 24 -77.21 -0.04 -2.74
CA VAL E 24 -77.93 -1.10 -2.05
C VAL E 24 -76.96 -2.12 -1.50
N PHE E 25 -75.88 -2.42 -2.21
CA PHE E 25 -74.85 -3.26 -1.64
C PHE E 25 -74.24 -2.62 -0.40
N SER E 26 -74.03 -1.30 -0.45
CA SER E 26 -73.31 -0.62 0.61
C SER E 26 -74.11 -0.60 1.91
N LYS E 27 -75.28 0.04 1.89
CA LYS E 27 -76.05 0.24 3.12
C LYS E 27 -77.34 -0.56 3.17
N ASP E 28 -77.64 -1.35 2.14
CA ASP E 28 -78.86 -2.17 2.12
C ASP E 28 -80.11 -1.32 2.35
N GLN E 29 -80.07 -0.07 1.93
CA GLN E 29 -81.20 0.86 2.07
C GLN E 29 -81.31 1.66 0.79
N PHE E 30 -82.42 1.47 0.08
CA PHE E 30 -82.61 2.16 -1.19
C PHE E 30 -82.84 3.65 -0.94
N PRO E 31 -82.03 4.55 -1.51
CA PRO E 31 -82.29 5.98 -1.37
C PRO E 31 -83.42 6.42 -2.30
N GLU E 32 -84.54 6.80 -1.69
CA GLU E 32 -85.74 7.18 -2.44
C GLU E 32 -85.85 8.68 -2.68
N VAL E 33 -84.88 9.47 -2.24
CA VAL E 33 -84.92 10.92 -2.36
C VAL E 33 -83.70 11.44 -3.13
N TYR E 34 -82.50 11.05 -2.70
CA TYR E 34 -81.26 11.59 -3.26
C TYR E 34 -80.35 10.45 -3.66
N VAL E 35 -79.86 10.51 -4.91
CA VAL E 35 -78.92 9.53 -5.43
C VAL E 35 -77.72 10.28 -6.00
N PRO E 36 -76.52 10.11 -5.46
CA PRO E 36 -75.35 10.78 -6.05
C PRO E 36 -75.11 10.30 -7.47
N THR E 37 -74.60 11.22 -8.30
CA THR E 37 -74.26 10.86 -9.67
C THR E 37 -73.23 9.75 -9.72
N VAL E 38 -72.34 9.69 -8.72
CA VAL E 38 -71.32 8.65 -8.64
C VAL E 38 -71.09 8.33 -7.18
N PHE E 39 -70.85 7.05 -6.90
CA PHE E 39 -70.52 6.56 -5.57
C PHE E 39 -69.05 6.12 -5.61
N GLU E 40 -68.19 6.83 -4.89
CA GLU E 40 -66.76 6.66 -5.01
C GLU E 40 -66.13 6.47 -3.64
N ASN E 41 -64.93 5.86 -3.64
CA ASN E 41 -64.11 5.72 -2.45
C ASN E 41 -64.86 4.96 -1.36
N TYR E 42 -65.24 3.73 -1.68
CA TYR E 42 -65.85 2.83 -0.72
C TYR E 42 -65.25 1.45 -0.86
N VAL E 43 -65.01 0.81 0.30
CA VAL E 43 -64.45 -0.53 0.38
C VAL E 43 -65.40 -1.36 1.25
N ALA E 44 -65.82 -2.51 0.74
CA ALA E 44 -66.78 -3.36 1.41
C ALA E 44 -66.18 -4.73 1.70
N ASP E 45 -66.54 -5.30 2.83
CA ASP E 45 -66.02 -6.59 3.26
C ASP E 45 -66.95 -7.70 2.80
N ILE E 46 -66.38 -8.76 2.24
CA ILE E 46 -67.18 -9.87 1.73
C ILE E 46 -66.39 -11.17 1.92
N GLU E 47 -67.10 -12.21 2.32
CA GLU E 47 -66.52 -13.55 2.47
C GLU E 47 -67.30 -14.52 1.59
N VAL E 48 -66.58 -15.30 0.79
CA VAL E 48 -67.23 -16.21 -0.16
C VAL E 48 -66.88 -17.65 0.18
N ASP E 49 -65.60 -18.00 0.18
CA ASP E 49 -65.14 -19.36 0.46
C ASP E 49 -63.88 -19.28 1.30
N GLY E 50 -64.06 -19.20 2.62
CA GLY E 50 -62.94 -19.22 3.54
C GLY E 50 -61.94 -18.09 3.33
N LYS E 51 -62.31 -17.07 2.55
CA LYS E 51 -61.43 -15.95 2.26
C LYS E 51 -62.18 -14.65 2.52
N GLN E 52 -61.46 -13.67 3.06
CA GLN E 52 -62.01 -12.35 3.33
C GLN E 52 -61.45 -11.36 2.33
N VAL E 53 -62.34 -10.63 1.65
CA VAL E 53 -61.97 -9.76 0.54
C VAL E 53 -62.55 -8.38 0.81
N GLU E 54 -61.69 -7.36 0.68
CA GLU E 54 -62.12 -5.96 0.69
C GLU E 54 -62.22 -5.51 -0.76
N LEU E 55 -63.44 -5.22 -1.19
CA LEU E 55 -63.72 -4.84 -2.57
C LEU E 55 -63.84 -3.33 -2.64
N ALA E 56 -62.97 -2.70 -3.43
CA ALA E 56 -63.01 -1.26 -3.65
C ALA E 56 -63.89 -0.99 -4.87
N LEU E 57 -64.99 -0.28 -4.63
CA LEU E 57 -66.04 -0.11 -5.64
C LEU E 57 -65.86 1.25 -6.32
N TRP E 58 -65.68 1.23 -7.64
CA TRP E 58 -65.54 2.46 -8.42
C TRP E 58 -66.64 2.53 -9.48
N ASP E 59 -67.08 3.76 -9.74
CA ASP E 59 -68.17 4.04 -10.66
C ASP E 59 -67.69 5.00 -11.73
N THR E 60 -68.27 4.89 -12.91
CA THR E 60 -67.93 5.73 -14.05
C THR E 60 -69.19 6.31 -14.66
N ALA E 61 -69.14 7.60 -14.98
CA ALA E 61 -70.28 8.30 -15.54
C ALA E 61 -69.82 9.15 -16.72
N GLY E 62 -70.79 9.63 -17.50
CA GLY E 62 -70.50 10.49 -18.62
C GLY E 62 -71.59 11.53 -18.82
N GLN E 63 -72.39 11.74 -17.78
CA GLN E 63 -73.48 12.71 -17.83
C GLN E 63 -72.94 14.09 -18.14
N GLU E 64 -71.91 14.49 -17.40
CA GLU E 64 -71.28 15.79 -17.61
C GLU E 64 -69.83 15.73 -17.17
N ASP E 65 -68.91 15.89 -18.12
CA ASP E 65 -67.50 16.06 -17.83
C ASP E 65 -66.86 14.83 -17.17
N TYR E 66 -67.63 13.77 -16.96
CA TYR E 66 -67.06 12.56 -16.38
C TYR E 66 -66.46 11.64 -17.44
N ASP E 67 -66.82 11.81 -18.71
CA ASP E 67 -66.23 11.00 -19.76
C ASP E 67 -64.73 11.28 -19.90
N ARG E 68 -64.34 12.55 -19.77
CA ARG E 68 -62.93 12.90 -19.93
C ARG E 68 -62.08 12.22 -18.87
N LEU E 69 -62.56 12.15 -17.63
CA LEU E 69 -61.82 11.55 -16.54
C LEU E 69 -62.10 10.06 -16.37
N ARG E 70 -63.05 9.50 -17.12
CA ARG E 70 -63.35 8.08 -17.00
C ARG E 70 -62.13 7.19 -17.23
N PRO E 71 -61.28 7.43 -18.22
CA PRO E 71 -60.13 6.54 -18.44
C PRO E 71 -59.24 6.36 -17.21
N LEU E 72 -59.19 7.37 -16.34
CA LEU E 72 -58.31 7.30 -15.17
C LEU E 72 -58.72 6.21 -14.19
N SER E 73 -59.96 5.73 -14.25
CA SER E 73 -60.47 4.76 -13.30
C SER E 73 -60.24 3.32 -13.74
N TYR E 74 -59.76 3.09 -14.95
CA TYR E 74 -59.56 1.73 -15.47
C TYR E 74 -58.29 1.05 -14.97
N PRO E 75 -57.14 1.73 -14.92
CA PRO E 75 -55.89 1.00 -14.61
C PRO E 75 -55.94 0.31 -13.26
N ASP E 76 -55.27 -0.84 -13.21
CA ASP E 76 -55.19 -1.74 -12.05
C ASP E 76 -56.54 -2.29 -11.61
N THR E 77 -57.48 -2.36 -12.54
CA THR E 77 -58.80 -2.93 -12.26
C THR E 77 -58.72 -4.45 -12.22
N ASP E 78 -59.39 -5.04 -11.23
CA ASP E 78 -59.40 -6.49 -11.07
C ASP E 78 -60.66 -7.15 -11.62
N VAL E 79 -61.80 -6.45 -11.62
CA VAL E 79 -63.04 -7.02 -12.16
C VAL E 79 -63.92 -5.89 -12.66
N ILE E 80 -64.63 -6.16 -13.75
CA ILE E 80 -65.50 -5.20 -14.42
C ILE E 80 -66.93 -5.72 -14.37
N LEU E 81 -67.87 -4.83 -14.04
CA LEU E 81 -69.30 -5.13 -14.14
C LEU E 81 -69.88 -4.34 -15.31
N MET E 82 -70.07 -5.05 -16.42
CA MET E 82 -70.76 -4.51 -17.59
C MET E 82 -72.26 -4.49 -17.30
N CYS E 83 -72.83 -3.29 -17.14
CA CYS E 83 -74.14 -3.11 -16.57
C CYS E 83 -75.08 -2.51 -17.59
N PHE E 84 -76.32 -3.00 -17.66
CA PHE E 84 -77.31 -2.48 -18.58
C PHE E 84 -78.69 -2.64 -17.98
N SER E 85 -79.70 -2.20 -18.73
CA SER E 85 -81.08 -2.14 -18.26
C SER E 85 -81.94 -3.13 -19.02
N ILE E 86 -82.83 -3.81 -18.28
CA ILE E 86 -83.78 -4.71 -18.91
C ILE E 86 -85.00 -3.95 -19.40
N ASP E 87 -85.32 -2.80 -18.80
CA ASP E 87 -86.44 -1.98 -19.23
C ASP E 87 -86.10 -1.06 -20.39
N SER E 88 -84.82 -0.94 -20.74
CA SER E 88 -84.39 -0.10 -21.85
C SER E 88 -83.65 -0.97 -22.87
N PRO E 89 -84.30 -1.46 -23.91
CA PRO E 89 -83.60 -2.33 -24.86
C PRO E 89 -82.42 -1.65 -25.54
N ASP E 90 -82.47 -0.33 -25.70
CA ASP E 90 -81.37 0.38 -26.34
C ASP E 90 -80.05 0.19 -25.59
N SER E 91 -80.13 -0.17 -24.30
CA SER E 91 -78.92 -0.40 -23.52
C SER E 91 -78.17 -1.65 -23.95
N LEU E 92 -78.75 -2.49 -24.80
CA LEU E 92 -78.13 -3.75 -25.19
C LEU E 92 -77.22 -3.59 -26.40
N GLU E 93 -77.76 -3.12 -27.53
CA GLU E 93 -77.00 -3.10 -28.77
C GLU E 93 -75.79 -2.19 -28.70
N ASN E 94 -75.74 -1.27 -27.73
CA ASN E 94 -74.59 -0.40 -27.58
C ASN E 94 -73.43 -1.04 -26.83
N ILE E 95 -73.68 -2.16 -26.14
CA ILE E 95 -72.60 -2.81 -25.39
C ILE E 95 -71.47 -3.26 -26.30
N PRO E 96 -71.72 -3.98 -27.40
CA PRO E 96 -70.58 -4.45 -28.21
C PRO E 96 -69.93 -3.36 -29.04
N GLU E 97 -70.71 -2.40 -29.54
CA GLU E 97 -70.19 -1.47 -30.52
C GLU E 97 -69.12 -0.55 -29.93
N LYS E 98 -69.40 0.06 -28.80
CA LYS E 98 -68.54 1.11 -28.26
C LYS E 98 -67.95 0.79 -26.89
N TRP E 99 -68.72 0.18 -25.99
CA TRP E 99 -68.22 -0.06 -24.64
C TRP E 99 -67.15 -1.15 -24.63
N THR E 100 -67.42 -2.27 -25.30
CA THR E 100 -66.48 -3.39 -25.28
C THR E 100 -65.11 -3.02 -25.82
N PRO E 101 -64.98 -2.40 -26.99
CA PRO E 101 -63.63 -2.07 -27.48
C PRO E 101 -62.88 -1.14 -26.56
N GLU E 102 -63.55 -0.20 -25.89
CA GLU E 102 -62.88 0.64 -24.92
C GLU E 102 -62.37 -0.18 -23.73
N VAL E 103 -63.22 -1.08 -23.22
CA VAL E 103 -62.81 -1.94 -22.12
C VAL E 103 -61.56 -2.72 -22.51
N LYS E 104 -61.54 -3.29 -23.72
CA LYS E 104 -60.38 -4.06 -24.14
C LYS E 104 -59.18 -3.15 -24.41
N HIS E 105 -59.42 -1.91 -24.80
CA HIS E 105 -58.33 -0.99 -25.10
C HIS E 105 -57.57 -0.61 -23.83
N PHE E 106 -58.28 -0.24 -22.78
CA PHE E 106 -57.59 0.28 -21.60
C PHE E 106 -57.12 -0.85 -20.69
N CYS E 107 -58.00 -1.79 -20.37
CA CYS E 107 -57.74 -2.85 -19.40
C CYS E 107 -58.10 -4.20 -20.02
N PRO E 108 -57.18 -4.81 -20.77
CA PRO E 108 -57.46 -6.13 -21.34
C PRO E 108 -57.15 -7.25 -20.36
N ASN E 109 -57.60 -8.45 -20.72
CA ASN E 109 -57.40 -9.64 -19.88
C ASN E 109 -57.95 -9.42 -18.48
N VAL E 110 -59.15 -8.84 -18.39
CA VAL E 110 -59.80 -8.58 -17.12
C VAL E 110 -61.16 -9.26 -17.13
N PRO E 111 -61.56 -9.95 -16.05
CA PRO E 111 -62.88 -10.58 -16.04
C PRO E 111 -63.99 -9.54 -16.09
N ILE E 112 -65.00 -9.85 -16.92
CA ILE E 112 -66.14 -8.98 -17.15
C ILE E 112 -67.41 -9.77 -16.84
N ILE E 113 -68.29 -9.18 -16.03
CA ILE E 113 -69.54 -9.82 -15.62
C ILE E 113 -70.69 -8.98 -16.17
N LEU E 114 -71.54 -9.59 -16.97
CA LEU E 114 -72.72 -8.91 -17.51
C LEU E 114 -73.85 -8.92 -16.50
N VAL E 115 -74.54 -7.80 -16.39
CA VAL E 115 -75.67 -7.71 -15.46
C VAL E 115 -76.76 -6.84 -16.07
N GLY E 116 -77.99 -7.31 -15.97
CA GLY E 116 -79.17 -6.54 -16.36
C GLY E 116 -79.94 -6.11 -15.11
N ASN E 117 -80.40 -4.86 -15.13
CA ASN E 117 -81.12 -4.28 -14.00
C ASN E 117 -82.61 -4.26 -14.27
N LYS E 118 -83.38 -4.01 -13.21
CA LYS E 118 -84.81 -3.79 -13.31
C LYS E 118 -85.52 -5.02 -13.86
N LYS E 119 -85.38 -6.13 -13.11
CA LYS E 119 -86.02 -7.37 -13.51
C LYS E 119 -87.54 -7.25 -13.47
N ASP E 120 -88.08 -6.63 -12.42
CA ASP E 120 -89.52 -6.47 -12.33
C ASP E 120 -90.06 -5.59 -13.45
N LEU E 121 -89.34 -4.54 -13.80
CA LEU E 121 -89.81 -3.61 -14.82
C LEU E 121 -90.02 -4.28 -16.17
N ARG E 122 -89.40 -5.44 -16.40
CA ARG E 122 -89.61 -6.13 -17.67
C ARG E 122 -91.04 -6.65 -17.79
N ASN E 123 -91.68 -6.95 -16.66
CA ASN E 123 -93.04 -7.48 -16.65
C ASN E 123 -94.10 -6.42 -16.38
N ASP E 124 -93.70 -5.15 -16.26
CA ASP E 124 -94.66 -4.09 -15.98
C ASP E 124 -95.55 -3.83 -17.19
N GLU E 125 -96.77 -3.37 -16.92
CA GLU E 125 -97.73 -3.08 -17.98
C GLU E 125 -97.59 -1.66 -18.52
N HIS E 126 -97.38 -0.69 -17.63
CA HIS E 126 -97.21 0.70 -18.09
C HIS E 126 -95.96 0.84 -18.95
N THR E 127 -94.86 0.22 -18.53
CA THR E 127 -93.64 0.27 -19.32
C THR E 127 -93.84 -0.37 -20.69
N ARG E 128 -94.52 -1.51 -20.73
CA ARG E 128 -94.77 -2.17 -22.00
C ARG E 128 -95.64 -1.29 -22.91
N ARG E 129 -96.68 -0.69 -22.35
CA ARG E 129 -97.57 0.15 -23.14
C ARG E 129 -96.82 1.36 -23.71
N GLU E 130 -96.02 2.02 -22.87
CA GLU E 130 -95.26 3.17 -23.34
C GLU E 130 -94.23 2.76 -24.39
N LEU E 131 -93.56 1.62 -24.18
CA LEU E 131 -92.53 1.17 -25.10
C LEU E 131 -93.11 0.75 -26.44
N ALA E 132 -94.33 0.21 -26.45
CA ALA E 132 -94.94 -0.25 -27.70
C ALA E 132 -95.16 0.90 -28.67
N LYS E 133 -95.15 2.15 -28.19
CA LYS E 133 -95.31 3.30 -29.08
C LYS E 133 -94.21 3.37 -30.14
N MET E 134 -93.04 2.76 -29.88
CA MET E 134 -91.93 2.76 -30.82
C MET E 134 -91.63 1.36 -31.34
N LYS E 135 -92.59 0.44 -31.25
CA LYS E 135 -92.42 -0.93 -31.72
C LYS E 135 -91.21 -1.58 -31.04
N GLN E 136 -91.25 -1.60 -29.71
CA GLN E 136 -90.19 -2.17 -28.90
C GLN E 136 -90.79 -3.01 -27.78
N GLU E 137 -90.03 -3.98 -27.30
CA GLU E 137 -90.45 -4.86 -26.23
C GLU E 137 -89.35 -4.98 -25.18
N PRO E 138 -89.71 -5.31 -23.93
CA PRO E 138 -88.68 -5.51 -22.89
C PRO E 138 -87.58 -6.46 -23.33
N VAL E 139 -86.42 -6.37 -22.66
CA VAL E 139 -85.29 -7.23 -22.99
C VAL E 139 -85.58 -8.66 -22.55
N LYS E 140 -85.39 -9.61 -23.46
CA LYS E 140 -85.65 -11.01 -23.15
C LYS E 140 -84.47 -11.61 -22.39
N PRO E 141 -84.70 -12.23 -21.22
CA PRO E 141 -83.58 -12.84 -20.49
C PRO E 141 -82.76 -13.83 -21.30
N GLU E 142 -83.37 -14.62 -22.18
CA GLU E 142 -82.60 -15.54 -23.01
C GLU E 142 -81.65 -14.78 -23.93
N GLU E 143 -82.11 -13.65 -24.47
CA GLU E 143 -81.24 -12.81 -25.26
C GLU E 143 -80.00 -12.41 -24.47
N GLY E 144 -80.18 -12.11 -23.17
CA GLY E 144 -79.04 -11.84 -22.32
C GLY E 144 -78.16 -13.06 -22.11
N ARG E 145 -78.78 -14.23 -21.92
CA ARG E 145 -78.01 -15.46 -21.79
C ARG E 145 -77.05 -15.61 -22.96
N ASP E 146 -77.54 -15.36 -24.18
CA ASP E 146 -76.69 -15.49 -25.36
C ASP E 146 -75.71 -14.33 -25.48
N MET E 147 -76.16 -13.10 -25.19
CA MET E 147 -75.29 -11.93 -25.32
C MET E 147 -74.08 -12.06 -24.41
N ALA E 148 -74.25 -12.70 -23.25
CA ALA E 148 -73.11 -13.00 -22.40
C ALA E 148 -72.13 -13.90 -23.13
N ASN E 149 -72.62 -14.90 -23.85
CA ASN E 149 -71.75 -15.80 -24.57
C ASN E 149 -70.98 -15.08 -25.67
N ARG E 150 -71.65 -14.17 -26.40
CA ARG E 150 -70.99 -13.53 -27.53
C ARG E 150 -69.78 -12.72 -27.09
N ILE E 151 -69.92 -11.93 -26.03
CA ILE E 151 -68.89 -10.99 -25.62
C ILE E 151 -67.90 -11.69 -24.67
N GLY E 152 -68.04 -13.00 -24.52
CA GLY E 152 -67.14 -13.73 -23.65
C GLY E 152 -67.21 -13.31 -22.20
N ALA E 153 -68.40 -12.94 -21.73
CA ALA E 153 -68.56 -12.55 -20.34
C ALA E 153 -68.33 -13.75 -19.43
N PHE E 154 -67.68 -13.51 -18.29
CA PHE E 154 -67.46 -14.56 -17.32
C PHE E 154 -68.79 -15.12 -16.81
N GLY E 155 -69.74 -14.24 -16.52
CA GLY E 155 -71.07 -14.66 -16.13
C GLY E 155 -72.04 -13.52 -16.28
N TYR E 156 -73.30 -13.84 -16.55
CA TYR E 156 -74.34 -12.83 -16.74
C TYR E 156 -75.48 -13.09 -15.79
N MET E 157 -75.99 -12.02 -15.16
CA MET E 157 -76.98 -12.15 -14.11
C MET E 157 -77.99 -11.00 -14.19
N GLU E 158 -78.99 -11.06 -13.31
CA GLU E 158 -80.03 -10.05 -13.19
C GLU E 158 -80.07 -9.53 -11.76
N CYS E 159 -80.33 -8.23 -11.62
CA CYS E 159 -80.42 -7.59 -10.32
C CYS E 159 -81.66 -6.70 -10.27
N SER E 160 -82.16 -6.51 -9.05
CA SER E 160 -83.33 -5.66 -8.79
C SER E 160 -83.06 -4.91 -7.50
N ALA E 161 -82.61 -3.66 -7.62
CA ALA E 161 -82.25 -2.88 -6.44
C ALA E 161 -83.45 -2.60 -5.55
N LYS E 162 -84.63 -2.44 -6.16
CA LYS E 162 -85.83 -2.13 -5.37
C LYS E 162 -86.16 -3.26 -4.39
N THR E 163 -86.08 -4.50 -4.85
CA THR E 163 -86.40 -5.66 -4.01
C THR E 163 -85.15 -6.45 -3.61
N LYS E 164 -83.96 -5.87 -3.75
CA LYS E 164 -82.72 -6.44 -3.25
C LYS E 164 -82.62 -7.93 -3.56
N ASP E 165 -82.92 -8.28 -4.81
CA ASP E 165 -82.88 -9.66 -5.28
C ASP E 165 -81.63 -9.87 -6.12
N GLY E 166 -80.78 -10.80 -5.69
CA GLY E 166 -79.62 -11.20 -6.45
C GLY E 166 -78.41 -10.29 -6.33
N VAL E 167 -78.50 -9.21 -5.55
CA VAL E 167 -77.36 -8.31 -5.41
C VAL E 167 -76.19 -9.03 -4.74
N ARG E 168 -76.45 -9.71 -3.62
CA ARG E 168 -75.39 -10.41 -2.91
C ARG E 168 -74.75 -11.46 -3.79
N GLU E 169 -75.56 -12.29 -4.44
CA GLU E 169 -75.02 -13.35 -5.30
C GLU E 169 -74.27 -12.76 -6.48
N VAL E 170 -74.78 -11.69 -7.08
CA VAL E 170 -74.14 -11.11 -8.25
C VAL E 170 -72.75 -10.58 -7.89
N PHE E 171 -72.66 -9.80 -6.81
CA PHE E 171 -71.36 -9.27 -6.43
C PHE E 171 -70.45 -10.34 -5.86
N GLU E 172 -71.01 -11.40 -5.27
CA GLU E 172 -70.19 -12.54 -4.89
C GLU E 172 -69.57 -13.20 -6.12
N MET E 173 -70.35 -13.33 -7.19
CA MET E 173 -69.80 -13.86 -8.43
C MET E 173 -68.71 -12.95 -8.97
N ALA E 174 -68.93 -11.64 -8.89
CA ALA E 174 -67.89 -10.68 -9.25
C ALA E 174 -66.60 -10.96 -8.48
N THR E 175 -66.72 -11.15 -7.16
CA THR E 175 -65.53 -11.36 -6.34
C THR E 175 -64.84 -12.68 -6.67
N ARG E 176 -65.61 -13.76 -6.83
CA ARG E 176 -65.00 -15.04 -7.18
C ARG E 176 -64.30 -14.95 -8.54
N ALA E 177 -64.87 -14.17 -9.47
CA ALA E 177 -64.16 -13.92 -10.73
C ALA E 177 -62.86 -13.18 -10.48
N ALA E 178 -62.89 -12.19 -9.59
CA ALA E 178 -61.70 -11.39 -9.32
C ALA E 178 -60.57 -12.23 -8.73
N LEU E 179 -60.90 -13.10 -7.76
CA LEU E 179 -59.85 -13.84 -7.06
C LEU E 179 -59.10 -14.78 -8.00
N GLN E 180 -59.77 -15.18 -9.09
CA GLN E 180 -59.16 -16.02 -10.11
C GLN E 180 -57.85 -15.39 -10.60
N ALA E 181 -56.82 -16.21 -10.73
CA ALA E 181 -55.48 -15.75 -11.09
C ALA E 181 -55.20 -15.54 -12.58
N ARG E 182 -56.20 -15.87 -13.43
CA ARG E 182 -56.17 -15.74 -14.91
C ARG E 182 -55.25 -16.86 -15.49
N ARG E 183 -54.77 -16.76 -16.73
CA ARG E 183 -53.95 -17.85 -17.21
C ARG E 183 -52.56 -17.49 -17.72
N GLY E 184 -51.65 -17.04 -16.85
CA GLY E 184 -50.31 -16.80 -17.35
C GLY E 184 -50.28 -15.71 -18.40
N LYS E 185 -49.58 -15.99 -19.51
CA LYS E 185 -49.50 -15.09 -20.65
C LYS E 185 -49.69 -15.89 -21.93
N LYS E 186 -50.23 -15.23 -22.95
CA LYS E 186 -50.53 -15.85 -24.24
C LYS E 186 -49.62 -15.27 -25.31
N LYS E 187 -48.97 -16.14 -26.10
CA LYS E 187 -48.11 -15.71 -27.20
C LYS E 187 -47.04 -14.75 -26.70
N SER E 188 -46.49 -15.05 -25.52
CA SER E 188 -45.50 -14.18 -24.91
C SER E 188 -44.23 -14.14 -25.76
N GLY E 189 -43.69 -12.93 -25.92
CA GLY E 189 -42.51 -12.77 -26.76
C GLY E 189 -41.31 -13.51 -26.19
N CYS E 190 -40.45 -13.98 -27.11
CA CYS E 190 -39.22 -14.67 -26.72
C CYS E 190 -38.22 -13.70 -26.10
N MET F 1 -20.83 54.23 -15.60
CA MET F 1 -20.76 53.17 -14.55
C MET F 1 -19.44 53.23 -13.80
N ALA F 2 -18.40 52.62 -14.37
CA ALA F 2 -17.06 52.62 -13.80
C ALA F 2 -16.16 53.47 -14.69
N ALA F 3 -15.57 54.51 -14.12
CA ALA F 3 -14.69 55.38 -14.90
C ALA F 3 -13.44 54.62 -15.34
N ILE F 4 -12.99 54.90 -16.55
CA ILE F 4 -11.81 54.24 -17.12
C ILE F 4 -10.64 55.20 -17.03
N ARG F 5 -9.50 54.71 -16.55
CA ARG F 5 -8.32 55.53 -16.36
C ARG F 5 -7.44 55.49 -17.60
N LYS F 6 -7.08 56.67 -18.10
CA LYS F 6 -6.21 56.79 -19.27
C LYS F 6 -5.09 57.77 -18.99
N LYS F 7 -3.91 57.47 -19.55
CA LYS F 7 -2.68 58.22 -19.31
C LYS F 7 -2.45 59.19 -20.45
N LEU F 8 -2.36 60.48 -20.14
CA LEU F 8 -2.07 61.52 -21.11
C LEU F 8 -0.77 62.21 -20.71
N VAL F 9 0.14 62.35 -21.67
CA VAL F 9 1.41 63.01 -21.44
C VAL F 9 1.55 64.15 -22.45
N ILE F 10 1.91 65.33 -21.96
CA ILE F 10 2.07 66.52 -22.80
C ILE F 10 3.54 66.82 -22.95
N VAL F 11 4.01 66.94 -24.19
CA VAL F 11 5.42 67.18 -24.46
C VAL F 11 5.54 68.34 -25.45
N GLY F 12 6.41 69.30 -25.13
CA GLY F 12 6.61 70.45 -25.99
C GLY F 12 7.82 71.23 -25.53
N ASP F 13 8.27 72.13 -26.40
CA ASP F 13 9.45 72.92 -26.11
C ASP F 13 9.15 73.97 -25.05
N GLY F 14 10.21 74.45 -24.39
CA GLY F 14 10.03 75.32 -23.25
C GLY F 14 9.29 76.60 -23.62
N ALA F 15 8.53 77.11 -22.64
CA ALA F 15 7.78 78.36 -22.76
C ALA F 15 6.66 78.26 -23.78
N CYS F 16 6.15 77.05 -24.04
CA CYS F 16 5.07 76.86 -25.00
C CYS F 16 3.69 76.88 -24.35
N GLY F 17 3.60 76.89 -23.04
CA GLY F 17 2.31 76.94 -22.37
C GLY F 17 1.68 75.60 -22.09
N LYS F 18 2.44 74.51 -22.15
CA LYS F 18 1.89 73.20 -21.82
C LYS F 18 1.35 73.18 -20.40
N THR F 19 2.17 73.66 -19.45
CA THR F 19 1.72 73.72 -18.06
C THR F 19 0.51 74.61 -17.92
N CYS F 20 0.50 75.76 -18.61
CA CYS F 20 -0.66 76.65 -18.55
C CYS F 20 -1.89 75.96 -19.13
N LEU F 21 -1.73 75.22 -20.23
CA LEU F 21 -2.86 74.51 -20.83
C LEU F 21 -3.47 73.54 -19.82
N LEU F 22 -2.63 72.71 -19.20
CA LEU F 22 -3.15 71.73 -18.24
C LEU F 22 -3.73 72.42 -17.01
N ILE F 23 -3.14 73.53 -16.57
CA ILE F 23 -3.65 74.24 -15.39
C ILE F 23 -5.04 74.80 -15.68
N VAL F 24 -5.21 75.42 -16.85
CA VAL F 24 -6.51 75.95 -17.23
C VAL F 24 -7.53 74.83 -17.33
N PHE F 25 -7.12 73.66 -17.83
CA PHE F 25 -8.03 72.52 -17.80
C PHE F 25 -8.38 72.15 -16.36
N SER F 26 -7.39 72.21 -15.46
CA SER F 26 -7.59 71.73 -14.11
C SER F 26 -8.57 72.60 -13.33
N LYS F 27 -8.21 73.88 -13.14
CA LYS F 27 -9.01 74.75 -12.28
C LYS F 27 -9.75 75.84 -13.05
N ASP F 28 -9.61 75.91 -14.37
CA ASP F 28 -10.29 76.92 -15.18
C ASP F 28 -9.98 78.34 -14.68
N GLN F 29 -8.79 78.53 -14.11
CA GLN F 29 -8.36 79.83 -13.61
C GLN F 29 -6.90 80.03 -13.99
N PHE F 30 -6.64 81.00 -14.84
CA PHE F 30 -5.28 81.25 -15.31
C PHE F 30 -4.44 81.80 -14.17
N PRO F 31 -3.32 81.15 -13.81
CA PRO F 31 -2.43 81.71 -12.78
C PRO F 31 -1.58 82.84 -13.36
N GLU F 32 -1.85 84.06 -12.89
CA GLU F 32 -1.18 85.25 -13.41
C GLU F 32 0.03 85.66 -12.58
N VAL F 33 0.38 84.90 -11.53
CA VAL F 33 1.49 85.23 -10.64
C VAL F 33 2.51 84.10 -10.60
N TYR F 34 2.05 82.88 -10.32
CA TYR F 34 2.94 81.74 -10.10
C TYR F 34 2.52 80.59 -11.00
N VAL F 35 3.48 80.03 -11.74
CA VAL F 35 3.25 78.88 -12.60
C VAL F 35 4.31 77.82 -12.26
N PRO F 36 3.92 76.65 -11.75
CA PRO F 36 4.92 75.61 -11.49
C PRO F 36 5.61 75.18 -12.78
N THR F 37 6.89 74.81 -12.64
CA THR F 37 7.63 74.31 -13.80
C THR F 37 6.99 73.07 -14.38
N VAL F 38 6.33 72.26 -13.54
CA VAL F 38 5.65 71.05 -13.99
C VAL F 38 4.41 70.86 -13.13
N PHE F 39 3.34 70.38 -13.75
CA PHE F 39 2.09 70.06 -13.06
C PHE F 39 1.95 68.53 -13.11
N GLU F 40 2.04 67.89 -11.96
CA GLU F 40 2.13 66.44 -11.89
C GLU F 40 1.10 65.88 -10.91
N ASN F 41 0.81 64.60 -11.10
CA ASN F 41 -0.06 63.85 -10.18
C ASN F 41 -1.44 64.48 -10.07
N TYR F 42 -2.11 64.59 -11.22
CA TYR F 42 -3.48 65.07 -11.26
C TYR F 42 -4.31 64.17 -12.18
N VAL F 43 -5.53 63.88 -11.75
CA VAL F 43 -6.49 63.09 -12.49
C VAL F 43 -7.78 63.88 -12.62
N ALA F 44 -8.26 64.03 -13.85
CA ALA F 44 -9.43 64.84 -14.13
C ALA F 44 -10.54 63.99 -14.74
N ASP F 45 -11.78 64.30 -14.39
CA ASP F 45 -12.94 63.56 -14.87
C ASP F 45 -13.50 64.22 -16.12
N ILE F 46 -13.78 63.39 -17.13
CA ILE F 46 -14.29 63.91 -18.40
C ILE F 46 -15.26 62.88 -18.99
N GLU F 47 -16.35 63.39 -19.56
CA GLU F 47 -17.34 62.55 -20.24
C GLU F 47 -17.48 63.06 -21.67
N VAL F 48 -17.40 62.13 -22.64
CA VAL F 48 -17.43 62.51 -24.04
C VAL F 48 -18.65 61.90 -24.72
N ASP F 49 -18.76 60.56 -24.71
CA ASP F 49 -19.88 59.87 -25.35
C ASP F 49 -20.29 58.70 -24.44
N GLY F 50 -21.18 58.98 -23.49
CA GLY F 50 -21.72 57.95 -22.63
C GLY F 50 -20.68 57.19 -21.83
N LYS F 51 -19.47 57.72 -21.76
CA LYS F 51 -18.38 57.08 -21.04
C LYS F 51 -17.71 58.09 -20.11
N GLN F 52 -17.33 57.64 -18.92
CA GLN F 52 -16.66 58.46 -17.94
C GLN F 52 -15.19 58.05 -17.86
N VAL F 53 -14.29 59.03 -18.03
CA VAL F 53 -12.87 58.77 -18.15
C VAL F 53 -12.13 59.63 -17.14
N GLU F 54 -11.24 59.00 -16.37
CA GLU F 54 -10.30 59.69 -15.51
C GLU F 54 -8.97 59.80 -16.24
N LEU F 55 -8.59 61.02 -16.59
CA LEU F 55 -7.38 61.28 -17.36
C LEU F 55 -6.28 61.69 -16.41
N ALA F 56 -5.19 60.92 -16.37
CA ALA F 56 -4.02 61.24 -15.57
C ALA F 56 -3.07 62.08 -16.41
N LEU F 57 -2.84 63.31 -15.99
CA LEU F 57 -2.11 64.30 -16.78
C LEU F 57 -0.66 64.36 -16.30
N TRP F 58 0.27 64.08 -17.21
CA TRP F 58 1.68 64.15 -16.91
C TRP F 58 2.38 65.16 -17.82
N ASP F 59 3.38 65.84 -17.26
CA ASP F 59 4.12 66.89 -17.94
C ASP F 59 5.61 66.53 -17.94
N THR F 60 6.30 67.01 -18.98
CA THR F 60 7.71 66.76 -19.14
C THR F 60 8.42 68.08 -19.42
N ALA F 61 9.57 68.27 -18.78
CA ALA F 61 10.35 69.49 -18.91
C ALA F 61 11.82 69.13 -19.08
N GLY F 62 12.60 70.12 -19.49
CA GLY F 62 14.03 69.94 -19.64
C GLY F 62 14.79 71.20 -19.29
N GLN F 63 14.13 72.10 -18.57
CA GLN F 63 14.74 73.36 -18.17
C GLN F 63 15.98 73.09 -17.33
N GLU F 64 15.85 72.22 -16.34
CA GLU F 64 16.98 71.88 -15.49
C GLU F 64 16.76 70.47 -14.93
N ASP F 65 17.64 69.54 -15.32
CA ASP F 65 17.69 68.21 -14.73
C ASP F 65 16.43 67.39 -14.96
N TYR F 66 15.45 67.93 -15.69
CA TYR F 66 14.25 67.17 -16.00
C TYR F 66 14.40 66.31 -17.24
N ASP F 67 15.38 66.61 -18.10
CA ASP F 67 15.61 65.80 -19.28
C ASP F 67 16.06 64.39 -18.90
N ARG F 68 16.90 64.27 -17.87
CA ARG F 68 17.39 62.95 -17.47
C ARG F 68 16.25 62.05 -17.02
N LEU F 69 15.30 62.60 -16.28
CA LEU F 69 14.17 61.82 -15.77
C LEU F 69 12.98 61.81 -16.72
N ARG F 70 13.02 62.57 -17.81
CA ARG F 70 11.90 62.58 -18.74
C ARG F 70 11.55 61.18 -19.28
N PRO F 71 12.51 60.33 -19.64
CA PRO F 71 12.14 59.01 -20.18
C PRO F 71 11.24 58.20 -19.26
N LEU F 72 11.34 58.41 -17.94
CA LEU F 72 10.56 57.62 -17.00
C LEU F 72 9.07 57.87 -17.12
N SER F 73 8.66 58.98 -17.74
CA SER F 73 7.25 59.34 -17.81
C SER F 73 6.55 58.78 -19.05
N TYR F 74 7.30 58.18 -19.99
CA TYR F 74 6.73 57.67 -21.23
C TYR F 74 6.01 56.33 -21.09
N PRO F 75 6.56 55.35 -20.37
CA PRO F 75 5.98 54.01 -20.41
C PRO F 75 4.53 53.99 -19.93
N ASP F 76 3.75 53.11 -20.55
CA ASP F 76 2.31 52.92 -20.30
C ASP F 76 1.47 54.16 -20.64
N THR F 77 1.99 55.00 -21.53
CA THR F 77 1.26 56.18 -21.98
C THR F 77 0.17 55.79 -22.96
N ASP F 78 -1.00 56.40 -22.79
CA ASP F 78 -2.14 56.12 -23.66
C ASP F 78 -2.35 57.17 -24.74
N VAL F 79 -1.97 58.43 -24.49
CA VAL F 79 -2.11 59.48 -25.50
C VAL F 79 -1.05 60.54 -25.27
N ILE F 80 -0.55 61.11 -26.36
CA ILE F 80 0.51 62.11 -26.34
C ILE F 80 -0.04 63.40 -26.94
N LEU F 81 0.26 64.52 -26.29
CA LEU F 81 -0.01 65.84 -26.83
C LEU F 81 1.30 66.49 -27.24
N MET F 82 1.57 66.46 -28.55
CA MET F 82 2.70 67.16 -29.14
C MET F 82 2.36 68.65 -29.22
N CYS F 83 3.04 69.46 -28.41
CA CYS F 83 2.64 70.82 -28.13
C CYS F 83 3.69 71.79 -28.63
N PHE F 84 3.25 72.89 -29.26
CA PHE F 84 4.18 73.90 -29.75
C PHE F 84 3.51 75.26 -29.71
N SER F 85 4.25 76.28 -30.13
CA SER F 85 3.83 77.67 -30.02
C SER F 85 3.56 78.26 -31.40
N ILE F 86 2.48 79.03 -31.52
CA ILE F 86 2.19 79.74 -32.75
C ILE F 86 2.97 81.04 -32.82
N ASP F 87 3.31 81.63 -31.67
CA ASP F 87 4.08 82.88 -31.64
C ASP F 87 5.58 82.64 -31.77
N SER F 88 6.03 81.40 -31.69
CA SER F 88 7.46 81.07 -31.83
C SER F 88 7.63 80.10 -32.98
N PRO F 89 7.96 80.57 -34.19
CA PRO F 89 8.08 79.64 -35.31
C PRO F 89 9.14 78.58 -35.11
N ASP F 90 10.19 78.89 -34.34
CA ASP F 90 11.25 77.91 -34.10
C ASP F 90 10.71 76.65 -33.44
N SER F 91 9.55 76.72 -32.78
CA SER F 91 8.95 75.56 -32.15
C SER F 91 8.44 74.53 -33.15
N LEU F 92 8.39 74.88 -34.44
CA LEU F 92 7.85 73.98 -35.45
C LEU F 92 8.90 73.03 -36.02
N GLU F 93 9.96 73.59 -36.61
CA GLU F 93 10.92 72.76 -37.33
C GLU F 93 11.64 71.77 -36.42
N ASN F 94 11.62 71.98 -35.10
CA ASN F 94 12.25 71.04 -34.18
C ASN F 94 11.37 69.84 -33.86
N ILE F 95 10.08 69.90 -34.17
CA ILE F 95 9.20 68.76 -33.87
C ILE F 95 9.63 67.50 -34.61
N PRO F 96 9.87 67.52 -35.93
CA PRO F 96 10.22 66.26 -36.60
C PRO F 96 11.64 65.78 -36.31
N GLU F 97 12.58 66.71 -36.17
CA GLU F 97 14.00 66.34 -36.13
C GLU F 97 14.32 65.51 -34.89
N LYS F 98 13.93 66.00 -33.71
CA LYS F 98 14.38 65.41 -32.45
C LYS F 98 13.26 64.87 -31.59
N TRP F 99 12.11 65.55 -31.51
CA TRP F 99 11.04 65.11 -30.63
C TRP F 99 10.37 63.84 -31.15
N THR F 100 10.03 63.82 -32.44
CA THR F 100 9.32 62.68 -33.00
C THR F 100 10.09 61.38 -32.87
N PRO F 101 11.37 61.29 -33.26
CA PRO F 101 12.07 60.02 -33.11
C PRO F 101 12.16 59.53 -31.68
N GLU F 102 12.28 60.44 -30.70
CA GLU F 102 12.26 60.02 -29.31
C GLU F 102 10.90 59.44 -28.93
N VAL F 103 9.83 60.13 -29.34
CA VAL F 103 8.49 59.62 -29.07
C VAL F 103 8.33 58.21 -29.63
N LYS F 104 8.79 58.00 -30.86
CA LYS F 104 8.65 56.66 -31.46
C LYS F 104 9.59 55.66 -30.80
N HIS F 105 10.74 56.13 -30.28
CA HIS F 105 11.69 55.23 -29.65
C HIS F 105 11.15 54.65 -28.36
N PHE F 106 10.60 55.51 -27.49
CA PHE F 106 10.21 55.01 -26.18
C PHE F 106 8.81 54.39 -26.20
N CYS F 107 7.84 55.08 -26.79
CA CYS F 107 6.44 54.66 -26.78
C CYS F 107 5.88 54.70 -28.19
N PRO F 108 6.07 53.62 -28.96
CA PRO F 108 5.52 53.58 -30.31
C PRO F 108 4.07 53.12 -30.32
N ASN F 109 3.42 53.28 -31.47
CA ASN F 109 2.03 52.90 -31.66
C ASN F 109 1.14 53.58 -30.62
N VAL F 110 1.36 54.87 -30.40
CA VAL F 110 0.60 55.66 -29.44
C VAL F 110 -0.02 56.84 -30.17
N PRO F 111 -1.29 57.16 -29.95
CA PRO F 111 -1.88 58.32 -30.63
C PRO F 111 -1.23 59.62 -30.18
N ILE F 112 -0.96 60.48 -31.17
CA ILE F 112 -0.29 61.76 -30.97
C ILE F 112 -1.20 62.85 -31.52
N ILE F 113 -1.44 63.89 -30.73
CA ILE F 113 -2.30 65.01 -31.12
C ILE F 113 -1.44 66.27 -31.15
N LEU F 114 -1.39 66.91 -32.31
CA LEU F 114 -0.65 68.16 -32.46
C LEU F 114 -1.48 69.34 -31.96
N VAL F 115 -0.83 70.26 -31.26
CA VAL F 115 -1.53 71.44 -30.76
C VAL F 115 -0.59 72.63 -30.81
N GLY F 116 -1.13 73.76 -31.30
CA GLY F 116 -0.42 75.03 -31.28
C GLY F 116 -1.06 75.96 -30.27
N ASN F 117 -0.23 76.67 -29.52
CA ASN F 117 -0.68 77.57 -28.46
C ASN F 117 -0.63 79.01 -28.93
N LYS F 118 -1.27 79.88 -28.16
CA LYS F 118 -1.19 81.32 -28.35
C LYS F 118 -1.74 81.72 -29.73
N LYS F 119 -3.03 81.40 -29.91
CA LYS F 119 -3.70 81.75 -31.16
C LYS F 119 -3.78 83.25 -31.35
N ASP F 120 -4.14 83.98 -30.29
CA ASP F 120 -4.23 85.43 -30.40
C ASP F 120 -2.88 86.06 -30.71
N LEU F 121 -1.82 85.55 -30.10
CA LEU F 121 -0.49 86.13 -30.27
C LEU F 121 -0.05 86.10 -31.73
N ARG F 122 -0.64 85.24 -32.56
CA ARG F 122 -0.25 85.22 -33.96
C ARG F 122 -0.68 86.50 -34.68
N ASN F 123 -1.74 87.14 -34.21
CA ASN F 123 -2.26 88.36 -34.83
C ASN F 123 -1.80 89.62 -34.12
N ASP F 124 -0.95 89.51 -33.10
CA ASP F 124 -0.50 90.68 -32.37
C ASP F 124 0.44 91.52 -33.23
N GLU F 125 0.47 92.83 -32.96
CA GLU F 125 1.31 93.74 -33.71
C GLU F 125 2.70 93.86 -33.09
N HIS F 126 2.79 93.93 -31.76
CA HIS F 126 4.11 94.02 -31.12
C HIS F 126 4.93 92.76 -31.38
N THR F 127 4.31 91.59 -31.29
CA THR F 127 5.03 90.36 -31.58
C THR F 127 5.51 90.33 -33.02
N ARG F 128 4.66 90.74 -33.96
CA ARG F 128 5.07 90.77 -35.36
C ARG F 128 6.23 91.73 -35.58
N ARG F 129 6.16 92.91 -34.96
CA ARG F 129 7.23 93.89 -35.13
C ARG F 129 8.55 93.38 -34.57
N GLU F 130 8.51 92.80 -33.37
CA GLU F 130 9.73 92.25 -32.78
C GLU F 130 10.27 91.08 -33.60
N LEU F 131 9.39 90.22 -34.09
CA LEU F 131 9.82 89.06 -34.85
C LEU F 131 10.41 89.44 -36.21
N ALA F 132 9.91 90.52 -36.81
CA ALA F 132 10.42 90.93 -38.12
C ALA F 132 11.89 91.33 -38.07
N LYS F 133 12.43 91.59 -36.89
CA LYS F 133 13.84 91.93 -36.77
C LYS F 133 14.74 90.81 -37.26
N MET F 134 14.26 89.56 -37.26
CA MET F 134 15.02 88.40 -37.70
C MET F 134 14.43 87.78 -38.97
N LYS F 135 13.62 88.54 -39.71
CA LYS F 135 13.00 88.05 -40.94
C LYS F 135 12.19 86.78 -40.66
N GLN F 136 11.23 86.91 -39.75
CA GLN F 136 10.37 85.81 -39.35
C GLN F 136 8.93 86.32 -39.25
N GLU F 137 7.99 85.39 -39.40
CA GLU F 137 6.57 85.70 -39.33
C GLU F 137 5.86 84.67 -38.45
N PRO F 138 4.72 85.04 -37.86
CA PRO F 138 3.95 84.07 -37.07
C PRO F 138 3.69 82.76 -37.80
N VAL F 139 3.39 81.71 -37.05
CA VAL F 139 3.15 80.40 -37.65
C VAL F 139 1.80 80.43 -38.36
N LYS F 140 1.78 79.97 -39.61
CA LYS F 140 0.55 79.95 -40.39
C LYS F 140 -0.29 78.74 -40.02
N PRO F 141 -1.56 78.91 -39.66
CA PRO F 141 -2.41 77.74 -39.34
C PRO F 141 -2.45 76.68 -40.43
N GLU F 142 -2.44 77.06 -41.71
CA GLU F 142 -2.44 76.05 -42.77
C GLU F 142 -1.16 75.22 -42.73
N GLU F 143 -0.04 75.87 -42.44
CA GLU F 143 1.21 75.12 -42.26
C GLU F 143 1.04 74.06 -41.18
N GLY F 144 0.34 74.38 -40.09
CA GLY F 144 0.04 73.39 -39.09
C GLY F 144 -0.88 72.29 -39.59
N ARG F 145 -1.90 72.67 -40.37
CA ARG F 145 -2.78 71.68 -40.97
C ARG F 145 -1.97 70.63 -41.71
N ASP F 146 -0.99 71.07 -42.49
CA ASP F 146 -0.16 70.13 -43.25
C ASP F 146 0.83 69.41 -42.36
N MET F 147 1.45 70.12 -41.42
CA MET F 147 2.45 69.50 -40.54
C MET F 147 1.84 68.36 -39.73
N ALA F 148 0.56 68.49 -39.38
CA ALA F 148 -0.14 67.36 -38.77
C ALA F 148 -0.16 66.16 -39.70
N ASN F 149 -0.41 66.40 -40.99
CA ASN F 149 -0.45 65.30 -41.95
C ASN F 149 0.90 64.62 -42.08
N ARG F 150 1.99 65.41 -42.11
CA ARG F 150 3.30 64.83 -42.36
C ARG F 150 3.69 63.84 -41.26
N ILE F 151 3.48 64.22 -39.99
CA ILE F 151 3.96 63.43 -38.87
C ILE F 151 2.91 62.39 -38.48
N GLY F 152 1.86 62.27 -39.28
CA GLY F 152 0.82 61.29 -38.99
C GLY F 152 0.09 61.55 -37.69
N ALA F 153 -0.09 62.82 -37.34
CA ALA F 153 -0.82 63.16 -36.12
C ALA F 153 -2.28 62.75 -36.25
N PHE F 154 -2.84 62.24 -35.14
CA PHE F 154 -4.25 61.89 -35.14
C PHE F 154 -5.12 63.10 -35.41
N GLY F 155 -4.80 64.23 -34.79
CA GLY F 155 -5.50 65.47 -35.07
C GLY F 155 -4.68 66.64 -34.58
N TYR F 156 -4.85 67.78 -35.24
CA TYR F 156 -4.11 68.98 -34.88
C TYR F 156 -5.08 70.12 -34.61
N MET F 157 -4.81 70.88 -33.55
CA MET F 157 -5.74 71.90 -33.07
C MET F 157 -4.97 73.11 -32.55
N GLU F 158 -5.74 74.13 -32.16
CA GLU F 158 -5.20 75.37 -31.59
C GLU F 158 -5.85 75.61 -30.24
N CYS F 159 -5.05 76.15 -29.31
CA CYS F 159 -5.53 76.46 -27.97
C CYS F 159 -5.07 77.85 -27.56
N SER F 160 -5.83 78.47 -26.68
CA SER F 160 -5.52 79.80 -26.15
C SER F 160 -5.88 79.78 -24.66
N ALA F 161 -4.87 79.60 -23.82
CA ALA F 161 -5.12 79.49 -22.38
C ALA F 161 -5.66 80.78 -21.79
N LYS F 162 -5.24 81.92 -22.34
CA LYS F 162 -5.70 83.21 -21.81
C LYS F 162 -7.21 83.36 -21.94
N THR F 163 -7.76 83.01 -23.09
CA THR F 163 -9.19 83.13 -23.34
C THR F 163 -9.91 81.78 -23.36
N LYS F 164 -9.28 80.73 -22.83
CA LYS F 164 -9.91 79.43 -22.62
C LYS F 164 -10.74 79.01 -23.84
N ASP F 165 -10.13 79.14 -25.02
CA ASP F 165 -10.78 78.77 -26.28
C ASP F 165 -10.21 77.46 -26.77
N GLY F 166 -11.08 76.46 -26.93
CA GLY F 166 -10.71 75.19 -27.51
C GLY F 166 -10.04 74.21 -26.58
N VAL F 167 -9.84 74.58 -25.31
CA VAL F 167 -9.19 73.66 -24.37
C VAL F 167 -10.04 72.41 -24.16
N ARG F 168 -11.33 72.62 -23.88
CA ARG F 168 -12.22 71.49 -23.65
C ARG F 168 -12.29 70.58 -24.86
N GLU F 169 -12.49 71.15 -26.06
CA GLU F 169 -12.58 70.34 -27.26
C GLU F 169 -11.26 69.64 -27.56
N VAL F 170 -10.13 70.33 -27.35
CA VAL F 170 -8.84 69.74 -27.66
C VAL F 170 -8.58 68.52 -26.78
N PHE F 171 -8.79 68.68 -25.47
CA PHE F 171 -8.54 67.54 -24.58
C PHE F 171 -9.62 66.47 -24.73
N GLU F 172 -10.83 66.84 -25.15
CA GLU F 172 -11.82 65.82 -25.48
C GLU F 172 -11.36 65.00 -26.68
N MET F 173 -10.78 65.66 -27.69
CA MET F 173 -10.23 64.93 -28.82
C MET F 173 -9.10 64.02 -28.36
N ALA F 174 -8.25 64.50 -27.46
CA ALA F 174 -7.22 63.66 -26.87
C ALA F 174 -7.83 62.41 -26.26
N THR F 175 -8.90 62.57 -25.48
CA THR F 175 -9.51 61.43 -24.81
C THR F 175 -10.13 60.46 -25.80
N ARG F 176 -10.86 60.98 -26.79
CA ARG F 176 -11.45 60.10 -27.80
C ARG F 176 -10.37 59.33 -28.56
N ALA F 177 -9.23 59.97 -28.80
CA ALA F 177 -8.10 59.26 -29.39
C ALA F 177 -7.61 58.16 -28.45
N ALA F 178 -7.56 58.45 -27.15
CA ALA F 178 -7.06 57.46 -26.19
C ALA F 178 -7.96 56.24 -26.12
N LEU F 179 -9.28 56.45 -26.09
CA LEU F 179 -10.19 55.32 -25.90
C LEU F 179 -10.12 54.33 -27.05
N GLN F 180 -9.69 54.82 -28.22
CA GLN F 180 -9.51 53.98 -29.40
C GLN F 180 -8.60 52.80 -29.06
N ALA F 181 -8.98 51.62 -29.51
CA ALA F 181 -8.27 50.38 -29.20
C ALA F 181 -7.05 50.05 -30.06
N ARG F 182 -6.77 50.89 -31.08
CA ARG F 182 -5.65 50.78 -32.03
C ARG F 182 -5.93 49.62 -33.02
N ARG F 183 -4.96 49.08 -33.74
CA ARG F 183 -5.30 48.02 -34.66
C ARG F 183 -4.54 46.70 -34.50
N GLY F 184 -4.76 45.97 -33.41
CA GLY F 184 -4.10 44.68 -33.32
C GLY F 184 -2.59 44.80 -33.33
N LYS F 185 -1.94 43.98 -34.17
CA LYS F 185 -0.50 44.01 -34.36
C LYS F 185 -0.17 43.93 -35.85
N LYS F 186 0.95 44.54 -36.23
CA LYS F 186 1.38 44.60 -37.61
C LYS F 186 2.64 43.76 -37.81
N LYS F 187 2.65 42.90 -38.83
CA LYS F 187 3.81 42.07 -39.15
C LYS F 187 4.24 41.26 -37.93
N SER F 188 3.25 40.74 -37.20
CA SER F 188 3.53 39.99 -35.98
C SER F 188 4.29 38.71 -36.31
N GLY F 189 5.31 38.41 -35.50
CA GLY F 189 6.12 37.24 -35.75
C GLY F 189 5.32 35.95 -35.62
N CYS F 190 5.71 34.96 -36.41
CA CYS F 190 5.08 33.64 -36.37
C CYS F 190 5.43 32.91 -35.07
N MET G 1 47.26 30.29 21.79
CA MET G 1 45.78 30.09 21.81
C MET G 1 45.42 28.87 22.65
N ALA G 2 45.49 27.69 22.03
CA ALA G 2 45.22 26.42 22.69
C ALA G 2 46.52 25.65 22.81
N ALA G 3 46.89 25.33 24.05
CA ALA G 3 48.14 24.58 24.28
C ALA G 3 48.03 23.18 23.69
N ILE G 4 49.13 22.70 23.12
CA ILE G 4 49.18 21.39 22.50
C ILE G 4 49.89 20.43 23.45
N ARG G 5 49.30 19.26 23.67
CA ARG G 5 49.85 18.29 24.61
C ARG G 5 50.79 17.34 23.87
N LYS G 6 52.01 17.18 24.41
CA LYS G 6 53.00 16.27 23.84
C LYS G 6 53.59 15.39 24.92
N LYS G 7 53.89 14.14 24.55
CA LYS G 7 54.34 13.12 25.47
C LYS G 7 55.85 12.99 25.39
N LEU G 8 56.54 13.20 26.52
CA LEU G 8 57.99 13.05 26.59
C LEU G 8 58.31 11.95 27.60
N VAL G 9 59.16 11.01 27.21
CA VAL G 9 59.59 9.93 28.07
C VAL G 9 61.11 9.95 28.17
N ILE G 10 61.62 9.87 29.40
CA ILE G 10 63.05 9.90 29.65
C ILE G 10 63.50 8.51 30.05
N VAL G 11 64.51 7.97 29.35
CA VAL G 11 65.01 6.62 29.59
C VAL G 11 66.52 6.67 29.72
N GLY G 12 67.05 6.06 30.76
CA GLY G 12 68.49 6.03 31.00
C GLY G 12 68.81 5.02 32.09
N ASP G 13 70.11 4.71 32.19
CA ASP G 13 70.56 3.74 33.17
C ASP G 13 70.49 4.33 34.58
N GLY G 14 70.46 3.44 35.57
CA GLY G 14 70.26 3.88 36.94
C GLY G 14 71.34 4.83 37.41
N ALA G 15 70.94 5.74 38.30
CA ALA G 15 71.82 6.73 38.92
C ALA G 15 72.38 7.73 37.91
N CYS G 16 71.67 7.95 36.81
CA CYS G 16 72.11 8.89 35.80
C CYS G 16 71.55 10.30 35.98
N GLY G 17 70.62 10.49 36.91
CA GLY G 17 70.06 11.80 37.15
C GLY G 17 68.86 12.17 36.31
N LYS G 18 68.21 11.20 35.66
CA LYS G 18 67.01 11.50 34.89
C LYS G 18 65.94 12.12 35.76
N THR G 19 65.67 11.50 36.92
CA THR G 19 64.70 12.05 37.85
C THR G 19 65.11 13.42 38.32
N CYS G 20 66.39 13.61 38.63
CA CYS G 20 66.87 14.93 39.04
C CYS G 20 66.69 15.95 37.94
N LEU G 21 66.97 15.56 36.69
CA LEU G 21 66.79 16.47 35.56
C LEU G 21 65.34 16.94 35.48
N LEU G 22 64.39 16.00 35.51
CA LEU G 22 62.99 16.38 35.41
C LEU G 22 62.54 17.19 36.63
N ILE G 23 63.06 16.86 37.81
CA ILE G 23 62.67 17.59 39.02
C ILE G 23 63.14 19.04 38.94
N VAL G 24 64.39 19.25 38.50
CA VAL G 24 64.90 20.59 38.35
C VAL G 24 64.10 21.36 37.32
N PHE G 25 63.68 20.68 36.24
CA PHE G 25 62.78 21.34 35.31
C PHE G 25 61.46 21.71 35.98
N SER G 26 60.96 20.84 36.85
CA SER G 26 59.65 21.02 37.43
C SER G 26 59.61 22.21 38.38
N LYS G 27 60.40 22.15 39.46
CA LYS G 27 60.33 23.16 40.51
C LYS G 27 61.57 24.04 40.58
N ASP G 28 62.56 23.83 39.72
CA ASP G 28 63.79 24.64 39.72
C ASP G 28 64.44 24.65 41.10
N GLN G 29 64.28 23.57 41.85
CA GLN G 29 64.88 23.45 43.19
C GLN G 29 65.42 22.04 43.35
N PHE G 30 66.73 21.93 43.47
CA PHE G 30 67.36 20.62 43.58
C PHE G 30 67.01 19.97 44.91
N PRO G 31 66.40 18.79 44.94
CA PRO G 31 66.15 18.10 46.22
C PRO G 31 67.42 17.47 46.76
N GLU G 32 67.92 18.01 47.87
CA GLU G 32 69.18 17.56 48.46
C GLU G 32 68.99 16.52 49.55
N VAL G 33 67.74 16.10 49.83
CA VAL G 33 67.44 15.15 50.89
C VAL G 33 66.72 13.93 50.35
N TYR G 34 65.63 14.14 49.62
CA TYR G 34 64.76 13.06 49.17
C TYR G 34 64.55 13.18 47.66
N VAL G 35 64.77 12.07 46.95
CA VAL G 35 64.56 12.00 45.51
C VAL G 35 63.68 10.78 45.23
N PRO G 36 62.47 10.96 44.71
CA PRO G 36 61.64 9.79 44.37
C PRO G 36 62.31 8.94 43.31
N THR G 37 62.07 7.62 43.40
CA THR G 37 62.63 6.71 42.40
C THR G 37 62.10 7.04 41.01
N VAL G 38 60.89 7.59 40.92
CA VAL G 38 60.30 7.97 39.64
C VAL G 38 59.44 9.20 39.87
N PHE G 39 59.45 10.11 38.89
CA PHE G 39 58.61 11.30 38.90
C PHE G 39 57.58 11.13 37.80
N GLU G 40 56.32 11.00 38.18
CA GLU G 40 55.26 10.62 37.27
C GLU G 40 54.09 11.59 37.36
N ASN G 41 53.29 11.60 36.29
CA ASN G 41 52.04 12.36 36.24
C ASN G 41 52.28 13.85 36.50
N TYR G 42 53.11 14.44 35.63
CA TYR G 42 53.34 15.87 35.65
C TYR G 42 53.29 16.43 34.24
N VAL G 43 52.68 17.60 34.11
CA VAL G 43 52.56 18.31 32.85
C VAL G 43 53.09 19.72 33.06
N ALA G 44 54.02 20.14 32.20
CA ALA G 44 54.68 21.43 32.33
C ALA G 44 54.42 22.28 31.10
N ASP G 45 54.27 23.59 31.32
CA ASP G 45 53.99 24.54 30.26
C ASP G 45 55.29 25.11 29.71
N ILE G 46 55.40 25.16 28.39
CA ILE G 46 56.61 25.66 27.75
C ILE G 46 56.23 26.36 26.44
N GLU G 47 56.88 27.49 26.18
CA GLU G 47 56.70 28.23 24.94
C GLU G 47 58.04 28.37 24.25
N VAL G 48 58.10 28.03 22.96
CA VAL G 48 59.35 28.04 22.22
C VAL G 48 59.30 29.06 21.10
N ASP G 49 58.34 28.89 20.17
CA ASP G 49 58.21 29.80 19.02
C ASP G 49 56.72 30.03 18.77
N GLY G 50 56.16 31.02 19.47
CA GLY G 50 54.78 31.40 19.25
C GLY G 50 53.77 30.30 19.50
N LYS G 51 54.21 29.22 20.14
CA LYS G 51 53.34 28.08 20.43
C LYS G 51 53.45 27.70 21.89
N GLN G 52 52.32 27.32 22.48
CA GLN G 52 52.27 26.90 23.88
C GLN G 52 52.06 25.40 23.93
N VAL G 53 52.94 24.71 24.66
CA VAL G 53 52.97 23.25 24.68
C VAL G 53 52.93 22.78 26.12
N GLU G 54 52.03 21.84 26.40
CA GLU G 54 51.98 21.13 27.66
C GLU G 54 52.70 19.80 27.48
N LEU G 55 53.82 19.65 28.15
CA LEU G 55 54.67 18.47 28.02
C LEU G 55 54.38 17.54 29.19
N ALA G 56 53.92 16.32 28.89
CA ALA G 56 53.68 15.31 29.91
C ALA G 56 54.95 14.48 30.07
N LEU G 57 55.53 14.54 31.27
CA LEU G 57 56.84 13.97 31.53
C LEU G 57 56.69 12.61 32.19
N TRP G 58 57.22 11.57 31.55
CA TRP G 58 57.18 10.22 32.08
C TRP G 58 58.60 9.69 32.27
N ASP G 59 58.77 8.88 33.32
CA ASP G 59 60.05 8.33 33.71
C ASP G 59 59.95 6.80 33.76
N THR G 60 61.07 6.15 33.49
CA THR G 60 61.15 4.71 33.48
C THR G 60 62.32 4.25 34.33
N ALA G 61 62.11 3.22 35.14
CA ALA G 61 63.13 2.70 36.03
C ALA G 61 63.13 1.18 35.96
N GLY G 62 64.18 0.59 36.50
CA GLY G 62 64.31 -0.86 36.55
C GLY G 62 65.00 -1.32 37.81
N GLN G 63 65.07 -0.44 38.80
CA GLN G 63 65.71 -0.75 40.07
C GLN G 63 65.04 -1.95 40.71
N GLU G 64 63.71 -1.92 40.78
CA GLU G 64 62.97 -3.04 41.36
C GLU G 64 61.58 -3.07 40.74
N ASP G 65 61.28 -4.14 40.01
CA ASP G 65 59.94 -4.43 39.52
C ASP G 65 59.42 -3.37 38.54
N TYR G 66 60.22 -2.37 38.22
CA TYR G 66 59.80 -1.37 37.24
C TYR G 66 60.10 -1.78 35.81
N ASP G 67 61.00 -2.74 35.62
CA ASP G 67 61.29 -3.22 34.26
C ASP G 67 60.08 -3.91 33.66
N ARG G 68 59.34 -4.68 34.46
CA ARG G 68 58.18 -5.39 33.93
C ARG G 68 57.13 -4.43 33.40
N LEU G 69 56.89 -3.33 34.12
CA LEU G 69 55.89 -2.35 33.72
C LEU G 69 56.45 -1.26 32.81
N ARG G 70 57.76 -1.23 32.57
CA ARG G 70 58.32 -0.20 31.70
C ARG G 70 57.70 -0.19 30.31
N PRO G 71 57.45 -1.32 29.65
CA PRO G 71 56.88 -1.27 28.30
C PRO G 71 55.57 -0.49 28.22
N LEU G 72 54.80 -0.45 29.31
CA LEU G 72 53.50 0.22 29.28
C LEU G 72 53.62 1.73 29.06
N SER G 73 54.80 2.31 29.32
CA SER G 73 54.98 3.75 29.22
C SER G 73 55.40 4.22 27.84
N TYR G 74 55.71 3.31 26.92
CA TYR G 74 56.19 3.67 25.59
C TYR G 74 55.09 4.10 24.63
N PRO G 75 53.94 3.42 24.57
CA PRO G 75 52.97 3.73 23.50
C PRO G 75 52.49 5.17 23.56
N ASP G 76 52.24 5.71 22.36
CA ASP G 76 51.81 7.08 22.12
C ASP G 76 52.83 8.13 22.57
N THR G 77 54.10 7.74 22.62
CA THR G 77 55.18 8.65 22.98
C THR G 77 55.51 9.57 21.81
N ASP G 78 55.70 10.85 22.11
CA ASP G 78 56.02 11.83 21.09
C ASP G 78 57.50 12.17 21.02
N VAL G 79 58.23 12.08 22.13
CA VAL G 79 59.67 12.35 22.11
C VAL G 79 60.35 11.55 23.21
N ILE G 80 61.56 11.10 22.93
CA ILE G 80 62.34 10.27 23.84
C ILE G 80 63.62 11.02 24.20
N LEU G 81 63.97 10.99 25.48
CA LEU G 81 65.26 11.50 25.95
C LEU G 81 66.12 10.31 26.37
N MET G 82 67.05 9.95 25.49
CA MET G 82 68.07 8.95 25.78
C MET G 82 69.12 9.57 26.67
N CYS G 83 69.18 9.14 27.92
CA CYS G 83 69.90 9.83 28.98
C CYS G 83 71.03 8.95 29.50
N PHE G 84 72.19 9.55 29.74
CA PHE G 84 73.34 8.81 30.26
C PHE G 84 74.19 9.75 31.09
N SER G 85 75.28 9.21 31.64
CA SER G 85 76.13 9.91 32.59
C SER G 85 77.49 10.18 31.97
N ILE G 86 78.01 11.39 32.22
CA ILE G 86 79.37 11.72 31.77
C ILE G 86 80.40 11.22 32.78
N ASP G 87 80.03 11.09 34.05
CA ASP G 87 80.94 10.60 35.07
C ASP G 87 81.01 9.08 35.11
N SER G 88 80.12 8.38 34.41
CA SER G 88 80.12 6.92 34.36
C SER G 88 80.28 6.47 32.92
N PRO G 89 81.49 6.16 32.47
CA PRO G 89 81.65 5.77 31.06
C PRO G 89 80.86 4.53 30.68
N ASP G 90 80.63 3.62 31.64
CA ASP G 90 79.86 2.42 31.34
C ASP G 90 78.47 2.73 30.84
N SER G 91 77.96 3.92 31.12
CA SER G 91 76.64 4.32 30.65
C SER G 91 76.59 4.53 29.15
N LEU G 92 77.73 4.56 28.46
CA LEU G 92 77.76 4.84 27.04
C LEU G 92 77.61 3.57 26.19
N GLU G 93 78.52 2.61 26.37
CA GLU G 93 78.53 1.44 25.49
C GLU G 93 77.26 0.61 25.58
N ASN G 94 76.47 0.78 26.64
CA ASN G 94 75.23 0.04 26.77
C ASN G 94 74.08 0.67 26.00
N ILE G 95 74.22 1.92 25.56
CA ILE G 95 73.13 2.57 24.82
C ILE G 95 72.81 1.84 23.52
N PRO G 96 73.78 1.51 22.67
CA PRO G 96 73.42 0.87 21.40
C PRO G 96 73.00 -0.59 21.55
N GLU G 97 73.64 -1.32 22.47
CA GLU G 97 73.48 -2.76 22.50
C GLU G 97 72.05 -3.17 22.88
N LYS G 98 71.53 -2.60 23.96
CA LYS G 98 70.26 -3.06 24.53
C LYS G 98 69.17 -2.01 24.54
N TRP G 99 69.48 -0.74 24.84
CA TRP G 99 68.44 0.27 24.95
C TRP G 99 67.87 0.63 23.58
N THR G 100 68.74 0.87 22.61
CA THR G 100 68.27 1.29 21.28
C THR G 100 67.34 0.28 20.64
N PRO G 101 67.68 -1.02 20.56
CA PRO G 101 66.75 -1.95 19.91
C PRO G 101 65.40 -2.03 20.61
N GLU G 102 65.35 -1.89 21.94
CA GLU G 102 64.07 -1.86 22.62
C GLU G 102 63.27 -0.61 22.22
N VAL G 103 63.94 0.54 22.19
CA VAL G 103 63.27 1.77 21.77
C VAL G 103 62.67 1.60 20.39
N LYS G 104 63.44 1.01 19.46
CA LYS G 104 62.92 0.83 18.11
C LYS G 104 61.84 -0.24 18.07
N HIS G 105 61.90 -1.22 18.97
CA HIS G 105 60.91 -2.29 18.98
C HIS G 105 59.54 -1.78 19.38
N PHE G 106 59.47 -1.01 20.47
CA PHE G 106 58.15 -0.63 20.97
C PHE G 106 57.62 0.61 20.26
N CYS G 107 58.43 1.65 20.14
CA CYS G 107 57.99 2.94 19.59
C CYS G 107 58.97 3.39 18.50
N PRO G 108 58.78 2.92 17.28
CA PRO G 108 59.67 3.35 16.18
C PRO G 108 59.21 4.67 15.58
N ASN G 109 60.09 5.25 14.75
CA ASN G 109 59.83 6.52 14.10
C ASN G 109 59.48 7.61 15.12
N VAL G 110 60.24 7.66 16.20
CA VAL G 110 60.04 8.65 17.26
C VAL G 110 61.33 9.44 17.44
N PRO G 111 61.29 10.76 17.56
CA PRO G 111 62.53 11.52 17.77
C PRO G 111 63.18 11.17 19.10
N ILE G 112 64.50 11.02 19.05
CA ILE G 112 65.31 10.64 20.20
C ILE G 112 66.39 11.70 20.39
N ILE G 113 66.53 12.21 21.60
CA ILE G 113 67.51 13.24 21.93
C ILE G 113 68.49 12.66 22.94
N LEU G 114 69.77 12.65 22.59
CA LEU G 114 70.80 12.17 23.48
C LEU G 114 71.20 13.26 24.47
N VAL G 115 71.41 12.87 25.72
CA VAL G 115 71.81 13.82 26.75
C VAL G 115 72.77 13.15 27.71
N GLY G 116 73.85 13.85 28.04
CA GLY G 116 74.80 13.44 29.06
C GLY G 116 74.67 14.32 30.29
N ASN G 117 74.70 13.71 31.47
CA ASN G 117 74.54 14.40 32.72
C ASN G 117 75.88 14.60 33.40
N LYS G 118 75.89 15.47 34.42
CA LYS G 118 77.04 15.66 35.28
C LYS G 118 78.24 16.19 34.49
N LYS G 119 78.04 17.37 33.88
CA LYS G 119 79.10 18.00 33.11
C LYS G 119 80.28 18.38 34.00
N ASP G 120 80.01 18.94 35.17
CA ASP G 120 81.09 19.33 36.08
C ASP G 120 81.87 18.11 36.56
N LEU G 121 81.17 17.01 36.84
CA LEU G 121 81.83 15.82 37.37
C LEU G 121 82.88 15.27 36.42
N ARG G 122 82.82 15.61 35.14
CA ARG G 122 83.83 15.13 34.20
C ARG G 122 85.19 15.75 34.49
N ASN G 123 85.22 16.95 35.06
CA ASN G 123 86.45 17.66 35.36
C ASN G 123 86.88 17.52 36.82
N ASP G 124 86.15 16.75 37.62
CA ASP G 124 86.49 16.60 39.03
C ASP G 124 87.77 15.79 39.17
N GLU G 125 88.49 16.05 40.27
CA GLU G 125 89.75 15.35 40.54
C GLU G 125 89.52 14.06 41.33
N HIS G 126 88.63 14.08 42.33
CA HIS G 126 88.36 12.87 43.09
C HIS G 126 87.75 11.79 42.21
N THR G 127 86.80 12.17 41.34
CA THR G 127 86.21 11.19 40.44
C THR G 127 87.26 10.60 39.50
N ARG G 128 88.13 11.45 38.96
CA ARG G 128 89.18 10.95 38.07
C ARG G 128 90.12 9.99 38.82
N ARG G 129 90.50 10.34 40.04
CA ARG G 129 91.40 9.50 40.81
C ARG G 129 90.76 8.14 41.10
N GLU G 130 89.50 8.15 41.53
CA GLU G 130 88.82 6.90 41.81
C GLU G 130 88.63 6.07 40.55
N LEU G 131 88.30 6.72 39.43
CA LEU G 131 88.06 6.00 38.18
C LEU G 131 89.34 5.41 37.62
N ALA G 132 90.49 6.07 37.84
CA ALA G 132 91.75 5.56 37.30
C ALA G 132 92.12 4.21 37.89
N LYS G 133 91.51 3.82 39.02
CA LYS G 133 91.80 2.52 39.59
C LYS G 133 91.44 1.38 38.66
N MET G 134 90.52 1.61 37.71
CA MET G 134 90.11 0.59 36.75
C MET G 134 90.51 0.94 35.33
N LYS G 135 91.50 1.83 35.17
CA LYS G 135 91.97 2.24 33.85
C LYS G 135 90.82 2.81 33.01
N GLN G 136 90.17 3.84 33.56
CA GLN G 136 89.05 4.48 32.91
C GLN G 136 89.18 5.99 33.05
N GLU G 137 88.57 6.72 32.13
CA GLU G 137 88.60 8.17 32.11
C GLU G 137 87.20 8.72 31.88
N PRO G 138 86.93 9.96 32.32
CA PRO G 138 85.62 10.57 32.07
C PRO G 138 85.20 10.49 30.60
N VAL G 139 83.90 10.63 30.35
CA VAL G 139 83.39 10.57 28.98
C VAL G 139 83.79 11.84 28.24
N LYS G 140 84.35 11.67 27.05
CA LYS G 140 84.78 12.81 26.25
C LYS G 140 83.60 13.41 25.50
N PRO G 141 83.34 14.71 25.63
CA PRO G 141 82.23 15.32 24.89
C PRO G 141 82.25 15.07 23.39
N GLU G 142 83.42 15.05 22.75
CA GLU G 142 83.48 14.76 21.32
C GLU G 142 82.98 13.35 21.03
N GLU G 143 83.32 12.39 21.90
CA GLU G 143 82.80 11.05 21.76
C GLU G 143 81.27 11.07 21.75
N GLY G 144 80.67 11.91 22.60
CA GLY G 144 79.22 12.07 22.56
C GLY G 144 78.73 12.71 21.27
N ARG G 145 79.45 13.72 20.79
CA ARG G 145 79.10 14.34 19.52
C ARG G 145 78.97 13.28 18.43
N ASP G 146 79.93 12.35 18.38
CA ASP G 146 79.89 11.31 17.37
C ASP G 146 78.84 10.25 17.68
N MET G 147 78.73 9.86 18.96
CA MET G 147 77.77 8.83 19.35
C MET G 147 76.34 9.25 19.00
N ALA G 148 76.05 10.55 19.08
CA ALA G 148 74.77 11.05 18.61
C ALA G 148 74.59 10.76 17.13
N ASN G 149 75.65 10.96 16.34
CA ASN G 149 75.56 10.70 14.90
C ASN G 149 75.31 9.23 14.62
N ARG G 150 75.98 8.33 15.35
CA ARG G 150 75.86 6.91 15.02
C ARG G 150 74.43 6.42 15.19
N ILE G 151 73.79 6.79 16.30
CA ILE G 151 72.46 6.25 16.65
C ILE G 151 71.38 7.09 16.00
N GLY G 152 71.76 8.03 15.14
CA GLY G 152 70.78 8.87 14.47
C GLY G 152 69.97 9.72 15.43
N ALA G 153 70.59 10.19 16.50
CA ALA G 153 69.90 11.05 17.44
C ALA G 153 69.57 12.39 16.80
N PHE G 154 68.38 12.91 17.11
CA PHE G 154 67.99 14.22 16.59
C PHE G 154 68.95 15.30 17.06
N GLY G 155 69.35 15.26 18.34
CA GLY G 155 70.34 16.18 18.86
C GLY G 155 70.88 15.66 20.17
N TYR G 156 72.12 16.00 20.46
CA TYR G 156 72.79 15.54 21.67
C TYR G 156 73.31 16.73 22.46
N MET G 157 73.09 16.71 23.77
CA MET G 157 73.39 17.86 24.62
C MET G 157 73.94 17.39 25.97
N GLU G 158 74.31 18.37 26.79
CA GLU G 158 74.81 18.15 28.14
C GLU G 158 73.97 18.92 29.13
N CYS G 159 73.75 18.33 30.31
CA CYS G 159 72.97 18.95 31.37
C CYS G 159 73.70 18.81 32.69
N SER G 160 73.43 19.75 33.59
CA SER G 160 74.01 19.76 34.94
C SER G 160 72.92 20.21 35.90
N ALA G 161 72.28 19.25 36.56
CA ALA G 161 71.16 19.57 37.44
C ALA G 161 71.60 20.41 38.64
N LYS G 162 72.83 20.19 39.12
CA LYS G 162 73.31 20.93 40.29
C LYS G 162 73.36 22.43 40.00
N THR G 163 73.88 22.82 38.83
CA THR G 163 74.02 24.23 38.47
C THR G 163 73.02 24.65 37.40
N LYS G 164 71.97 23.86 37.18
CA LYS G 164 70.85 24.22 36.29
C LYS G 164 71.35 24.85 34.99
N ASP G 165 72.32 24.20 34.38
CA ASP G 165 72.91 24.67 33.12
C ASP G 165 72.39 23.81 31.97
N GLY G 166 71.74 24.45 31.01
CA GLY G 166 71.30 23.78 29.81
C GLY G 166 70.00 23.00 29.92
N VAL G 167 69.38 22.98 31.10
CA VAL G 167 68.13 22.22 31.26
C VAL G 167 67.04 22.82 30.39
N ARG G 168 66.86 24.14 30.46
CA ARG G 168 65.82 24.80 29.68
C ARG G 168 66.04 24.58 28.19
N GLU G 169 67.28 24.81 27.71
CA GLU G 169 67.56 24.65 26.30
C GLU G 169 67.40 23.19 25.86
N VAL G 170 67.83 22.25 26.70
CA VAL G 170 67.76 20.84 26.33
C VAL G 170 66.31 20.41 26.16
N PHE G 171 65.46 20.74 27.14
CA PHE G 171 64.06 20.33 27.03
C PHE G 171 63.32 21.16 25.97
N GLU G 172 63.77 22.39 25.70
CA GLU G 172 63.21 23.13 24.58
C GLU G 172 63.52 22.42 23.27
N MET G 173 64.75 21.91 23.12
CA MET G 173 65.09 21.14 21.94
C MET G 173 64.23 19.88 21.85
N ALA G 174 64.01 19.22 22.99
CA ALA G 174 63.10 18.08 23.03
C ALA G 174 61.73 18.48 22.47
N THR G 175 61.20 19.61 22.92
CA THR G 175 59.86 20.02 22.49
C THR G 175 59.84 20.36 21.01
N ARG G 176 60.83 21.11 20.52
CA ARG G 176 60.87 21.42 19.10
C ARG G 176 60.98 20.17 18.26
N ALA G 177 61.71 19.16 18.74
CA ALA G 177 61.73 17.87 18.07
C ALA G 177 60.34 17.24 18.06
N ALA G 178 59.63 17.33 19.19
CA ALA G 178 58.31 16.72 19.29
C ALA G 178 57.31 17.35 18.31
N LEU G 179 57.32 18.69 18.21
CA LEU G 179 56.32 19.37 17.40
C LEU G 179 56.45 19.01 15.93
N GLN G 180 57.65 18.61 15.53
CA GLN G 180 57.93 18.17 14.16
C GLN G 180 56.94 17.07 13.77
N ALA G 181 56.40 17.17 12.57
CA ALA G 181 55.38 16.25 12.08
C ALA G 181 55.87 14.93 11.48
N ARG G 182 57.20 14.76 11.40
CA ARG G 182 57.91 13.57 10.88
C ARG G 182 57.77 13.54 9.33
N ARG G 183 58.00 12.42 8.65
CA ARG G 183 57.87 12.47 7.20
C ARG G 183 56.92 11.48 6.56
N GLY G 184 55.61 11.62 6.79
CA GLY G 184 54.70 10.72 6.08
C GLY G 184 54.93 9.27 6.46
N LYS G 185 55.01 8.41 5.43
CA LYS G 185 55.30 7.00 5.61
C LYS G 185 56.33 6.55 4.58
N LYS G 186 57.12 5.55 4.94
CA LYS G 186 58.20 5.03 4.10
C LYS G 186 57.86 3.63 3.63
N LYS G 187 57.98 3.37 2.33
CA LYS G 187 57.74 2.04 1.76
C LYS G 187 56.34 1.54 2.14
N SER G 188 55.37 2.46 2.10
CA SER G 188 54.02 2.12 2.50
C SER G 188 53.42 1.10 1.53
N GLY G 189 52.73 0.11 2.10
CA GLY G 189 52.16 -0.94 1.28
C GLY G 189 51.10 -0.42 0.33
N CYS G 190 51.00 -1.06 -0.83
CA CYS G 190 49.98 -0.71 -1.83
C CYS G 190 48.59 -1.10 -1.35
N MET H 1 10.30 -38.21 45.25
CA MET H 1 10.01 -36.81 44.83
C MET H 1 8.52 -36.64 44.52
N ALA H 2 8.14 -36.99 43.29
CA ALA H 2 6.75 -36.93 42.85
C ALA H 2 6.24 -38.34 42.66
N ALA H 3 5.18 -38.69 43.38
CA ALA H 3 4.61 -40.02 43.28
C ALA H 3 4.02 -40.25 41.89
N ILE H 4 4.19 -41.47 41.38
CA ILE H 4 3.71 -41.83 40.05
C ILE H 4 2.44 -42.66 40.22
N ARG H 5 1.40 -42.30 39.46
CA ARG H 5 0.11 -42.97 39.56
C ARG H 5 0.03 -44.13 38.58
N LYS H 6 -0.34 -45.30 39.09
CA LYS H 6 -0.48 -46.50 38.26
C LYS H 6 -1.81 -47.17 38.54
N LYS H 7 -2.39 -47.74 37.49
CA LYS H 7 -3.73 -48.33 37.54
C LYS H 7 -3.61 -49.84 37.69
N LEU H 8 -4.21 -50.38 38.75
CA LEU H 8 -4.24 -51.81 38.99
C LEU H 8 -5.69 -52.27 39.01
N VAL H 9 -5.98 -53.33 38.27
CA VAL H 9 -7.33 -53.90 38.23
C VAL H 9 -7.24 -55.37 38.61
N ILE H 10 -8.11 -55.80 39.52
CA ILE H 10 -8.14 -57.17 40.01
C ILE H 10 -9.36 -57.87 39.41
N VAL H 11 -9.15 -59.01 38.77
CA VAL H 11 -10.22 -59.75 38.11
C VAL H 11 -10.13 -61.21 38.53
N GLY H 12 -11.27 -61.77 38.96
CA GLY H 12 -11.32 -63.16 39.38
C GLY H 12 -12.75 -63.60 39.53
N ASP H 13 -12.93 -64.92 39.63
CA ASP H 13 -14.27 -65.48 39.76
C ASP H 13 -14.85 -65.20 41.13
N GLY H 14 -16.17 -65.27 41.23
CA GLY H 14 -16.85 -64.87 42.45
C GLY H 14 -16.41 -65.70 43.65
N ALA H 15 -16.43 -65.06 44.81
CA ALA H 15 -16.11 -65.67 46.09
C ALA H 15 -14.65 -66.10 46.18
N CYS H 16 -13.76 -65.44 45.41
CA CYS H 16 -12.34 -65.75 45.42
C CYS H 16 -11.54 -64.90 46.40
N GLY H 17 -12.15 -63.88 47.00
CA GLY H 17 -11.45 -63.06 47.96
C GLY H 17 -10.70 -61.88 47.39
N LYS H 18 -10.98 -61.49 46.14
CA LYS H 18 -10.34 -60.31 45.55
C LYS H 18 -10.62 -59.07 46.39
N THR H 19 -11.89 -58.85 46.73
CA THR H 19 -12.27 -57.73 47.56
C THR H 19 -11.58 -57.80 48.92
N CYS H 20 -11.55 -59.00 49.52
CA CYS H 20 -10.87 -59.16 50.79
C CYS H 20 -9.39 -58.86 50.67
N LEU H 21 -8.76 -59.31 49.59
CA LEU H 21 -7.34 -59.03 49.38
C LEU H 21 -7.08 -57.53 49.36
N LEU H 22 -7.85 -56.80 48.55
CA LEU H 22 -7.65 -55.36 48.46
C LEU H 22 -7.98 -54.66 49.77
N ILE H 23 -8.99 -55.14 50.50
CA ILE H 23 -9.37 -54.53 51.77
C ILE H 23 -8.25 -54.70 52.79
N VAL H 24 -7.68 -55.91 52.87
CA VAL H 24 -6.58 -56.15 53.79
C VAL H 24 -5.39 -55.29 53.41
N PHE H 25 -5.14 -55.10 52.12
CA PHE H 25 -4.09 -54.15 51.73
C PHE H 25 -4.45 -52.74 52.21
N SER H 26 -5.71 -52.36 52.12
CA SER H 26 -6.11 -50.99 52.39
C SER H 26 -5.95 -50.66 53.87
N LYS H 27 -6.69 -51.35 54.74
CA LYS H 27 -6.71 -51.00 56.16
C LYS H 27 -6.03 -52.03 57.05
N ASP H 28 -5.49 -53.10 56.50
CA ASP H 28 -4.81 -54.13 57.28
C ASP H 28 -5.70 -54.67 58.39
N GLN H 29 -7.02 -54.67 58.17
CA GLN H 29 -7.98 -55.17 59.13
C GLN H 29 -9.03 -55.99 58.39
N PHE H 30 -9.09 -57.28 58.66
CA PHE H 30 -10.02 -58.15 57.96
C PHE H 30 -11.44 -57.83 58.41
N PRO H 31 -12.36 -57.48 57.50
CA PRO H 31 -13.76 -57.28 57.88
C PRO H 31 -14.47 -58.61 58.07
N GLU H 32 -14.83 -58.90 59.33
CA GLU H 32 -15.45 -60.18 59.68
C GLU H 32 -16.97 -60.12 59.70
N VAL H 33 -17.57 -58.97 59.38
CA VAL H 33 -19.01 -58.80 59.42
C VAL H 33 -19.56 -58.37 58.06
N TYR H 34 -18.99 -57.32 57.48
CA TYR H 34 -19.51 -56.72 56.25
C TYR H 34 -18.40 -56.60 55.23
N VAL H 35 -18.65 -57.11 54.01
CA VAL H 35 -17.71 -57.02 52.91
C VAL H 35 -18.44 -56.43 51.72
N PRO H 36 -18.07 -55.24 51.23
CA PRO H 36 -18.72 -54.71 50.04
C PRO H 36 -18.51 -55.61 48.82
N THR H 37 -19.53 -55.65 47.95
CA THR H 37 -19.41 -56.43 46.73
C THR H 37 -18.25 -55.97 45.87
N VAL H 38 -17.91 -54.68 45.95
CA VAL H 38 -16.79 -54.12 45.20
C VAL H 38 -16.16 -53.01 46.02
N PHE H 39 -14.84 -52.92 45.96
CA PHE H 39 -14.08 -51.86 46.61
C PHE H 39 -13.52 -50.96 45.51
N GLU H 40 -14.00 -49.72 45.45
CA GLU H 40 -13.71 -48.84 44.33
C GLU H 40 -13.20 -47.49 44.83
N ASN H 41 -12.52 -46.79 43.93
CA ASN H 41 -12.07 -45.42 44.17
C ASN H 41 -11.18 -45.34 45.40
N TYR H 42 -10.08 -46.09 45.35
CA TYR H 42 -9.07 -46.03 46.40
C TYR H 42 -7.68 -45.98 45.77
N VAL H 43 -6.82 -45.14 46.36
CA VAL H 43 -5.44 -44.97 45.92
C VAL H 43 -4.55 -45.20 47.14
N ALA H 44 -3.57 -46.07 47.00
CA ALA H 44 -2.69 -46.45 48.11
C ALA H 44 -1.24 -46.12 47.77
N ASP H 45 -0.50 -45.69 48.78
CA ASP H 45 0.90 -45.30 48.61
C ASP H 45 1.80 -46.49 48.88
N ILE H 46 2.78 -46.70 48.01
CA ILE H 46 3.70 -47.83 48.13
C ILE H 46 5.08 -47.41 47.61
N GLU H 47 6.12 -47.83 48.32
CA GLU H 47 7.50 -47.60 47.91
C GLU H 47 8.20 -48.94 47.79
N VAL H 48 8.88 -49.15 46.66
CA VAL H 48 9.51 -50.44 46.38
C VAL H 48 11.03 -50.26 46.27
N ASP H 49 11.48 -49.43 45.32
CA ASP H 49 12.91 -49.21 45.10
C ASP H 49 13.10 -47.72 44.79
N GLY H 50 13.27 -46.91 45.85
CA GLY H 50 13.56 -45.51 45.69
C GLY H 50 12.51 -44.74 44.91
N LYS H 51 11.34 -45.33 44.70
CA LYS H 51 10.26 -44.70 43.96
C LYS H 51 8.97 -44.77 44.77
N GLN H 52 8.18 -43.70 44.71
CA GLN H 52 6.90 -43.63 45.39
C GLN H 52 5.78 -43.73 44.36
N VAL H 53 4.86 -44.67 44.58
CA VAL H 53 3.83 -45.00 43.61
C VAL H 53 2.48 -44.93 44.30
N GLU H 54 1.54 -44.23 43.67
CA GLU H 54 0.14 -44.24 44.07
C GLU H 54 -0.59 -45.21 43.18
N LEU H 55 -1.08 -46.31 43.76
CA LEU H 55 -1.74 -47.38 43.04
C LEU H 55 -3.24 -47.19 43.18
N ALA H 56 -3.92 -47.01 42.05
CA ALA H 56 -5.38 -46.90 42.03
C ALA H 56 -5.95 -48.29 41.83
N LEU H 57 -6.70 -48.76 42.82
CA LEU H 57 -7.17 -50.14 42.89
C LEU H 57 -8.61 -50.21 42.39
N TRP H 58 -8.84 -50.99 41.33
CA TRP H 58 -10.16 -51.19 40.78
C TRP H 58 -10.55 -52.67 40.83
N ASP H 59 -11.83 -52.91 41.06
CA ASP H 59 -12.39 -54.24 41.20
C ASP H 59 -13.50 -54.46 40.19
N THR H 60 -13.67 -55.71 39.77
CA THR H 60 -14.67 -56.08 38.78
C THR H 60 -15.47 -57.26 39.31
N ALA H 61 -16.79 -57.19 39.13
CA ALA H 61 -17.70 -58.22 39.62
C ALA H 61 -18.71 -58.55 38.52
N GLY H 62 -19.41 -59.66 38.70
CA GLY H 62 -20.45 -60.05 37.78
C GLY H 62 -21.61 -60.74 38.49
N GLN H 63 -21.67 -60.54 39.80
CA GLN H 63 -22.73 -61.13 40.62
C GLN H 63 -24.09 -60.68 40.11
N GLU H 64 -24.24 -59.38 39.93
CA GLU H 64 -25.51 -58.83 39.44
C GLU H 64 -25.22 -57.53 38.70
N ASP H 65 -25.48 -57.51 37.39
CA ASP H 65 -25.46 -56.29 36.60
C ASP H 65 -24.08 -55.65 36.51
N TYR H 66 -23.06 -56.25 37.13
CA TYR H 66 -21.72 -55.70 37.04
C TYR H 66 -20.97 -56.19 35.81
N ASP H 67 -21.42 -57.29 35.20
CA ASP H 67 -20.78 -57.77 33.97
C ASP H 67 -20.95 -56.77 32.84
N ARG H 68 -22.13 -56.14 32.73
CA ARG H 68 -22.37 -55.19 31.65
C ARG H 68 -21.41 -54.02 31.72
N LEU H 69 -21.17 -53.50 32.93
CA LEU H 69 -20.29 -52.37 33.12
C LEU H 69 -18.82 -52.75 33.33
N ARG H 70 -18.52 -54.04 33.44
CA ARG H 70 -17.13 -54.45 33.64
C ARG H 70 -16.20 -53.94 32.55
N PRO H 71 -16.55 -53.98 31.26
CA PRO H 71 -15.61 -53.51 30.23
C PRO H 71 -15.12 -52.09 30.44
N LEU H 72 -15.93 -51.24 31.08
CA LEU H 72 -15.55 -49.84 31.27
C LEU H 72 -14.34 -49.68 32.16
N SER H 73 -14.00 -50.68 32.98
CA SER H 73 -12.90 -50.57 33.92
C SER H 73 -11.55 -50.99 33.35
N TYR H 74 -11.52 -51.54 32.15
CA TYR H 74 -10.29 -52.03 31.55
C TYR H 74 -9.41 -50.95 30.94
N PRO H 75 -9.96 -49.98 30.21
CA PRO H 75 -9.07 -49.05 29.47
C PRO H 75 -8.14 -48.29 30.41
N ASP H 76 -6.94 -48.02 29.88
CA ASP H 76 -5.85 -47.33 30.57
C ASP H 76 -5.33 -48.09 31.80
N THR H 77 -5.53 -49.41 31.81
CA THR H 77 -5.04 -50.24 32.89
C THR H 77 -3.54 -50.46 32.76
N ASP H 78 -2.83 -50.37 33.89
CA ASP H 78 -1.39 -50.56 33.90
C ASP H 78 -0.97 -51.94 34.37
N VAL H 79 -1.75 -52.60 35.23
CA VAL H 79 -1.42 -53.93 35.69
C VAL H 79 -2.69 -54.68 36.05
N ILE H 80 -2.70 -55.98 35.78
CA ILE H 80 -3.85 -56.85 36.01
C ILE H 80 -3.46 -57.91 37.03
N LEU H 81 -4.35 -58.16 37.98
CA LEU H 81 -4.21 -59.27 38.91
C LEU H 81 -5.26 -60.33 38.56
N MET H 82 -4.80 -61.38 37.87
CA MET H 82 -5.62 -62.55 37.60
C MET H 82 -5.71 -63.39 38.87
N CYS H 83 -6.90 -63.44 39.47
CA CYS H 83 -7.10 -63.92 40.82
C CYS H 83 -7.98 -65.17 40.81
N PHE H 84 -7.60 -66.16 41.61
CA PHE H 84 -8.39 -67.38 41.70
C PHE H 84 -8.24 -67.97 43.11
N SER H 85 -8.91 -69.10 43.33
CA SER H 85 -9.00 -69.72 44.64
C SER H 85 -8.25 -71.04 44.67
N ILE H 86 -7.53 -71.28 45.76
CA ILE H 86 -6.86 -72.56 45.94
C ILE H 86 -7.82 -73.60 46.51
N ASP H 87 -8.85 -73.17 47.24
CA ASP H 87 -9.83 -74.08 47.81
C ASP H 87 -10.92 -74.46 46.81
N SER H 88 -10.99 -73.79 45.67
CA SER H 88 -11.99 -74.08 44.64
C SER H 88 -11.28 -74.43 43.35
N PRO H 89 -11.06 -75.72 43.06
CA PRO H 89 -10.33 -76.06 41.83
C PRO H 89 -11.02 -75.57 40.56
N ASP H 90 -12.35 -75.45 40.58
CA ASP H 90 -13.05 -74.98 39.39
C ASP H 90 -12.61 -73.59 38.97
N SER H 91 -12.01 -72.82 39.89
CA SER H 91 -11.52 -71.49 39.57
C SER H 91 -10.32 -71.51 38.63
N LEU H 92 -9.71 -72.68 38.40
CA LEU H 92 -8.50 -72.76 37.59
C LEU H 92 -8.82 -72.93 36.10
N GLU H 93 -9.54 -73.99 35.74
CA GLU H 93 -9.73 -74.31 34.33
C GLU H 93 -10.51 -73.24 33.59
N ASN H 94 -11.20 -72.35 34.30
CA ASN H 94 -11.94 -71.27 33.64
C ASN H 94 -11.04 -70.08 33.30
N ILE H 95 -9.84 -70.00 33.87
CA ILE H 95 -8.96 -68.86 33.58
C ILE H 95 -8.59 -68.80 32.11
N PRO H 96 -8.13 -69.88 31.46
CA PRO H 96 -7.72 -69.75 30.06
C PRO H 96 -8.89 -69.63 29.09
N GLU H 97 -9.99 -70.32 29.37
CA GLU H 97 -11.06 -70.46 28.38
C GLU H 97 -11.73 -69.13 28.09
N LYS H 98 -12.14 -68.41 29.14
CA LYS H 98 -12.98 -67.23 28.98
C LYS H 98 -12.36 -65.94 29.48
N TRP H 99 -11.64 -65.97 30.61
CA TRP H 99 -11.11 -64.74 31.18
C TRP H 99 -9.94 -64.21 30.35
N THR H 100 -9.00 -65.08 29.99
CA THR H 100 -7.82 -64.65 29.25
C THR H 100 -8.16 -63.99 27.92
N PRO H 101 -8.98 -64.58 27.06
CA PRO H 101 -9.28 -63.92 25.78
C PRO H 101 -9.94 -62.57 25.96
N GLU H 102 -10.78 -62.40 26.97
CA GLU H 102 -11.36 -61.07 27.23
C GLU H 102 -10.28 -60.08 27.64
N VAL H 103 -9.38 -60.50 28.55
CA VAL H 103 -8.29 -59.62 28.95
C VAL H 103 -7.48 -59.18 27.73
N LYS H 104 -7.18 -60.12 26.84
CA LYS H 104 -6.40 -59.75 25.66
C LYS H 104 -7.22 -58.92 24.68
N HIS H 105 -8.54 -59.10 24.67
CA HIS H 105 -9.40 -58.36 23.75
C HIS H 105 -9.44 -56.89 24.11
N PHE H 106 -9.68 -56.58 25.38
CA PHE H 106 -9.88 -55.19 25.75
C PHE H 106 -8.56 -54.46 25.98
N CYS H 107 -7.66 -55.04 26.77
CA CYS H 107 -6.41 -54.41 27.17
C CYS H 107 -5.25 -55.35 26.90
N PRO H 108 -4.71 -55.36 25.68
CA PRO H 108 -3.56 -56.21 25.37
C PRO H 108 -2.25 -55.54 25.76
N ASN H 109 -1.19 -56.35 25.75
CA ASN H 109 0.15 -55.88 26.10
C ASN H 109 0.17 -55.24 27.48
N VAL H 110 -0.49 -55.90 28.44
CA VAL H 110 -0.57 -55.42 29.81
C VAL H 110 -0.03 -56.51 30.73
N PRO H 111 0.82 -56.18 31.71
CA PRO H 111 1.33 -57.23 32.61
C PRO H 111 0.21 -57.83 33.44
N ILE H 112 0.25 -59.16 33.57
CA ILE H 112 -0.75 -59.94 34.28
C ILE H 112 -0.03 -60.76 35.34
N ILE H 113 -0.52 -60.70 36.57
CA ILE H 113 0.06 -61.42 37.70
C ILE H 113 -0.98 -62.42 38.21
N LEU H 114 -0.61 -63.70 38.21
CA LEU H 114 -1.48 -64.75 38.71
C LEU H 114 -1.38 -64.83 40.22
N VAL H 115 -2.51 -65.02 40.89
CA VAL H 115 -2.53 -65.15 42.35
C VAL H 115 -3.60 -66.15 42.76
N GLY H 116 -3.23 -67.03 43.68
CA GLY H 116 -4.16 -67.96 44.30
C GLY H 116 -4.41 -67.56 45.74
N ASN H 117 -5.67 -67.64 46.15
CA ASN H 117 -6.08 -67.23 47.49
C ASN H 117 -6.30 -68.46 48.37
N LYS H 118 -6.40 -68.21 49.67
CA LYS H 118 -6.77 -69.24 50.64
C LYS H 118 -5.73 -70.35 50.68
N LYS H 119 -4.50 -69.97 51.01
CA LYS H 119 -3.40 -70.93 51.10
C LYS H 119 -3.66 -71.94 52.22
N ASP H 120 -4.12 -71.47 53.38
CA ASP H 120 -4.38 -72.37 54.49
C ASP H 120 -5.50 -73.35 54.15
N LEU H 121 -6.55 -72.87 53.47
CA LEU H 121 -7.70 -73.72 53.16
C LEU H 121 -7.32 -74.93 52.32
N ARG H 122 -6.17 -74.89 51.63
CA ARG H 122 -5.76 -76.05 50.85
C ARG H 122 -5.41 -77.23 51.75
N ASN H 123 -4.96 -76.96 52.97
CA ASN H 123 -4.56 -78.01 53.90
C ASN H 123 -5.64 -78.34 54.93
N ASP H 124 -6.82 -77.73 54.82
CA ASP H 124 -7.88 -77.99 55.77
C ASP H 124 -8.45 -79.39 55.58
N GLU H 125 -8.96 -79.96 56.67
CA GLU H 125 -9.53 -81.30 56.64
C GLU H 125 -11.01 -81.29 56.26
N HIS H 126 -11.78 -80.33 56.80
CA HIS H 126 -13.20 -80.25 56.46
C HIS H 126 -13.40 -79.95 54.99
N THR H 127 -12.60 -79.02 54.45
CA THR H 127 -12.70 -78.70 53.02
C THR H 127 -12.36 -79.91 52.17
N ARG H 128 -11.31 -80.64 52.54
CA ARG H 128 -10.94 -81.83 51.78
C ARG H 128 -12.05 -82.88 51.83
N ARG H 129 -12.63 -83.09 53.02
CA ARG H 129 -13.69 -84.09 53.15
C ARG H 129 -14.90 -83.72 52.32
N GLU H 130 -15.32 -82.45 52.38
CA GLU H 130 -16.46 -82.01 51.59
C GLU H 130 -16.17 -82.10 50.10
N LEU H 131 -14.95 -81.73 49.69
CA LEU H 131 -14.60 -81.73 48.28
C LEU H 131 -14.50 -83.15 47.72
N ALA H 132 -14.08 -84.11 48.54
CA ALA H 132 -13.95 -85.48 48.07
C ALA H 132 -15.28 -86.08 47.64
N LYS H 133 -16.40 -85.48 48.05
CA LYS H 133 -17.71 -85.98 47.63
C LYS H 133 -17.88 -85.93 46.11
N MET H 134 -17.14 -85.06 45.43
CA MET H 134 -17.21 -84.93 43.97
C MET H 134 -15.93 -85.37 43.29
N LYS H 135 -15.10 -86.16 43.97
CA LYS H 135 -13.82 -86.64 43.42
C LYS H 135 -12.95 -85.46 42.98
N GLN H 136 -12.67 -84.58 43.94
CA GLN H 136 -11.86 -83.39 43.71
C GLN H 136 -10.89 -83.22 44.86
N GLU H 137 -9.77 -82.54 44.58
CA GLU H 137 -8.74 -82.27 45.56
C GLU H 137 -8.33 -80.81 45.50
N PRO H 138 -7.80 -80.27 46.61
CA PRO H 138 -7.29 -78.88 46.58
C PRO H 138 -6.36 -78.60 45.42
N VAL H 139 -6.20 -77.32 45.08
CA VAL H 139 -5.33 -76.94 43.97
C VAL H 139 -3.88 -77.13 44.39
N LYS H 140 -3.11 -77.80 43.55
CA LYS H 140 -1.70 -78.06 43.84
C LYS H 140 -0.87 -76.83 43.50
N PRO H 141 -0.06 -76.31 44.42
CA PRO H 141 0.79 -75.15 44.09
C PRO H 141 1.67 -75.33 42.87
N GLU H 142 2.21 -76.53 42.64
CA GLU H 142 3.03 -76.75 41.44
C GLU H 142 2.19 -76.58 40.18
N GLU H 143 0.94 -77.04 40.21
CA GLU H 143 0.05 -76.80 39.09
C GLU H 143 -0.07 -75.32 38.80
N GLY H 144 -0.13 -74.49 39.85
CA GLY H 144 -0.13 -73.05 39.65
C GLY H 144 1.18 -72.54 39.07
N ARG H 145 2.30 -73.08 39.57
CA ARG H 145 3.60 -72.71 39.03
C ARG H 145 3.61 -72.87 37.51
N ASP H 146 3.08 -74.00 37.03
CA ASP H 146 3.06 -74.25 35.59
C ASP H 146 1.98 -73.41 34.89
N MET H 147 0.81 -73.29 35.51
CA MET H 147 -0.28 -72.52 34.88
C MET H 147 0.13 -71.08 34.65
N ALA H 148 0.96 -70.53 35.54
CA ALA H 148 1.52 -69.21 35.30
C ALA H 148 2.34 -69.21 34.01
N ASN H 149 3.14 -70.26 33.81
CA ASN H 149 3.96 -70.33 32.60
C ASN H 149 3.11 -70.40 31.34
N ARG H 150 2.03 -71.18 31.38
CA ARG H 150 1.24 -71.39 30.16
C ARG H 150 0.64 -70.07 29.66
N ILE H 151 0.06 -69.28 30.57
CA ILE H 151 -0.67 -68.09 30.18
C ILE H 151 0.26 -66.89 30.09
N GLY H 152 1.57 -67.15 30.20
CA GLY H 152 2.54 -66.07 30.10
C GLY H 152 2.40 -65.03 31.20
N ALA H 153 2.02 -65.46 32.40
CA ALA H 153 1.91 -64.54 33.52
C ALA H 153 3.27 -63.99 33.91
N PHE H 154 3.30 -62.70 34.26
CA PHE H 154 4.56 -62.11 34.70
C PHE H 154 5.07 -62.79 35.96
N GLY H 155 4.18 -63.07 36.89
CA GLY H 155 4.55 -63.81 38.09
C GLY H 155 3.31 -64.35 38.76
N TYR H 156 3.46 -65.49 39.45
CA TYR H 156 2.34 -66.13 40.12
C TYR H 156 2.69 -66.33 41.60
N MET H 157 1.72 -66.04 42.46
CA MET H 157 1.96 -66.03 43.90
C MET H 157 0.72 -66.55 44.63
N GLU H 158 0.87 -66.65 45.96
CA GLU H 158 -0.20 -67.09 46.85
C GLU H 158 -0.43 -66.03 47.92
N CYS H 159 -1.69 -65.86 48.31
CA CYS H 159 -2.07 -64.89 49.33
C CYS H 159 -3.05 -65.52 50.30
N SER H 160 -3.04 -65.01 51.53
CA SER H 160 -3.92 -65.47 52.60
C SER H 160 -4.38 -64.23 53.37
N ALA H 161 -5.59 -63.75 53.05
CA ALA H 161 -6.09 -62.53 53.67
C ALA H 161 -6.30 -62.70 55.17
N LYS H 162 -6.68 -63.90 55.61
CA LYS H 162 -6.93 -64.14 57.03
C LYS H 162 -5.68 -63.91 57.86
N THR H 163 -4.54 -64.42 57.40
CA THR H 163 -3.28 -64.30 58.13
C THR H 163 -2.31 -63.32 57.46
N LYS H 164 -2.81 -62.48 56.56
CA LYS H 164 -2.03 -61.37 55.97
C LYS H 164 -0.63 -61.82 55.58
N ASP H 165 -0.56 -62.97 54.90
CA ASP H 165 0.71 -63.53 54.44
C ASP H 165 0.86 -63.29 52.94
N GLY H 166 1.93 -62.59 52.57
CA GLY H 166 2.27 -62.38 51.18
C GLY H 166 1.52 -61.28 50.48
N VAL H 167 0.62 -60.58 51.17
CA VAL H 167 -0.14 -59.51 50.52
C VAL H 167 0.80 -58.39 50.09
N ARG H 168 1.66 -57.93 51.02
CA ARG H 168 2.58 -56.84 50.71
C ARG H 168 3.50 -57.22 49.55
N GLU H 169 4.10 -58.40 49.62
CA GLU H 169 5.02 -58.83 48.56
C GLU H 169 4.29 -59.00 47.23
N VAL H 170 3.07 -59.56 47.26
CA VAL H 170 2.33 -59.79 46.03
C VAL H 170 2.01 -58.47 45.34
N PHE H 171 1.48 -57.51 46.08
CA PHE H 171 1.14 -56.23 45.45
C PHE H 171 2.39 -55.42 45.13
N GLU H 172 3.48 -55.63 45.86
CA GLU H 172 4.75 -55.02 45.46
C GLU H 172 5.20 -55.57 44.12
N MET H 173 5.07 -56.87 43.91
CA MET H 173 5.38 -57.46 42.61
C MET H 173 4.49 -56.89 41.53
N ALA H 174 3.20 -56.72 41.84
CA ALA H 174 2.30 -56.05 40.92
C ALA H 174 2.83 -54.68 40.52
N THR H 175 3.26 -53.89 41.50
CA THR H 175 3.74 -52.54 41.22
C THR H 175 5.02 -52.56 40.39
N ARG H 176 5.97 -53.42 40.76
CA ARG H 176 7.21 -53.50 39.99
C ARG H 176 6.92 -53.93 38.55
N ALA H 177 5.93 -54.80 38.35
CA ALA H 177 5.50 -55.13 37.00
C ALA H 177 4.95 -53.90 36.30
N ALA H 178 4.15 -53.10 37.01
CA ALA H 178 3.53 -51.93 36.40
C ALA H 178 4.57 -50.91 35.95
N LEU H 179 5.57 -50.65 36.80
CA LEU H 179 6.54 -49.59 36.48
C LEU H 179 7.34 -49.90 35.22
N GLN H 180 7.45 -51.19 34.91
CA GLN H 180 8.13 -51.65 33.70
C GLN H 180 7.54 -50.94 32.48
N ALA H 181 8.41 -50.48 31.60
CA ALA H 181 8.01 -49.71 30.42
C ALA H 181 7.54 -50.50 29.20
N ARG H 182 7.60 -51.85 29.29
CA ARG H 182 7.19 -52.81 28.24
C ARG H 182 8.25 -52.81 27.11
N ARG H 183 7.97 -53.31 25.90
CA ARG H 183 9.01 -53.29 24.90
C ARG H 183 8.68 -52.60 23.59
N GLY H 184 8.50 -51.27 23.58
CA GLY H 184 8.28 -50.63 22.30
C GLY H 184 7.01 -51.12 21.61
N LYS H 185 7.14 -51.45 20.32
CA LYS H 185 6.05 -52.01 19.54
C LYS H 185 6.56 -53.18 18.72
N LYS H 186 5.67 -54.13 18.44
CA LYS H 186 6.00 -55.35 17.71
C LYS H 186 5.31 -55.34 16.36
N LYS H 187 6.06 -55.62 15.28
CA LYS H 187 5.50 -55.68 13.93
C LYS H 187 4.76 -54.39 13.59
N SER H 188 5.33 -53.27 13.99
CA SER H 188 4.69 -51.97 13.77
C SER H 188 4.60 -51.68 12.28
N GLY H 189 3.45 -51.15 11.87
CA GLY H 189 3.24 -50.88 10.46
C GLY H 189 4.18 -49.81 9.94
N CYS H 190 4.53 -49.93 8.67
CA CYS H 190 5.39 -48.95 8.00
C CYS H 190 4.65 -47.62 7.80
C10 XQ3 I . -20.09 -38.49 -15.45
C13 XQ3 I . -19.55 -39.81 -17.85
C15 XQ3 I . -21.13 -39.01 -16.18
C20 XQ3 I . -23.11 -33.81 -12.53
C21 XQ3 I . -24.15 -32.69 -12.61
C24 XQ3 I . -21.76 -32.32 -11.18
C26 XQ3 I . -23.02 -29.13 -14.10
CL34 XQ3 I . -23.70 -31.56 -17.59
CL37 XQ3 I . -19.99 -34.91 -15.37
C01 XQ3 I . -23.56 -38.99 -10.31
C02 XQ3 I . -23.15 -38.21 -9.06
C03 XQ3 I . -22.48 -39.16 -8.03
C04 XQ3 I . -22.23 -37.00 -9.33
C05 XQ3 I . -22.55 -36.17 -10.55
N06 XQ3 I . -21.89 -36.77 -11.71
C07 XQ3 I . -22.66 -37.25 -12.86
C08 XQ3 I . -21.90 -37.86 -14.04
C09 XQ3 I . -20.47 -37.81 -14.19
C11 XQ3 I . -18.75 -38.62 -15.91
C12 XQ3 I . -18.50 -39.27 -17.11
C14 XQ3 I . -20.87 -39.67 -17.39
S16 XQ3 I . -22.56 -38.68 -15.35
O17 XQ3 I . -23.85 -37.16 -12.87
C18 XQ3 I . -22.01 -34.75 -10.38
N19 XQ3 I . -22.30 -33.67 -11.34
N22 XQ3 I . -23.50 -31.39 -12.79
C23 XQ3 I . -22.61 -31.12 -11.68
C25 XQ3 I . -23.73 -30.49 -13.95
C27 XQ3 I . -23.59 -28.14 -13.10
O28 XQ3 I . -24.96 -27.99 -13.40
N29 XQ3 I . -23.22 -28.61 -15.44
S30 XQ3 I . -22.05 -28.99 -16.61
O31 XQ3 I . -20.96 -28.00 -16.60
C32 XQ3 I . -21.42 -30.68 -16.25
C33 XQ3 I . -22.17 -31.79 -16.68
C35 XQ3 I . -21.71 -33.08 -16.42
C36 XQ3 I . -20.55 -33.25 -15.71
C38 XQ3 I . -19.80 -32.16 -15.27
C39 XQ3 I . -20.25 -30.87 -15.54
O40 XQ3 I . -22.56 -28.85 -17.97
O41 XQ3 I . -24.49 -30.82 -14.80
O42 XQ3 I . -21.32 -34.51 -9.45
H131 XQ3 I . -19.38 -40.25 -18.65
H202 XQ3 I . -23.55 -34.66 -12.51
H201 XQ3 I . -22.53 -33.77 -13.31
H212 XQ3 I . -24.75 -32.88 -13.35
H211 XQ3 I . -24.64 -32.68 -11.79
H242 XQ3 I . -21.59 -32.17 -10.23
H241 XQ3 I . -20.92 -32.29 -11.66
H261 XQ3 I . -22.08 -29.24 -13.92
H011 XQ3 I . -24.00 -39.81 -10.05
H013 XQ3 I . -22.77 -39.20 -10.84
H012 XQ3 I . -24.17 -38.46 -10.85
H021 XQ3 I . -23.97 -37.87 -8.65
H032 XQ3 I . -21.56 -38.91 -7.91
H033 XQ3 I . -22.54 -40.07 -8.35
H031 XQ3 I . -22.95 -39.09 -7.18
H042 XQ3 I . -21.31 -37.31 -9.40
H041 XQ3 I . -22.30 -36.42 -8.55
H051 XQ3 I . -23.52 -36.15 -10.71
H061 XQ3 I . -21.03 -36.84 -11.71
H091 XQ3 I . -19.89 -37.40 -13.60
H111 XQ3 I . -18.05 -38.26 -15.42
H121 XQ3 I . -17.61 -39.36 -17.41
H141 XQ3 I . -21.57 -40.04 -17.89
H231 XQ3 I . -21.99 -30.44 -11.96
H232 XQ3 I . -23.13 -30.79 -10.94
H272 XQ3 I . -23.47 -28.48 -12.20
H271 XQ3 I . -23.14 -27.29 -13.18
H281 XQ3 I . -25.42 -28.09 -12.69
H291 XQ3 I . -23.90 -28.13 -15.64
H351 XQ3 I . -22.21 -33.81 -16.70
H381 XQ3 I . -19.01 -32.29 -14.80
H391 XQ3 I . -19.76 -30.13 -15.25
C10 XQ3 J . 34.83 16.84 -25.02
C13 XQ3 J . 35.99 15.68 -27.26
C15 XQ3 J . 36.21 16.89 -25.17
C20 XQ3 J . 34.50 17.07 -18.73
C21 XQ3 J . 35.09 16.62 -17.39
C24 XQ3 J . 32.31 16.83 -17.75
C26 XQ3 J . 33.94 13.07 -15.90
CL34 XQ3 J . 36.95 12.07 -18.83
CL37 XQ3 J . 33.73 14.75 -22.33
C01 XQ3 J . 35.18 21.96 -21.49
C02 XQ3 J . 33.98 22.34 -20.59
C03 XQ3 J . 33.19 23.49 -21.22
C04 XQ3 J . 33.04 21.16 -20.26
C05 XQ3 J . 33.71 19.82 -19.98
N06 XQ3 J . 33.91 19.12 -21.25
C07 XQ3 J . 35.27 18.76 -21.68
C08 XQ3 J . 35.42 18.02 -23.03
C09 XQ3 J . 34.31 17.49 -23.77
C11 XQ3 J . 34.02 16.22 -25.99
C12 XQ3 J . 34.60 15.64 -27.11
C14 XQ3 J . 36.79 16.31 -26.29
S16 XQ3 J . 36.84 17.70 -23.85
O17 XQ3 J . 36.21 19.01 -21.01
C18 XQ3 J . 32.78 18.97 -19.12
N19 XQ3 J . 33.20 17.67 -18.55
N22 XQ3 J . 34.30 15.54 -16.82
C23 XQ3 J . 32.92 15.97 -16.62
C25 XQ3 J . 34.82 14.18 -16.50
C27 XQ3 J . 33.62 13.38 -14.46
O28 XQ3 J . 34.85 13.44 -13.76
N29 XQ3 J . 34.65 11.79 -15.96
S30 XQ3 J . 34.39 10.82 -17.33
O31 XQ3 J . 33.23 9.95 -17.15
C32 XQ3 J . 34.18 11.94 -18.78
C33 XQ3 J . 35.30 12.48 -19.40
C35 XQ3 J . 35.16 13.33 -20.49
C36 XQ3 J . 33.89 13.65 -20.95
C38 XQ3 J . 32.76 13.13 -20.33
C39 XQ3 J . 32.90 12.26 -19.23
O40 XQ3 J . 35.47 9.85 -17.53
O41 XQ3 J . 35.96 13.94 -16.71
O42 XQ3 J . 31.68 19.34 -18.91
H131 XQ3 J . 36.38 15.30 -28.01
H202 XQ3 J . 35.10 17.72 -19.13
H201 XQ3 J . 34.42 16.30 -19.32
H212 XQ3 J . 36.01 16.34 -17.52
H211 XQ3 J . 35.06 17.37 -16.79
H242 XQ3 J . 31.64 17.41 -17.33
H241 XQ3 J . 31.86 16.23 -18.35
H261 XQ3 J . 33.11 13.01 -16.41
H011 XQ3 J . 35.63 22.77 -21.76
H013 XQ3 J . 34.87 21.48 -22.27
H012 XQ3 J . 35.79 21.40 -20.99
H021 XQ3 J . 34.35 22.65 -19.75
H032 XQ3 J . 32.30 23.19 -21.46
H033 XQ3 J . 33.64 23.81 -22.01
H031 XQ3 J . 33.12 24.22 -20.58
H042 XQ3 J . 32.42 21.05 -20.99
H041 XQ3 J . 32.54 21.41 -19.47
H051 XQ3 J . 34.55 19.96 -19.54
H061 XQ3 J . 33.25 18.94 -21.75
H091 XQ3 J . 33.43 17.55 -23.52
H111 XQ3 J . 33.09 16.19 -25.87
H121 XQ3 J . 34.06 15.23 -27.74
H141 XQ3 J . 37.72 16.33 -26.41
H231 XQ3 J . 32.38 15.18 -16.54
H232 XQ3 J . 32.87 16.47 -15.80
H272 XQ3 J . 33.17 14.23 -14.41
H271 XQ3 J . 33.05 12.68 -14.09
H281 XQ3 J . 34.89 14.16 -13.31
H291 XQ3 J . 35.17 11.54 -15.33
H351 XQ3 J . 35.91 13.68 -20.91
H381 XQ3 J . 31.91 13.34 -20.63
H391 XQ3 J . 32.15 11.91 -18.81
CAA Y01 K . 6.92 -29.89 -20.49
CBA Y01 K . 6.59 -30.33 -21.93
CAB Y01 K . 5.94 -29.19 -22.73
CAN Y01 K . 5.72 -31.59 -21.94
CAJ Y01 K . 6.19 -32.60 -23.02
CAO Y01 K . 7.24 -33.60 -22.50
CBB Y01 K . 8.45 -33.83 -23.44
CAC Y01 K . 9.59 -34.46 -22.62
CBE Y01 K . 8.03 -34.75 -24.62
CAP Y01 K . 7.29 -33.87 -25.67
CAQ Y01 K . 7.49 -34.57 -27.04
CBG Y01 K . 8.27 -35.86 -26.67
CBI Y01 K . 9.14 -35.38 -25.51
CAE Y01 K . 10.20 -34.37 -25.96
CAU Y01 K . 9.77 -36.62 -24.86
CAS Y01 K . 10.43 -37.61 -25.86
CBF Y01 K . 9.71 -37.86 -27.21
CBD Y01 K . 9.02 -36.60 -27.80
CAK Y01 K . 8.09 -37.09 -28.90
CAI Y01 K . 8.78 -38.11 -29.82
CAZ Y01 K . 9.96 -38.74 -29.59
CAV Y01 K . 10.71 -39.77 -30.46
CBH Y01 K . 10.73 -38.35 -28.30
CAD Y01 K . 11.94 -37.43 -28.56
CAT Y01 K . 11.13 -39.64 -27.53
CAR Y01 K . 11.81 -40.74 -28.39
CBC Y01 K . 11.07 -41.06 -29.70
OAW Y01 K . 11.92 -41.88 -30.50
CAY Y01 K . 11.84 -41.70 -31.91
OAG Y01 K . 12.65 -40.97 -32.46
CAM Y01 K . 10.73 -42.38 -32.73
CAL Y01 K . 11.28 -43.17 -33.93
CAX Y01 K . 11.08 -44.70 -33.80
OAH Y01 K . 10.96 -45.19 -32.69
OAF Y01 K . 11.04 -45.40 -34.78
HAA1 Y01 K . 6.03 -29.95 -19.90
HAA2 Y01 K . 7.66 -30.54 -20.08
HAA3 Y01 K . 7.29 -28.89 -20.50
HBA Y01 K . 7.51 -30.57 -22.41
HAB1 Y01 K . 6.69 -28.64 -23.25
HAB2 Y01 K . 5.25 -29.58 -23.44
HAB3 Y01 K . 5.42 -28.53 -22.05
HAN1 Y01 K . 5.79 -32.07 -20.98
HAN2 Y01 K . 4.70 -31.32 -22.12
HAJ1 Y01 K . 6.60 -32.03 -23.82
HAJ2 Y01 K . 5.33 -33.12 -23.38
HAO1 Y01 K . 6.75 -34.55 -22.35
HAO2 Y01 K . 7.60 -33.25 -21.56
HBB Y01 K . 8.78 -32.89 -23.82
HAC1 Y01 K . 10.51 -34.34 -23.15
HAC2 Y01 K . 9.66 -33.99 -21.67
HAC3 Y01 K . 9.40 -35.51 -22.47
HBE Y01 K . 7.37 -35.52 -24.26
HAP1 Y01 K . 7.72 -32.89 -25.70
HAP2 Y01 K . 6.24 -33.82 -25.43
HAQ1 Y01 K . 6.53 -34.82 -27.46
HAQ2 Y01 K . 8.05 -33.96 -27.70
HBG Y01 K . 7.57 -36.55 -26.27
HBD Y01 K . 9.73 -35.94 -28.24
HAE1 Y01 K . 11.17 -34.72 -25.67
HAE2 Y01 K . 10.17 -34.26 -27.03
HAE3 Y01 K . 10.01 -33.42 -25.52
HAU1 Y01 K . 10.55 -36.31 -24.19
HAU2 Y01 K . 9.03 -37.15 -24.31
HAS1 Y01 K . 11.42 -37.26 -26.03
HAS2 Y01 K . 10.50 -38.54 -25.33
HBF Y01 K . 8.95 -38.59 -27.06
HAK1 Y01 K . 7.31 -37.63 -28.41
HAK2 Y01 K . 7.87 -36.22 -29.52
HAI Y01 K . 8.26 -38.38 -30.71
HAV1 Y01 K . 11.64 -39.32 -30.72
HAV2 Y01 K . 9.99 -40.07 -31.19
HBC Y01 K . 10.17 -41.60 -29.48
HAD1 Y01 K . 11.64 -36.41 -28.68
HAD2 Y01 K . 12.43 -37.74 -29.45
HAD3 Y01 K . 12.63 -37.50 -27.75
HAT1 Y01 K . 11.87 -39.38 -26.80
HAT2 Y01 K . 10.30 -40.08 -27.05
HAR1 Y01 K . 12.80 -40.41 -28.64
HAR2 Y01 K . 11.87 -41.63 -27.80
HAM1 Y01 K . 10.06 -41.63 -33.09
HAM2 Y01 K . 10.20 -43.05 -32.08
HAL1 Y01 K . 10.79 -42.84 -34.82
HAL2 Y01 K . 12.33 -42.98 -34.03
CAA Y01 L . 12.93 0.59 -34.61
CBA Y01 L . 14.05 -0.13 -35.37
CAB Y01 L . 14.69 -1.25 -34.51
CAN Y01 L . 15.10 0.86 -35.89
CAJ Y01 L . 15.55 0.50 -37.32
CAO Y01 L . 14.71 1.21 -38.41
CBB Y01 L . 14.26 0.31 -39.59
CAC Y01 L . 13.08 0.98 -40.31
CBE Y01 L . 15.45 0.08 -40.55
CAP Y01 L . 16.37 -1.02 -39.94
CAQ Y01 L . 17.10 -1.68 -41.14
CBG Y01 L . 16.62 -0.87 -42.36
CBI Y01 L . 15.18 -0.51 -41.96
CAE Y01 L . 14.28 -1.76 -41.92
CAU Y01 L . 14.66 0.54 -42.96
CAS Y01 L . 14.91 0.20 -44.44
CBF Y01 L . 16.26 -0.47 -44.82
CBD Y01 L . 16.78 -1.48 -43.76
CAK Y01 L . 18.25 -1.75 -44.10
CAI Y01 L . 18.43 -2.02 -45.61
CAZ Y01 L . 17.52 -1.80 -46.59
CAV Y01 L . 17.63 -2.04 -48.11
CBH Y01 L . 16.12 -1.28 -46.15
CAD Y01 L . 15.02 -2.36 -46.20
CAT Y01 L . 15.74 -0.04 -47.03
CAR Y01 L . 15.93 -0.22 -48.55
CBC Y01 L . 17.29 -0.79 -48.95
OAW Y01 L . 17.24 -1.14 -50.35
CAY Y01 L . 17.97 -2.31 -50.74
OAG Y01 L . 17.42 -3.37 -50.84
CAM Y01 L . 19.49 -2.20 -51.04
CAL Y01 L . 19.87 -2.78 -52.41
CAX Y01 L . 20.37 -1.70 -53.40
OAH Y01 L . 20.04 -0.55 -53.25
OAF Y01 L . 21.10 -2.02 -54.31
HAA1 Y01 L . 13.36 1.32 -33.96
HAA2 Y01 L . 12.29 1.09 -35.31
HAA3 Y01 L . 12.36 -0.11 -34.04
HBA Y01 L . 13.62 -0.61 -36.22
HAB1 Y01 L . 14.19 -2.17 -34.69
HAB2 Y01 L . 15.73 -1.35 -34.74
HAB3 Y01 L . 14.58 -0.98 -33.47
HAN1 Y01 L . 14.68 1.84 -35.88
HAN2 Y01 L . 15.95 0.84 -35.24
HAJ1 Y01 L . 15.48 -0.55 -37.44
HAJ2 Y01 L . 16.57 0.79 -37.44
HAO1 Y01 L . 15.27 2.02 -38.81
HAO2 Y01 L . 13.83 1.61 -37.94
HBB Y01 L . 13.93 -0.64 -39.19
HAC1 Y01 L . 12.57 0.26 -40.91
HAC2 Y01 L . 12.40 1.39 -39.58
HAC3 Y01 L . 13.44 1.77 -40.93
HBE Y01 L . 16.02 0.99 -40.65
HAP1 Y01 L . 15.76 -1.74 -39.44
HAP2 Y01 L . 17.07 -0.59 -39.27
HAQ1 Y01 L . 18.15 -1.59 -41.01
HAQ2 Y01 L . 16.80 -2.72 -41.23
HBG Y01 L . 17.17 0.05 -42.35
HBD Y01 L . 16.25 -2.39 -43.81
HAE1 Y01 L . 13.43 -1.60 -42.56
HAE2 Y01 L . 14.82 -2.61 -42.26
HAE3 Y01 L . 13.94 -1.94 -40.92
HAU1 Y01 L . 13.61 0.64 -42.83
HAU2 Y01 L . 15.13 1.48 -42.75
HAS1 Y01 L . 14.10 -0.42 -44.76
HAS2 Y01 L . 14.83 1.13 -44.96
HBF Y01 L . 17.01 0.29 -44.92
HAK1 Y01 L . 18.77 -0.84 -43.91
HAK2 Y01 L . 18.50 -2.66 -43.60
HAI Y01 L . 19.38 -2.38 -45.92
HAV1 Y01 L . 16.89 -2.77 -48.35
HAV2 Y01 L . 18.67 -2.22 -48.27
HBC Y01 L . 18.06 -0.06 -48.82
HAD1 Y01 L . 15.06 -2.98 -45.32
HAD2 Y01 L . 15.16 -2.98 -47.05
HAD3 Y01 L . 14.06 -1.91 -46.27
HAT1 Y01 L . 14.70 0.16 -46.90
HAT2 Y01 L . 16.29 0.82 -46.73
HAR1 Y01 L . 15.17 -0.87 -48.91
HAR2 Y01 L . 15.82 0.74 -49.02
HAM1 Y01 L . 20.01 -2.73 -50.28
HAM2 Y01 L . 19.77 -1.16 -51.00
HAL1 Y01 L . 20.63 -3.50 -52.27
HAL2 Y01 L . 19.01 -3.26 -52.83
C10 XQ3 M . -18.18 10.86 -40.93
C13 XQ3 M . -17.39 9.91 -43.43
C15 XQ3 M . -18.13 11.74 -42.01
C20 XQ3 M . -17.20 14.97 -36.27
C21 XQ3 M . -16.45 16.20 -35.76
C24 XQ3 M . -16.98 14.05 -34.03
C26 XQ3 M . -12.79 15.69 -34.17
CL34 XQ3 M . -12.11 15.60 -38.43
CL37 XQ3 M . -15.71 11.50 -38.43
C01 XQ3 M . -22.45 14.55 -38.30
C02 XQ3 M . -22.75 14.40 -36.81
C03 XQ3 M . -24.08 13.65 -36.60
C04 XQ3 M . -21.63 13.73 -35.99
C05 XQ3 M . -20.20 14.12 -36.36
N06 XQ3 M . -19.76 13.25 -37.46
C07 XQ3 M . -19.36 13.84 -38.75
C08 XQ3 M . -18.89 12.88 -39.85
C09 XQ3 M . -18.62 11.49 -39.64
C11 XQ3 M . -17.83 9.51 -41.10
C12 XQ3 M . -17.44 9.04 -42.33
C14 XQ3 M . -17.73 11.27 -43.26
S16 XQ3 M . -18.60 13.25 -41.46
O17 XQ3 M . -19.39 15.01 -38.92
C18 XQ3 M . -19.29 13.87 -35.17
N19 XQ3 M . -17.87 14.30 -35.16
N22 XQ3 M . -15.35 15.81 -34.88
C23 XQ3 M . -15.86 15.08 -33.74
C25 XQ3 M . -13.92 16.14 -35.13
C27 XQ3 M . -12.84 16.52 -32.91
O28 XQ3 M . -12.64 17.87 -33.27
N29 XQ3 M . -11.50 15.88 -34.81
S30 XQ3 M . -10.83 14.57 -35.66
O31 XQ3 M . -10.05 13.70 -34.78
C32 XQ3 M . -12.23 13.67 -36.45
C33 XQ3 M . -12.78 14.13 -37.65
C35 XQ3 M . -13.83 13.46 -38.25
C36 XQ3 M . -14.35 12.34 -37.64
C38 XQ3 M . -13.83 11.85 -36.45
C39 XQ3 M . -12.75 12.53 -35.85
O40 XQ3 M . -9.83 15.00 -36.63
O41 XQ3 M . -13.62 16.74 -36.10
O42 XQ3 M . -19.71 13.32 -34.22
H131 XQ3 M . -17.13 9.60 -44.26
H202 XQ3 M . -17.86 15.24 -36.91
H201 XQ3 M . -16.57 14.36 -36.66
H212 XQ3 M . -16.11 16.70 -36.52
H211 XQ3 M . -17.06 16.75 -35.26
H242 XQ3 M . -17.52 13.99 -33.24
H241 XQ3 M . -16.55 13.19 -34.19
H261 XQ3 M . -12.90 14.76 -33.95
H011 XQ3 M . -23.26 14.85 -38.75
H013 XQ3 M . -22.16 13.71 -38.67
H012 XQ3 M . -21.76 15.22 -38.43
H021 XQ3 M . -22.87 15.30 -36.45
H032 XQ3 M . -23.92 12.80 -36.16
H033 XQ3 M . -24.50 13.49 -37.45
H031 XQ3 M . -24.67 14.19 -36.04
H042 XQ3 M . -21.71 12.76 -36.08
H041 XQ3 M . -21.77 13.97 -35.06
H051 XQ3 M . -20.17 15.04 -36.64
H061 XQ3 M . -19.73 12.41 -37.35
H091 XQ3 M . -18.70 11.04 -38.84
H111 XQ3 M . -17.87 8.94 -40.36
H121 XQ3 M . -17.21 8.14 -42.44
H141 XQ3 M . -17.69 11.84 -44.00
H231 XQ3 M . -15.12 14.58 -33.35
H232 XQ3 M . -16.19 15.70 -33.09
H272 XQ3 M . -13.70 16.40 -32.48
H271 XQ3 M . -12.14 16.23 -32.30
H281 XQ3 M . -13.26 18.34 -32.93
H291 XQ3 M . -11.07 16.62 -34.75
H351 XQ3 M . -14.19 13.78 -39.04
H381 XQ3 M . -14.17 11.10 -36.05
H391 XQ3 M . -12.40 12.22 -35.04
CAA Y01 N . 25.79 -15.14 -21.58
CBA Y01 N . 25.90 -16.44 -22.40
CAB Y01 N . 24.57 -17.21 -22.42
CAN Y01 N . 27.06 -17.30 -21.89
CAJ Y01 N . 27.86 -17.92 -23.06
CAO Y01 N . 29.05 -17.04 -23.51
CBB Y01 N . 29.19 -16.87 -25.04
CAC Y01 N . 30.07 -15.64 -25.32
CBE Y01 N . 29.82 -18.15 -25.64
CAP Y01 N . 28.69 -19.21 -25.79
CAQ Y01 N . 29.13 -20.15 -26.95
CBG Y01 N . 30.52 -19.61 -27.36
CBI Y01 N . 30.37 -18.10 -27.10
CAE Y01 N . 29.38 -17.47 -28.09
CAU Y01 N . 31.76 -17.47 -27.20
CAS Y01 N . 32.59 -17.89 -28.43
CBF Y01 N . 32.50 -19.38 -28.89
CBD Y01 N . 31.10 -20.00 -28.72
CAK Y01 N . 31.26 -21.51 -28.88
CAI Y01 N . 32.16 -21.85 -30.09
CAZ Y01 N . 32.91 -20.99 -30.81
CAV Y01 N . 33.82 -21.27 -32.03
CBH Y01 N . 32.86 -19.50 -30.41
CAD Y01 N . 32.02 -18.64 -31.39
CAT Y01 N . 34.31 -18.94 -30.26
CAR Y01 N . 35.27 -19.28 -31.42
CBC Y01 N . 35.26 -20.76 -31.84
OAW Y01 N . 35.99 -20.87 -33.07
CAY Y01 N . 35.52 -21.85 -34.00
OAG Y01 N . 34.79 -21.52 -34.90
CAM Y01 N . 35.94 -23.32 -33.85
CAL Y01 N . 36.52 -23.93 -35.15
CAX Y01 N . 38.02 -24.28 -35.01
OAH Y01 N . 38.70 -23.72 -34.19
OAF Y01 N . 38.50 -25.11 -35.73
HAA1 Y01 N . 25.88 -15.36 -20.54
HAA2 Y01 N . 26.57 -14.47 -21.87
HAA3 Y01 N . 24.84 -14.67 -21.77
HBA Y01 N . 26.12 -16.16 -23.42
HAB1 Y01 N . 24.00 -16.92 -23.28
HAB2 Y01 N . 24.76 -18.26 -22.46
HAB3 Y01 N . 24.02 -16.98 -21.54
HAN1 Y01 N . 27.71 -16.70 -21.30
HAN2 Y01 N . 26.67 -18.09 -21.28
HAJ1 Y01 N . 27.19 -18.06 -23.88
HAJ2 Y01 N . 28.23 -18.88 -22.74
HAO1 Y01 N . 29.95 -17.46 -23.13
HAO2 Y01 N . 28.93 -16.07 -23.08
HBB Y01 N . 28.23 -16.70 -25.47
HAC1 Y01 N . 29.94 -15.31 -26.33
HAC2 Y01 N . 29.80 -14.83 -24.66
HAC3 Y01 N . 31.11 -15.88 -25.16
HBE Y01 N . 30.59 -18.53 -25.00
HAP1 Y01 N . 27.77 -18.73 -26.05
HAP2 Y01 N . 28.59 -19.76 -24.89
HAQ1 Y01 N . 29.20 -21.15 -26.59
HAQ2 Y01 N . 28.45 -20.07 -27.76
HBG Y01 N . 31.22 -19.97 -26.62
HBD Y01 N . 30.43 -19.67 -29.49
HAE1 Y01 N . 29.87 -16.65 -28.60
HAE2 Y01 N . 29.07 -18.19 -28.82
HAE3 Y01 N . 28.52 -17.11 -27.58
HAU1 Y01 N . 31.66 -16.41 -27.24
HAU2 Y01 N . 32.31 -17.72 -26.31
HAS1 Y01 N . 32.31 -17.24 -29.23
HAS2 Y01 N . 33.60 -17.67 -28.17
HBF Y01 N . 33.18 -19.96 -28.30
HAK1 Y01 N . 31.83 -21.82 -28.02
HAK2 Y01 N . 30.29 -21.89 -29.10
HAI Y01 N . 32.19 -22.88 -30.37
HAV1 Y01 N . 33.42 -20.71 -32.84
HAV2 Y01 N . 33.91 -22.34 -32.06
HBC Y01 N . 35.75 -21.34 -31.09
HAD1 Y01 N . 30.98 -18.72 -31.18
HAD2 Y01 N . 32.20 -18.97 -32.39
HAD3 Y01 N . 32.32 -17.62 -31.31
HAT1 Y01 N . 34.27 -17.87 -30.24
HAT2 Y01 N . 34.76 -19.29 -29.36
HAR1 Y01 N . 34.99 -18.69 -32.27
HAR2 Y01 N . 36.27 -19.02 -31.13
HAM1 Y01 N . 35.08 -23.90 -33.57
HAM2 Y01 N . 36.65 -23.41 -33.07
HAL1 Y01 N . 35.98 -24.81 -35.39
HAL2 Y01 N . 36.40 -23.22 -35.93
C10 XQ3 O . 32.61 -32.52 0.60
C13 XQ3 O . 33.48 -34.05 -1.55
C15 XQ3 O . 32.88 -33.86 0.80
C20 XQ3 O . 28.32 -31.67 5.13
C21 XQ3 O . 27.12 -32.24 5.88
C24 XQ3 O . 27.26 -29.51 5.23
C26 XQ3 O . 23.45 -31.72 4.29
CL34 XQ3 O . 25.09 -35.08 2.13
CL37 XQ3 O . 29.14 -31.65 0.85
C01 XQ3 O . 33.76 -31.55 6.65
C02 XQ3 O . 33.28 -30.25 7.30
C03 XQ3 O . 34.47 -29.28 7.49
C04 XQ3 O . 32.14 -29.53 6.55
C05 XQ3 O . 31.07 -30.43 5.96
N06 XQ3 O . 31.49 -30.88 4.64
C07 XQ3 O . 31.65 -32.31 4.35
C08 XQ3 O . 32.09 -32.70 2.93
C09 XQ3 O . 32.15 -31.79 1.82
C11 XQ3 O . 32.78 -31.92 -0.67
C12 XQ3 O . 33.22 -32.69 -1.73
C14 XQ3 O . 33.31 -34.63 -0.29
S16 XQ3 O . 32.57 -34.22 2.41
O17 XQ3 O . 31.44 -33.13 5.18
C18 XQ3 O . 29.77 -29.64 5.81
N19 XQ3 O . 28.49 -30.26 5.42
N22 XQ3 O . 25.87 -31.64 5.40
C23 XQ3 O . 25.92 -30.19 5.57
C25 XQ3 O . 24.74 -32.40 4.81
C27 XQ3 O . 22.63 -31.24 5.47
O28 XQ3 O . 22.29 -32.36 6.23
N29 XQ3 O . 22.67 -32.67 3.52
S30 XQ3 O . 22.92 -32.72 1.84
O31 XQ3 O . 22.07 -31.75 1.15
C32 XQ3 O . 24.71 -32.39 1.54
C33 XQ3 O . 25.63 -33.43 1.68
C35 XQ3 O . 26.98 -33.20 1.46
C36 XQ3 O . 27.41 -31.93 1.12
C38 XQ3 O . 26.50 -30.88 0.98
C39 XQ3 O . 25.14 -31.12 1.20
O40 XQ3 O . 22.47 -33.99 1.25
O41 XQ3 O . 24.82 -33.58 4.72
O42 XQ3 O . 29.79 -28.47 6.00
H131 XQ3 O . 33.78 -34.56 -2.26
H202 XQ3 O . 29.11 -32.15 5.40
H201 XQ3 O . 28.18 -31.79 4.18
H212 XQ3 O . 27.09 -33.20 5.78
H211 XQ3 O . 27.21 -32.01 6.82
H242 XQ3 O . 27.32 -28.71 5.79
H241 XQ3 O . 27.22 -29.22 4.30
H261 XQ3 O . 23.70 -30.96 3.74
H011 XQ3 O . 34.57 -31.86 7.09
H013 XQ3 O . 33.95 -31.40 5.70
H012 XQ3 O . 33.07 -32.23 6.73
H021 XQ3 O . 32.96 -30.47 8.18
H032 XQ3 O . 34.34 -28.49 6.95
H033 XQ3 O . 35.30 -29.72 7.24
H031 XQ3 O . 34.53 -29.02 8.43
H042 XQ3 O . 32.51 -29.01 5.83
H041 XQ3 O . 31.71 -28.94 7.18
H051 XQ3 O . 30.92 -31.21 6.54
H061 XQ3 O . 31.64 -30.29 4.03
H091 XQ3 O . 31.93 -30.89 1.87
H111 XQ3 O . 32.60 -31.02 -0.79
H121 XQ3 O . 33.33 -32.30 -2.58
H141 XQ3 O . 33.50 -35.53 -0.16
H231 XQ3 O . 25.25 -29.81 4.97
H232 XQ3 O . 25.68 -29.98 6.48
H272 XQ3 O . 23.15 -30.62 5.99
H271 XQ3 O . 21.83 -30.80 5.15
H281 XQ3 O . 22.48 -32.23 7.05
H291 XQ3 O . 22.09 -33.18 3.90
H351 XQ3 O . 27.59 -33.90 1.56
H381 XQ3 O . 26.79 -30.04 0.75
H391 XQ3 O . 24.53 -30.42 1.10
CAA Y01 P . -6.03 -14.34 -33.47
CBA Y01 P . -5.34 -14.22 -34.84
CAB Y01 P . -4.04 -13.41 -34.76
CAN Y01 P . -6.32 -13.63 -35.88
CAJ Y01 P . -6.22 -14.37 -37.24
CAO Y01 P . -7.20 -15.56 -37.36
CBB Y01 P . -6.59 -16.86 -37.93
CAC Y01 P . -7.50 -18.04 -37.56
CBE Y01 P . -6.44 -16.72 -39.48
CAP Y01 P . -5.15 -15.90 -39.76
CAQ Y01 P . -4.66 -16.33 -41.17
CBG Y01 P . -5.75 -17.34 -41.63
CBI Y01 P . -6.16 -18.01 -40.31
CAE Y01 P . -5.02 -18.87 -39.74
CAU Y01 P . -7.43 -18.83 -40.58
CAS Y01 P . -7.36 -19.74 -41.83
CBF Y01 P . -6.64 -19.18 -43.09
CBD Y01 P . -5.41 -18.30 -42.78
CAK Y01 P . -5.06 -17.57 -44.07
CAI Y01 P . -5.08 -18.52 -45.28
CAZ Y01 P . -5.56 -19.78 -45.32
CAV Y01 P . -5.61 -20.79 -46.49
CBH Y01 P . -6.14 -20.36 -43.99
CAD Y01 P . -5.19 -21.38 -43.32
CAT Y01 P . -7.54 -20.96 -44.25
CAR Y01 P . -7.65 -21.90 -45.48
CBC Y01 P . -7.02 -21.34 -46.76
OAW Y01 P . -6.97 -22.41 -47.72
CAY Y01 P . -5.84 -22.40 -48.61
OAG Y01 P . -4.88 -23.08 -48.34
CAM Y01 P . -5.86 -21.52 -49.87
CAL Y01 P . -5.52 -22.30 -51.15
CAX Y01 P . -6.71 -22.39 -52.12
OAH Y01 P . -7.84 -22.29 -51.72
OAF Y01 P . -6.51 -22.59 -53.31
HAA1 Y01 P . -6.57 -13.45 -33.25
HAA2 Y01 P . -6.71 -15.17 -33.48
HAA3 Y01 P . -5.29 -14.50 -32.71
HBA Y01 P . -5.10 -15.21 -35.17
HAB1 Y01 P . -3.21 -14.09 -34.61
HAB2 Y01 P . -3.88 -12.87 -35.67
HAB3 Y01 P . -4.10 -12.74 -33.94
HAN1 Y01 P . -7.31 -13.72 -35.51
HAN2 Y01 P . -6.09 -12.59 -36.02
HAJ1 Y01 P . -5.21 -14.72 -37.34
HAJ2 Y01 P . -6.41 -13.67 -38.02
HAO1 Y01 P . -8.01 -15.26 -37.98
HAO2 Y01 P . -7.57 -15.77 -36.38
HBB Y01 P . -5.62 -17.02 -37.49
HAC1 Y01 P . -6.96 -18.96 -37.67
HAC2 Y01 P . -7.82 -17.94 -36.55
HAC3 Y01 P . -8.35 -18.06 -38.21
HBE Y01 P . -7.28 -16.21 -39.88
HAP1 Y01 P . -4.40 -16.12 -39.03
HAP2 Y01 P . -5.37 -14.85 -39.76
HAQ1 Y01 P . -4.63 -15.49 -41.81
HAQ2 Y01 P . -3.71 -16.82 -41.10
HBG Y01 P . -6.58 -16.76 -41.96
HBD Y01 P . -4.57 -18.90 -42.50
HAE1 Y01 P . -5.39 -19.86 -39.58
HAE2 Y01 P . -4.20 -18.90 -40.42
HAE3 Y01 P . -4.68 -18.45 -38.82
HAU1 Y01 P . -7.61 -19.46 -39.74
HAU2 Y01 P . -8.25 -18.16 -40.70
HAS1 Y01 P . -6.90 -20.64 -41.52
HAS2 Y01 P . -8.39 -19.95 -42.08
HBF Y01 P . -7.34 -18.58 -43.64
HAK1 Y01 P . -5.86 -16.88 -44.24
HAK2 Y01 P . -4.05 -17.23 -43.96
HAI Y01 P . -4.69 -18.13 -46.20
HAV1 Y01 P . -5.02 -21.63 -46.19
HAV2 Y01 P . -5.38 -20.20 -47.35
HBC Y01 P . -7.64 -20.55 -47.15
HAD1 Y01 P . -4.42 -20.89 -42.77
HAD2 Y01 P . -4.73 -21.99 -44.06
HAD3 Y01 P . -5.75 -22.01 -42.66
HAT1 Y01 P . -7.82 -21.57 -43.42
HAT2 Y01 P . -8.28 -20.20 -44.37
HAR1 Y01 P . -7.16 -22.82 -45.23
HAR2 Y01 P . -8.69 -22.11 -45.66
HAM1 Y01 P . -5.14 -20.74 -49.75
HAM2 Y01 P . -6.82 -21.08 -49.97
HAL1 Y01 P . -4.70 -21.82 -51.65
HAL2 Y01 P . -5.21 -23.29 -50.89
PG GSP Q . -75.67 8.59 -15.07
O3B GSP Q . -76.87 8.26 -13.99
S1G GSP Q . -74.30 9.61 -14.22
O2G GSP Q . -75.03 7.17 -15.61
O3G GSP Q . -76.33 9.42 -16.34
PB GSP Q . -78.41 7.91 -14.48
O1B GSP Q . -79.11 9.18 -14.92
O2B GSP Q . -78.37 6.95 -15.65
PA GSP Q . -78.53 6.48 -11.95
O1A GSP Q . -77.60 7.47 -11.27
O2A GSP Q . -77.73 5.29 -12.43
O3A GSP Q . -79.27 7.21 -13.24
O5' GSP Q . -79.68 5.95 -10.88
C5' GSP Q . -80.40 4.77 -11.22
C4' GSP Q . -81.92 5.08 -11.30
O4' GSP Q . -82.57 3.98 -11.63
C3' GSP Q . -82.42 5.52 -9.92
O3' GSP Q . -82.43 6.87 -9.81
C2' GSP Q . -83.87 4.98 -9.90
O2' GSP Q . -84.82 6.10 -10.10
C1' GSP Q . -83.89 4.03 -11.11
N9 GSP Q . -84.32 2.68 -10.74
C8 GSP Q . -83.27 2.27 -10.01
N7 GSP Q . -83.53 1.01 -9.59
C5 GSP Q . -84.71 0.64 -10.06
C6 GSP Q . -85.52 -0.67 -9.93
O6 GSP Q . -85.08 -1.57 -9.29
N1 GSP Q . -86.80 -0.79 -10.56
C2 GSP Q . -87.32 0.31 -11.33
N2 GSP Q . -88.62 0.19 -11.98
N3 GSP Q . -86.54 1.55 -11.45
C4 GSP Q . -85.21 1.68 -10.79
HOG2 GSP Q . -74.88 6.66 -14.95
HOG3 GSP Q . -77.01 9.00 -16.63
H5'1 GSP Q . -80.23 4.10 -10.54
H5'2 GSP Q . -80.09 4.45 -12.08
H4' GSP Q . -82.09 5.78 -11.95
H3' GSP Q . -81.90 5.11 -9.21
HO3' GSP Q . -81.76 7.10 -9.33
H2' GSP Q . -84.05 4.52 -9.07
HO2' GSP Q . -85.05 6.15 -10.92
H1' GSP Q . -84.48 4.38 -11.79
H8 GSP Q . -82.51 2.77 -9.81
HN21 GSP Q . -88.93 0.85 -12.43
HN22 GSP Q . -89.08 -0.53 -11.91
PG GSP R . 9.67 74.84 -19.43
O3B GSP R . 8.57 76.02 -19.12
S1G GSP R . 9.93 73.77 -17.87
O2G GSP R . 9.13 73.88 -20.65
O3G GSP R . 11.09 75.57 -19.89
PB GSP R . 8.52 77.42 -20.01
O1B GSP R . 9.64 78.32 -19.59
O2B GSP R . 8.66 77.09 -21.47
PA GSP R . 5.73 77.41 -19.21
O1A GSP R . 6.03 76.76 -17.88
O2A GSP R . 5.29 76.35 -20.19
O3A GSP R . 7.07 78.18 -19.76
O5' GSP R . 4.48 78.49 -19.04
C5' GSP R . 3.83 78.93 -20.21
C4' GSP R . 3.94 80.47 -20.35
O4' GSP R . 3.33 80.86 -21.46
C3' GSP R . 3.22 81.16 -19.18
O3' GSP R . 4.10 81.44 -18.18
C2' GSP R . 2.69 82.46 -19.82
O2' GSP R . 3.53 83.60 -19.38
C1' GSP R . 2.88 82.20 -21.32
N9 GSP R . 1.62 82.36 -22.06
C8 GSP R . 0.92 81.31 -21.61
N7 GSP R . -0.29 81.32 -22.22
C5 GSP R . -0.34 82.37 -23.03
C6 GSP R . -1.43 82.89 -23.97
O6 GSP R . -2.46 82.32 -24.06
N1 GSP R . -1.20 84.07 -24.76
C2 GSP R . 0.06 84.76 -24.66
N2 GSP R . 0.31 85.96 -25.45
N3 GSP R . 1.10 84.25 -23.76
C4 GSP R . 0.86 83.02 -22.94
HOG2 GSP R . 8.32 73.68 -20.50
HOG3 GSP R . 10.93 76.12 -20.51
H5'1 GSP R . 2.89 78.67 -20.15
H5'2 GSP R . 4.23 78.50 -20.98
H4' GSP R . 4.87 80.74 -20.37
H3' GSP R . 2.50 80.61 -18.85
HO3' GSP R . 4.00 80.87 -17.56
H2' GSP R . 1.77 82.59 -19.57
HO2' GSP R . 4.12 83.77 -19.97
H1' GSP R . 3.55 82.80 -21.68
H8 GSP R . 1.20 80.67 -20.99
HN21 GSP R . 1.06 86.36 -25.39
HN22 GSP R . -0.30 86.25 -25.98
PG GSP S . 67.17 4.40 39.21
O3B GSP S . 67.68 5.74 40.02
S1G GSP S . 65.33 4.05 39.61
O2G GSP S . 67.32 4.65 37.59
O3G GSP S . 68.14 3.13 39.67
PB GSP S . 69.28 6.01 40.35
O1B GSP S . 69.72 5.12 41.48
O2B GSP S . 70.11 5.69 39.12
PA GSP S . 68.44 8.80 40.35
O1A GSP S . 67.08 8.47 40.89
O2A GSP S . 68.37 8.93 38.85
O3A GSP S . 69.51 7.60 40.76
O5' GSP S . 68.97 10.24 40.99
C5' GSP S . 70.05 10.89 40.32
C4' GSP S . 71.24 11.08 41.31
O4' GSP S . 72.24 11.67 40.68
C3' GSP S . 70.82 12.00 42.46
O3' GSP S . 70.39 11.29 43.53
C2' GSP S . 72.13 12.74 42.80
O2' GSP S . 72.70 12.19 44.06
C1' GSP S . 73.03 12.39 41.60
N9 GSP S . 73.55 13.60 40.96
C8 GSP S . 72.43 14.10 40.40
N7 GSP S . 72.77 15.24 39.76
C5 GSP S . 74.07 15.43 39.89
C6 GSP S . 75.01 16.55 39.38
O6 GSP S . 74.58 17.43 38.73
N1 GSP S . 76.41 16.49 39.68
C2 GSP S . 76.93 15.42 40.47
N2 GSP S . 78.35 15.36 40.79
N3 GSP S . 76.03 14.37 40.96
C4 GSP S . 74.57 14.41 40.64
HOG2 GSP S . 66.99 5.41 37.40
HOG3 GSP S . 68.95 3.36 39.57
H5'1 GSP S . 69.75 11.75 40.01
H5'2 GSP S . 70.34 10.35 39.57
H4' GSP S . 71.53 10.22 41.66
H3' GSP S . 70.14 12.63 42.17
HO3' GSP S . 69.54 11.30 43.55
H2' GSP S . 71.97 13.69 42.88
HO2' GSP S . 73.29 11.61 43.88
H1' GSP S . 73.77 11.83 41.90
H8 GSP S . 71.58 13.75 40.47
HN21 GSP S . 78.66 14.72 41.26
HN22 GSP S . 78.89 15.97 40.50
PG GSP T . -18.37 -61.59 43.80
O3B GSP T . -17.95 -61.75 45.38
S1G GSP T . -19.07 -59.84 43.49
O2G GSP T . -17.03 -61.80 42.86
O3G GSP T . -19.49 -62.75 43.45
PB GSP T . -17.84 -63.23 46.12
O1B GSP T . -19.23 -63.75 46.40
O2B GSP T . -17.12 -64.19 45.20
PA GSP T . -15.96 -61.85 47.86
O1A GSP T . -16.70 -60.54 47.75
O2A GSP T . -14.82 -61.87 46.88
O3A GSP T . -16.99 -63.10 47.54
O5' GSP T . -15.35 -62.03 49.39
C5' GSP T . -14.33 -62.99 49.57
C4' GSP T . -14.77 -64.05 50.63
O4' GSP T . -13.83 -64.95 50.78
C3' GSP T . -14.98 -63.36 51.99
O3' GSP T . -16.27 -63.01 52.17
C2' GSP T . -14.58 -64.46 52.99
O2' GSP T . -15.80 -65.03 53.61
C1' GSP T . -13.89 -65.50 52.09
N9 GSP T . -12.54 -65.82 52.55
C8 GSP T . -11.91 -64.66 52.29
N7 GSP T . -10.61 -64.81 52.67
C5 GSP T . -10.45 -66.03 53.16
C6 GSP T . -9.22 -66.76 53.73
O6 GSP T . -8.19 -66.20 53.79
N1 GSP T . -9.34 -68.11 54.20
C2 GSP T . -10.61 -68.79 54.11
N2 GSP T . -10.73 -70.16 54.57
N3 GSP T . -11.78 -68.09 53.56
C4 GSP T . -11.65 -66.67 53.09
HOG2 GSP T . -16.39 -61.34 43.18
HOG3 GSP T . -19.18 -63.51 43.70
H5'1 GSP T . -13.52 -62.54 49.88
H5'2 GSP T . -14.14 -63.44 48.74
H4' GSP T . -15.60 -64.47 50.35
H3' GSP T . -14.39 -62.59 52.07
HO3' GSP T . -16.36 -62.17 52.03
H2' GSP T . -13.99 -64.10 53.66
HO2' GSP T . -16.03 -65.74 53.20
H1' GSP T . -14.43 -66.31 52.05
H8 GSP T . -12.28 -63.90 51.92
HN21 GSP T . -11.50 -70.56 54.52
HN22 GSP T . -10.06 -70.58 54.90
#